data_4H02
#
_entry.id   4H02
#
_cell.length_a   141.334
_cell.length_b   59.136
_cell.length_c   297.222
_cell.angle_alpha   90.00
_cell.angle_beta   97.47
_cell.angle_gamma   90.00
#
_symmetry.space_group_name_H-M   'P 1 21 1'
#
loop_
_entity.id
_entity.type
_entity.pdbx_description
1 polymer 'Lysyl-tRNA synthetase'
2 water water
#
_entity_poly.entity_id   1
_entity_poly.type   'polypeptide(L)'
_entity_poly.pdbx_seq_one_letter_code
;EVDPRLYFENRSKFIQDQKDKGINPYPHKFERTISIPEFIEKYKDLGNGEHLEDTILNITGRIMRVSASGQKLRFFDLVG
DGEKIQVLANYSFHNHEKGNFAECYDKIRRGDIVGIVGFPGKSKKGELSIFPKETILLSACLHMLPMKYGLKDTEIRYRQ
RYLDLLINESSRHTFVTRTKIINFLRNFLNERGFFEVETPMMNLIAGGANARPFITHHNDLDLDLYLRIATELPLKMLIV
GGIDKVYEIGKVFRNEGIDNTHNPEFTSCEFYWAYADYNDLIKWSEDFFSQLVYHLFGTYKISYNKDGPENQPIEIDFTP
PYPKVSIVEEIEKVTNTILEQPFDSNETIEKMINIIKEHKIELPNPPTAAKLLDQLASHFIENKYNDKPFFIVEHPQIMS
PLAKYHRTKPGLTERLEMFICGKEVLNAYTELNDPFKQKECFKLQQKDREKGDTEAAQLDSAFCTSLEYGLPPTGGLGLG
IDRITMFLTNKNSIKDVILFPTMRPAN
;
_entity_poly.pdbx_strand_id   A,B,C,D,E,F,G,H
#
# COMPACT_ATOMS: atom_id res chain seq x y z
N PRO A 4 -11.57 47.80 21.27
CA PRO A 4 -12.38 47.21 20.20
C PRO A 4 -13.88 47.48 20.37
N ARG A 5 -14.51 46.90 21.39
CA ARG A 5 -15.82 47.39 21.80
C ARG A 5 -15.58 48.65 22.62
N LEU A 6 -14.36 48.77 23.14
CA LEU A 6 -13.93 49.96 23.86
C LEU A 6 -13.70 51.11 22.89
N TYR A 7 -13.14 50.80 21.73
CA TYR A 7 -12.96 51.81 20.70
C TYR A 7 -14.29 52.49 20.40
N PHE A 8 -15.33 51.68 20.37
CA PHE A 8 -16.68 52.15 20.09
C PHE A 8 -17.18 53.11 21.16
N GLU A 9 -17.40 52.62 22.37
CA GLU A 9 -17.90 53.49 23.43
C GLU A 9 -17.12 54.80 23.53
N ASN A 10 -15.81 54.76 23.32
CA ASN A 10 -14.99 55.99 23.34
C ASN A 10 -15.33 56.96 22.23
N ARG A 11 -15.57 56.45 21.04
CA ARG A 11 -16.02 57.28 19.92
C ARG A 11 -17.42 57.81 20.17
N SER A 12 -18.27 56.99 20.76
CA SER A 12 -19.64 57.39 21.02
C SER A 12 -19.60 58.55 22.01
N LYS A 13 -18.97 58.29 23.16
CA LYS A 13 -18.66 59.30 24.17
C LYS A 13 -18.11 60.57 23.51
N PHE A 14 -17.16 60.39 22.59
CA PHE A 14 -16.56 61.52 21.87
C PHE A 14 -17.59 62.36 21.11
N ILE A 15 -18.49 61.68 20.41
CA ILE A 15 -19.54 62.30 19.63
C ILE A 15 -20.48 63.10 20.54
N GLN A 16 -20.82 62.55 21.69
CA GLN A 16 -21.65 63.30 22.62
C GLN A 16 -20.93 64.56 23.10
N ASP A 17 -19.62 64.44 23.33
CA ASP A 17 -18.81 65.56 23.84
C ASP A 17 -18.63 66.68 22.82
N GLN A 18 -18.67 66.36 21.53
CA GLN A 18 -18.62 67.40 20.53
C GLN A 18 -19.99 68.07 20.41
N LYS A 19 -21.06 67.35 20.73
CA LYS A 19 -22.39 67.93 20.74
C LYS A 19 -22.53 68.93 21.88
N ASP A 20 -21.90 68.60 23.01
CA ASP A 20 -21.92 69.42 24.21
C ASP A 20 -21.00 70.63 24.07
N LYS A 21 -19.85 70.39 23.45
CA LYS A 21 -18.86 71.44 23.20
C LYS A 21 -19.38 72.42 22.14
N GLY A 22 -20.59 72.16 21.65
CA GLY A 22 -21.20 72.94 20.58
C GLY A 22 -20.65 72.67 19.19
N ILE A 23 -20.61 71.41 18.78
CA ILE A 23 -20.24 71.07 17.41
C ILE A 23 -21.17 70.00 16.85
N ASN A 24 -21.43 70.07 15.55
CA ASN A 24 -22.21 69.03 14.92
C ASN A 24 -21.30 68.07 14.17
N PRO A 25 -21.13 66.85 14.71
CA PRO A 25 -20.25 65.85 14.10
C PRO A 25 -20.91 65.22 12.88
N TYR A 26 -22.16 65.63 12.66
CA TYR A 26 -22.98 65.23 11.52
C TYR A 26 -23.67 66.43 10.94
N PRO A 27 -22.91 67.40 10.46
CA PRO A 27 -23.49 68.65 9.94
C PRO A 27 -24.45 68.37 8.80
N HIS A 28 -25.16 69.41 8.35
CA HIS A 28 -26.26 69.28 7.39
C HIS A 28 -25.81 69.26 5.95
N LYS A 29 -25.00 70.24 5.55
CA LYS A 29 -24.42 70.22 4.21
C LYS A 29 -23.08 70.92 4.12
N PHE A 30 -22.13 70.21 3.53
CA PHE A 30 -20.84 70.76 3.15
C PHE A 30 -20.80 70.76 1.61
N GLU A 31 -20.55 71.93 1.02
CA GLU A 31 -20.74 72.07 -0.41
C GLU A 31 -19.45 71.87 -1.19
N ARG A 32 -19.36 70.76 -1.92
CA ARG A 32 -18.13 70.45 -2.65
C ARG A 32 -17.87 71.38 -3.82
N THR A 33 -16.63 71.34 -4.29
CA THR A 33 -16.18 72.07 -5.47
C THR A 33 -15.77 71.06 -6.54
N ILE A 34 -15.45 69.86 -6.07
CA ILE A 34 -14.73 68.88 -6.85
C ILE A 34 -14.76 67.51 -6.17
N SER A 35 -14.84 66.45 -6.98
CA SER A 35 -14.68 65.09 -6.50
C SER A 35 -13.20 64.78 -6.54
N ILE A 36 -12.80 63.69 -5.90
CA ILE A 36 -11.39 63.33 -5.94
C ILE A 36 -10.90 62.98 -7.35
N PRO A 37 -11.69 62.18 -8.11
CA PRO A 37 -11.25 61.81 -9.47
C PRO A 37 -11.10 63.01 -10.38
N GLU A 38 -11.89 64.05 -10.15
CA GLU A 38 -11.78 65.31 -10.90
C GLU A 38 -10.53 66.11 -10.46
N PHE A 39 -10.29 66.13 -9.15
CA PHE A 39 -9.11 66.75 -8.55
C PHE A 39 -7.84 66.10 -9.07
N ILE A 40 -7.87 64.79 -9.24
CA ILE A 40 -6.68 64.08 -9.70
C ILE A 40 -6.37 64.36 -11.17
N GLU A 41 -7.39 64.33 -12.02
CA GLU A 41 -7.14 64.53 -13.45
CA GLU A 41 -7.15 64.52 -13.44
C GLU A 41 -6.55 65.90 -13.71
N LYS A 42 -6.90 66.85 -12.85
CA LYS A 42 -6.52 68.24 -13.05
C LYS A 42 -5.11 68.55 -12.58
N TYR A 43 -4.72 67.95 -11.45
CA TYR A 43 -3.48 68.32 -10.77
C TYR A 43 -2.42 67.21 -10.75
N LYS A 44 -2.73 66.07 -11.37
CA LYS A 44 -1.77 64.97 -11.47
C LYS A 44 -0.55 65.43 -12.22
N ASP A 45 -0.79 66.19 -13.28
CA ASP A 45 0.26 66.68 -14.17
C ASP A 45 1.00 67.88 -13.57
N LEU A 46 0.66 68.25 -12.32
CA LEU A 46 1.40 69.29 -11.62
C LEU A 46 2.86 68.86 -11.43
N GLY A 47 3.67 69.78 -10.90
CA GLY A 47 5.07 69.47 -10.66
C GLY A 47 5.41 69.30 -9.19
N ASN A 48 6.47 68.55 -8.91
CA ASN A 48 6.87 68.27 -7.53
C ASN A 48 7.19 69.54 -6.74
N GLY A 49 6.56 69.68 -5.58
CA GLY A 49 6.73 70.85 -4.74
C GLY A 49 5.74 71.96 -5.05
N GLU A 50 5.12 71.90 -6.22
CA GLU A 50 4.30 72.99 -6.74
C GLU A 50 3.04 73.24 -5.92
N HIS A 51 2.79 74.50 -5.58
CA HIS A 51 1.55 74.87 -4.91
C HIS A 51 0.69 75.77 -5.80
N LEU A 52 -0.62 75.64 -5.70
CA LEU A 52 -1.54 76.59 -6.31
C LEU A 52 -2.26 77.32 -5.19
N GLU A 53 -1.59 78.25 -4.55
CA GLU A 53 -2.13 78.89 -3.35
C GLU A 53 -3.33 79.78 -3.69
N ASP A 54 -3.44 80.19 -4.96
CA ASP A 54 -4.57 81.01 -5.40
C ASP A 54 -5.84 80.22 -5.73
N THR A 55 -5.75 78.90 -5.68
CA THR A 55 -6.87 78.01 -5.93
C THR A 55 -7.49 77.50 -4.62
N ILE A 56 -8.73 77.90 -4.33
CA ILE A 56 -9.46 77.43 -3.15
C ILE A 56 -10.54 76.41 -3.49
N LEU A 57 -10.43 75.22 -2.90
CA LEU A 57 -11.27 74.06 -3.26
C LEU A 57 -11.99 73.47 -2.04
N ASN A 58 -13.25 73.08 -2.24
CA ASN A 58 -13.95 72.31 -1.23
C ASN A 58 -14.09 70.85 -1.66
N ILE A 59 -13.54 69.96 -0.85
CA ILE A 59 -13.47 68.57 -1.25
C ILE A 59 -13.90 67.67 -0.10
N THR A 60 -14.33 66.44 -0.41
CA THR A 60 -14.76 65.51 0.63
C THR A 60 -14.15 64.16 0.34
N GLY A 61 -14.23 63.27 1.33
CA GLY A 61 -13.68 61.94 1.19
C GLY A 61 -13.58 61.21 2.51
N ARG A 62 -13.12 59.99 2.45
CA ARG A 62 -12.91 59.22 3.66
C ARG A 62 -11.41 59.11 3.98
N ILE A 63 -11.07 59.32 5.25
CA ILE A 63 -9.70 59.14 5.76
C ILE A 63 -9.34 57.65 5.85
N MET A 64 -8.30 57.24 5.15
CA MET A 64 -7.95 55.82 5.18
C MET A 64 -6.61 55.54 5.86
N ARG A 65 -5.70 56.51 5.85
CA ARG A 65 -4.51 56.45 6.70
C ARG A 65 -4.32 57.74 7.47
N VAL A 66 -3.72 57.66 8.64
CA VAL A 66 -3.30 58.88 9.31
C VAL A 66 -1.86 58.76 9.79
N SER A 67 -1.11 59.85 9.78
CA SER A 67 0.24 59.85 10.35
C SER A 67 0.66 61.27 10.72
N ALA A 68 1.53 61.37 11.72
CA ALA A 68 1.97 62.68 12.22
C ALA A 68 3.41 62.95 11.83
N SER A 69 3.85 64.20 12.00
CA SER A 69 5.25 64.58 11.75
C SER A 69 5.67 65.88 12.44
N GLY A 70 5.42 65.97 13.75
CA GLY A 70 5.88 67.11 14.54
C GLY A 70 4.84 68.07 15.08
N GLN A 71 3.57 67.83 14.78
CA GLN A 71 2.50 68.69 15.27
C GLN A 71 2.55 70.09 14.67
N LYS A 72 3.36 70.22 13.62
CA LYS A 72 3.30 71.32 12.69
C LYS A 72 2.87 70.64 11.39
N LEU A 73 2.97 69.32 11.39
CA LEU A 73 2.71 68.52 10.20
C LEU A 73 1.83 67.29 10.48
N ARG A 74 0.93 67.03 9.54
CA ARG A 74 -0.04 65.95 9.65
C ARG A 74 -0.33 65.33 8.28
N PHE A 75 -0.47 64.02 8.24
CA PHE A 75 -0.66 63.37 6.95
C PHE A 75 -1.88 62.48 6.95
N PHE A 76 -2.69 62.63 5.90
CA PHE A 76 -3.84 61.73 5.73
C PHE A 76 -3.91 61.18 4.32
N ASP A 77 -4.32 59.92 4.23
CA ASP A 77 -4.87 59.39 2.98
C ASP A 77 -6.39 59.65 2.87
N LEU A 78 -6.81 60.30 1.79
CA LEU A 78 -8.24 60.62 1.59
C LEU A 78 -8.82 59.91 0.33
N VAL A 79 -9.90 59.16 0.49
CA VAL A 79 -10.47 58.37 -0.63
C VAL A 79 -11.92 58.70 -1.00
N GLY A 80 -12.20 58.60 -2.29
CA GLY A 80 -13.54 58.81 -2.80
C GLY A 80 -13.67 58.33 -4.22
N ASP A 81 -14.73 57.56 -4.47
CA ASP A 81 -14.96 57.07 -5.80
C ASP A 81 -13.84 56.11 -6.19
N GLY A 82 -13.21 55.49 -5.18
CA GLY A 82 -12.22 54.47 -5.43
C GLY A 82 -10.96 55.07 -6.04
N GLU A 83 -10.68 56.31 -5.67
CA GLU A 83 -9.48 57.01 -6.08
C GLU A 83 -8.90 57.72 -4.85
N LYS A 84 -7.58 57.88 -4.80
CA LYS A 84 -6.94 58.43 -3.60
C LYS A 84 -6.13 59.71 -3.85
N ILE A 85 -6.05 60.59 -2.86
CA ILE A 85 -5.06 61.68 -2.81
C ILE A 85 -4.65 61.90 -1.37
N GLN A 86 -3.77 62.87 -1.16
CA GLN A 86 -3.17 63.05 0.15
C GLN A 86 -3.59 64.36 0.83
N VAL A 87 -3.85 64.26 2.12
CA VAL A 87 -4.07 65.45 2.94
C VAL A 87 -2.80 65.84 3.67
N LEU A 88 -2.27 67.00 3.29
CA LEU A 88 -1.10 67.57 3.94
C LEU A 88 -1.53 68.76 4.78
N ALA A 89 -1.74 68.52 6.07
CA ALA A 89 -2.06 69.60 6.98
C ALA A 89 -0.79 70.25 7.54
N ASN A 90 -0.54 71.49 7.14
CA ASN A 90 0.59 72.25 7.62
C ASN A 90 0.11 73.33 8.56
N TYR A 91 0.69 73.36 9.76
CA TYR A 91 0.38 74.37 10.76
C TYR A 91 0.40 75.81 10.24
N SER A 92 1.26 76.11 9.27
CA SER A 92 1.34 77.49 8.79
C SER A 92 0.09 77.92 8.03
N PHE A 93 -0.65 76.94 7.51
CA PHE A 93 -1.83 77.23 6.69
C PHE A 93 -3.13 77.10 7.50
N HIS A 94 -3.04 76.53 8.69
CA HIS A 94 -4.22 76.27 9.49
C HIS A 94 -4.85 77.55 9.98
N ASN A 95 -6.08 77.82 9.55
CA ASN A 95 -6.80 78.99 10.05
C ASN A 95 -7.09 78.91 11.56
N HIS A 96 -6.20 79.47 12.38
CA HIS A 96 -6.30 79.34 13.82
C HIS A 96 -7.54 79.99 14.45
N GLU A 97 -8.22 80.88 13.73
CA GLU A 97 -9.45 81.50 14.20
C GLU A 97 -10.56 80.49 14.43
N LYS A 98 -10.44 79.31 13.81
CA LYS A 98 -11.48 78.28 13.90
C LYS A 98 -11.20 77.32 15.05
N GLY A 99 -9.93 77.14 15.38
CA GLY A 99 -9.54 76.16 16.36
C GLY A 99 -8.07 75.81 16.36
N ASN A 100 -7.66 75.06 17.37
CA ASN A 100 -6.27 74.67 17.55
C ASN A 100 -5.86 73.63 16.55
N PHE A 101 -4.68 73.79 15.98
CA PHE A 101 -4.23 72.89 14.93
C PHE A 101 -4.29 71.46 15.45
N ALA A 102 -3.58 71.19 16.53
CA ALA A 102 -3.42 69.82 17.01
C ALA A 102 -4.68 69.28 17.65
N GLU A 103 -5.42 70.15 18.34
CA GLU A 103 -6.69 69.74 18.92
C GLU A 103 -7.70 69.24 17.84
N CYS A 104 -7.72 69.88 16.67
CA CYS A 104 -8.61 69.48 15.59
CA CYS A 104 -8.60 69.48 15.56
C CYS A 104 -8.14 68.20 14.86
N TYR A 105 -6.84 68.12 14.57
CA TYR A 105 -6.29 66.95 13.85
C TYR A 105 -6.03 65.65 14.64
N ASP A 106 -6.01 65.71 15.97
CA ASP A 106 -5.90 64.48 16.77
C ASP A 106 -7.26 63.86 16.97
N LYS A 107 -8.30 64.60 16.60
CA LYS A 107 -9.67 64.12 16.66
C LYS A 107 -9.91 63.11 15.55
N ILE A 108 -9.29 63.34 14.40
CA ILE A 108 -9.53 62.51 13.24
C ILE A 108 -9.06 61.08 13.36
N ARG A 109 -9.88 60.15 12.89
CA ARG A 109 -9.60 58.71 12.92
C ARG A 109 -9.74 58.06 11.55
N ARG A 110 -9.11 56.91 11.38
CA ARG A 110 -9.27 56.12 10.17
C ARG A 110 -10.74 55.79 9.96
N GLY A 111 -11.24 56.10 8.77
CA GLY A 111 -12.64 55.87 8.45
C GLY A 111 -13.46 57.15 8.38
N ASP A 112 -13.00 58.19 9.06
CA ASP A 112 -13.79 59.41 9.14
C ASP A 112 -14.09 60.04 7.76
N ILE A 113 -15.36 60.39 7.54
CA ILE A 113 -15.71 61.21 6.38
C ILE A 113 -15.51 62.70 6.74
N VAL A 114 -14.66 63.38 6.00
CA VAL A 114 -14.31 64.77 6.30
C VAL A 114 -14.65 65.74 5.15
N GLY A 115 -14.98 66.98 5.50
CA GLY A 115 -14.94 68.09 4.56
C GLY A 115 -13.67 68.93 4.76
N ILE A 116 -13.00 69.25 3.66
CA ILE A 116 -11.73 69.98 3.70
C ILE A 116 -11.81 71.21 2.79
N VAL A 117 -11.34 72.34 3.27
CA VAL A 117 -11.26 73.53 2.45
C VAL A 117 -9.79 73.93 2.35
N GLY A 118 -9.22 73.89 1.15
CA GLY A 118 -7.81 74.16 0.97
C GLY A 118 -7.37 74.25 -0.48
N PHE A 119 -6.07 74.21 -0.72
CA PHE A 119 -5.55 74.38 -2.07
C PHE A 119 -4.73 73.17 -2.52
N PRO A 120 -4.62 72.99 -3.84
CA PRO A 120 -3.94 71.81 -4.38
C PRO A 120 -2.42 71.99 -4.51
N GLY A 121 -1.70 70.87 -4.56
CA GLY A 121 -0.25 70.89 -4.66
C GLY A 121 0.37 69.51 -4.57
N LYS A 122 1.57 69.38 -5.10
CA LYS A 122 2.34 68.17 -4.87
C LYS A 122 3.30 68.48 -3.73
N SER A 123 3.77 67.44 -3.05
CA SER A 123 4.76 67.61 -2.01
C SER A 123 6.13 67.64 -2.67
N LYS A 124 7.18 67.42 -1.88
CA LYS A 124 8.54 67.48 -2.41
C LYS A 124 8.90 66.24 -3.22
N LYS A 125 8.30 65.12 -2.81
CA LYS A 125 8.58 63.81 -3.39
C LYS A 125 7.77 63.57 -4.66
N GLY A 126 6.73 64.38 -4.84
CA GLY A 126 5.92 64.31 -6.04
C GLY A 126 4.54 63.73 -5.80
N GLU A 127 4.15 63.65 -4.53
CA GLU A 127 2.87 63.05 -4.10
C GLU A 127 1.68 64.02 -4.09
N LEU A 128 0.75 63.93 -5.05
CA LEU A 128 -0.42 64.85 -5.16
C LEU A 128 -1.22 65.02 -3.86
N SER A 129 -1.57 66.26 -3.53
CA SER A 129 -2.06 66.63 -2.19
C SER A 129 -3.08 67.79 -2.16
N ILE A 130 -3.93 67.79 -1.13
CA ILE A 130 -4.73 68.96 -0.80
C ILE A 130 -4.16 69.55 0.49
N PHE A 131 -4.00 70.87 0.52
CA PHE A 131 -3.46 71.52 1.69
C PHE A 131 -4.60 72.22 2.43
N PRO A 132 -5.13 71.60 3.50
CA PRO A 132 -6.24 72.24 4.21
C PRO A 132 -5.89 73.54 4.94
N LYS A 133 -6.85 74.47 4.90
CA LYS A 133 -6.89 75.65 5.74
C LYS A 133 -7.83 75.31 6.88
N GLU A 134 -8.65 74.29 6.63
CA GLU A 134 -9.71 73.85 7.53
C GLU A 134 -10.23 72.48 7.11
N THR A 135 -10.62 71.72 8.13
CA THR A 135 -11.01 70.33 8.01
C THR A 135 -12.17 70.16 8.97
N ILE A 136 -13.28 69.66 8.48
CA ILE A 136 -14.47 69.55 9.34
C ILE A 136 -15.04 68.16 9.19
N LEU A 137 -15.38 67.54 10.31
CA LEU A 137 -15.96 66.20 10.29
C LEU A 137 -17.34 66.28 9.70
N LEU A 138 -17.65 65.37 8.79
CA LEU A 138 -18.96 65.26 8.16
C LEU A 138 -19.73 64.08 8.76
N SER A 139 -19.05 62.93 8.86
CA SER A 139 -19.63 61.76 9.48
C SER A 139 -18.52 60.90 10.05
N ALA A 140 -18.70 60.45 11.29
CA ALA A 140 -17.67 59.68 11.98
C ALA A 140 -17.84 58.17 11.85
N CYS A 141 -16.71 57.50 11.69
CA CYS A 141 -16.62 56.05 11.76
C CYS A 141 -16.44 55.59 13.22
N LEU A 142 -17.50 55.01 13.78
CA LEU A 142 -17.53 54.61 15.19
C LEU A 142 -16.86 53.25 15.47
N HIS A 143 -16.54 52.50 14.43
CA HIS A 143 -15.89 51.21 14.62
C HIS A 143 -14.45 51.24 14.12
N MET A 144 -13.64 50.30 14.58
CA MET A 144 -12.36 50.09 13.97
C MET A 144 -12.60 49.63 12.55
N LEU A 145 -12.12 50.40 11.59
CA LEU A 145 -12.09 49.91 10.22
C LEU A 145 -10.89 48.96 10.06
N PRO A 146 -11.16 47.70 9.67
CA PRO A 146 -10.13 46.65 9.55
C PRO A 146 -9.13 46.92 8.40
N MET A 147 -8.25 45.98 8.06
CA MET A 147 -7.29 46.19 6.97
C MET A 147 -7.45 45.11 5.90
N LYS A 148 -6.89 45.33 4.71
CA LYS A 148 -6.67 44.19 3.83
C LYS A 148 -5.91 43.18 4.67
N TYR A 149 -6.07 41.90 4.38
CA TYR A 149 -5.68 40.82 5.31
C TYR A 149 -6.78 40.64 6.35
N GLY A 150 -7.17 41.73 7.00
CA GLY A 150 -8.29 41.70 7.91
C GLY A 150 -9.40 40.88 7.28
N LEU A 151 -9.78 41.27 6.08
CA LEU A 151 -10.74 40.50 5.28
C LEU A 151 -10.15 40.11 3.94
N LYS A 152 -10.72 39.08 3.34
CA LYS A 152 -10.07 38.37 2.26
C LYS A 152 -8.88 37.64 2.89
N ASP A 153 -9.15 36.38 3.27
CA ASP A 153 -10.44 35.75 2.96
C ASP A 153 -11.38 35.56 4.15
N THR A 154 -12.47 36.33 4.17
CA THR A 154 -13.42 36.25 5.28
C THR A 154 -14.86 36.27 4.78
N GLU A 155 -15.78 35.85 5.65
CA GLU A 155 -17.17 35.79 5.26
C GLU A 155 -17.84 37.15 5.31
N ILE A 156 -17.17 38.10 5.93
CA ILE A 156 -17.76 39.43 6.05
C ILE A 156 -17.51 40.29 4.81
N ARG A 157 -16.75 39.77 3.84
CA ARG A 157 -16.77 40.36 2.51
C ARG A 157 -18.23 40.40 2.01
N TYR A 158 -19.01 39.39 2.36
CA TYR A 158 -20.38 39.27 1.82
C TYR A 158 -21.43 39.84 2.78
N ARG A 159 -21.23 39.67 4.09
CA ARG A 159 -22.17 40.20 5.10
C ARG A 159 -22.05 41.71 5.36
N GLN A 160 -20.95 42.31 4.89
CA GLN A 160 -20.75 43.74 5.00
C GLN A 160 -19.98 44.18 3.79
N ARG A 161 -20.65 44.12 2.65
CA ARG A 161 -20.07 44.43 1.36
C ARG A 161 -19.57 45.88 1.30
N TYR A 162 -20.11 46.72 2.16
CA TYR A 162 -19.63 48.11 2.20
C TYR A 162 -18.16 48.17 2.66
N LEU A 163 -17.82 47.44 3.71
CA LEU A 163 -16.42 47.32 4.10
C LEU A 163 -15.58 46.83 2.90
N ASP A 164 -16.02 45.75 2.27
CA ASP A 164 -15.39 45.22 1.05
C ASP A 164 -15.16 46.29 -0.04
N LEU A 165 -16.11 47.19 -0.23
CA LEU A 165 -15.99 48.17 -1.31
C LEU A 165 -14.98 49.26 -0.99
N LEU A 166 -14.80 49.52 0.30
CA LEU A 166 -13.87 50.57 0.73
C LEU A 166 -12.41 50.10 0.74
N ILE A 167 -12.20 49.04 1.51
CA ILE A 167 -10.90 48.46 1.76
C ILE A 167 -10.32 47.81 0.49
N ASN A 168 -11.09 46.92 -0.14
CA ASN A 168 -10.62 46.28 -1.38
C ASN A 168 -10.94 47.05 -2.68
N GLU A 169 -9.87 47.52 -3.33
CA GLU A 169 -9.95 48.30 -4.56
C GLU A 169 -10.42 47.44 -5.72
N SER A 170 -10.19 46.14 -5.61
CA SER A 170 -10.44 45.21 -6.71
C SER A 170 -11.90 44.75 -6.75
N SER A 171 -12.55 44.67 -5.59
CA SER A 171 -13.97 44.28 -5.60
C SER A 171 -14.85 45.38 -6.18
N ARG A 172 -14.52 46.64 -5.89
CA ARG A 172 -15.26 47.74 -6.52
C ARG A 172 -15.12 47.67 -8.04
N HIS A 173 -13.92 47.32 -8.49
CA HIS A 173 -13.66 47.19 -9.90
C HIS A 173 -14.45 46.03 -10.51
N THR A 174 -14.67 44.98 -9.72
CA THR A 174 -15.42 43.85 -10.21
C THR A 174 -16.83 44.28 -10.49
N PHE A 175 -17.44 44.92 -9.49
CA PHE A 175 -18.83 45.35 -9.62
C PHE A 175 -19.05 46.42 -10.68
N VAL A 176 -18.06 47.27 -10.93
CA VAL A 176 -18.19 48.17 -12.07
C VAL A 176 -18.25 47.35 -13.35
N THR A 177 -17.33 46.40 -13.48
CA THR A 177 -17.25 45.60 -14.70
C THR A 177 -18.61 44.92 -15.03
N ARG A 178 -19.25 44.34 -14.02
CA ARG A 178 -20.57 43.72 -14.18
C ARG A 178 -21.62 44.73 -14.70
N THR A 179 -21.67 45.91 -14.13
CA THR A 179 -22.53 46.92 -14.71
C THR A 179 -22.10 47.27 -16.14
N LYS A 180 -20.80 47.44 -16.38
CA LYS A 180 -20.28 47.73 -17.72
C LYS A 180 -20.70 46.66 -18.74
N ILE A 181 -20.90 45.45 -18.24
CA ILE A 181 -21.24 44.30 -19.07
C ILE A 181 -22.70 44.36 -19.44
N ILE A 182 -23.56 44.59 -18.43
CA ILE A 182 -25.01 44.71 -18.63
C ILE A 182 -25.40 45.90 -19.54
N ASN A 183 -24.83 47.06 -19.26
CA ASN A 183 -25.14 48.19 -20.11
C ASN A 183 -24.81 47.81 -21.53
N PHE A 184 -23.68 47.13 -21.70
CA PHE A 184 -23.24 46.72 -23.02
C PHE A 184 -24.31 45.87 -23.72
N LEU A 185 -24.65 44.75 -23.09
CA LEU A 185 -25.74 43.88 -23.52
C LEU A 185 -27.00 44.64 -23.93
N ARG A 186 -27.55 45.42 -23.01
CA ARG A 186 -28.75 46.21 -23.27
C ARG A 186 -28.61 47.08 -24.51
N ASN A 187 -27.54 47.86 -24.62
CA ASN A 187 -27.31 48.67 -25.81
C ASN A 187 -27.10 47.81 -27.05
N PHE A 188 -26.59 46.60 -26.83
CA PHE A 188 -26.32 45.71 -27.95
C PHE A 188 -27.62 45.38 -28.67
N LEU A 189 -28.59 44.85 -27.91
CA LEU A 189 -29.94 44.58 -28.39
C LEU A 189 -30.60 45.82 -28.98
N ASN A 190 -30.61 46.90 -28.19
CA ASN A 190 -31.29 48.10 -28.62
C ASN A 190 -30.81 48.53 -30.01
N GLU A 191 -29.52 48.39 -30.28
CA GLU A 191 -29.02 48.72 -31.60
C GLU A 191 -29.59 47.78 -32.66
N ARG A 192 -29.83 46.53 -32.29
CA ARG A 192 -30.30 45.52 -33.24
C ARG A 192 -31.82 45.47 -33.28
N GLY A 193 -32.47 46.58 -32.92
CA GLY A 193 -33.91 46.71 -32.96
C GLY A 193 -34.72 45.88 -31.99
N PHE A 194 -34.09 45.35 -30.94
CA PHE A 194 -34.83 44.64 -29.91
C PHE A 194 -35.54 45.59 -28.95
N PHE A 195 -36.43 45.04 -28.14
CA PHE A 195 -37.36 45.83 -27.35
C PHE A 195 -37.49 45.25 -25.92
N GLU A 196 -37.12 46.05 -24.93
CA GLU A 196 -37.06 45.56 -23.56
C GLU A 196 -38.45 45.63 -22.90
N VAL A 197 -38.75 44.61 -22.09
CA VAL A 197 -40.04 44.45 -21.45
C VAL A 197 -39.87 43.81 -20.09
N GLU A 198 -40.79 44.10 -19.16
CA GLU A 198 -40.89 43.35 -17.92
C GLU A 198 -42.13 42.42 -17.92
N THR A 199 -41.96 41.25 -17.28
CA THR A 199 -43.04 40.27 -17.14
C THR A 199 -43.09 39.82 -15.69
N PRO A 200 -44.13 39.09 -15.27
CA PRO A 200 -44.25 38.83 -13.83
C PRO A 200 -43.14 37.95 -13.27
N MET A 201 -42.55 38.37 -12.15
CA MET A 201 -41.71 37.49 -11.34
C MET A 201 -42.61 36.35 -10.89
N MET A 202 -43.79 36.72 -10.41
CA MET A 202 -44.68 35.74 -9.80
C MET A 202 -45.65 35.12 -10.80
N ASN A 203 -45.92 33.82 -10.61
CA ASN A 203 -46.80 33.06 -11.49
C ASN A 203 -47.65 31.97 -10.83
N LEU A 204 -48.12 31.04 -11.68
CA LEU A 204 -48.79 29.81 -11.26
C LEU A 204 -48.38 28.61 -12.15
N ILE A 205 -47.18 28.09 -11.90
CA ILE A 205 -46.74 26.78 -12.42
C ILE A 205 -46.78 25.74 -11.30
N PRO A 213 -38.55 26.04 -7.61
CA PRO A 213 -39.93 26.22 -7.14
C PRO A 213 -39.98 26.96 -5.80
N PHE A 214 -40.17 28.27 -5.86
CA PHE A 214 -40.48 29.06 -4.66
C PHE A 214 -41.98 29.36 -4.58
N ILE A 215 -42.59 28.98 -3.46
CA ILE A 215 -44.03 29.21 -3.31
C ILE A 215 -44.34 30.34 -2.31
N THR A 216 -45.16 31.30 -2.72
CA THR A 216 -45.64 32.29 -1.76
C THR A 216 -47.17 32.49 -1.86
N HIS A 217 -47.78 33.06 -0.82
CA HIS A 217 -49.24 33.09 -0.70
C HIS A 217 -49.74 34.51 -0.86
N HIS A 218 -50.61 34.75 -1.84
CA HIS A 218 -51.31 36.04 -1.91
C HIS A 218 -52.51 36.02 -0.98
N ASN A 219 -52.46 36.80 0.10
CA ASN A 219 -53.41 36.61 1.20
C ASN A 219 -54.86 36.80 0.79
N ASP A 220 -55.15 37.93 0.16
CA ASP A 220 -56.48 38.22 -0.35
C ASP A 220 -56.98 37.02 -1.14
N LEU A 221 -56.41 36.86 -2.33
CA LEU A 221 -56.80 35.82 -3.27
C LEU A 221 -56.73 34.39 -2.75
N ASP A 222 -56.16 34.22 -1.55
CA ASP A 222 -55.93 32.88 -0.99
C ASP A 222 -55.31 31.92 -2.03
N LEU A 223 -54.49 32.46 -2.92
CA LEU A 223 -53.79 31.64 -3.93
C LEU A 223 -52.28 31.53 -3.71
N ASP A 224 -51.72 30.34 -3.92
CA ASP A 224 -50.26 30.21 -3.91
C ASP A 224 -49.66 30.72 -5.21
N LEU A 225 -48.62 31.56 -5.09
CA LEU A 225 -47.96 32.16 -6.25
C LEU A 225 -46.59 31.53 -6.49
N TYR A 226 -46.11 31.63 -7.72
CA TYR A 226 -44.88 30.93 -8.11
C TYR A 226 -43.82 31.85 -8.72
N LEU A 227 -42.67 31.95 -8.06
CA LEU A 227 -41.59 32.84 -8.49
C LEU A 227 -40.92 32.26 -9.74
N ARG A 228 -40.72 33.10 -10.75
CA ARG A 228 -40.32 32.58 -12.04
C ARG A 228 -38.96 31.89 -12.00
N ILE A 229 -38.84 30.84 -12.82
CA ILE A 229 -37.60 30.15 -13.05
C ILE A 229 -37.06 30.64 -14.39
N ALA A 230 -37.96 31.21 -15.20
CA ALA A 230 -37.64 31.65 -16.55
C ALA A 230 -38.56 32.76 -17.01
N THR A 231 -38.39 33.22 -18.24
CA THR A 231 -39.20 34.31 -18.78
C THR A 231 -39.65 34.01 -20.20
N GLU A 232 -39.50 32.76 -20.60
CA GLU A 232 -39.78 32.36 -21.97
C GLU A 232 -41.23 32.66 -22.37
N LEU A 233 -42.15 32.03 -21.64
CA LEU A 233 -43.58 32.02 -21.99
C LEU A 233 -44.21 33.41 -22.20
N PRO A 234 -44.17 34.26 -21.16
CA PRO A 234 -44.76 35.59 -21.44
C PRO A 234 -44.10 36.21 -22.66
N LEU A 235 -42.82 35.90 -22.86
CA LEU A 235 -42.04 36.55 -23.91
C LEU A 235 -42.42 36.03 -25.28
N LYS A 236 -42.48 34.70 -25.42
CA LYS A 236 -43.00 34.07 -26.64
C LYS A 236 -44.37 34.64 -27.03
N MET A 237 -45.23 34.79 -26.02
CA MET A 237 -46.59 35.33 -26.20
C MET A 237 -46.59 36.77 -26.72
N LEU A 238 -45.60 37.56 -26.32
CA LEU A 238 -45.45 38.91 -26.89
C LEU A 238 -45.08 38.86 -28.39
N ILE A 239 -44.40 37.79 -28.79
CA ILE A 239 -44.05 37.61 -30.20
C ILE A 239 -45.34 37.41 -31.03
N VAL A 240 -46.23 36.53 -30.53
CA VAL A 240 -47.58 36.41 -31.06
C VAL A 240 -48.19 37.80 -31.11
N GLY A 241 -48.20 38.49 -29.97
CA GLY A 241 -48.61 39.88 -29.93
C GLY A 241 -47.98 40.73 -31.03
N GLY A 242 -46.93 40.21 -31.68
CA GLY A 242 -46.35 40.92 -32.82
C GLY A 242 -45.25 41.93 -32.50
N ILE A 243 -44.58 41.73 -31.38
CA ILE A 243 -43.32 42.39 -31.12
C ILE A 243 -42.24 41.43 -31.63
N ASP A 244 -41.72 41.66 -32.84
CA ASP A 244 -40.91 40.64 -33.48
C ASP A 244 -39.58 40.43 -32.75
N LYS A 245 -39.03 41.52 -32.22
CA LYS A 245 -37.83 41.43 -31.39
C LYS A 245 -38.06 41.93 -29.96
N VAL A 246 -37.96 41.02 -29.00
CA VAL A 246 -38.26 41.35 -27.61
C VAL A 246 -37.33 40.66 -26.59
N TYR A 247 -36.93 41.39 -25.54
CA TYR A 247 -36.05 40.82 -24.50
C TYR A 247 -36.36 41.30 -23.05
N GLU A 248 -35.95 40.48 -22.08
CA GLU A 248 -36.03 40.83 -20.66
C GLU A 248 -34.70 40.53 -19.95
N ILE A 249 -34.13 41.55 -19.32
CA ILE A 249 -32.98 41.41 -18.44
C ILE A 249 -33.56 41.52 -17.04
N GLY A 250 -33.38 40.48 -16.21
CA GLY A 250 -34.06 40.41 -14.92
C GLY A 250 -33.69 39.21 -14.07
N LYS A 251 -34.29 39.09 -12.89
CA LYS A 251 -34.00 38.02 -11.95
C LYS A 251 -34.86 36.78 -12.21
N VAL A 252 -34.30 35.60 -11.95
CA VAL A 252 -35.05 34.36 -11.87
C VAL A 252 -34.61 33.64 -10.58
N PHE A 253 -35.29 32.55 -10.21
CA PHE A 253 -35.08 31.93 -8.89
C PHE A 253 -35.00 30.42 -8.95
N ARG A 254 -34.14 29.86 -8.11
CA ARG A 254 -34.10 28.42 -7.88
C ARG A 254 -34.14 28.26 -6.38
N ASN A 255 -34.90 27.29 -5.91
CA ASN A 255 -34.92 27.00 -4.49
C ASN A 255 -34.24 25.66 -4.24
N GLU A 256 -32.92 25.72 -4.14
CA GLU A 256 -32.08 24.53 -4.04
C GLU A 256 -31.06 24.73 -2.94
N GLY A 257 -29.84 24.25 -3.17
CA GLY A 257 -28.78 24.45 -2.21
C GLY A 257 -28.05 25.75 -2.51
N ILE A 258 -27.47 26.34 -1.45
CA ILE A 258 -26.64 27.54 -1.60
C ILE A 258 -25.16 27.22 -1.43
N ASP A 259 -24.38 27.54 -2.46
CA ASP A 259 -22.93 27.31 -2.46
C ASP A 259 -22.26 28.35 -3.36
N ASN A 260 -21.00 28.12 -3.72
CA ASN A 260 -20.22 29.13 -4.46
C ASN A 260 -20.51 29.18 -5.95
N THR A 261 -21.45 28.35 -6.39
CA THR A 261 -21.93 28.37 -7.75
C THR A 261 -23.45 28.58 -7.75
N HIS A 262 -24.01 28.75 -6.56
CA HIS A 262 -25.46 28.64 -6.39
C HIS A 262 -26.10 29.75 -5.55
N ASN A 263 -26.88 30.60 -6.22
CA ASN A 263 -27.62 31.65 -5.53
C ASN A 263 -29.11 31.58 -5.84
N PRO A 264 -29.96 31.88 -4.84
CA PRO A 264 -31.42 31.82 -4.93
C PRO A 264 -31.99 32.66 -6.07
N GLU A 265 -31.36 33.80 -6.34
CA GLU A 265 -31.72 34.60 -7.50
C GLU A 265 -30.49 34.80 -8.39
N PHE A 266 -30.60 34.31 -9.62
CA PHE A 266 -29.66 34.62 -10.68
C PHE A 266 -30.20 35.77 -11.52
N THR A 267 -29.38 36.30 -12.42
CA THR A 267 -29.87 37.25 -13.41
C THR A 267 -29.80 36.60 -14.79
N SER A 268 -30.93 36.59 -15.48
CA SER A 268 -30.95 36.09 -16.85
C SER A 268 -31.29 37.23 -17.82
N CYS A 269 -30.87 37.05 -19.07
CA CYS A 269 -31.43 37.74 -20.22
C CYS A 269 -31.97 36.69 -21.19
N GLU A 270 -33.06 37.04 -21.85
CA GLU A 270 -33.72 36.17 -22.80
C GLU A 270 -34.32 37.13 -23.84
N PHE A 271 -34.11 36.80 -25.12
CA PHE A 271 -34.75 37.57 -26.18
C PHE A 271 -35.38 36.61 -27.16
N TYR A 272 -36.44 37.05 -27.84
CA TYR A 272 -36.97 36.30 -28.95
C TYR A 272 -36.88 37.10 -30.24
N TRP A 273 -36.73 36.38 -31.35
CA TRP A 273 -36.39 36.98 -32.63
C TRP A 273 -37.24 36.36 -33.74
N ALA A 274 -38.28 37.06 -34.20
CA ALA A 274 -39.14 36.46 -35.22
C ALA A 274 -38.37 36.30 -36.53
N TYR A 275 -38.63 35.18 -37.21
CA TYR A 275 -38.07 34.90 -38.51
C TYR A 275 -36.55 34.94 -38.44
N ALA A 276 -36.02 34.39 -37.36
CA ALA A 276 -34.59 34.29 -37.18
C ALA A 276 -34.24 32.81 -37.06
N ASP A 277 -33.30 32.35 -37.87
CA ASP A 277 -32.89 30.95 -37.84
C ASP A 277 -31.58 30.74 -37.04
N TYR A 278 -30.97 29.58 -37.29
CA TYR A 278 -29.74 29.10 -36.65
C TYR A 278 -28.48 29.91 -36.98
N ASN A 279 -28.21 30.19 -38.26
CA ASN A 279 -26.99 30.94 -38.57
C ASN A 279 -27.07 32.32 -37.98
N ASP A 280 -28.29 32.71 -37.63
CA ASP A 280 -28.57 34.05 -37.14
C ASP A 280 -28.20 34.16 -35.68
N LEU A 281 -28.70 33.20 -34.91
CA LEU A 281 -28.40 33.11 -33.50
C LEU A 281 -26.89 32.98 -33.28
N ILE A 282 -26.21 32.16 -34.09
CA ILE A 282 -24.77 31.95 -33.96
C ILE A 282 -24.02 33.27 -34.22
N LYS A 283 -24.24 33.84 -35.40
CA LYS A 283 -23.67 35.13 -35.74
C LYS A 283 -23.87 36.13 -34.60
N TRP A 284 -24.98 36.02 -33.88
CA TRP A 284 -25.26 36.94 -32.78
C TRP A 284 -24.34 36.61 -31.60
N SER A 285 -24.35 35.35 -31.17
CA SER A 285 -23.55 34.90 -30.06
C SER A 285 -22.07 35.15 -30.30
N GLU A 286 -21.65 34.97 -31.55
CA GLU A 286 -20.26 35.23 -31.90
C GLU A 286 -19.95 36.72 -31.84
N ASP A 287 -20.81 37.53 -32.46
CA ASP A 287 -20.73 38.98 -32.30
C ASP A 287 -20.73 39.39 -30.84
N PHE A 288 -21.80 39.06 -30.12
CA PHE A 288 -21.89 39.53 -28.76
C PHE A 288 -20.59 39.34 -27.96
N PHE A 289 -20.13 38.10 -27.83
CA PHE A 289 -18.91 37.85 -27.06
C PHE A 289 -17.61 38.49 -27.60
N SER A 290 -17.42 38.48 -28.92
CA SER A 290 -16.22 39.11 -29.44
C SER A 290 -16.23 40.63 -29.13
N GLN A 291 -17.41 41.22 -29.23
CA GLN A 291 -17.54 42.66 -29.05
C GLN A 291 -17.64 43.11 -27.60
N LEU A 292 -18.22 42.26 -26.76
CA LEU A 292 -18.18 42.49 -25.33
C LEU A 292 -16.74 42.53 -24.89
N VAL A 293 -16.09 41.35 -24.93
CA VAL A 293 -14.73 41.19 -24.40
C VAL A 293 -13.77 42.28 -24.89
N TYR A 294 -13.79 42.57 -26.19
CA TYR A 294 -12.97 43.64 -26.73
C TYR A 294 -13.31 44.95 -26.06
N HIS A 295 -14.60 45.28 -26.01
CA HIS A 295 -15.05 46.51 -25.36
C HIS A 295 -14.54 46.64 -23.91
N LEU A 296 -14.32 45.52 -23.24
CA LEU A 296 -13.87 45.57 -21.85
C LEU A 296 -12.35 45.73 -21.75
N PHE A 297 -11.64 44.98 -22.60
CA PHE A 297 -10.20 44.77 -22.42
C PHE A 297 -9.31 45.30 -23.54
N GLY A 298 -9.88 45.62 -24.69
CA GLY A 298 -9.07 46.09 -25.81
C GLY A 298 -8.42 44.94 -26.59
N THR A 299 -8.60 43.71 -26.10
CA THR A 299 -8.23 42.52 -26.88
C THR A 299 -9.33 41.44 -26.86
N TYR A 300 -9.10 40.34 -27.57
CA TYR A 300 -10.00 39.19 -27.53
C TYR A 300 -9.43 38.12 -26.59
N LYS A 301 -8.41 38.48 -25.83
CA LYS A 301 -7.66 37.50 -25.04
C LYS A 301 -7.57 37.86 -23.55
N ILE A 302 -7.91 36.89 -22.71
CA ILE A 302 -8.02 37.11 -21.27
C ILE A 302 -7.52 35.88 -20.52
N SER A 303 -7.26 36.07 -19.24
CA SER A 303 -6.75 34.99 -18.44
C SER A 303 -7.81 34.69 -17.38
N TYR A 304 -8.04 33.41 -17.14
CA TYR A 304 -9.04 33.00 -16.19
C TYR A 304 -8.46 31.94 -15.28
N ASN A 305 -8.74 32.05 -14.00
CA ASN A 305 -8.22 31.04 -13.10
C ASN A 305 -9.15 29.85 -12.94
N LYS A 306 -9.15 28.99 -13.95
CA LYS A 306 -10.01 27.79 -13.93
C LYS A 306 -9.91 26.97 -12.63
N ASP A 307 -8.70 26.82 -12.09
CA ASP A 307 -8.54 25.99 -10.89
C ASP A 307 -8.42 26.80 -9.62
N GLY A 308 -8.90 28.03 -9.68
CA GLY A 308 -8.80 28.93 -8.55
C GLY A 308 -7.55 29.78 -8.63
N PRO A 309 -7.34 30.64 -7.62
CA PRO A 309 -6.22 31.59 -7.49
C PRO A 309 -4.93 30.90 -7.05
N GLU A 310 -5.07 29.73 -6.40
CA GLU A 310 -3.95 28.96 -5.90
C GLU A 310 -3.40 28.03 -6.99
N ASN A 311 -3.98 28.15 -8.19
CA ASN A 311 -3.39 27.57 -9.39
C ASN A 311 -3.20 28.59 -10.51
N GLN A 312 -2.69 28.13 -11.64
CA GLN A 312 -2.38 29.02 -12.74
C GLN A 312 -3.62 29.56 -13.43
N PRO A 313 -3.45 30.67 -14.18
CA PRO A 313 -4.44 31.13 -15.15
C PRO A 313 -4.28 30.31 -16.45
N ILE A 314 -5.33 30.30 -17.27
CA ILE A 314 -5.24 29.84 -18.65
C ILE A 314 -5.76 30.96 -19.53
N GLU A 315 -5.52 30.86 -20.82
CA GLU A 315 -5.94 31.91 -21.73
C GLU A 315 -7.25 31.50 -22.43
N ILE A 316 -8.07 32.47 -22.80
CA ILE A 316 -9.30 32.18 -23.54
C ILE A 316 -9.43 33.12 -24.74
N ASP A 317 -9.41 32.56 -25.94
CA ASP A 317 -9.49 33.38 -27.14
C ASP A 317 -10.91 33.56 -27.62
N PHE A 318 -11.47 34.73 -27.35
CA PHE A 318 -12.77 35.08 -27.90
C PHE A 318 -12.65 35.69 -29.29
N THR A 319 -11.80 35.09 -30.13
CA THR A 319 -11.72 35.53 -31.52
C THR A 319 -12.61 34.64 -32.39
N PRO A 320 -13.56 35.28 -33.10
CA PRO A 320 -14.57 34.60 -33.93
C PRO A 320 -14.03 34.20 -35.30
N PRO A 321 -14.53 33.10 -35.88
CA PRO A 321 -15.65 32.30 -35.35
C PRO A 321 -15.21 31.20 -34.40
N TYR A 322 -16.19 30.56 -33.76
CA TYR A 322 -15.93 29.53 -32.77
C TYR A 322 -16.36 28.16 -33.29
N PRO A 323 -15.74 27.10 -32.77
CA PRO A 323 -16.12 25.76 -33.24
C PRO A 323 -17.63 25.50 -33.12
N LYS A 324 -18.14 24.59 -33.95
CA LYS A 324 -19.49 24.04 -33.77
C LYS A 324 -19.44 22.52 -33.77
N VAL A 325 -19.79 21.93 -32.65
CA VAL A 325 -19.62 20.51 -32.42
C VAL A 325 -21.00 19.87 -32.34
N SER A 326 -21.36 19.06 -33.33
CA SER A 326 -22.59 18.27 -33.27
C SER A 326 -22.46 17.15 -32.26
N ILE A 327 -23.36 17.13 -31.30
CA ILE A 327 -23.22 16.30 -30.10
C ILE A 327 -23.24 14.78 -30.34
N VAL A 328 -24.09 14.33 -31.26
CA VAL A 328 -24.23 12.89 -31.56
C VAL A 328 -23.14 12.39 -32.52
N GLU A 329 -22.88 13.18 -33.56
CA GLU A 329 -21.75 12.96 -34.46
C GLU A 329 -20.43 12.82 -33.71
N GLU A 330 -20.23 13.65 -32.69
CA GLU A 330 -18.96 13.67 -31.96
C GLU A 330 -18.87 12.58 -30.89
N ILE A 331 -20.02 12.01 -30.52
CA ILE A 331 -20.04 10.90 -29.58
C ILE A 331 -19.90 9.56 -30.28
N GLU A 332 -20.49 9.44 -31.48
CA GLU A 332 -20.28 8.25 -32.31
C GLU A 332 -18.80 8.19 -32.65
N LYS A 333 -18.30 9.31 -33.14
CA LYS A 333 -16.91 9.44 -33.55
C LYS A 333 -15.94 8.95 -32.49
N VAL A 334 -16.11 9.42 -31.26
CA VAL A 334 -15.16 9.17 -30.19
C VAL A 334 -15.36 7.82 -29.50
N THR A 335 -16.59 7.55 -29.10
CA THR A 335 -16.95 6.28 -28.44
C THR A 335 -16.88 5.15 -29.44
N ASN A 336 -16.92 5.51 -30.71
CA ASN A 336 -16.76 4.54 -31.78
C ASN A 336 -17.76 3.40 -31.71
N THR A 337 -18.99 3.71 -31.28
CA THR A 337 -20.13 2.87 -31.58
C THR A 337 -21.03 3.70 -32.47
N ILE A 338 -22.20 3.19 -32.84
CA ILE A 338 -23.13 4.00 -33.60
C ILE A 338 -24.55 3.91 -33.05
N LEU A 339 -25.18 5.08 -32.96
CA LEU A 339 -26.62 5.20 -32.77
C LEU A 339 -26.93 6.56 -33.36
N GLU A 340 -27.53 6.53 -34.54
CA GLU A 340 -27.98 7.72 -35.26
C GLU A 340 -29.45 7.45 -35.50
N GLN A 341 -29.75 6.16 -35.54
CA GLN A 341 -31.00 5.59 -35.05
C GLN A 341 -31.81 6.65 -34.31
N PRO A 342 -32.59 7.46 -35.04
CA PRO A 342 -33.26 8.56 -34.35
C PRO A 342 -34.50 8.12 -33.56
N PHE A 343 -34.50 6.89 -33.09
CA PHE A 343 -35.19 6.56 -31.86
C PHE A 343 -34.08 6.26 -30.84
N ASP A 344 -34.01 7.05 -29.78
CA ASP A 344 -32.99 6.85 -28.75
C ASP A 344 -33.63 6.20 -27.53
N SER A 345 -34.19 5.01 -27.71
CA SER A 345 -34.80 4.27 -26.60
C SER A 345 -34.72 2.76 -26.81
N ASN A 346 -34.99 2.03 -25.72
CA ASN A 346 -34.74 0.60 -25.67
C ASN A 346 -33.31 0.20 -26.04
N GLU A 347 -33.14 -0.40 -27.22
CA GLU A 347 -31.82 -0.84 -27.64
C GLU A 347 -30.75 0.27 -27.58
N THR A 348 -31.12 1.48 -28.00
CA THR A 348 -30.16 2.59 -28.03
C THR A 348 -29.85 3.10 -26.62
N ILE A 349 -30.72 2.79 -25.67
CA ILE A 349 -30.45 3.04 -24.24
C ILE A 349 -29.35 2.11 -23.74
N GLU A 350 -29.43 0.86 -24.16
CA GLU A 350 -28.45 -0.14 -23.79
C GLU A 350 -27.03 0.24 -24.25
N LYS A 351 -26.88 0.72 -25.49
CA LYS A 351 -25.57 1.14 -25.98
C LYS A 351 -24.97 2.21 -25.07
N MET A 352 -25.71 3.32 -24.96
CA MET A 352 -25.38 4.44 -24.10
C MET A 352 -25.10 4.00 -22.66
N ILE A 353 -25.96 3.15 -22.11
CA ILE A 353 -25.71 2.59 -20.77
C ILE A 353 -24.43 1.78 -20.76
N ASN A 354 -24.25 0.96 -21.78
CA ASN A 354 -23.03 0.17 -21.89
C ASN A 354 -21.80 1.06 -21.97
N ILE A 355 -21.93 2.20 -22.64
CA ILE A 355 -20.81 3.14 -22.70
C ILE A 355 -20.44 3.67 -21.31
N ILE A 356 -21.45 4.07 -20.54
CA ILE A 356 -21.21 4.69 -19.24
C ILE A 356 -20.31 3.86 -18.33
N LYS A 357 -20.48 2.54 -18.36
CA LYS A 357 -19.72 1.63 -17.50
C LYS A 357 -18.43 1.16 -18.17
N GLU A 358 -18.55 0.70 -19.42
CA GLU A 358 -17.39 0.34 -20.24
C GLU A 358 -16.35 1.44 -20.21
N HIS A 359 -16.71 2.60 -20.73
CA HIS A 359 -15.79 3.73 -20.66
C HIS A 359 -15.81 4.41 -19.28
N LYS A 360 -14.72 4.23 -18.53
CA LYS A 360 -14.51 4.90 -17.25
C LYS A 360 -15.73 4.76 -16.36
N ILE A 361 -16.66 5.71 -16.47
CA ILE A 361 -17.82 5.71 -15.58
C ILE A 361 -18.59 7.01 -15.58
N GLU A 362 -19.62 7.04 -14.75
CA GLU A 362 -20.31 8.28 -14.39
C GLU A 362 -21.64 7.84 -13.86
N LEU A 363 -22.21 8.65 -12.98
CA LEU A 363 -23.53 8.40 -12.44
C LEU A 363 -24.57 8.15 -13.53
N PRO A 364 -25.16 6.94 -13.56
CA PRO A 364 -26.31 6.69 -14.44
C PRO A 364 -27.41 7.74 -14.20
N ASN A 365 -27.77 7.96 -12.95
CA ASN A 365 -28.99 8.68 -12.62
C ASN A 365 -30.19 7.80 -12.98
N PRO A 366 -31.39 8.22 -12.58
CA PRO A 366 -32.59 7.73 -13.28
C PRO A 366 -32.31 7.65 -14.81
N PRO A 367 -32.57 6.48 -15.42
CA PRO A 367 -31.88 6.03 -16.64
C PRO A 367 -32.47 6.53 -17.95
N THR A 368 -32.90 7.78 -18.01
CA THR A 368 -33.50 8.27 -19.24
C THR A 368 -32.43 8.56 -20.30
N ALA A 369 -32.74 8.21 -21.54
CA ALA A 369 -31.81 8.44 -22.65
C ALA A 369 -31.34 9.89 -22.74
N ALA A 370 -32.24 10.83 -22.49
CA ALA A 370 -31.88 12.25 -22.49
C ALA A 370 -30.97 12.55 -21.32
N LYS A 371 -31.19 11.86 -20.21
CA LYS A 371 -30.28 11.97 -19.08
C LYS A 371 -28.95 11.27 -19.40
N LEU A 372 -29.02 10.06 -19.96
CA LEU A 372 -27.83 9.40 -20.49
C LEU A 372 -27.06 10.33 -21.43
N LEU A 373 -27.74 10.80 -22.48
CA LEU A 373 -27.15 11.73 -23.45
C LEU A 373 -26.32 12.87 -22.80
N ASP A 374 -26.90 13.49 -21.78
CA ASP A 374 -26.28 14.66 -21.13
C ASP A 374 -24.93 14.30 -20.50
N GLN A 375 -24.90 13.19 -19.76
CA GLN A 375 -23.69 12.74 -19.08
C GLN A 375 -22.59 12.44 -20.10
N LEU A 376 -22.99 11.91 -21.25
CA LEU A 376 -22.08 11.54 -22.34
C LEU A 376 -21.47 12.75 -23.08
N ALA A 377 -22.22 13.83 -23.18
CA ALA A 377 -21.67 15.08 -23.72
C ALA A 377 -20.91 15.81 -22.61
N SER A 378 -21.38 15.64 -21.38
CA SER A 378 -20.72 16.21 -20.20
C SER A 378 -19.30 15.68 -20.11
N HIS A 379 -19.18 14.37 -20.26
CA HIS A 379 -17.93 13.63 -20.27
C HIS A 379 -17.07 13.98 -21.50
N PHE A 380 -17.58 13.60 -22.67
CA PHE A 380 -16.80 13.62 -23.91
C PHE A 380 -16.73 14.93 -24.68
N ILE A 381 -17.62 15.87 -24.40
CA ILE A 381 -17.65 17.07 -25.22
C ILE A 381 -17.39 18.37 -24.47
N GLU A 382 -18.21 18.63 -23.46
CA GLU A 382 -18.19 19.91 -22.75
C GLU A 382 -16.78 20.35 -22.35
N ASN A 383 -15.87 19.38 -22.17
CA ASN A 383 -14.51 19.74 -21.80
C ASN A 383 -13.51 19.58 -22.93
N LYS A 384 -14.05 19.65 -24.14
CA LYS A 384 -13.24 19.59 -25.34
C LYS A 384 -12.29 20.79 -25.39
N TYR A 385 -12.87 21.99 -25.34
CA TYR A 385 -12.12 23.22 -25.57
C TYR A 385 -12.12 24.13 -24.34
N ASN A 386 -10.93 24.50 -23.86
CA ASN A 386 -10.83 25.44 -22.76
C ASN A 386 -10.15 26.71 -23.24
N ASP A 387 -9.35 26.54 -24.29
CA ASP A 387 -8.57 27.62 -24.89
C ASP A 387 -9.45 28.65 -25.62
N LYS A 388 -10.74 28.34 -25.74
CA LYS A 388 -11.67 29.17 -26.47
C LYS A 388 -13.08 28.74 -26.08
N PRO A 389 -14.08 29.59 -26.37
CA PRO A 389 -15.50 29.22 -26.25
C PRO A 389 -15.97 28.55 -27.53
N PHE A 390 -16.82 27.53 -27.44
CA PHE A 390 -17.32 26.83 -28.62
C PHE A 390 -18.80 26.48 -28.48
N PHE A 391 -19.43 25.97 -29.55
CA PHE A 391 -20.83 25.53 -29.46
C PHE A 391 -21.00 24.02 -29.56
N ILE A 392 -21.67 23.45 -28.56
CA ILE A 392 -22.34 22.16 -28.74
C ILE A 392 -23.68 22.42 -29.48
N VAL A 393 -24.13 21.45 -30.28
CA VAL A 393 -25.04 21.81 -31.36
C VAL A 393 -25.91 20.64 -31.87
N GLU A 394 -27.02 20.97 -32.54
CA GLU A 394 -27.89 19.96 -33.15
C GLU A 394 -28.22 18.79 -32.20
N HIS A 395 -28.42 19.12 -30.92
CA HIS A 395 -28.96 18.20 -29.91
C HIS A 395 -30.16 17.43 -30.44
N PRO A 396 -30.40 16.27 -29.82
CA PRO A 396 -31.57 15.45 -30.12
C PRO A 396 -32.90 16.11 -29.64
N GLN A 397 -34.02 15.70 -30.23
CA GLN A 397 -35.29 16.25 -29.82
C GLN A 397 -35.52 15.80 -28.39
N ILE A 398 -35.15 14.54 -28.12
CA ILE A 398 -35.38 13.92 -26.80
C ILE A 398 -34.84 14.74 -25.62
N MET A 399 -33.77 15.49 -25.86
CA MET A 399 -33.12 16.27 -24.81
C MET A 399 -33.77 17.63 -24.71
N SER A 400 -34.49 18.00 -25.78
CA SER A 400 -34.93 19.39 -26.01
C SER A 400 -36.35 19.49 -26.57
N PRO A 401 -37.36 19.49 -25.67
CA PRO A 401 -38.78 19.30 -26.05
C PRO A 401 -39.45 20.53 -26.66
N LEU A 402 -38.72 21.63 -26.79
CA LEU A 402 -39.34 22.90 -27.18
C LEU A 402 -38.80 23.47 -28.51
N ALA A 403 -37.81 22.78 -29.07
CA ALA A 403 -37.11 23.27 -30.25
C ALA A 403 -37.62 22.66 -31.55
N LYS A 404 -37.81 23.51 -32.56
CA LYS A 404 -38.29 23.07 -33.87
C LYS A 404 -37.41 21.94 -34.43
N TYR A 405 -37.98 21.16 -35.35
CA TYR A 405 -37.29 19.99 -35.92
C TYR A 405 -36.09 20.37 -36.81
N HIS A 406 -35.08 19.50 -36.88
CA HIS A 406 -33.95 19.76 -37.77
C HIS A 406 -34.43 19.55 -39.21
N ARG A 407 -34.16 20.52 -40.07
CA ARG A 407 -34.58 20.45 -41.47
C ARG A 407 -34.26 19.06 -42.02
N THR A 408 -32.97 18.76 -42.12
CA THR A 408 -32.51 17.46 -42.65
C THR A 408 -32.57 16.30 -41.65
N LYS A 409 -31.98 16.49 -40.47
CA LYS A 409 -31.58 15.34 -39.64
C LYS A 409 -32.60 14.87 -38.60
N PRO A 410 -33.10 13.64 -38.79
CA PRO A 410 -34.16 13.06 -37.94
C PRO A 410 -33.72 12.75 -36.50
N GLY A 411 -34.65 12.94 -35.58
CA GLY A 411 -34.39 12.73 -34.15
C GLY A 411 -33.72 13.94 -33.53
N LEU A 412 -33.55 15.00 -34.32
CA LEU A 412 -32.60 16.06 -34.05
C LEU A 412 -33.18 17.47 -34.21
N THR A 413 -32.50 18.44 -33.59
CA THR A 413 -32.95 19.83 -33.52
C THR A 413 -31.97 20.77 -34.20
N GLU A 414 -32.22 22.07 -34.14
CA GLU A 414 -31.19 23.02 -34.55
C GLU A 414 -30.66 23.84 -33.34
N ARG A 415 -30.65 23.18 -32.19
CA ARG A 415 -30.26 23.80 -30.92
C ARG A 415 -28.79 24.23 -30.91
N LEU A 416 -28.49 25.27 -30.14
CA LEU A 416 -27.09 25.64 -29.87
C LEU A 416 -26.84 26.03 -28.41
N GLU A 417 -25.79 25.45 -27.84
CA GLU A 417 -25.32 25.86 -26.53
C GLU A 417 -23.93 26.47 -26.70
N MET A 418 -23.60 27.51 -25.94
CA MET A 418 -22.22 27.99 -25.90
C MET A 418 -21.50 27.58 -24.60
N PHE A 419 -20.25 27.19 -24.76
CA PHE A 419 -19.47 26.73 -23.61
C PHE A 419 -18.16 27.50 -23.45
N ILE A 420 -17.81 27.77 -22.20
CA ILE A 420 -16.53 28.38 -21.82
C ILE A 420 -16.04 27.64 -20.58
N CYS A 421 -14.82 27.09 -20.67
CA CYS A 421 -14.30 26.27 -19.57
C CYS A 421 -15.34 25.28 -18.98
N GLY A 422 -16.10 24.63 -19.86
CA GLY A 422 -16.95 23.53 -19.46
C GLY A 422 -18.13 23.97 -18.62
N LYS A 423 -18.41 25.26 -18.71
CA LYS A 423 -19.56 25.82 -18.07
C LYS A 423 -20.49 26.39 -19.15
N GLU A 424 -21.76 26.03 -19.08
CA GLU A 424 -22.74 26.50 -20.03
C GLU A 424 -22.92 28.02 -19.83
N VAL A 425 -23.16 28.73 -20.92
CA VAL A 425 -23.16 30.20 -20.89
C VAL A 425 -24.29 30.78 -21.74
N LEU A 426 -24.53 30.14 -22.88
CA LEU A 426 -25.56 30.57 -23.80
C LEU A 426 -26.31 29.35 -24.32
N ASN A 427 -27.64 29.40 -24.23
CA ASN A 427 -28.50 28.35 -24.79
C ASN A 427 -29.51 28.98 -25.73
N ALA A 428 -29.71 28.41 -26.91
CA ALA A 428 -30.69 28.95 -27.88
C ALA A 428 -31.21 27.95 -28.92
N TYR A 429 -32.39 28.25 -29.48
CA TYR A 429 -32.94 27.49 -30.60
C TYR A 429 -34.16 28.15 -31.18
N THR A 430 -34.36 27.89 -32.47
CA THR A 430 -35.63 28.16 -33.15
C THR A 430 -36.78 27.38 -32.50
N GLU A 431 -37.85 28.11 -32.21
CA GLU A 431 -38.96 27.53 -31.42
C GLU A 431 -39.82 26.56 -32.24
N LEU A 432 -40.37 25.57 -31.55
CA LEU A 432 -41.33 24.60 -32.12
C LEU A 432 -42.75 25.20 -32.19
N ASN A 433 -43.11 25.78 -33.33
CA ASN A 433 -44.34 26.58 -33.42
C ASN A 433 -45.65 25.84 -33.74
N ASP A 434 -45.56 24.56 -34.09
CA ASP A 434 -46.75 23.78 -34.45
C ASP A 434 -47.37 23.08 -33.23
N PRO A 435 -48.53 23.59 -32.79
CA PRO A 435 -49.20 23.09 -31.58
C PRO A 435 -49.37 21.58 -31.61
N PHE A 436 -49.31 20.98 -32.80
CA PHE A 436 -49.64 19.56 -32.95
C PHE A 436 -48.47 18.64 -32.67
N PHE A 463 -50.98 29.62 -22.44
CA PHE A 463 -49.88 29.66 -23.41
C PHE A 463 -50.03 28.69 -24.59
N CYS A 464 -50.38 27.43 -24.31
CA CYS A 464 -50.61 26.47 -25.39
C CYS A 464 -51.75 26.98 -26.27
N THR A 465 -52.51 27.92 -25.72
CA THR A 465 -53.52 28.65 -26.46
C THR A 465 -52.89 29.71 -27.36
N SER A 466 -52.07 30.57 -26.79
CA SER A 466 -51.31 31.55 -27.58
C SER A 466 -50.76 30.89 -28.86
N LEU A 467 -50.31 29.65 -28.72
CA LEU A 467 -49.60 28.95 -29.79
C LEU A 467 -50.54 28.66 -30.96
N GLU A 468 -51.83 28.54 -30.63
CA GLU A 468 -52.89 28.25 -31.59
C GLU A 468 -53.32 29.49 -32.40
N TYR A 469 -52.90 30.66 -31.96
CA TYR A 469 -53.19 31.88 -32.69
C TYR A 469 -52.08 32.20 -33.69
N GLY A 470 -51.08 31.33 -33.78
CA GLY A 470 -50.01 31.57 -34.71
C GLY A 470 -48.80 32.21 -34.04
N LEU A 471 -47.74 31.40 -33.89
CA LEU A 471 -46.40 31.88 -33.50
C LEU A 471 -45.48 31.66 -34.70
N PRO A 472 -44.92 32.76 -35.24
CA PRO A 472 -44.12 32.65 -36.48
C PRO A 472 -42.84 31.88 -36.21
N PRO A 473 -42.10 31.49 -37.26
CA PRO A 473 -40.80 30.88 -36.99
C PRO A 473 -39.92 31.84 -36.19
N THR A 474 -39.39 31.38 -35.05
CA THR A 474 -38.69 32.25 -34.11
C THR A 474 -37.45 31.63 -33.45
N GLY A 475 -36.44 32.46 -33.24
CA GLY A 475 -35.27 32.08 -32.46
C GLY A 475 -35.31 32.64 -31.05
N GLY A 476 -35.17 31.78 -30.04
CA GLY A 476 -35.05 32.22 -28.67
C GLY A 476 -33.60 32.07 -28.19
N LEU A 477 -33.28 32.69 -27.06
CA LEU A 477 -31.91 32.75 -26.56
C LEU A 477 -31.84 33.21 -25.10
N GLY A 478 -31.17 32.40 -24.29
CA GLY A 478 -30.92 32.74 -22.90
C GLY A 478 -29.43 32.78 -22.55
N LEU A 479 -29.01 33.88 -21.93
CA LEU A 479 -27.65 34.03 -21.41
C LEU A 479 -27.64 33.79 -19.92
N GLY A 480 -26.59 33.14 -19.42
CA GLY A 480 -26.31 33.21 -17.99
C GLY A 480 -25.50 34.47 -17.69
N ILE A 481 -26.06 35.44 -16.95
CA ILE A 481 -25.32 36.68 -16.73
C ILE A 481 -24.24 36.57 -15.67
N ASP A 482 -24.60 36.05 -14.50
CA ASP A 482 -23.61 36.03 -13.44
C ASP A 482 -22.39 35.23 -13.88
N ARG A 483 -22.62 34.06 -14.48
CA ARG A 483 -21.51 33.21 -14.90
CA ARG A 483 -21.52 33.19 -14.92
C ARG A 483 -20.59 33.95 -15.85
N ILE A 484 -21.16 34.59 -16.86
CA ILE A 484 -20.36 35.38 -17.78
C ILE A 484 -19.48 36.39 -17.02
N THR A 485 -20.06 37.04 -16.01
CA THR A 485 -19.35 38.05 -15.23
C THR A 485 -18.23 37.38 -14.45
N MET A 486 -18.43 36.13 -14.06
CA MET A 486 -17.38 35.44 -13.33
C MET A 486 -16.14 35.28 -14.20
N PHE A 487 -16.37 34.99 -15.47
CA PHE A 487 -15.26 34.82 -16.40
C PHE A 487 -14.50 36.14 -16.55
N LEU A 488 -15.23 37.21 -16.89
CA LEU A 488 -14.61 38.51 -17.24
C LEU A 488 -14.12 39.33 -16.04
N THR A 489 -14.38 38.84 -14.84
CA THR A 489 -13.80 39.45 -13.67
C THR A 489 -12.88 38.44 -13.01
N ASN A 490 -12.83 37.26 -13.63
CA ASN A 490 -11.94 36.17 -13.22
C ASN A 490 -12.27 35.70 -11.81
N LYS A 491 -13.53 35.35 -11.62
CA LYS A 491 -13.96 34.86 -10.33
C LYS A 491 -14.33 33.38 -10.42
N ASN A 492 -14.32 32.69 -9.28
CA ASN A 492 -14.63 31.26 -9.26
C ASN A 492 -15.81 30.97 -8.34
N SER A 493 -16.23 32.02 -7.64
CA SER A 493 -17.43 31.99 -6.82
C SER A 493 -18.42 33.02 -7.34
N ILE A 494 -19.69 32.72 -7.19
CA ILE A 494 -20.73 33.61 -7.66
C ILE A 494 -20.94 34.72 -6.61
N LYS A 495 -20.77 34.39 -5.33
CA LYS A 495 -20.78 35.39 -4.27
C LYS A 495 -19.86 36.58 -4.64
N ASP A 496 -18.79 36.30 -5.39
CA ASP A 496 -17.87 37.38 -5.78
C ASP A 496 -18.34 38.24 -6.93
N VAL A 497 -19.54 37.97 -7.47
CA VAL A 497 -20.11 38.79 -8.56
C VAL A 497 -21.48 39.39 -8.23
N ILE A 498 -22.04 38.96 -7.11
CA ILE A 498 -23.32 39.43 -6.57
C ILE A 498 -23.14 40.24 -5.27
N LEU A 499 -23.47 41.54 -5.30
CA LEU A 499 -23.28 42.42 -4.14
C LEU A 499 -23.76 41.85 -2.81
N PHE A 500 -24.96 41.30 -2.78
CA PHE A 500 -25.49 40.79 -1.51
C PHE A 500 -25.99 39.38 -1.73
N PRO A 501 -25.05 38.44 -1.81
CA PRO A 501 -25.39 37.02 -1.96
C PRO A 501 -26.16 36.60 -0.74
N THR A 502 -26.90 35.51 -0.85
CA THR A 502 -27.75 35.07 0.24
C THR A 502 -26.91 34.18 1.13
N MET A 503 -26.85 34.49 2.42
CA MET A 503 -25.92 33.78 3.29
C MET A 503 -26.56 33.22 4.55
N ARG A 504 -26.25 31.96 4.85
CA ARG A 504 -26.67 31.38 6.12
C ARG A 504 -26.08 32.26 7.21
N PRO A 505 -26.93 32.64 8.19
CA PRO A 505 -26.41 33.34 9.38
C PRO A 505 -25.66 32.37 10.30
N PRO B 4 -67.64 27.83 -33.99
CA PRO B 4 -66.78 28.56 -33.04
C PRO B 4 -65.68 27.66 -32.47
N ARG B 5 -66.07 26.61 -31.76
CA ARG B 5 -65.15 25.55 -31.39
C ARG B 5 -65.13 24.56 -32.55
N LEU B 6 -65.97 24.87 -33.54
CA LEU B 6 -66.02 24.14 -34.80
C LEU B 6 -65.07 24.75 -35.81
N TYR B 7 -65.01 26.10 -35.87
CA TYR B 7 -64.00 26.80 -36.66
C TYR B 7 -62.67 26.16 -36.32
N PHE B 8 -62.36 26.15 -35.03
CA PHE B 8 -61.20 25.46 -34.50
C PHE B 8 -61.11 23.99 -34.92
N GLU B 9 -62.24 23.28 -34.96
CA GLU B 9 -62.21 21.89 -35.39
C GLU B 9 -61.88 21.76 -36.89
N ASN B 10 -62.31 22.75 -37.66
CA ASN B 10 -62.09 22.79 -39.11
C ASN B 10 -60.66 23.17 -39.45
N ARG B 11 -60.16 24.20 -38.77
CA ARG B 11 -58.76 24.60 -38.97
C ARG B 11 -57.82 23.44 -38.63
N SER B 12 -58.02 22.79 -37.48
CA SER B 12 -57.23 21.59 -37.12
C SER B 12 -57.28 20.56 -38.25
N LYS B 13 -58.51 20.23 -38.64
CA LYS B 13 -58.80 19.39 -39.80
C LYS B 13 -58.01 19.88 -41.04
N PHE B 14 -58.17 21.16 -41.38
CA PHE B 14 -57.39 21.78 -42.47
C PHE B 14 -55.89 21.53 -42.32
N ILE B 15 -55.39 21.65 -41.10
CA ILE B 15 -53.96 21.48 -40.82
C ILE B 15 -53.47 20.05 -41.00
N GLN B 16 -54.21 19.09 -40.47
CA GLN B 16 -53.86 17.69 -40.71
C GLN B 16 -54.02 17.32 -42.20
N ASP B 17 -54.87 18.07 -42.92
CA ASP B 17 -55.12 17.86 -44.36
C ASP B 17 -54.00 18.38 -45.28
N GLN B 18 -53.34 19.45 -44.88
CA GLN B 18 -52.24 19.97 -45.67
C GLN B 18 -51.06 19.00 -45.61
N LYS B 19 -50.90 18.35 -44.46
CA LYS B 19 -49.78 17.43 -44.23
C LYS B 19 -49.82 16.22 -45.18
N ASP B 20 -51.00 15.66 -45.34
CA ASP B 20 -51.19 14.50 -46.20
C ASP B 20 -51.36 14.92 -47.65
N LYS B 21 -51.62 16.20 -47.88
CA LYS B 21 -51.58 16.79 -49.21
C LYS B 21 -50.11 17.04 -49.58
N GLY B 22 -49.25 16.97 -48.57
CA GLY B 22 -47.81 17.12 -48.74
C GLY B 22 -47.27 18.53 -48.55
N ILE B 23 -47.95 19.34 -47.74
CA ILE B 23 -47.40 20.64 -47.38
C ILE B 23 -46.92 20.64 -45.93
N ASN B 24 -45.97 21.51 -45.64
CA ASN B 24 -45.78 21.85 -44.24
C ASN B 24 -46.38 23.23 -43.98
N PRO B 25 -47.47 23.25 -43.19
CA PRO B 25 -48.23 24.50 -42.97
C PRO B 25 -47.63 25.24 -41.78
N TYR B 26 -46.66 24.59 -41.16
CA TYR B 26 -45.69 25.23 -40.30
C TYR B 26 -44.28 24.95 -40.87
N PRO B 27 -43.92 25.63 -41.96
CA PRO B 27 -42.62 25.39 -42.59
C PRO B 27 -41.47 25.76 -41.65
N HIS B 28 -40.23 25.58 -42.12
CA HIS B 28 -39.05 25.73 -41.27
C HIS B 28 -38.39 27.12 -41.29
N LYS B 29 -38.12 27.64 -42.48
CA LYS B 29 -37.58 28.99 -42.64
C LYS B 29 -38.19 29.63 -43.88
N PHE B 30 -38.68 30.84 -43.71
CA PHE B 30 -38.97 31.71 -44.84
C PHE B 30 -37.92 32.78 -44.70
N GLU B 31 -37.58 33.45 -45.80
CA GLU B 31 -36.44 34.36 -45.78
C GLU B 31 -36.90 35.73 -46.23
N ARG B 32 -37.16 36.64 -45.30
CA ARG B 32 -37.66 37.95 -45.72
C ARG B 32 -36.59 38.92 -46.18
N THR B 33 -36.91 39.65 -47.24
CA THR B 33 -36.07 40.70 -47.80
C THR B 33 -36.21 42.00 -46.98
N ILE B 34 -37.37 42.18 -46.37
CA ILE B 34 -37.76 43.49 -45.87
C ILE B 34 -38.86 43.37 -44.80
N SER B 35 -38.92 44.33 -43.89
CA SER B 35 -39.94 44.34 -42.83
C SER B 35 -41.07 45.28 -43.28
N ILE B 36 -42.26 45.18 -42.67
CA ILE B 36 -43.34 46.05 -43.16
C ILE B 36 -43.09 47.54 -42.86
N PRO B 37 -42.53 47.84 -41.68
CA PRO B 37 -42.12 49.23 -41.44
C PRO B 37 -41.12 49.73 -42.49
N GLU B 38 -40.18 48.89 -42.92
CA GLU B 38 -39.19 49.21 -43.95
C GLU B 38 -39.84 49.43 -45.34
N PHE B 39 -40.78 48.54 -45.67
CA PHE B 39 -41.62 48.60 -46.87
C PHE B 39 -42.36 49.95 -47.05
N ILE B 40 -43.11 50.36 -46.03
CA ILE B 40 -43.83 51.63 -46.03
C ILE B 40 -42.85 52.81 -46.14
N GLU B 41 -41.91 52.88 -45.22
CA GLU B 41 -40.87 53.92 -45.25
C GLU B 41 -40.32 54.07 -46.68
N LYS B 42 -39.95 52.94 -47.27
CA LYS B 42 -39.35 52.92 -48.60
C LYS B 42 -40.28 53.35 -49.74
N TYR B 43 -41.46 52.74 -49.81
CA TYR B 43 -42.35 52.86 -50.97
C TYR B 43 -43.55 53.74 -50.73
N LYS B 44 -43.56 54.46 -49.60
CA LYS B 44 -44.67 55.37 -49.29
C LYS B 44 -44.67 56.59 -50.21
N ASP B 45 -43.52 56.95 -50.75
CA ASP B 45 -43.47 58.06 -51.69
C ASP B 45 -43.56 57.58 -53.15
N LEU B 46 -44.43 56.60 -53.38
CA LEU B 46 -44.74 56.10 -54.73
C LEU B 46 -45.89 56.90 -55.33
N GLY B 47 -46.22 56.65 -56.59
CA GLY B 47 -47.33 57.33 -57.22
C GLY B 47 -48.53 56.39 -57.39
N ASN B 48 -49.73 56.88 -57.09
CA ASN B 48 -50.91 56.04 -57.28
C ASN B 48 -50.82 55.33 -58.63
N GLY B 49 -50.99 54.00 -58.62
CA GLY B 49 -50.91 53.23 -59.85
C GLY B 49 -49.54 52.63 -60.18
N GLU B 50 -48.48 53.26 -59.68
CA GLU B 50 -47.09 52.86 -59.98
C GLU B 50 -46.77 51.45 -59.50
N HIS B 51 -46.23 50.63 -60.40
CA HIS B 51 -45.84 49.26 -60.07
C HIS B 51 -44.33 49.12 -60.24
N LEU B 52 -43.73 48.29 -59.39
CA LEU B 52 -42.32 47.96 -59.52
C LEU B 52 -42.23 46.46 -59.72
N GLU B 53 -42.58 46.04 -60.93
CA GLU B 53 -42.76 44.62 -61.27
C GLU B 53 -41.43 43.88 -61.31
N ASP B 54 -40.39 44.60 -61.73
CA ASP B 54 -39.03 44.07 -61.71
C ASP B 54 -38.61 43.68 -60.30
N THR B 55 -39.08 44.45 -59.32
CA THR B 55 -38.55 44.35 -57.95
C THR B 55 -39.22 43.25 -57.13
N ILE B 56 -38.50 42.17 -56.86
CA ILE B 56 -39.07 41.04 -56.13
C ILE B 56 -38.58 40.99 -54.68
N LEU B 57 -39.53 41.11 -53.76
CA LEU B 57 -39.27 41.10 -52.32
C LEU B 57 -39.86 39.86 -51.70
N ASN B 58 -39.25 39.40 -50.61
CA ASN B 58 -39.94 38.52 -49.68
C ASN B 58 -40.48 39.32 -48.48
N ILE B 59 -41.45 38.75 -47.76
CA ILE B 59 -42.08 39.50 -46.68
C ILE B 59 -43.01 38.59 -45.90
N THR B 60 -43.22 38.94 -44.62
CA THR B 60 -44.07 38.15 -43.75
C THR B 60 -44.95 39.10 -42.97
N GLY B 61 -46.03 38.58 -42.41
CA GLY B 61 -47.03 39.43 -41.81
C GLY B 61 -48.24 38.61 -41.43
N ARG B 62 -48.98 39.11 -40.45
CA ARG B 62 -50.26 38.51 -40.13
C ARG B 62 -51.37 39.07 -41.04
N ILE B 63 -52.29 38.18 -41.42
CA ILE B 63 -53.48 38.61 -42.14
C ILE B 63 -54.56 39.03 -41.15
N MET B 64 -55.02 40.27 -41.31
CA MET B 64 -55.99 40.86 -40.39
C MET B 64 -57.34 41.08 -41.04
N ARG B 65 -57.48 40.67 -42.29
CA ARG B 65 -58.65 41.09 -43.03
C ARG B 65 -58.64 40.39 -44.39
N VAL B 66 -59.83 40.10 -44.89
CA VAL B 66 -59.92 39.52 -46.22
C VAL B 66 -61.18 39.96 -47.00
N SER B 67 -60.97 40.39 -48.24
CA SER B 67 -62.07 40.48 -49.21
C SER B 67 -61.68 39.78 -50.51
N ALA B 68 -62.65 39.62 -51.41
CA ALA B 68 -62.39 39.13 -52.76
C ALA B 68 -63.13 40.02 -53.77
N SER B 69 -62.83 39.86 -55.05
CA SER B 69 -63.45 40.68 -56.09
C SER B 69 -63.55 39.92 -57.41
N GLY B 70 -64.46 38.95 -57.46
CA GLY B 70 -64.69 38.18 -58.67
C GLY B 70 -63.66 37.12 -59.05
N GLN B 71 -62.66 36.93 -58.20
CA GLN B 71 -61.81 35.73 -58.29
C GLN B 71 -60.64 35.76 -59.28
N LYS B 72 -60.38 36.89 -59.93
CA LYS B 72 -59.03 37.12 -60.45
C LYS B 72 -58.37 37.95 -59.35
N LEU B 73 -59.21 38.45 -58.44
CA LEU B 73 -58.81 39.40 -57.41
C LEU B 73 -59.08 38.92 -55.98
N ARG B 74 -58.17 39.31 -55.11
CA ARG B 74 -58.19 38.96 -53.71
C ARG B 74 -57.39 40.02 -52.96
N PHE B 75 -57.93 40.47 -51.85
CA PHE B 75 -57.32 41.56 -51.12
C PHE B 75 -57.07 41.11 -49.70
N PHE B 76 -56.05 41.67 -49.07
CA PHE B 76 -55.78 41.37 -47.67
C PHE B 76 -55.18 42.57 -46.96
N ASP B 77 -55.39 42.61 -45.65
CA ASP B 77 -54.60 43.45 -44.77
C ASP B 77 -53.49 42.63 -44.10
N LEU B 78 -52.26 43.11 -44.25
CA LEU B 78 -51.12 42.51 -43.56
C LEU B 78 -50.59 43.48 -42.50
N VAL B 79 -50.38 42.97 -41.29
CA VAL B 79 -49.75 43.78 -40.23
C VAL B 79 -48.46 43.14 -39.69
N GLY B 80 -47.46 44.00 -39.52
CA GLY B 80 -46.21 43.63 -38.88
C GLY B 80 -45.61 44.80 -38.11
N ASP B 81 -45.08 44.50 -36.92
CA ASP B 81 -44.46 45.50 -36.06
C ASP B 81 -45.34 46.74 -35.86
N GLY B 82 -46.62 46.53 -35.56
CA GLY B 82 -47.56 47.64 -35.39
C GLY B 82 -47.81 48.52 -36.62
N GLU B 83 -47.59 47.96 -37.80
CA GLU B 83 -47.79 48.71 -39.05
C GLU B 83 -48.57 47.87 -40.05
N LYS B 84 -49.23 48.53 -40.99
CA LYS B 84 -50.18 47.83 -41.85
C LYS B 84 -49.90 48.08 -43.31
N ILE B 85 -50.14 47.05 -44.12
CA ILE B 85 -50.13 47.25 -45.57
C ILE B 85 -51.19 46.41 -46.27
N GLN B 86 -51.44 46.74 -47.53
CA GLN B 86 -52.43 46.05 -48.33
C GLN B 86 -51.80 44.97 -49.21
N VAL B 87 -52.41 43.78 -49.18
CA VAL B 87 -52.13 42.70 -50.13
C VAL B 87 -53.13 42.71 -51.29
N LEU B 88 -52.61 42.60 -52.51
CA LEU B 88 -53.47 42.60 -53.68
C LEU B 88 -53.06 41.39 -54.54
N ALA B 89 -53.78 40.29 -54.38
CA ALA B 89 -53.46 39.05 -55.07
C ALA B 89 -54.21 38.99 -56.41
N ASN B 90 -53.51 39.37 -57.48
CA ASN B 90 -54.04 39.37 -58.84
C ASN B 90 -53.65 38.10 -59.62
N TYR B 91 -54.66 37.36 -60.09
CA TYR B 91 -54.46 36.15 -60.91
C TYR B 91 -53.38 36.33 -61.99
N SER B 92 -53.45 37.45 -62.72
CA SER B 92 -52.44 37.79 -63.74
C SER B 92 -51.02 37.48 -63.30
N PHE B 93 -50.67 37.94 -62.10
CA PHE B 93 -49.31 37.81 -61.54
C PHE B 93 -49.09 36.50 -60.81
N HIS B 94 -50.16 35.77 -60.50
CA HIS B 94 -50.01 34.49 -59.81
C HIS B 94 -49.10 33.54 -60.59
N ASN B 95 -48.16 32.90 -59.89
CA ASN B 95 -47.29 31.88 -60.50
C ASN B 95 -47.85 30.46 -60.36
N HIS B 96 -48.43 29.97 -61.45
CA HIS B 96 -49.25 28.75 -61.46
C HIS B 96 -48.51 27.44 -61.22
N GLU B 97 -47.18 27.45 -61.35
CA GLU B 97 -46.37 26.26 -61.11
C GLU B 97 -46.63 25.68 -59.71
N LYS B 98 -46.83 26.56 -58.74
CA LYS B 98 -46.85 26.18 -57.33
C LYS B 98 -48.20 25.63 -56.86
N GLY B 99 -49.27 26.04 -57.51
CA GLY B 99 -50.60 25.58 -57.15
C GLY B 99 -51.68 26.50 -57.68
N ASN B 100 -52.93 26.11 -57.46
CA ASN B 100 -54.08 26.89 -57.92
C ASN B 100 -54.23 28.24 -57.19
N PHE B 101 -54.26 29.31 -57.97
CA PHE B 101 -54.51 30.65 -57.46
C PHE B 101 -55.72 30.60 -56.51
N ALA B 102 -56.89 30.26 -57.05
CA ALA B 102 -58.07 30.00 -56.24
C ALA B 102 -57.79 29.13 -55.00
N GLU B 103 -57.24 27.94 -55.20
CA GLU B 103 -57.12 26.98 -54.10
C GLU B 103 -56.26 27.57 -52.96
N CYS B 104 -55.15 28.19 -53.35
CA CYS B 104 -54.22 28.79 -52.39
CA CYS B 104 -54.22 28.79 -52.40
C CYS B 104 -54.88 29.84 -51.52
N TYR B 105 -55.31 30.96 -52.13
CA TYR B 105 -55.90 32.09 -51.39
C TYR B 105 -57.26 31.85 -50.70
N ASP B 106 -57.74 30.62 -50.73
CA ASP B 106 -58.98 30.30 -50.03
C ASP B 106 -58.74 29.66 -48.67
N LYS B 107 -57.56 29.09 -48.47
CA LYS B 107 -57.21 28.57 -47.16
C LYS B 107 -57.00 29.76 -46.22
N ILE B 108 -56.43 30.83 -46.75
CA ILE B 108 -56.02 31.97 -45.93
C ILE B 108 -57.16 32.53 -45.11
N ARG B 109 -56.99 32.48 -43.80
CA ARG B 109 -57.95 33.02 -42.87
C ARG B 109 -57.38 34.24 -42.15
N ARG B 110 -58.25 35.02 -41.53
CA ARG B 110 -57.84 36.14 -40.68
C ARG B 110 -57.07 35.58 -39.49
N GLY B 111 -55.93 36.20 -39.17
CA GLY B 111 -55.10 35.78 -38.06
C GLY B 111 -53.97 34.87 -38.49
N ASP B 112 -53.84 34.67 -39.80
CA ASP B 112 -52.80 33.78 -40.31
C ASP B 112 -51.48 34.51 -40.56
N ILE B 113 -50.38 33.89 -40.15
CA ILE B 113 -49.06 34.42 -40.47
C ILE B 113 -48.59 33.83 -41.80
N VAL B 114 -48.29 34.69 -42.78
CA VAL B 114 -47.89 34.18 -44.10
C VAL B 114 -46.56 34.74 -44.64
N GLY B 115 -45.81 33.88 -45.33
CA GLY B 115 -44.77 34.36 -46.22
C GLY B 115 -45.36 34.85 -47.55
N ILE B 116 -44.92 36.01 -47.99
CA ILE B 116 -45.28 36.49 -49.31
C ILE B 116 -44.05 36.75 -50.18
N VAL B 117 -44.09 36.24 -51.41
CA VAL B 117 -43.12 36.66 -52.41
C VAL B 117 -43.87 37.49 -53.43
N GLY B 118 -43.40 38.70 -53.68
CA GLY B 118 -44.09 39.58 -54.58
C GLY B 118 -43.41 40.92 -54.70
N PHE B 119 -44.08 41.87 -55.34
CA PHE B 119 -43.44 43.13 -55.63
C PHE B 119 -44.21 44.31 -55.11
N PRO B 120 -43.48 45.40 -54.86
CA PRO B 120 -44.07 46.65 -54.38
C PRO B 120 -44.95 47.28 -55.43
N GLY B 121 -45.79 48.22 -55.00
CA GLY B 121 -46.63 48.98 -55.92
C GLY B 121 -47.83 49.56 -55.22
N LYS B 122 -48.23 50.77 -55.60
CA LYS B 122 -49.47 51.33 -55.10
C LYS B 122 -50.59 50.93 -56.04
N SER B 123 -51.82 50.87 -55.53
CA SER B 123 -52.98 50.63 -56.40
C SER B 123 -53.32 51.89 -57.21
N LYS B 124 -54.46 51.87 -57.91
CA LYS B 124 -54.92 53.02 -58.67
C LYS B 124 -55.35 54.15 -57.74
N LYS B 125 -55.76 53.77 -56.52
CA LYS B 125 -56.20 54.72 -55.50
C LYS B 125 -55.00 55.23 -54.70
N GLY B 126 -53.85 54.63 -54.98
CA GLY B 126 -52.62 54.99 -54.29
C GLY B 126 -52.55 54.39 -52.90
N GLU B 127 -53.23 53.26 -52.71
CA GLU B 127 -53.12 52.50 -51.47
C GLU B 127 -51.88 51.60 -51.54
N LEU B 128 -50.93 51.74 -50.61
CA LEU B 128 -49.68 50.97 -50.72
C LEU B 128 -49.93 49.45 -50.62
N SER B 129 -49.41 48.69 -51.58
CA SER B 129 -49.69 47.26 -51.66
C SER B 129 -48.47 46.36 -51.91
N ILE B 130 -48.53 45.14 -51.40
CA ILE B 130 -47.66 44.05 -51.87
C ILE B 130 -48.47 43.21 -52.91
N PHE B 131 -47.87 42.97 -54.08
CA PHE B 131 -48.50 42.12 -55.10
C PHE B 131 -47.78 40.78 -55.17
N PRO B 132 -48.34 39.76 -54.51
CA PRO B 132 -47.74 38.41 -54.50
C PRO B 132 -47.79 37.71 -55.86
N LYS B 133 -46.77 36.91 -56.16
CA LYS B 133 -46.88 35.93 -57.24
C LYS B 133 -46.97 34.57 -56.55
N GLU B 134 -46.49 34.55 -55.31
CA GLU B 134 -46.62 33.38 -54.46
C GLU B 134 -46.83 33.78 -53.01
N THR B 135 -47.62 32.99 -52.30
CA THR B 135 -48.01 33.27 -50.93
C THR B 135 -48.07 31.95 -50.16
N ILE B 136 -47.29 31.85 -49.09
CA ILE B 136 -47.20 30.60 -48.29
C ILE B 136 -47.75 30.78 -46.87
N LEU B 137 -48.26 29.70 -46.29
CA LEU B 137 -48.67 29.66 -44.88
C LEU B 137 -47.49 29.31 -43.92
N LEU B 138 -47.13 30.28 -43.09
CA LEU B 138 -46.09 30.10 -42.06
C LEU B 138 -46.65 29.52 -40.75
N SER B 139 -47.69 30.16 -40.23
CA SER B 139 -48.34 29.68 -39.01
C SER B 139 -49.78 30.16 -39.01
N ALA B 140 -50.68 29.32 -38.50
CA ALA B 140 -52.11 29.60 -38.67
C ALA B 140 -52.80 30.04 -37.39
N CYS B 141 -53.69 31.03 -37.54
CA CYS B 141 -54.73 31.33 -36.54
C CYS B 141 -55.85 30.27 -36.56
N LEU B 142 -55.70 29.30 -35.66
CA LEU B 142 -56.63 28.19 -35.46
C LEU B 142 -57.94 28.64 -34.77
N HIS B 143 -57.93 29.87 -34.24
CA HIS B 143 -59.11 30.44 -33.57
C HIS B 143 -59.66 31.62 -34.34
N MET B 144 -60.92 31.90 -34.08
CA MET B 144 -61.58 33.09 -34.60
C MET B 144 -60.95 34.35 -33.96
N LEU B 145 -60.25 35.15 -34.77
CA LEU B 145 -59.63 36.38 -34.29
C LEU B 145 -60.68 37.47 -34.13
N PRO B 146 -60.88 37.95 -32.89
CA PRO B 146 -61.86 39.00 -32.56
C PRO B 146 -61.46 40.34 -33.21
N MET B 147 -62.38 41.32 -33.27
CA MET B 147 -62.07 42.66 -33.79
C MET B 147 -62.07 43.67 -32.64
N LYS B 148 -61.83 44.94 -32.93
CA LYS B 148 -62.26 45.99 -32.02
C LYS B 148 -63.80 45.86 -31.87
N TYR B 149 -64.35 46.44 -30.81
CA TYR B 149 -65.66 46.02 -30.27
C TYR B 149 -65.45 44.71 -29.48
N GLY B 150 -64.86 43.74 -30.17
CA GLY B 150 -64.55 42.44 -29.59
C GLY B 150 -63.97 42.54 -28.20
N LEU B 151 -62.93 43.35 -28.04
CA LEU B 151 -62.36 43.54 -26.70
C LEU B 151 -62.19 45.01 -26.38
N LYS B 152 -62.08 45.35 -25.11
CA LYS B 152 -62.37 46.70 -24.68
C LYS B 152 -63.89 46.77 -24.82
N ASP B 153 -64.58 46.68 -23.68
CA ASP B 153 -63.90 46.64 -22.38
C ASP B 153 -63.87 45.28 -21.69
N THR B 154 -62.85 44.49 -22.02
CA THR B 154 -62.80 43.11 -21.56
C THR B 154 -61.56 42.72 -20.76
N GLU B 155 -61.74 41.72 -19.89
CA GLU B 155 -60.63 41.13 -19.16
C GLU B 155 -59.66 40.37 -20.06
N ILE B 156 -60.05 40.11 -21.30
CA ILE B 156 -59.16 39.43 -22.23
C ILE B 156 -58.18 40.41 -22.87
N ARG B 157 -58.32 41.70 -22.55
CA ARG B 157 -57.24 42.66 -22.81
C ARG B 157 -56.01 42.36 -21.95
N TYR B 158 -56.26 41.67 -20.83
CA TYR B 158 -55.23 41.38 -19.84
C TYR B 158 -54.88 39.90 -19.87
N ARG B 159 -55.84 39.02 -19.60
CA ARG B 159 -55.54 37.58 -19.56
C ARG B 159 -55.06 37.02 -20.92
N GLN B 160 -55.32 37.77 -21.99
CA GLN B 160 -54.64 37.50 -23.26
C GLN B 160 -54.08 38.77 -23.94
N ARG B 161 -52.90 39.19 -23.48
CA ARG B 161 -52.30 40.46 -23.92
C ARG B 161 -51.88 40.51 -25.41
N TYR B 162 -51.72 39.35 -26.07
CA TYR B 162 -51.36 39.37 -27.50
C TYR B 162 -52.47 39.92 -28.36
N LEU B 163 -53.67 39.38 -28.16
CA LEU B 163 -54.84 39.87 -28.86
C LEU B 163 -54.83 41.39 -28.70
N ASP B 164 -54.77 41.88 -27.47
CA ASP B 164 -54.72 43.33 -27.23
C ASP B 164 -53.63 44.03 -28.07
N LEU B 165 -52.44 43.42 -28.13
CA LEU B 165 -51.29 44.02 -28.82
C LEU B 165 -51.50 44.10 -30.34
N LEU B 166 -52.09 43.05 -30.89
CA LEU B 166 -52.46 43.00 -32.30
C LEU B 166 -53.56 44.00 -32.73
N ILE B 167 -54.73 43.81 -32.13
CA ILE B 167 -55.94 44.52 -32.51
C ILE B 167 -55.93 46.00 -32.11
N ASN B 168 -55.49 46.28 -30.89
CA ASN B 168 -55.45 47.66 -30.38
C ASN B 168 -54.09 48.34 -30.61
N GLU B 169 -54.01 49.19 -31.62
CA GLU B 169 -52.75 49.83 -31.97
C GLU B 169 -52.33 50.85 -30.90
N SER B 170 -53.32 51.28 -30.11
CA SER B 170 -53.16 52.31 -29.10
C SER B 170 -52.69 51.69 -27.79
N SER B 171 -52.71 50.36 -27.72
CA SER B 171 -52.15 49.69 -26.55
C SER B 171 -50.62 49.48 -26.75
N ARG B 172 -50.24 48.93 -27.89
CA ARG B 172 -48.83 48.72 -28.21
C ARG B 172 -48.12 50.07 -28.27
N HIS B 173 -48.86 51.10 -28.66
CA HIS B 173 -48.27 52.43 -28.59
C HIS B 173 -47.80 52.64 -27.14
N THR B 174 -48.69 52.28 -26.23
CA THR B 174 -48.56 52.59 -24.81
C THR B 174 -47.35 51.88 -24.15
N PHE B 175 -47.27 50.56 -24.30
CA PHE B 175 -46.14 49.79 -23.76
C PHE B 175 -44.76 50.08 -24.38
N VAL B 176 -44.74 50.67 -25.57
CA VAL B 176 -43.51 51.17 -26.17
C VAL B 176 -43.07 52.42 -25.42
N THR B 177 -44.05 53.28 -25.17
CA THR B 177 -43.86 54.48 -24.37
C THR B 177 -43.39 54.16 -22.93
N ARG B 178 -43.91 53.12 -22.30
CA ARG B 178 -43.36 52.67 -21.00
C ARG B 178 -41.84 52.51 -21.15
N THR B 179 -41.46 51.63 -22.07
CA THR B 179 -40.07 51.40 -22.44
C THR B 179 -39.29 52.69 -22.78
N LYS B 180 -39.85 53.55 -23.63
CA LYS B 180 -39.15 54.80 -23.94
C LYS B 180 -38.81 55.60 -22.66
N ILE B 181 -39.77 55.66 -21.73
CA ILE B 181 -39.61 56.33 -20.41
C ILE B 181 -38.48 55.75 -19.57
N ILE B 182 -38.56 54.45 -19.28
CA ILE B 182 -37.51 53.77 -18.53
C ILE B 182 -36.14 53.90 -19.23
N ASN B 183 -36.11 53.81 -20.57
CA ASN B 183 -34.84 54.08 -21.26
C ASN B 183 -34.36 55.49 -20.96
N PHE B 184 -35.28 56.44 -20.91
CA PHE B 184 -34.91 57.83 -20.75
C PHE B 184 -34.36 58.10 -19.34
N LEU B 185 -35.08 57.59 -18.34
CA LEU B 185 -34.65 57.57 -16.95
C LEU B 185 -33.25 56.96 -16.81
N ARG B 186 -33.10 55.70 -17.24
CA ARG B 186 -31.81 55.04 -17.26
C ARG B 186 -30.76 55.98 -17.85
N ASN B 187 -31.04 56.57 -19.00
CA ASN B 187 -30.06 57.42 -19.69
C ASN B 187 -29.73 58.70 -18.91
N PHE B 188 -30.69 59.14 -18.11
CA PHE B 188 -30.65 60.44 -17.43
C PHE B 188 -29.77 60.34 -16.20
N LEU B 189 -29.97 59.28 -15.44
CA LEU B 189 -29.11 58.96 -14.32
C LEU B 189 -27.70 58.73 -14.85
N ASN B 190 -27.58 57.88 -15.86
CA ASN B 190 -26.25 57.59 -16.39
C ASN B 190 -25.46 58.85 -16.78
N GLU B 191 -26.08 59.70 -17.60
CA GLU B 191 -25.39 60.91 -18.05
C GLU B 191 -24.97 61.83 -16.90
N ARG B 192 -25.55 61.59 -15.72
CA ARG B 192 -25.27 62.40 -14.54
C ARG B 192 -24.32 61.69 -13.58
N GLY B 193 -23.66 60.63 -14.06
CA GLY B 193 -22.66 59.91 -13.28
C GLY B 193 -23.21 58.97 -12.21
N PHE B 194 -24.40 58.43 -12.44
CA PHE B 194 -25.01 57.51 -11.49
C PHE B 194 -24.64 56.07 -11.86
N PHE B 195 -24.61 55.19 -10.85
CA PHE B 195 -24.19 53.82 -11.07
C PHE B 195 -25.33 52.83 -10.75
N GLU B 196 -25.80 52.10 -11.77
CA GLU B 196 -26.89 51.13 -11.59
C GLU B 196 -26.36 49.83 -10.98
N VAL B 197 -27.16 49.18 -10.13
CA VAL B 197 -26.74 48.01 -9.37
C VAL B 197 -27.93 47.07 -9.17
N GLU B 198 -27.70 45.92 -8.54
CA GLU B 198 -28.75 44.94 -8.32
C GLU B 198 -28.71 44.44 -6.88
N THR B 199 -29.85 44.53 -6.21
CA THR B 199 -29.92 44.06 -4.84
C THR B 199 -30.99 43.00 -4.68
N PRO B 200 -30.92 42.25 -3.59
CA PRO B 200 -31.78 41.08 -3.46
C PRO B 200 -33.27 41.44 -3.43
N MET B 201 -34.04 40.56 -4.04
CA MET B 201 -35.48 40.62 -4.00
C MET B 201 -35.97 39.85 -2.79
N MET B 202 -35.09 39.03 -2.23
CA MET B 202 -35.41 38.19 -1.07
C MET B 202 -34.43 38.46 0.05
N ASN B 203 -34.92 38.44 1.29
CA ASN B 203 -34.14 38.86 2.44
C ASN B 203 -34.53 38.11 3.71
N LEU B 204 -34.39 38.83 4.82
CA LEU B 204 -35.02 38.50 6.10
C LEU B 204 -35.42 39.76 6.88
N ILE B 205 -36.72 40.06 6.85
CA ILE B 205 -37.33 41.08 7.71
C ILE B 205 -38.74 40.65 8.09
N PRO B 213 -46.13 42.17 2.45
CA PRO B 213 -45.33 41.12 3.13
C PRO B 213 -45.55 39.72 2.52
N PHE B 214 -44.82 39.41 1.45
CA PHE B 214 -44.83 38.09 0.81
C PHE B 214 -43.79 37.14 1.41
N ILE B 215 -44.25 36.06 2.04
CA ILE B 215 -43.33 35.07 2.61
C ILE B 215 -43.14 33.84 1.71
N THR B 216 -41.90 33.39 1.58
CA THR B 216 -41.65 32.10 0.92
C THR B 216 -40.60 31.26 1.64
N HIS B 217 -40.91 29.98 1.84
CA HIS B 217 -39.96 29.11 2.52
C HIS B 217 -38.77 28.77 1.61
N HIS B 218 -37.58 28.63 2.20
CA HIS B 218 -36.42 28.10 1.50
C HIS B 218 -36.07 26.73 2.04
N ASN B 219 -36.34 25.72 1.23
CA ASN B 219 -36.31 24.33 1.67
C ASN B 219 -35.01 23.90 2.33
N ASP B 220 -33.91 24.11 1.62
CA ASP B 220 -32.63 23.59 2.06
C ASP B 220 -31.98 24.39 3.18
N LEU B 221 -32.61 25.50 3.58
CA LEU B 221 -32.17 26.25 4.77
C LEU B 221 -33.24 26.15 5.83
N ASP B 222 -34.37 25.53 5.45
CA ASP B 222 -35.52 25.39 6.32
C ASP B 222 -35.88 26.77 6.88
N LEU B 223 -35.75 27.79 6.04
CA LEU B 223 -35.86 29.17 6.49
C LEU B 223 -36.79 30.02 5.63
N ASP B 224 -37.57 30.88 6.29
CA ASP B 224 -38.49 31.74 5.55
C ASP B 224 -37.81 32.98 5.00
N LEU B 225 -37.90 33.17 3.69
CA LEU B 225 -37.42 34.39 3.05
C LEU B 225 -38.57 35.35 2.79
N TYR B 226 -38.25 36.62 2.60
CA TYR B 226 -39.27 37.65 2.44
C TYR B 226 -39.03 38.43 1.15
N LEU B 227 -40.11 38.90 0.51
CA LEU B 227 -39.95 39.64 -0.75
C LEU B 227 -39.86 41.15 -0.54
N ARG B 228 -38.88 41.75 -1.19
CA ARG B 228 -38.52 43.11 -0.86
C ARG B 228 -39.67 44.08 -1.16
N ILE B 229 -39.68 45.17 -0.41
CA ILE B 229 -40.73 46.18 -0.48
C ILE B 229 -40.11 47.49 -0.98
N ALA B 230 -38.83 47.68 -0.67
CA ALA B 230 -38.08 48.80 -1.24
C ALA B 230 -36.67 48.31 -1.58
N THR B 231 -35.87 49.20 -2.15
CA THR B 231 -34.46 48.91 -2.38
C THR B 231 -33.56 49.79 -1.53
N GLU B 232 -34.17 50.66 -0.72
CA GLU B 232 -33.44 51.68 0.03
C GLU B 232 -32.27 51.15 0.87
N LEU B 233 -32.51 50.12 1.65
CA LEU B 233 -31.53 49.71 2.65
C LEU B 233 -30.17 49.32 2.06
N PRO B 234 -30.13 48.29 1.20
CA PRO B 234 -28.85 47.88 0.62
C PRO B 234 -28.27 48.95 -0.28
N LEU B 235 -29.10 49.91 -0.69
CA LEU B 235 -28.64 51.00 -1.54
C LEU B 235 -27.80 51.96 -0.70
N LYS B 236 -28.34 52.35 0.44
CA LYS B 236 -27.61 53.15 1.42
C LYS B 236 -26.28 52.48 1.82
N MET B 237 -26.34 51.19 2.14
CA MET B 237 -25.11 50.48 2.48
C MET B 237 -24.07 50.76 1.39
N LEU B 238 -24.47 50.66 0.12
CA LEU B 238 -23.54 50.92 -0.99
C LEU B 238 -22.91 52.32 -0.96
N ILE B 239 -23.62 53.27 -0.35
CA ILE B 239 -23.07 54.62 -0.21
C ILE B 239 -21.95 54.60 0.83
N VAL B 240 -22.18 53.93 1.97
CA VAL B 240 -21.13 53.74 2.97
C VAL B 240 -19.91 53.03 2.38
N GLY B 241 -20.15 52.15 1.41
CA GLY B 241 -19.08 51.44 0.72
C GLY B 241 -18.39 52.34 -0.28
N GLY B 242 -18.90 53.55 -0.42
CA GLY B 242 -18.22 54.56 -1.20
C GLY B 242 -18.57 54.63 -2.68
N ILE B 243 -19.60 53.87 -3.08
CA ILE B 243 -20.28 54.13 -4.34
C ILE B 243 -21.17 55.36 -4.09
N ASP B 244 -20.83 56.51 -4.65
CA ASP B 244 -21.49 57.72 -4.16
C ASP B 244 -22.82 58.10 -4.86
N LYS B 245 -22.90 57.78 -6.14
CA LYS B 245 -24.15 57.98 -6.86
C LYS B 245 -24.72 56.65 -7.35
N VAL B 246 -25.80 56.19 -6.70
CA VAL B 246 -26.29 54.85 -6.97
C VAL B 246 -27.81 54.74 -7.15
N TYR B 247 -28.23 53.88 -8.10
CA TYR B 247 -29.65 53.57 -8.33
C TYR B 247 -29.90 52.10 -8.69
N GLU B 248 -31.17 51.71 -8.58
CA GLU B 248 -31.64 50.41 -9.05
C GLU B 248 -32.95 50.71 -9.75
N ILE B 249 -33.23 50.05 -10.87
CA ILE B 249 -34.57 50.13 -11.46
C ILE B 249 -35.14 48.72 -11.38
N GLY B 250 -36.26 48.52 -10.68
CA GLY B 250 -36.71 47.16 -10.47
C GLY B 250 -38.02 46.96 -9.75
N LYS B 251 -38.31 45.69 -9.46
CA LYS B 251 -39.63 45.28 -9.00
C LYS B 251 -39.70 45.27 -7.49
N VAL B 252 -40.67 45.99 -6.93
CA VAL B 252 -41.02 45.77 -5.52
C VAL B 252 -42.41 45.12 -5.43
N PHE B 253 -42.71 44.59 -4.24
CA PHE B 253 -43.93 43.84 -4.01
C PHE B 253 -44.74 44.30 -2.78
N ARG B 254 -46.06 44.12 -2.87
CA ARG B 254 -46.99 44.27 -1.75
C ARG B 254 -47.89 43.05 -1.74
N ASN B 255 -47.92 42.30 -0.64
CA ASN B 255 -48.92 41.26 -0.50
C ASN B 255 -50.18 41.87 0.09
N GLU B 256 -50.83 42.69 -0.73
CA GLU B 256 -52.05 43.40 -0.38
C GLU B 256 -53.05 43.23 -1.54
N GLY B 257 -54.16 43.94 -1.49
CA GLY B 257 -55.29 43.70 -2.38
C GLY B 257 -55.12 44.19 -3.80
N ILE B 258 -55.72 43.44 -4.74
CA ILE B 258 -55.56 43.71 -6.17
C ILE B 258 -56.74 44.48 -6.74
N ASP B 259 -56.44 45.51 -7.52
CA ASP B 259 -57.46 46.25 -8.25
C ASP B 259 -56.82 47.18 -9.29
N ASN B 260 -57.59 48.15 -9.77
CA ASN B 260 -57.16 48.98 -10.89
C ASN B 260 -56.13 50.04 -10.51
N THR B 261 -55.80 50.10 -9.22
CA THR B 261 -54.68 50.89 -8.70
C THR B 261 -53.54 50.02 -8.18
N HIS B 262 -53.79 48.71 -8.06
CA HIS B 262 -52.94 47.82 -7.28
C HIS B 262 -52.50 46.55 -7.99
N ASN B 263 -51.19 46.33 -8.06
CA ASN B 263 -50.66 45.06 -8.51
C ASN B 263 -49.60 44.50 -7.54
N PRO B 264 -49.52 43.16 -7.38
CA PRO B 264 -48.54 42.62 -6.41
C PRO B 264 -47.12 43.03 -6.74
N GLU B 265 -46.90 43.51 -7.98
CA GLU B 265 -45.56 43.77 -8.50
C GLU B 265 -45.52 45.16 -9.09
N PHE B 266 -44.87 46.08 -8.38
CA PHE B 266 -44.73 47.45 -8.89
C PHE B 266 -43.33 47.66 -9.47
N THR B 267 -43.16 48.74 -10.24
CA THR B 267 -41.79 49.06 -10.65
C THR B 267 -41.34 50.44 -10.17
N SER B 268 -40.26 50.42 -9.42
CA SER B 268 -39.72 51.59 -8.76
C SER B 268 -38.30 51.78 -9.29
N CYS B 269 -37.86 53.03 -9.32
CA CYS B 269 -36.43 53.34 -9.41
C CYS B 269 -36.06 54.10 -8.15
N GLU B 270 -34.97 53.74 -7.49
CA GLU B 270 -34.53 54.54 -6.33
C GLU B 270 -33.03 54.86 -6.42
N PHE B 271 -32.68 56.13 -6.25
CA PHE B 271 -31.25 56.45 -6.17
C PHE B 271 -30.84 57.13 -4.88
N TYR B 272 -29.60 56.85 -4.46
CA TYR B 272 -28.98 57.72 -3.46
C TYR B 272 -27.92 58.56 -4.11
N TRP B 273 -27.72 59.74 -3.53
CA TRP B 273 -26.78 60.72 -4.06
C TRP B 273 -26.06 61.38 -2.88
N ALA B 274 -24.74 61.25 -2.82
CA ALA B 274 -24.02 61.77 -1.67
C ALA B 274 -23.68 63.27 -1.77
N TYR B 275 -23.72 63.96 -0.63
CA TYR B 275 -23.50 65.40 -0.53
C TYR B 275 -24.47 66.16 -1.37
N ALA B 276 -25.68 65.63 -1.44
CA ALA B 276 -26.74 66.26 -2.19
C ALA B 276 -27.73 66.79 -1.18
N ASP B 277 -28.22 68.01 -1.43
CA ASP B 277 -29.23 68.62 -0.58
C ASP B 277 -30.58 68.72 -1.29
N TYR B 278 -31.57 69.27 -0.58
CA TYR B 278 -32.92 69.61 -1.05
C TYR B 278 -32.98 70.29 -2.43
N ASN B 279 -32.25 71.39 -2.53
CA ASN B 279 -32.09 72.10 -3.79
C ASN B 279 -31.63 71.15 -4.88
N ASP B 280 -30.72 70.26 -4.51
CA ASP B 280 -30.18 69.35 -5.49
C ASP B 280 -31.29 68.41 -5.97
N LEU B 281 -31.95 67.75 -5.02
CA LEU B 281 -33.17 66.94 -5.25
C LEU B 281 -34.29 67.64 -6.04
N ILE B 282 -34.61 68.90 -5.68
CA ILE B 282 -35.64 69.66 -6.39
C ILE B 282 -35.28 69.80 -7.85
N LYS B 283 -34.12 70.41 -8.10
CA LYS B 283 -33.71 70.65 -9.48
C LYS B 283 -33.63 69.34 -10.24
N TRP B 284 -33.19 68.28 -9.57
CA TRP B 284 -33.20 66.99 -10.22
C TRP B 284 -34.59 66.72 -10.80
N SER B 285 -35.57 66.67 -9.90
CA SER B 285 -36.98 66.42 -10.25
C SER B 285 -37.58 67.31 -11.34
N GLU B 286 -37.32 68.63 -11.27
CA GLU B 286 -37.82 69.57 -12.27
C GLU B 286 -37.09 69.47 -13.63
N ASP B 287 -35.80 69.11 -13.59
CA ASP B 287 -35.02 68.81 -14.79
C ASP B 287 -35.58 67.54 -15.44
N PHE B 288 -35.70 66.50 -14.64
CA PHE B 288 -36.24 65.24 -15.12
C PHE B 288 -37.67 65.36 -15.71
N PHE B 289 -38.69 65.67 -14.90
CA PHE B 289 -40.03 65.73 -15.48
C PHE B 289 -40.14 66.63 -16.70
N SER B 290 -39.65 67.85 -16.60
CA SER B 290 -39.65 68.75 -17.73
C SER B 290 -39.00 68.15 -18.98
N GLN B 291 -37.82 67.55 -18.81
CA GLN B 291 -37.12 66.93 -19.94
C GLN B 291 -37.75 65.63 -20.45
N LEU B 292 -38.29 64.81 -19.54
CA LEU B 292 -38.96 63.56 -19.94
C LEU B 292 -40.12 63.86 -20.85
N VAL B 293 -40.98 64.77 -20.39
CA VAL B 293 -42.18 65.14 -21.12
C VAL B 293 -41.83 65.79 -22.47
N TYR B 294 -40.83 66.66 -22.47
CA TYR B 294 -40.45 67.28 -23.74
C TYR B 294 -39.84 66.27 -24.70
N HIS B 295 -39.34 65.16 -24.15
CA HIS B 295 -38.66 64.13 -24.93
C HIS B 295 -39.67 63.24 -25.62
N LEU B 296 -40.83 63.12 -24.98
CA LEU B 296 -41.89 62.25 -25.42
C LEU B 296 -42.81 63.01 -26.37
N PHE B 297 -43.18 64.24 -26.00
CA PHE B 297 -44.28 64.90 -26.72
C PHE B 297 -43.96 66.11 -27.60
N GLY B 298 -42.93 66.88 -27.27
CA GLY B 298 -42.60 68.04 -28.10
C GLY B 298 -42.93 69.36 -27.44
N THR B 299 -43.59 69.24 -26.27
CA THR B 299 -43.81 70.39 -25.42
C THR B 299 -43.83 69.96 -23.93
N TYR B 300 -44.17 70.89 -23.03
CA TYR B 300 -44.29 70.56 -21.61
C TYR B 300 -45.75 70.36 -21.25
N LYS B 301 -46.61 70.54 -22.24
CA LYS B 301 -48.07 70.51 -22.02
C LYS B 301 -48.69 69.23 -22.53
N ILE B 302 -49.27 68.45 -21.62
CA ILE B 302 -49.92 67.23 -22.03
C ILE B 302 -51.35 67.12 -21.48
N SER B 303 -52.14 66.29 -22.15
CA SER B 303 -53.54 66.11 -21.80
C SER B 303 -53.67 64.87 -20.92
N TYR B 304 -54.36 64.98 -19.79
CA TYR B 304 -54.71 63.77 -19.02
C TYR B 304 -56.22 63.69 -18.75
N ASN B 305 -56.79 62.48 -18.83
CA ASN B 305 -58.22 62.26 -18.54
C ASN B 305 -58.47 61.78 -17.13
N LYS B 306 -58.45 62.71 -16.16
CA LYS B 306 -58.41 62.36 -14.73
C LYS B 306 -59.57 61.50 -14.24
N ASP B 307 -60.74 61.76 -14.80
CA ASP B 307 -61.96 61.12 -14.33
C ASP B 307 -62.40 60.03 -15.31
N GLY B 308 -61.66 59.93 -16.40
CA GLY B 308 -61.85 58.87 -17.36
C GLY B 308 -62.11 59.43 -18.74
N PRO B 309 -62.20 58.51 -19.73
CA PRO B 309 -62.51 58.79 -21.14
C PRO B 309 -63.98 59.17 -21.28
N GLU B 310 -64.79 58.65 -20.38
CA GLU B 310 -66.21 59.00 -20.33
C GLU B 310 -66.36 60.48 -19.96
N ASN B 311 -65.35 61.07 -19.32
CA ASN B 311 -65.43 62.47 -18.90
C ASN B 311 -64.48 63.38 -19.65
N GLN B 312 -64.23 64.55 -19.09
CA GLN B 312 -63.37 65.52 -19.74
C GLN B 312 -61.89 65.30 -19.38
N PRO B 313 -60.99 65.76 -20.27
CA PRO B 313 -59.53 65.76 -20.07
C PRO B 313 -59.07 67.06 -19.42
N ILE B 314 -57.90 67.06 -18.81
CA ILE B 314 -57.33 68.29 -18.29
C ILE B 314 -55.94 68.53 -18.87
N GLU B 315 -55.50 69.78 -18.81
CA GLU B 315 -54.17 70.12 -19.26
C GLU B 315 -53.20 70.24 -18.08
N ILE B 316 -52.12 69.45 -18.11
CA ILE B 316 -51.09 69.52 -17.09
C ILE B 316 -49.83 70.11 -17.70
N ASP B 317 -49.32 71.18 -17.10
CA ASP B 317 -48.13 71.87 -17.62
C ASP B 317 -46.84 71.53 -16.85
N PHE B 318 -45.99 70.70 -17.45
CA PHE B 318 -44.73 70.33 -16.81
C PHE B 318 -43.63 71.34 -17.02
N THR B 319 -43.98 72.58 -17.29
CA THR B 319 -42.95 73.61 -17.40
C THR B 319 -42.43 73.98 -16.00
N PRO B 320 -41.12 73.83 -15.79
CA PRO B 320 -40.55 74.23 -14.51
C PRO B 320 -40.29 75.73 -14.47
N PRO B 321 -40.16 76.29 -13.26
CA PRO B 321 -40.17 75.55 -12.00
C PRO B 321 -41.61 75.28 -11.55
N TYR B 322 -41.79 74.42 -10.57
CA TYR B 322 -43.09 74.09 -10.00
C TYR B 322 -43.25 74.62 -8.55
N PRO B 323 -44.49 74.71 -8.04
CA PRO B 323 -44.77 75.21 -6.68
C PRO B 323 -44.28 74.32 -5.53
N LYS B 324 -43.67 74.95 -4.52
CA LYS B 324 -43.33 74.23 -3.29
C LYS B 324 -44.24 74.66 -2.14
N VAL B 325 -45.04 73.71 -1.66
CA VAL B 325 -46.00 73.97 -0.63
C VAL B 325 -45.61 73.26 0.67
N SER B 326 -45.18 74.06 1.66
CA SER B 326 -44.85 73.61 3.00
C SER B 326 -46.11 73.17 3.73
N ILE B 327 -46.26 71.87 3.90
CA ILE B 327 -47.49 71.26 4.40
C ILE B 327 -48.15 71.90 5.64
N VAL B 328 -47.47 71.85 6.79
CA VAL B 328 -47.99 72.44 8.04
C VAL B 328 -48.41 73.89 7.84
N GLU B 329 -47.53 74.66 7.20
CA GLU B 329 -47.76 76.05 6.88
C GLU B 329 -49.09 76.26 6.16
N GLU B 330 -49.38 75.44 5.16
CA GLU B 330 -50.57 75.65 4.33
C GLU B 330 -51.85 75.27 5.06
N ILE B 331 -51.74 74.27 5.93
CA ILE B 331 -52.85 73.90 6.82
C ILE B 331 -53.19 75.05 7.78
N GLU B 332 -52.19 75.48 8.53
CA GLU B 332 -52.34 76.67 9.35
C GLU B 332 -52.97 77.82 8.59
N LYS B 333 -52.62 77.97 7.30
CA LYS B 333 -53.12 79.09 6.50
C LYS B 333 -54.54 78.86 5.97
N VAL B 334 -54.90 77.59 5.80
CA VAL B 334 -56.21 77.23 5.28
C VAL B 334 -57.20 76.96 6.42
N THR B 335 -56.85 76.01 7.29
CA THR B 335 -57.71 75.64 8.42
C THR B 335 -57.74 76.76 9.47
N ASN B 336 -56.92 77.78 9.24
CA ASN B 336 -56.81 78.96 10.10
C ASN B 336 -56.62 78.68 11.59
N THR B 337 -56.13 77.47 11.89
CA THR B 337 -55.57 77.15 13.18
C THR B 337 -54.05 77.20 13.09
N ILE B 338 -53.37 77.04 14.22
CA ILE B 338 -51.93 77.16 14.23
C ILE B 338 -51.32 75.98 14.96
N LEU B 339 -50.64 75.11 14.22
CA LEU B 339 -50.02 73.95 14.85
C LEU B 339 -48.65 73.61 14.33
N GLU B 340 -47.78 73.27 15.28
CA GLU B 340 -46.40 72.85 15.06
C GLU B 340 -45.95 72.56 16.46
N GLN B 341 -45.57 73.62 17.17
CA GLN B 341 -45.31 73.48 18.59
C GLN B 341 -44.48 72.19 18.71
N PRO B 342 -43.32 72.16 18.04
CA PRO B 342 -42.61 70.96 17.55
C PRO B 342 -42.65 69.74 18.44
N PHE B 343 -43.58 69.67 19.39
CA PHE B 343 -43.98 68.39 19.92
C PHE B 343 -45.34 68.07 19.28
N ASP B 344 -45.31 67.39 18.15
CA ASP B 344 -46.56 67.00 17.49
C ASP B 344 -47.18 65.82 18.24
N SER B 345 -47.58 66.05 19.49
CA SER B 345 -48.27 65.02 20.28
C SER B 345 -49.02 65.60 21.47
N ASN B 346 -49.92 64.80 22.02
CA ASN B 346 -51.04 65.29 22.83
C ASN B 346 -51.70 66.54 22.20
N GLU B 347 -52.18 67.45 23.02
CA GLU B 347 -52.95 68.60 22.53
C GLU B 347 -52.71 69.03 21.06
N THR B 348 -51.52 68.79 20.52
CA THR B 348 -51.28 69.07 19.10
C THR B 348 -52.13 68.14 18.24
N ILE B 349 -52.19 66.87 18.64
CA ILE B 349 -53.13 65.90 18.07
C ILE B 349 -54.55 66.43 18.11
N GLU B 350 -54.98 66.86 19.29
CA GLU B 350 -56.33 67.37 19.49
C GLU B 350 -56.65 68.45 18.46
N LYS B 351 -55.82 69.49 18.41
CA LYS B 351 -56.00 70.57 17.44
C LYS B 351 -56.25 70.06 16.02
N MET B 352 -55.69 68.90 15.70
CA MET B 352 -55.83 68.29 14.38
C MET B 352 -57.13 67.50 14.29
N ILE B 353 -57.42 66.75 15.35
CA ILE B 353 -58.65 65.97 15.45
C ILE B 353 -59.88 66.88 15.37
N ASN B 354 -59.88 67.97 16.13
CA ASN B 354 -60.97 68.93 16.08
C ASN B 354 -61.20 69.46 14.67
N ILE B 355 -60.12 69.86 14.00
CA ILE B 355 -60.17 70.19 12.58
C ILE B 355 -60.88 69.07 11.82
N ILE B 356 -60.34 67.86 11.93
CA ILE B 356 -60.93 66.67 11.32
C ILE B 356 -62.43 66.50 11.65
N LYS B 357 -62.83 66.81 12.89
CA LYS B 357 -64.24 66.78 13.26
C LYS B 357 -65.01 67.98 12.71
N GLU B 358 -64.62 69.16 13.15
CA GLU B 358 -65.24 70.40 12.71
C GLU B 358 -65.29 70.55 11.19
N HIS B 359 -64.19 70.18 10.52
CA HIS B 359 -64.07 70.38 9.08
C HIS B 359 -64.52 69.18 8.28
N LYS B 360 -65.61 69.33 7.54
CA LYS B 360 -66.16 68.21 6.85
C LYS B 360 -66.02 67.08 7.85
N ILE B 361 -65.34 66.02 7.45
CA ILE B 361 -64.87 65.01 8.39
C ILE B 361 -63.77 64.29 7.66
N GLU B 362 -63.46 63.08 8.09
CA GLU B 362 -62.44 62.31 7.45
C GLU B 362 -62.24 61.11 8.34
N LEU B 363 -61.84 59.99 7.76
CA LEU B 363 -61.50 58.85 8.59
C LEU B 363 -60.31 59.27 9.44
N PRO B 364 -60.43 59.10 10.75
CA PRO B 364 -59.26 59.23 11.61
C PRO B 364 -58.31 58.07 11.33
N ASN B 365 -58.86 56.88 11.23
CA ASN B 365 -58.09 55.64 11.37
C ASN B 365 -57.78 55.47 12.85
N PRO B 366 -57.14 54.34 13.24
CA PRO B 366 -56.42 54.42 14.51
C PRO B 366 -55.68 55.77 14.57
N PRO B 367 -56.12 56.69 15.45
CA PRO B 367 -55.91 58.15 15.32
C PRO B 367 -54.50 58.68 15.56
N THR B 368 -53.49 57.97 15.05
CA THR B 368 -52.09 58.35 15.23
C THR B 368 -51.75 59.73 14.65
N ALA B 369 -50.85 60.45 15.30
CA ALA B 369 -50.45 61.79 14.86
C ALA B 369 -50.02 61.86 13.39
N ALA B 370 -49.14 60.95 12.99
CA ALA B 370 -48.69 60.90 11.60
C ALA B 370 -49.84 60.51 10.65
N LYS B 371 -50.69 59.59 11.12
CA LYS B 371 -51.91 59.22 10.41
C LYS B 371 -52.88 60.40 10.24
N LEU B 372 -53.05 61.17 11.31
CA LEU B 372 -53.89 62.36 11.29
C LEU B 372 -53.35 63.41 10.32
N LEU B 373 -52.01 63.52 10.32
CA LEU B 373 -51.29 64.45 9.47
C LEU B 373 -51.37 64.08 7.98
N ASP B 374 -51.26 62.79 7.67
CA ASP B 374 -51.44 62.31 6.29
C ASP B 374 -52.84 62.67 5.76
N GLN B 375 -53.88 62.34 6.55
CA GLN B 375 -55.26 62.70 6.20
C GLN B 375 -55.40 64.18 5.85
N LEU B 376 -55.03 65.04 6.80
CA LEU B 376 -55.07 66.48 6.61
C LEU B 376 -54.51 66.87 5.25
N ALA B 377 -53.33 66.34 4.93
CA ALA B 377 -52.67 66.66 3.68
C ALA B 377 -53.48 66.22 2.44
N SER B 378 -54.14 65.07 2.52
CA SER B 378 -54.97 64.60 1.40
C SER B 378 -56.18 65.52 1.13
N HIS B 379 -56.79 66.01 2.21
CA HIS B 379 -57.93 66.91 2.10
C HIS B 379 -57.46 68.29 1.63
N PHE B 380 -56.65 68.94 2.47
CA PHE B 380 -56.33 70.36 2.30
C PHE B 380 -55.23 70.71 1.29
N ILE B 381 -54.38 69.75 0.93
CA ILE B 381 -53.27 70.03 0.00
C ILE B 381 -53.26 69.23 -1.30
N GLU B 382 -52.84 67.96 -1.18
CA GLU B 382 -52.70 67.02 -2.30
C GLU B 382 -53.56 67.26 -3.57
N ASN B 383 -54.73 67.90 -3.44
CA ASN B 383 -55.56 68.23 -4.61
C ASN B 383 -55.58 69.71 -4.98
N LYS B 384 -54.62 70.47 -4.46
CA LYS B 384 -54.55 71.92 -4.72
C LYS B 384 -54.34 72.21 -6.20
N TYR B 385 -53.25 71.67 -6.76
CA TYR B 385 -52.93 71.83 -8.19
C TYR B 385 -53.28 70.58 -9.00
N ASN B 386 -53.94 70.80 -10.15
CA ASN B 386 -54.19 69.74 -11.14
C ASN B 386 -53.78 70.21 -12.53
N ASP B 387 -53.38 71.48 -12.63
CA ASP B 387 -52.94 72.08 -13.89
C ASP B 387 -51.41 72.00 -14.03
N LYS B 388 -50.78 71.34 -13.07
CA LYS B 388 -49.33 71.27 -13.04
C LYS B 388 -48.90 70.40 -11.88
N PRO B 389 -47.69 69.85 -11.98
CA PRO B 389 -47.04 69.10 -10.89
C PRO B 389 -46.49 70.09 -9.87
N PHE B 390 -46.68 69.77 -8.59
CA PHE B 390 -46.13 70.60 -7.52
C PHE B 390 -45.60 69.73 -6.37
N PHE B 391 -44.78 70.37 -5.52
CA PHE B 391 -44.07 69.70 -4.44
C PHE B 391 -44.68 70.01 -3.07
N ILE B 392 -45.14 68.98 -2.38
CA ILE B 392 -45.44 69.09 -0.97
C ILE B 392 -44.13 68.87 -0.22
N VAL B 393 -43.88 69.70 0.78
CA VAL B 393 -42.52 69.95 1.21
C VAL B 393 -42.41 70.04 2.74
N GLU B 394 -41.18 69.95 3.26
CA GLU B 394 -40.87 70.19 4.68
C GLU B 394 -41.76 69.45 5.71
N HIS B 395 -41.87 68.15 5.52
CA HIS B 395 -42.73 67.31 6.35
C HIS B 395 -42.25 67.20 7.79
N PRO B 396 -43.18 66.91 8.73
CA PRO B 396 -42.80 66.47 10.08
C PRO B 396 -41.84 65.27 10.09
N GLN B 397 -40.98 65.22 11.09
CA GLN B 397 -40.09 64.08 11.27
C GLN B 397 -40.95 62.88 11.62
N ILE B 398 -42.07 63.16 12.25
CA ILE B 398 -43.00 62.16 12.72
C ILE B 398 -43.59 61.31 11.57
N MET B 399 -43.86 61.94 10.43
CA MET B 399 -44.26 61.22 9.20
C MET B 399 -43.07 60.61 8.44
N SER B 400 -41.84 61.04 8.76
CA SER B 400 -40.64 60.73 7.96
C SER B 400 -39.45 60.37 8.84
N PRO B 401 -39.50 59.20 9.48
CA PRO B 401 -38.55 58.81 10.54
C PRO B 401 -37.14 58.55 10.01
N LEU B 402 -36.97 58.64 8.70
CA LEU B 402 -35.70 58.32 8.07
C LEU B 402 -35.05 59.52 7.37
N ALA B 403 -35.66 60.70 7.48
CA ALA B 403 -35.07 61.89 6.90
C ALA B 403 -34.33 62.69 7.97
N LYS B 404 -33.36 63.50 7.54
CA LYS B 404 -32.66 64.42 8.43
C LYS B 404 -33.61 65.57 8.84
N TYR B 405 -33.40 66.07 10.06
CA TYR B 405 -34.08 67.25 10.55
C TYR B 405 -33.85 68.44 9.63
N HIS B 406 -34.83 69.35 9.60
CA HIS B 406 -34.65 70.64 8.94
C HIS B 406 -33.53 71.38 9.70
N ARG B 407 -32.70 72.14 8.98
CA ARG B 407 -31.68 73.04 9.57
C ARG B 407 -32.26 73.92 10.70
N THR B 408 -33.34 74.61 10.39
CA THR B 408 -33.83 75.69 11.25
C THR B 408 -35.24 75.51 11.81
N LYS B 409 -36.11 74.80 11.08
CA LYS B 409 -37.51 74.58 11.50
C LYS B 409 -37.72 73.31 12.32
N PRO B 410 -38.01 73.46 13.62
CA PRO B 410 -38.18 72.34 14.55
C PRO B 410 -39.37 71.44 14.25
N GLY B 411 -39.14 70.14 14.38
CA GLY B 411 -40.17 69.16 14.08
C GLY B 411 -40.17 68.76 12.61
N LEU B 412 -39.56 69.59 11.76
CA LEU B 412 -39.66 69.38 10.35
C LEU B 412 -38.43 68.67 9.75
N THR B 413 -38.48 68.46 8.44
CA THR B 413 -37.42 67.80 7.67
C THR B 413 -37.26 68.52 6.35
N GLU B 414 -36.29 68.11 5.54
CA GLU B 414 -36.10 68.76 4.24
C GLU B 414 -36.56 67.86 3.09
N ARG B 415 -37.54 67.03 3.43
CA ARG B 415 -38.24 66.17 2.49
C ARG B 415 -38.99 66.95 1.41
N LEU B 416 -39.04 66.38 0.21
CA LEU B 416 -39.86 66.89 -0.90
C LEU B 416 -40.61 65.68 -1.43
N GLU B 417 -41.88 65.88 -1.81
CA GLU B 417 -42.70 64.79 -2.31
C GLU B 417 -43.59 65.34 -3.41
N MET B 418 -43.54 64.77 -4.62
CA MET B 418 -44.21 65.40 -5.77
C MET B 418 -45.58 64.83 -6.14
N PHE B 419 -46.47 65.72 -6.56
CA PHE B 419 -47.84 65.35 -6.92
C PHE B 419 -48.26 65.85 -8.30
N ILE B 420 -48.75 64.92 -9.13
CA ILE B 420 -49.50 65.21 -10.35
C ILE B 420 -50.94 64.75 -10.19
N CYS B 421 -51.87 65.71 -10.34
CA CYS B 421 -53.30 65.44 -10.14
C CYS B 421 -53.59 64.66 -8.87
N GLY B 422 -52.95 65.07 -7.78
CA GLY B 422 -53.25 64.54 -6.46
C GLY B 422 -52.79 63.11 -6.25
N LYS B 423 -51.99 62.59 -7.17
CA LYS B 423 -51.36 61.28 -6.96
C LYS B 423 -49.87 61.44 -6.62
N GLU B 424 -49.36 60.63 -5.69
CA GLU B 424 -47.94 60.69 -5.29
C GLU B 424 -47.05 60.07 -6.37
N VAL B 425 -46.06 60.83 -6.83
CA VAL B 425 -45.22 60.43 -7.97
C VAL B 425 -43.73 60.33 -7.62
N LEU B 426 -43.21 61.36 -6.95
CA LEU B 426 -41.82 61.37 -6.50
C LEU B 426 -41.75 61.60 -4.98
N ASN B 427 -40.75 61.00 -4.34
CA ASN B 427 -40.54 61.14 -2.90
C ASN B 427 -39.06 61.11 -2.51
N ALA B 428 -38.49 62.29 -2.19
CA ALA B 428 -37.09 62.39 -1.79
C ALA B 428 -36.86 63.07 -0.41
N TYR B 429 -35.68 62.86 0.15
CA TYR B 429 -35.26 63.53 1.37
C TYR B 429 -33.79 63.20 1.69
N THR B 430 -33.08 64.15 2.29
CA THR B 430 -31.76 63.88 2.82
C THR B 430 -31.88 62.89 3.95
N GLU B 431 -31.00 61.90 3.95
CA GLU B 431 -31.03 60.82 4.91
C GLU B 431 -30.56 61.30 6.28
N LEU B 432 -31.02 60.64 7.34
CA LEU B 432 -30.59 60.94 8.70
C LEU B 432 -29.38 60.05 9.03
N ASN B 433 -28.21 60.67 9.01
CA ASN B 433 -26.91 59.98 9.08
C ASN B 433 -26.35 59.70 10.49
N ASP B 434 -26.97 60.32 11.51
CA ASP B 434 -26.50 60.26 12.89
C ASP B 434 -27.08 59.10 13.68
N PRO B 435 -26.29 58.04 13.86
CA PRO B 435 -26.70 56.80 14.51
C PRO B 435 -27.40 57.02 15.84
N PHE B 436 -27.41 58.25 16.32
CA PHE B 436 -27.94 58.48 17.66
C PHE B 436 -29.28 59.17 17.64
N LYS B 437 -29.75 59.54 16.43
CA LYS B 437 -31.10 60.08 16.27
C LYS B 437 -32.06 59.06 15.64
N GLN B 438 -31.54 57.85 15.44
CA GLN B 438 -32.29 56.74 14.85
C GLN B 438 -32.66 55.71 15.93
N PHE B 463 -28.37 46.98 9.21
CA PHE B 463 -28.26 48.31 8.62
C PHE B 463 -27.90 49.37 9.66
N CYS B 464 -28.46 49.25 10.85
CA CYS B 464 -28.15 50.22 11.89
C CYS B 464 -26.67 50.13 12.26
N THR B 465 -26.08 48.95 12.06
CA THR B 465 -24.63 48.85 12.04
C THR B 465 -24.03 49.82 11.03
N SER B 466 -24.07 49.46 9.75
CA SER B 466 -23.43 50.24 8.70
C SER B 466 -23.45 51.75 8.92
N LEU B 467 -24.59 52.30 9.33
CA LEU B 467 -24.68 53.72 9.71
C LEU B 467 -23.52 54.14 10.65
N GLU B 468 -23.09 53.22 11.51
CA GLU B 468 -21.98 53.46 12.44
C GLU B 468 -20.58 53.34 11.81
N TYR B 469 -20.55 53.09 10.51
CA TYR B 469 -19.29 53.15 9.79
C TYR B 469 -19.13 54.50 9.12
N GLY B 470 -20.19 55.29 9.21
CA GLY B 470 -20.20 56.65 8.70
C GLY B 470 -20.94 56.71 7.39
N LEU B 471 -22.15 57.24 7.43
CA LEU B 471 -22.89 57.49 6.21
C LEU B 471 -22.84 58.99 5.90
N PRO B 472 -22.19 59.36 4.78
CA PRO B 472 -22.04 60.79 4.50
C PRO B 472 -23.38 61.45 4.41
N PRO B 473 -23.43 62.78 4.51
CA PRO B 473 -24.70 63.42 4.16
C PRO B 473 -25.15 62.89 2.78
N THR B 474 -26.46 62.64 2.64
CA THR B 474 -26.97 61.96 1.46
C THR B 474 -28.39 62.37 1.16
N GLY B 475 -28.74 62.32 -0.12
CA GLY B 475 -30.11 62.49 -0.55
C GLY B 475 -30.67 61.29 -1.28
N GLY B 476 -31.81 60.78 -0.83
CA GLY B 476 -32.46 59.65 -1.46
C GLY B 476 -33.66 60.11 -2.25
N LEU B 477 -34.14 59.28 -3.17
CA LEU B 477 -35.26 59.63 -4.05
C LEU B 477 -35.85 58.38 -4.66
N GLY B 478 -37.18 58.31 -4.66
CA GLY B 478 -37.89 57.20 -5.25
C GLY B 478 -38.94 57.62 -6.27
N LEU B 479 -39.31 56.70 -7.14
CA LEU B 479 -40.25 57.00 -8.20
C LEU B 479 -41.32 55.93 -8.30
N GLY B 480 -42.49 56.35 -8.78
CA GLY B 480 -43.53 55.43 -9.21
C GLY B 480 -43.46 55.35 -10.72
N ILE B 481 -42.80 54.33 -11.23
CA ILE B 481 -42.72 54.15 -12.67
C ILE B 481 -44.16 54.04 -13.25
N ASP B 482 -44.90 53.01 -12.83
CA ASP B 482 -46.27 52.77 -13.29
C ASP B 482 -47.16 54.02 -13.30
N ARG B 483 -47.30 54.63 -12.13
CA ARG B 483 -48.07 55.85 -11.97
C ARG B 483 -47.60 56.91 -12.97
N ILE B 484 -46.30 56.97 -13.23
CA ILE B 484 -45.80 57.96 -14.17
C ILE B 484 -46.13 57.57 -15.62
N THR B 485 -46.14 56.28 -15.90
CA THR B 485 -46.42 55.84 -17.24
C THR B 485 -47.89 56.10 -17.50
N MET B 486 -48.71 55.92 -16.46
CA MET B 486 -50.14 56.25 -16.54
C MET B 486 -50.39 57.69 -17.00
N PHE B 487 -49.96 58.67 -16.23
CA PHE B 487 -50.09 60.07 -16.63
C PHE B 487 -49.61 60.34 -18.06
N LEU B 488 -48.55 59.65 -18.48
CA LEU B 488 -47.97 59.89 -19.81
C LEU B 488 -48.52 58.96 -20.91
N THR B 489 -49.11 57.83 -20.54
CA THR B 489 -49.89 57.07 -21.51
C THR B 489 -51.41 57.29 -21.33
N ASN B 490 -51.77 58.42 -20.72
CA ASN B 490 -53.18 58.76 -20.52
C ASN B 490 -54.06 57.60 -20.08
N LYS B 491 -53.62 56.86 -19.07
CA LYS B 491 -54.42 55.79 -18.51
C LYS B 491 -54.82 56.10 -17.05
N ASN B 492 -55.83 55.38 -16.56
CA ASN B 492 -56.39 55.57 -15.22
C ASN B 492 -56.35 54.23 -14.50
N SER B 493 -55.81 53.24 -15.20
CA SER B 493 -55.75 51.90 -14.66
C SER B 493 -54.33 51.38 -14.84
N ILE B 494 -53.80 50.78 -13.77
CA ILE B 494 -52.48 50.22 -13.80
C ILE B 494 -52.44 49.02 -14.74
N LYS B 495 -53.58 48.37 -14.96
CA LYS B 495 -53.58 47.18 -15.80
C LYS B 495 -53.41 47.59 -17.25
N ASP B 496 -53.69 48.85 -17.55
CA ASP B 496 -53.42 49.32 -18.90
C ASP B 496 -51.98 49.78 -19.13
N VAL B 497 -51.12 49.56 -18.13
CA VAL B 497 -49.70 49.94 -18.25
C VAL B 497 -48.65 48.86 -17.87
N ILE B 498 -49.14 47.72 -17.40
CA ILE B 498 -48.37 46.53 -17.07
C ILE B 498 -48.81 45.37 -18.00
N LEU B 499 -47.98 45.03 -18.98
CA LEU B 499 -48.30 43.95 -19.92
C LEU B 499 -49.15 42.80 -19.32
N PHE B 500 -48.71 42.19 -18.23
CA PHE B 500 -49.45 41.09 -17.65
C PHE B 500 -49.96 41.34 -16.23
N PRO B 501 -51.00 42.19 -16.06
CA PRO B 501 -51.52 42.40 -14.70
C PRO B 501 -51.93 41.10 -14.03
N THR B 502 -51.78 41.04 -12.71
CA THR B 502 -52.17 39.84 -11.97
C THR B 502 -53.69 39.81 -11.90
N MET B 503 -54.26 38.73 -12.40
CA MET B 503 -55.69 38.61 -12.59
C MET B 503 -56.18 37.31 -11.99
N ARG B 504 -57.33 37.38 -11.32
CA ARG B 504 -58.00 36.18 -10.79
C ARG B 504 -57.93 35.08 -11.86
N PRO B 505 -57.44 33.89 -11.45
CA PRO B 505 -57.02 32.83 -12.37
C PRO B 505 -58.17 32.29 -13.22
N PRO C 4 52.27 32.06 49.69
CA PRO C 4 51.57 32.12 48.39
C PRO C 4 50.05 32.14 48.52
N ARG C 5 49.46 31.25 49.32
CA ARG C 5 48.09 31.51 49.75
C ARG C 5 48.20 32.61 50.80
N LEU C 6 49.43 32.82 51.27
CA LEU C 6 49.79 33.96 52.10
C LEU C 6 49.78 35.28 51.30
N TYR C 7 50.33 35.21 50.09
CA TYR C 7 50.37 36.35 49.18
C TYR C 7 48.98 36.85 48.91
N PHE C 8 48.07 35.91 48.67
CA PHE C 8 46.67 36.23 48.44
C PHE C 8 46.00 36.87 49.67
N GLU C 9 46.44 36.50 50.87
CA GLU C 9 45.81 37.01 52.09
C GLU C 9 46.21 38.44 52.38
N ASN C 10 47.49 38.76 52.16
CA ASN C 10 47.95 40.13 52.40
C ASN C 10 47.32 41.10 51.43
N ARG C 11 47.36 40.73 50.15
CA ARG C 11 46.70 41.47 49.09
C ARG C 11 45.26 41.81 49.46
N SER C 12 44.53 40.85 50.00
CA SER C 12 43.16 41.08 50.43
C SER C 12 43.06 42.02 51.61
N LYS C 13 44.02 41.92 52.52
CA LYS C 13 44.12 42.84 53.64
C LYS C 13 44.50 44.19 53.12
N PHE C 14 45.39 44.21 52.13
CA PHE C 14 45.76 45.43 51.44
C PHE C 14 44.51 46.10 50.85
N ILE C 15 43.66 45.31 50.19
CA ILE C 15 42.40 45.86 49.68
C ILE C 15 41.61 46.47 50.83
N GLN C 16 41.41 45.72 51.90
CA GLN C 16 40.56 46.19 52.99
C GLN C 16 41.06 47.48 53.65
N ASP C 17 42.38 47.56 53.81
CA ASP C 17 43.03 48.68 54.48
C ASP C 17 43.16 49.89 53.55
N GLN C 18 42.85 49.69 52.28
CA GLN C 18 42.80 50.80 51.32
C GLN C 18 41.44 51.50 51.38
N LYS C 19 40.37 50.71 51.45
CA LYS C 19 39.04 51.29 51.60
C LYS C 19 38.98 52.04 52.92
N ASP C 20 39.46 51.40 54.00
CA ASP C 20 39.50 52.02 55.32
C ASP C 20 40.19 53.40 55.29
N LYS C 21 41.32 53.45 54.59
CA LYS C 21 42.08 54.67 54.31
C LYS C 21 41.37 55.65 53.37
N GLY C 22 40.14 55.30 52.99
CA GLY C 22 39.33 56.14 52.14
C GLY C 22 39.48 55.95 50.64
N ILE C 23 40.37 55.04 50.24
CA ILE C 23 40.62 54.82 48.81
C ILE C 23 39.81 53.67 48.20
N ASN C 24 39.27 53.89 47.00
CA ASN C 24 38.65 52.78 46.29
C ASN C 24 39.67 52.10 45.39
N PRO C 25 39.96 50.83 45.67
CA PRO C 25 40.93 50.12 44.83
C PRO C 25 40.28 49.56 43.55
N TYR C 26 38.97 49.68 43.47
CA TYR C 26 38.22 49.34 42.25
C TYR C 26 37.33 50.48 41.82
N PRO C 27 37.94 51.62 41.45
CA PRO C 27 37.26 52.87 41.13
C PRO C 27 36.33 52.73 39.93
N HIS C 28 35.50 53.73 39.64
CA HIS C 28 34.41 53.56 38.69
C HIS C 28 34.73 53.98 37.29
N LYS C 29 35.22 55.21 37.14
CA LYS C 29 35.53 55.72 35.83
C LYS C 29 36.94 56.29 35.80
N PHE C 30 37.74 55.83 34.84
CA PHE C 30 39.02 56.45 34.50
C PHE C 30 39.00 56.59 32.99
N GLU C 31 39.15 57.81 32.49
CA GLU C 31 38.92 58.06 31.08
C GLU C 31 40.24 57.99 30.31
N ARG C 32 40.28 57.19 29.25
CA ARG C 32 41.53 56.97 28.54
C ARG C 32 41.68 57.88 27.35
N THR C 33 42.80 58.60 27.30
CA THR C 33 43.18 59.41 26.14
C THR C 33 43.56 58.56 24.91
N ILE C 34 44.01 57.34 25.13
CA ILE C 34 44.72 56.62 24.07
C ILE C 34 45.04 55.18 24.50
N SER C 35 45.08 54.27 23.54
CA SER C 35 45.47 52.91 23.83
C SER C 35 46.97 52.70 23.59
N ILE C 36 47.47 51.56 24.03
CA ILE C 36 48.88 51.28 23.97
C ILE C 36 49.39 51.08 22.54
N PRO C 37 48.67 50.32 21.71
CA PRO C 37 49.08 50.19 20.32
C PRO C 37 49.07 51.55 19.59
N GLU C 38 48.10 52.40 19.92
CA GLU C 38 48.04 53.77 19.41
C GLU C 38 49.23 54.61 19.93
N PHE C 39 49.55 54.46 21.22
CA PHE C 39 50.68 55.14 21.89
C PHE C 39 52.01 54.67 21.28
N ILE C 40 52.07 53.40 20.92
CA ILE C 40 53.25 52.93 20.24
C ILE C 40 53.35 53.48 18.83
N GLU C 41 52.26 53.42 18.08
CA GLU C 41 52.32 53.81 16.68
C GLU C 41 52.70 55.27 16.53
N LYS C 42 52.21 56.08 17.47
CA LYS C 42 52.28 57.54 17.39
C LYS C 42 53.63 58.06 17.83
N TYR C 43 54.20 57.42 18.83
CA TYR C 43 55.36 57.96 19.52
C TYR C 43 56.66 57.21 19.23
N LYS C 44 56.59 56.24 18.31
CA LYS C 44 57.73 55.38 18.08
C LYS C 44 58.93 56.04 17.36
N ASP C 45 58.70 57.11 16.61
CA ASP C 45 59.81 57.77 15.92
C ASP C 45 60.33 58.99 16.70
N LEU C 46 60.09 58.96 18.00
CA LEU C 46 60.63 59.95 18.92
C LEU C 46 62.14 59.79 19.00
N GLY C 47 62.85 60.86 19.32
CA GLY C 47 64.29 60.78 19.43
C GLY C 47 64.69 60.15 20.75
N ASN C 48 65.82 59.46 20.77
CA ASN C 48 66.31 58.89 22.03
C ASN C 48 66.45 59.97 23.09
N GLY C 49 65.58 59.94 24.10
CA GLY C 49 65.68 60.83 25.24
C GLY C 49 64.71 61.99 25.17
N GLU C 50 64.00 62.06 24.06
CA GLU C 50 63.02 63.13 23.82
C GLU C 50 61.85 63.04 24.81
N HIS C 51 61.44 64.18 25.33
CA HIS C 51 60.25 64.27 26.18
C HIS C 51 59.21 65.16 25.53
N LEU C 52 57.94 64.84 25.71
CA LEU C 52 56.85 65.72 25.30
C LEU C 52 56.08 66.20 26.52
N GLU C 53 56.80 66.81 27.45
CA GLU C 53 56.30 67.11 28.78
C GLU C 53 54.98 67.86 28.81
N ASP C 54 54.71 68.64 27.78
CA ASP C 54 53.50 69.45 27.73
C ASP C 54 52.26 68.66 27.29
N THR C 55 52.46 67.40 26.91
CA THR C 55 51.38 66.57 26.34
C THR C 55 50.86 65.54 27.33
N ILE C 56 49.70 65.80 27.94
CA ILE C 56 49.17 64.94 28.99
C ILE C 56 48.15 63.91 28.49
N LEU C 57 48.45 62.64 28.73
CA LEU C 57 47.57 61.54 28.34
C LEU C 57 47.10 60.73 29.54
N ASN C 58 45.90 60.16 29.43
CA ASN C 58 45.43 59.13 30.33
C ASN C 58 45.63 57.81 29.64
N ILE C 59 46.19 56.85 30.36
CA ILE C 59 46.50 55.57 29.73
C ILE C 59 46.28 54.45 30.73
N THR C 60 45.97 53.26 30.23
CA THR C 60 45.67 52.15 31.15
C THR C 60 46.42 50.90 30.74
N GLY C 61 46.61 50.00 31.69
CA GLY C 61 47.22 48.74 31.32
C GLY C 61 47.41 47.78 32.45
N ARG C 62 48.04 46.66 32.12
CA ARG C 62 48.48 45.72 33.15
C ARG C 62 49.98 45.82 33.32
N ILE C 63 50.39 46.11 34.56
CA ILE C 63 51.77 46.05 35.00
C ILE C 63 52.26 44.61 34.87
N MET C 64 53.27 44.38 34.03
CA MET C 64 53.74 43.01 33.86
C MET C 64 55.14 42.80 34.45
N ARG C 65 55.86 43.90 34.67
CA ARG C 65 57.16 43.88 35.33
C ARG C 65 57.36 45.09 36.24
N VAL C 66 57.96 44.85 37.40
CA VAL C 66 58.27 45.93 38.33
C VAL C 66 59.76 45.95 38.80
N SER C 67 60.39 47.12 38.81
CA SER C 67 61.79 47.30 39.26
C SER C 67 62.03 48.65 39.95
N ALA C 68 62.82 48.64 41.02
CA ALA C 68 63.15 49.86 41.75
C ALA C 68 64.53 50.40 41.38
N SER C 69 64.81 51.62 41.85
CA SER C 69 66.13 52.24 41.70
C SER C 69 66.29 53.39 42.70
N GLY C 70 66.28 53.05 43.98
CA GLY C 70 66.55 54.04 45.01
C GLY C 70 65.40 54.94 45.40
N GLN C 71 64.19 54.57 44.99
CA GLN C 71 62.98 55.25 45.47
C GLN C 71 62.91 56.73 45.10
N LYS C 72 63.53 57.05 43.96
CA LYS C 72 63.33 58.32 43.27
C LYS C 72 63.02 57.94 41.82
N LEU C 73 63.22 56.65 41.54
CA LEU C 73 63.08 56.09 40.20
C LEU C 73 62.47 54.70 40.25
N ARG C 74 61.32 54.55 39.59
CA ARG C 74 60.62 53.27 39.50
C ARG C 74 60.27 52.90 38.05
N PHE C 75 60.61 51.67 37.65
CA PHE C 75 60.34 51.21 36.29
C PHE C 75 59.35 50.07 36.27
N PHE C 76 58.47 50.12 35.29
CA PHE C 76 57.51 49.05 35.11
C PHE C 76 57.39 48.68 33.64
N ASP C 77 56.79 47.52 33.39
CA ASP C 77 56.30 47.14 32.06
C ASP C 77 54.77 47.22 32.02
N LEU C 78 54.21 47.94 31.04
CA LEU C 78 52.75 48.07 30.93
C LEU C 78 52.19 47.47 29.63
N VAL C 79 51.22 46.56 29.75
CA VAL C 79 50.68 45.89 28.55
C VAL C 79 49.20 46.12 28.36
N GLY C 80 48.85 46.41 27.12
CA GLY C 80 47.47 46.41 26.67
C GLY C 80 47.41 45.79 25.28
N ASP C 81 46.33 45.08 24.98
CA ASP C 81 46.14 44.51 23.65
C ASP C 81 47.40 43.82 23.10
N GLY C 82 48.12 43.11 23.96
CA GLY C 82 49.26 42.31 23.50
C GLY C 82 50.48 43.10 23.07
N GLU C 83 50.54 44.35 23.49
CA GLU C 83 51.68 45.19 23.21
C GLU C 83 52.12 45.89 24.49
N LYS C 84 53.35 46.37 24.48
CA LYS C 84 54.03 46.71 25.73
C LYS C 84 54.69 48.07 25.63
N ILE C 85 54.65 48.83 26.70
CA ILE C 85 55.55 49.98 26.87
C ILE C 85 56.08 50.02 28.30
N GLN C 86 57.05 50.91 28.52
CA GLN C 86 57.70 51.04 29.80
C GLN C 86 57.06 52.19 30.56
N VAL C 87 56.71 51.97 31.82
CA VAL C 87 56.40 53.08 32.72
C VAL C 87 57.70 53.61 33.35
N LEU C 88 57.82 54.94 33.45
CA LEU C 88 59.01 55.54 34.01
C LEU C 88 58.61 56.61 35.02
N ALA C 89 58.62 56.24 36.30
CA ALA C 89 58.18 57.15 37.33
C ALA C 89 59.35 57.85 38.05
N ASN C 90 59.41 59.17 37.90
CA ASN C 90 60.46 59.97 38.51
C ASN C 90 59.93 60.94 39.56
N TYR C 91 60.48 60.86 40.77
CA TYR C 91 60.07 61.71 41.90
C TYR C 91 59.92 63.19 41.50
N SER C 92 60.70 63.61 40.51
CA SER C 92 60.67 64.99 40.04
C SER C 92 59.34 65.32 39.37
N PHE C 93 58.81 64.35 38.63
CA PHE C 93 57.56 64.53 37.91
C PHE C 93 56.35 64.17 38.77
N HIS C 94 56.53 63.28 39.74
CA HIS C 94 55.41 62.93 40.61
C HIS C 94 54.64 64.16 41.13
N ASN C 95 53.31 64.10 41.10
CA ASN C 95 52.46 65.12 41.73
C ASN C 95 52.16 64.80 43.22
N HIS C 96 52.65 65.65 44.12
CA HIS C 96 52.77 65.28 45.53
C HIS C 96 51.52 65.40 46.44
N GLU C 97 50.49 66.12 45.99
CA GLU C 97 49.28 66.30 46.80
C GLU C 97 48.45 65.04 46.82
N LYS C 98 48.32 64.42 45.65
CA LYS C 98 47.78 63.09 45.60
C LYS C 98 48.32 62.24 46.76
N GLY C 99 49.64 62.10 46.84
CA GLY C 99 50.25 61.30 47.88
C GLY C 99 51.74 61.09 47.74
N ASN C 100 52.33 60.50 48.76
CA ASN C 100 53.76 60.23 48.81
C ASN C 100 54.18 59.36 47.65
N PHE C 101 55.16 59.81 46.89
CA PHE C 101 55.73 59.02 45.81
C PHE C 101 56.11 57.59 46.22
N ALA C 102 56.94 57.46 47.25
CA ALA C 102 57.41 56.14 47.71
C ALA C 102 56.26 55.23 48.11
N GLU C 103 55.34 55.74 48.94
CA GLU C 103 54.16 55.00 49.40
C GLU C 103 53.19 54.65 48.25
N CYS C 104 53.02 55.58 47.31
CA CYS C 104 52.16 55.34 46.16
C CYS C 104 52.61 54.07 45.45
N TYR C 105 53.81 54.12 44.84
CA TYR C 105 54.34 53.01 44.05
C TYR C 105 54.79 51.75 44.83
N ASP C 106 54.74 51.78 46.16
CA ASP C 106 55.14 50.61 46.93
C ASP C 106 54.07 49.52 46.86
N LYS C 107 52.82 49.96 46.83
CA LYS C 107 51.65 49.11 46.78
C LYS C 107 51.56 48.25 45.49
N ILE C 108 52.06 48.80 44.39
CA ILE C 108 51.98 48.11 43.09
C ILE C 108 52.67 46.75 43.05
N ARG C 109 51.97 45.79 42.47
CA ARG C 109 52.49 44.44 42.26
C ARG C 109 52.27 44.04 40.81
N ARG C 110 53.07 43.08 40.36
CA ARG C 110 52.92 42.54 39.03
C ARG C 110 51.50 42.05 38.76
N GLY C 111 50.88 42.60 37.72
CA GLY C 111 49.59 42.09 37.26
C GLY C 111 48.45 43.04 37.57
N ASP C 112 48.79 44.14 38.22
CA ASP C 112 47.79 45.15 38.52
C ASP C 112 47.34 45.86 37.25
N ILE C 113 46.08 46.26 37.22
CA ILE C 113 45.65 47.11 36.13
C ILE C 113 45.75 48.53 36.69
N VAL C 114 46.42 49.43 35.98
CA VAL C 114 46.65 50.77 36.52
C VAL C 114 46.09 51.86 35.62
N GLY C 115 45.67 52.97 36.23
CA GLY C 115 45.47 54.23 35.52
C GLY C 115 46.72 55.09 35.60
N ILE C 116 47.10 55.69 34.47
CA ILE C 116 48.33 56.46 34.39
C ILE C 116 48.11 57.82 33.71
N VAL C 117 48.40 58.89 34.45
CA VAL C 117 48.39 60.23 33.89
C VAL C 117 49.84 60.71 33.77
N GLY C 118 50.27 60.99 32.55
CA GLY C 118 51.63 61.46 32.34
C GLY C 118 51.93 61.79 30.90
N PHE C 119 53.19 62.07 30.62
CA PHE C 119 53.59 62.46 29.28
C PHE C 119 54.34 61.33 28.62
N PRO C 120 54.46 61.39 27.29
CA PRO C 120 55.17 60.38 26.49
C PRO C 120 56.61 60.79 26.21
N GLY C 121 57.53 59.85 26.31
CA GLY C 121 58.90 60.13 25.97
C GLY C 121 59.65 58.87 25.61
N LYS C 122 60.87 59.05 25.10
CA LYS C 122 61.81 57.94 25.01
C LYS C 122 62.85 58.10 26.13
N SER C 123 63.28 56.99 26.71
CA SER C 123 64.35 57.03 27.69
C SER C 123 65.63 57.41 26.98
N LYS C 124 66.71 57.58 27.73
CA LYS C 124 67.97 57.87 27.09
C LYS C 124 68.29 56.73 26.13
N LYS C 125 68.23 55.51 26.66
CA LYS C 125 68.58 54.30 25.92
C LYS C 125 67.76 54.11 24.65
N GLY C 126 66.71 54.91 24.48
CA GLY C 126 65.85 54.81 23.30
C GLY C 126 64.62 53.93 23.45
N GLU C 127 64.19 53.71 24.69
CA GLU C 127 63.08 52.82 24.99
C GLU C 127 61.82 53.62 25.33
N LEU C 128 60.81 53.50 24.46
CA LEU C 128 59.56 54.27 24.57
C LEU C 128 58.81 54.08 25.90
N SER C 129 58.44 55.18 26.55
CA SER C 129 57.88 55.15 27.88
C SER C 129 56.78 56.20 28.08
N ILE C 130 56.08 56.04 29.19
CA ILE C 130 55.11 56.99 29.68
C ILE C 130 55.65 57.50 31.01
N PHE C 131 55.69 58.81 31.20
CA PHE C 131 56.14 59.35 32.46
C PHE C 131 54.98 59.81 33.33
N PRO C 132 54.54 58.96 34.27
CA PRO C 132 53.44 59.38 35.15
C PRO C 132 53.72 60.64 35.99
N LYS C 133 52.67 61.45 36.20
CA LYS C 133 52.59 62.47 37.25
C LYS C 133 51.74 61.84 38.33
N GLU C 134 50.98 60.85 37.88
CA GLU C 134 50.01 60.15 38.71
C GLU C 134 49.72 58.77 38.17
N THR C 135 49.58 57.84 39.11
CA THR C 135 49.21 56.47 38.81
C THR C 135 48.18 56.09 39.86
N ILE C 136 47.10 55.46 39.41
CA ILE C 136 46.05 55.04 40.31
C ILE C 136 45.72 53.59 40.01
N LEU C 137 45.38 52.83 41.04
CA LEU C 137 44.98 51.44 40.85
C LEU C 137 43.54 51.31 40.32
N LEU C 138 43.41 50.47 39.30
CA LEU C 138 42.12 50.18 38.68
C LEU C 138 41.53 48.85 39.15
N SER C 139 42.35 47.83 39.19
CA SER C 139 41.94 46.49 39.58
C SER C 139 43.17 45.69 40.03
N ALA C 140 43.11 45.14 41.22
CA ALA C 140 44.28 44.48 41.79
C ALA C 140 44.32 43.02 41.39
N CYS C 141 45.54 42.53 41.17
CA CYS C 141 45.78 41.12 40.97
C CYS C 141 46.16 40.52 42.31
N LEU C 142 45.22 39.80 42.89
CA LEU C 142 45.33 39.29 44.25
C LEU C 142 46.21 38.06 44.27
N HIS C 143 46.24 37.32 43.16
CA HIS C 143 47.08 36.13 43.07
C HIS C 143 48.41 36.46 42.44
N MET C 144 49.41 35.64 42.79
CA MET C 144 50.74 35.78 42.27
C MET C 144 50.74 35.33 40.82
N LEU C 145 50.79 36.28 39.91
CA LEU C 145 50.91 35.97 38.50
C LEU C 145 52.22 35.21 38.28
N PRO C 146 52.14 34.05 37.61
CA PRO C 146 53.32 33.24 37.25
C PRO C 146 54.10 33.83 36.05
N MET C 147 55.12 33.12 35.57
CA MET C 147 55.88 33.53 34.39
C MET C 147 55.83 32.48 33.28
N LYS C 148 56.43 32.79 32.13
CA LYS C 148 56.71 31.76 31.14
C LYS C 148 57.39 30.64 31.91
N TYR C 149 57.35 29.43 31.37
CA TYR C 149 57.88 28.30 32.10
C TYR C 149 56.99 27.91 33.30
N GLY C 150 56.28 28.89 33.87
CA GLY C 150 55.29 28.63 34.90
C GLY C 150 54.09 27.92 34.30
N LEU C 151 53.75 28.33 33.07
CA LEU C 151 52.89 27.53 32.19
C LEU C 151 53.59 27.45 30.85
N LYS C 152 53.26 26.38 30.11
CA LYS C 152 54.20 25.80 29.14
C LYS C 152 55.20 25.04 30.02
N ASP C 153 54.94 23.73 30.20
CA ASP C 153 53.83 23.02 29.53
C ASP C 153 52.77 22.42 30.48
N THR C 154 51.67 23.14 30.72
CA THR C 154 50.61 22.71 31.66
C THR C 154 49.20 22.55 31.05
N GLU C 155 48.30 21.97 31.84
CA GLU C 155 46.90 21.80 31.45
C GLU C 155 46.13 23.06 31.75
N ILE C 156 46.64 23.81 32.72
CA ILE C 156 46.02 25.06 33.06
C ILE C 156 46.12 26.08 31.92
N ARG C 157 46.99 25.85 30.93
CA ARG C 157 46.90 26.65 29.71
C ARG C 157 45.41 26.68 29.30
N TYR C 158 44.74 25.53 29.44
CA TYR C 158 43.36 25.30 28.96
C TYR C 158 42.28 25.52 30.03
N ARG C 159 42.61 25.22 31.28
CA ARG C 159 41.66 25.42 32.37
C ARG C 159 41.54 26.90 32.80
N GLN C 160 42.56 27.70 32.49
CA GLN C 160 42.51 29.14 32.69
C GLN C 160 43.09 29.92 31.52
N ARG C 161 42.40 29.86 30.38
CA ARG C 161 42.94 30.39 29.15
C ARG C 161 43.39 31.84 29.29
N TYR C 162 42.88 32.56 30.30
CA TYR C 162 43.28 33.97 30.46
C TYR C 162 44.72 34.10 30.89
N LEU C 163 45.16 33.19 31.77
CA LEU C 163 46.56 33.16 32.18
C LEU C 163 47.39 32.95 30.92
N ASP C 164 47.11 31.88 30.21
CA ASP C 164 47.76 31.61 28.94
C ASP C 164 47.82 32.87 28.05
N LEU C 165 46.76 33.67 28.04
CA LEU C 165 46.73 34.85 27.18
C LEU C 165 47.66 35.96 27.66
N LEU C 166 47.81 36.07 28.98
CA LEU C 166 48.58 37.15 29.58
C LEU C 166 50.07 36.93 29.46
N ILE C 167 50.48 35.68 29.63
CA ILE C 167 51.87 35.31 29.78
C ILE C 167 52.52 34.85 28.47
N ASN C 168 51.89 33.93 27.76
CA ASN C 168 52.42 33.42 26.49
C ASN C 168 52.02 34.27 25.26
N GLU C 169 52.89 35.19 24.86
CA GLU C 169 52.61 36.10 23.75
C GLU C 169 52.13 35.38 22.49
N SER C 170 52.44 34.09 22.41
CA SER C 170 52.21 33.32 21.20
C SER C 170 50.79 32.80 21.09
N SER C 171 50.19 32.50 22.24
CA SER C 171 48.80 32.04 22.24
C SER C 171 47.89 33.16 21.76
N ARG C 172 47.97 34.34 22.37
CA ARG C 172 47.16 35.46 21.90
C ARG C 172 47.25 35.56 20.37
N HIS C 173 48.48 35.69 19.85
CA HIS C 173 48.72 35.65 18.39
C HIS C 173 48.07 34.45 17.68
N THR C 174 48.13 33.28 18.31
CA THR C 174 47.51 32.10 17.72
C THR C 174 46.03 32.41 17.50
N PHE C 175 45.30 32.60 18.58
CA PHE C 175 43.90 32.96 18.52
C PHE C 175 43.55 34.20 17.73
N VAL C 176 44.43 35.20 17.71
CA VAL C 176 44.11 36.35 16.87
C VAL C 176 44.00 35.86 15.45
N THR C 177 44.83 34.89 15.14
CA THR C 177 44.95 34.43 13.78
C THR C 177 43.74 33.62 13.38
N ARG C 178 43.28 32.74 14.29
CA ARG C 178 42.04 32.02 14.00
C ARG C 178 40.91 32.99 13.57
N THR C 179 40.77 34.10 14.28
CA THR C 179 39.78 35.09 13.91
C THR C 179 40.16 35.76 12.58
N LYS C 180 41.44 36.02 12.40
CA LYS C 180 41.89 36.59 11.13
C LYS C 180 41.45 35.71 9.96
N ILE C 181 41.59 34.39 10.13
CA ILE C 181 41.21 33.44 9.08
C ILE C 181 39.71 33.48 8.79
N ILE C 182 38.92 33.12 9.79
CA ILE C 182 37.47 33.14 9.60
C ILE C 182 37.06 34.44 8.94
N ASN C 183 37.63 35.56 9.37
CA ASN C 183 37.27 36.82 8.75
C ASN C 183 37.56 36.83 7.25
N PHE C 184 38.77 36.41 6.88
CA PHE C 184 39.13 36.28 5.47
C PHE C 184 38.13 35.36 4.73
N LEU C 185 37.89 34.19 5.32
CA LEU C 185 36.86 33.30 4.80
C LEU C 185 35.56 34.05 4.42
N ARG C 186 34.96 34.68 5.42
CA ARG C 186 33.64 35.26 5.32
C ARG C 186 33.63 36.41 4.32
N ASN C 187 34.78 37.05 4.15
CA ASN C 187 34.86 38.11 3.17
C ASN C 187 35.06 37.53 1.80
N PHE C 188 35.68 36.34 1.77
CA PHE C 188 35.90 35.63 0.52
C PHE C 188 34.54 35.35 -0.09
N LEU C 189 33.79 34.48 0.57
CA LEU C 189 32.46 34.13 0.10
C LEU C 189 31.71 35.41 -0.21
N ASN C 190 31.62 36.31 0.77
CA ASN C 190 30.81 37.51 0.53
C ASN C 190 31.14 38.33 -0.72
N GLU C 191 32.40 38.29 -1.16
CA GLU C 191 32.74 39.00 -2.39
C GLU C 191 32.35 38.20 -3.63
N ARG C 192 32.33 36.87 -3.48
CA ARG C 192 31.77 36.01 -4.53
C ARG C 192 30.27 35.73 -4.32
N GLY C 193 29.53 36.73 -3.82
CA GLY C 193 28.07 36.73 -3.85
C GLY C 193 27.31 35.61 -3.13
N PHE C 194 27.97 34.93 -2.19
CA PHE C 194 27.31 33.90 -1.36
C PHE C 194 26.48 34.54 -0.25
N PHE C 195 25.57 33.75 0.32
CA PHE C 195 24.64 34.32 1.30
C PHE C 195 24.64 33.52 2.61
N GLU C 196 24.93 34.21 3.71
CA GLU C 196 25.11 33.54 5.00
C GLU C 196 23.78 33.30 5.70
N VAL C 197 23.65 32.12 6.31
CA VAL C 197 22.39 31.70 6.95
C VAL C 197 22.65 30.91 8.19
N GLU C 198 21.67 30.86 9.10
CA GLU C 198 21.77 29.98 10.26
C GLU C 198 20.70 28.93 10.21
N THR C 199 21.08 27.71 10.49
CA THR C 199 20.13 26.61 10.48
C THR C 199 20.17 25.95 11.85
N PRO C 200 19.18 25.12 12.16
CA PRO C 200 19.06 24.52 13.50
C PRO C 200 20.29 23.75 13.87
N MET C 201 20.69 23.92 15.12
CA MET C 201 21.80 23.19 15.68
C MET C 201 21.22 21.94 16.27
N MET C 202 19.90 21.97 16.48
CA MET C 202 19.14 20.89 17.11
C MET C 202 18.05 20.44 16.16
N ASN C 203 17.93 19.11 15.98
CA ASN C 203 16.96 18.53 15.04
C ASN C 203 16.33 17.22 15.55
N LEU C 204 15.77 16.46 14.62
CA LEU C 204 15.46 15.03 14.83
C LEU C 204 15.94 14.12 13.66
N ILE C 205 17.11 13.51 13.82
CA ILE C 205 17.58 12.39 13.00
C ILE C 205 17.80 11.17 13.89
N PRO C 213 26.59 11.70 17.60
CA PRO C 213 25.17 11.69 18.03
C PRO C 213 24.98 12.20 19.46
N PHE C 214 24.66 13.48 19.59
CA PHE C 214 24.33 14.02 20.92
C PHE C 214 22.82 14.09 21.09
N ILE C 215 22.34 13.53 22.21
CA ILE C 215 20.90 13.42 22.47
C ILE C 215 20.47 14.23 23.68
N THR C 216 19.60 15.22 23.47
CA THR C 216 19.04 15.96 24.61
C THR C 216 17.51 15.87 24.61
N HIS C 217 16.94 15.88 25.81
CA HIS C 217 15.48 15.85 25.93
C HIS C 217 14.87 17.28 25.84
N HIS C 218 13.82 17.45 25.04
CA HIS C 218 12.97 18.65 25.10
C HIS C 218 11.76 18.43 26.01
N ASN C 219 11.78 19.06 27.19
CA ASN C 219 10.80 18.79 28.25
C ASN C 219 9.32 19.01 27.92
N ASP C 220 9.04 20.09 27.20
CA ASP C 220 7.67 20.47 26.87
C ASP C 220 7.02 19.51 25.86
N LEU C 221 7.77 19.18 24.81
CA LEU C 221 7.30 18.27 23.76
C LEU C 221 7.35 16.82 24.19
N ASP C 222 8.00 16.55 25.33
CA ASP C 222 8.36 15.19 25.70
C ASP C 222 8.97 14.49 24.48
N LEU C 223 9.95 15.16 23.86
CA LEU C 223 10.65 14.63 22.69
C LEU C 223 12.17 14.71 22.84
N ASP C 224 12.89 13.76 22.24
CA ASP C 224 14.34 13.75 22.25
C ASP C 224 14.89 14.47 21.00
N LEU C 225 15.76 15.47 21.21
CA LEU C 225 16.39 16.22 20.11
C LEU C 225 17.85 15.76 19.82
N TYR C 226 18.29 16.00 18.58
CA TYR C 226 19.60 15.53 18.11
C TYR C 226 20.53 16.64 17.60
N LEU C 227 21.62 16.87 18.33
CA LEU C 227 22.60 17.92 18.02
C LEU C 227 23.21 17.73 16.64
N ARG C 228 23.37 18.80 15.88
CA ARG C 228 23.72 18.60 14.48
C ARG C 228 25.16 18.12 14.25
N ILE C 229 25.28 17.29 13.23
CA ILE C 229 26.55 16.73 12.87
C ILE C 229 27.05 17.44 11.60
N ALA C 230 26.15 18.14 10.93
CA ALA C 230 26.51 18.95 9.79
C ALA C 230 25.30 19.71 9.24
N THR C 231 25.56 20.64 8.32
CA THR C 231 24.55 21.64 7.98
C THR C 231 23.97 21.47 6.57
N GLU C 232 24.18 20.26 6.05
CA GLU C 232 24.02 19.98 4.62
C GLU C 232 22.56 19.92 4.19
N LEU C 233 21.73 19.22 4.96
CA LEU C 233 20.34 19.05 4.59
C LEU C 233 19.63 20.41 4.45
N PRO C 234 19.61 21.21 5.55
CA PRO C 234 18.92 22.50 5.48
C PRO C 234 19.54 23.39 4.42
N LEU C 235 20.85 23.32 4.29
CA LEU C 235 21.53 24.08 3.24
C LEU C 235 21.01 23.71 1.84
N LYS C 236 20.98 22.41 1.50
CA LYS C 236 20.57 22.05 0.15
C LYS C 236 19.19 22.64 -0.08
N MET C 237 18.27 22.35 0.84
CA MET C 237 16.93 22.90 0.78
C MET C 237 16.92 24.37 0.38
N LEU C 238 17.67 25.21 1.09
CA LEU C 238 17.72 26.61 0.67
C LEU C 238 18.11 26.80 -0.80
N ILE C 239 18.85 25.84 -1.36
CA ILE C 239 19.22 25.97 -2.79
C ILE C 239 17.96 25.74 -3.63
N VAL C 240 17.23 24.67 -3.30
CA VAL C 240 15.90 24.42 -3.85
C VAL C 240 15.10 25.73 -3.81
N GLY C 241 14.84 26.20 -2.59
CA GLY C 241 14.15 27.47 -2.40
C GLY C 241 14.76 28.60 -3.19
N GLY C 242 15.77 28.31 -4.01
CA GLY C 242 16.35 29.33 -4.87
C GLY C 242 17.22 30.41 -4.22
N ILE C 243 17.93 30.03 -3.15
CA ILE C 243 19.11 30.78 -2.71
C ILE C 243 20.33 30.19 -3.45
N ASP C 244 20.96 30.98 -4.33
CA ASP C 244 21.84 30.36 -5.34
C ASP C 244 23.24 29.94 -4.84
N LYS C 245 23.88 30.83 -4.08
CA LYS C 245 25.13 30.54 -3.37
C LYS C 245 24.93 30.72 -1.85
N VAL C 246 24.81 29.61 -1.11
CA VAL C 246 24.50 29.74 0.33
C VAL C 246 25.56 29.17 1.28
N TYR C 247 25.91 29.89 2.35
CA TYR C 247 26.80 29.28 3.33
C TYR C 247 26.46 29.43 4.83
N GLU C 248 27.03 28.53 5.65
CA GLU C 248 26.95 28.56 7.11
C GLU C 248 28.24 28.12 7.85
N ILE C 249 28.86 29.09 8.52
CA ILE C 249 30.01 28.86 9.41
C ILE C 249 29.51 28.67 10.84
N GLY C 250 29.83 27.54 11.49
CA GLY C 250 29.40 27.34 12.87
C GLY C 250 29.74 25.98 13.47
N LYS C 251 29.17 25.66 14.62
CA LYS C 251 29.56 24.43 15.28
C LYS C 251 28.80 23.25 14.73
N VAL C 252 29.49 22.11 14.78
CA VAL C 252 28.87 20.80 14.61
C VAL C 252 29.43 19.97 15.75
N PHE C 253 29.10 18.69 15.80
CA PHE C 253 29.39 17.93 17.00
C PHE C 253 29.77 16.50 16.73
N ARG C 254 30.22 15.85 17.80
CA ARG C 254 30.48 14.43 17.85
C ARG C 254 30.57 14.07 19.31
N ASN C 255 29.75 13.13 19.73
CA ASN C 255 29.93 12.47 21.01
C ASN C 255 30.84 11.29 20.73
N GLU C 256 32.04 11.34 21.29
CA GLU C 256 33.07 10.32 21.04
C GLU C 256 34.27 10.55 21.95
N GLY C 257 35.49 10.32 21.46
CA GLY C 257 36.66 10.48 22.29
C GLY C 257 37.14 11.92 22.35
N ILE C 258 37.44 12.39 23.57
CA ILE C 258 38.13 13.67 23.71
C ILE C 258 39.62 13.43 23.86
N ASP C 259 40.41 13.98 22.94
CA ASP C 259 41.87 13.90 23.02
C ASP C 259 42.47 15.15 22.40
N ASN C 260 43.74 15.09 22.05
CA ASN C 260 44.41 16.28 21.52
C ASN C 260 44.15 16.47 20.03
N THR C 261 43.24 15.65 19.50
CA THR C 261 42.78 15.75 18.12
C THR C 261 41.24 15.82 18.02
N HIS C 262 40.57 15.80 19.16
CA HIS C 262 39.13 15.60 19.18
C HIS C 262 38.43 16.41 20.24
N ASN C 263 37.56 17.29 19.78
CA ASN C 263 36.73 18.06 20.68
C ASN C 263 35.30 17.68 20.36
N PRO C 264 34.38 17.90 21.31
CA PRO C 264 32.93 17.71 21.16
C PRO C 264 32.28 18.66 20.13
N GLU C 265 32.82 19.88 20.00
CA GLU C 265 32.31 20.84 19.01
C GLU C 265 33.44 21.34 18.14
N PHE C 266 33.28 21.18 16.83
CA PHE C 266 34.20 21.75 15.86
C PHE C 266 33.50 22.87 15.15
N THR C 267 34.26 23.87 14.73
CA THR C 267 33.69 24.86 13.81
C THR C 267 33.83 24.36 12.38
N SER C 268 32.71 24.36 11.63
CA SER C 268 32.71 23.94 10.22
C SER C 268 32.15 25.05 9.34
N CYS C 269 32.36 24.90 8.02
CA CYS C 269 31.86 25.86 7.02
C CYS C 269 31.46 25.13 5.76
N GLU C 270 30.15 25.08 5.50
CA GLU C 270 29.69 24.47 4.27
C GLU C 270 29.08 25.56 3.39
N PHE C 271 29.26 25.43 2.10
CA PHE C 271 28.49 26.27 1.21
C PHE C 271 28.03 25.38 0.07
N TYR C 272 26.97 25.78 -0.61
CA TYR C 272 26.61 25.10 -1.81
C TYR C 272 26.53 26.14 -2.90
N TRP C 273 26.56 25.68 -4.13
CA TRP C 273 26.75 26.60 -5.20
C TRP C 273 25.89 26.13 -6.36
N ALA C 274 25.04 27.01 -6.89
CA ALA C 274 24.15 26.56 -7.93
C ALA C 274 24.90 26.73 -9.25
N TYR C 275 24.80 25.72 -10.12
CA TYR C 275 25.45 25.76 -11.44
C TYR C 275 26.98 25.86 -11.28
N ALA C 276 27.56 24.78 -10.75
CA ALA C 276 28.94 24.80 -10.29
C ALA C 276 29.54 23.41 -10.40
N ASP C 277 30.68 23.33 -11.09
CA ASP C 277 31.30 22.05 -11.38
C ASP C 277 32.60 21.91 -10.58
N TYR C 278 33.04 20.65 -10.43
CA TYR C 278 34.39 20.27 -10.05
C TYR C 278 35.42 21.37 -10.41
N ASN C 279 35.44 21.73 -11.68
CA ASN C 279 36.44 22.69 -12.13
C ASN C 279 36.27 24.08 -11.51
N ASP C 280 35.08 24.35 -10.99
CA ASP C 280 34.85 25.62 -10.30
C ASP C 280 35.14 25.45 -8.84
N LEU C 281 34.87 24.26 -8.33
CA LEU C 281 35.09 23.94 -6.93
C LEU C 281 36.59 23.94 -6.54
N ILE C 282 37.37 23.19 -7.32
CA ILE C 282 38.84 23.19 -7.24
C ILE C 282 39.43 24.60 -7.40
N LYS C 283 39.10 25.23 -8.52
CA LYS C 283 39.57 26.59 -8.72
C LYS C 283 39.32 27.42 -7.46
N TRP C 284 38.15 27.22 -6.85
CA TRP C 284 37.76 28.02 -5.70
C TRP C 284 38.67 27.74 -4.50
N SER C 285 39.05 26.47 -4.33
CA SER C 285 39.91 26.07 -3.20
C SER C 285 41.33 26.60 -3.37
N GLU C 286 41.89 26.46 -4.58
CA GLU C 286 43.24 26.97 -4.84
C GLU C 286 43.24 28.48 -4.56
N ASP C 287 42.35 29.20 -5.25
CA ASP C 287 42.16 30.63 -4.95
C ASP C 287 42.02 30.93 -3.45
N PHE C 288 41.29 30.08 -2.74
CA PHE C 288 41.08 30.33 -1.33
C PHE C 288 42.38 30.19 -0.56
N PHE C 289 42.89 28.97 -0.51
CA PHE C 289 44.10 28.72 0.25
C PHE C 289 45.29 29.58 -0.18
N SER C 290 45.52 29.65 -1.48
CA SER C 290 46.50 30.59 -2.02
C SER C 290 46.35 32.02 -1.42
N GLN C 291 45.16 32.58 -1.53
CA GLN C 291 44.94 33.95 -1.04
C GLN C 291 44.94 34.01 0.49
N LEU C 292 44.44 32.95 1.14
CA LEU C 292 44.40 32.95 2.60
C LEU C 292 45.80 33.13 3.15
N VAL C 293 46.64 32.14 2.86
CA VAL C 293 48.02 32.11 3.33
C VAL C 293 48.84 33.36 2.96
N TYR C 294 48.79 33.79 1.70
CA TYR C 294 49.50 35.02 1.36
C TYR C 294 49.03 36.18 2.25
N HIS C 295 47.77 36.14 2.66
CA HIS C 295 47.13 37.23 3.43
C HIS C 295 47.67 37.36 4.85
N LEU C 296 47.90 36.23 5.48
CA LEU C 296 48.55 36.21 6.77
C LEU C 296 50.08 36.45 6.58
N PHE C 297 50.74 35.55 5.88
CA PHE C 297 52.20 35.48 5.91
C PHE C 297 52.98 36.17 4.80
N GLY C 298 52.31 36.87 3.90
CA GLY C 298 53.02 37.55 2.83
C GLY C 298 53.76 36.62 1.88
N THR C 299 53.45 35.33 1.94
CA THR C 299 54.00 34.38 0.97
C THR C 299 53.27 33.05 1.02
N TYR C 300 53.40 32.26 -0.05
CA TYR C 300 52.74 30.96 -0.15
C TYR C 300 53.50 29.87 0.56
N LYS C 301 54.68 30.20 1.08
CA LYS C 301 55.51 29.19 1.75
C LYS C 301 55.51 29.38 3.27
N ILE C 302 55.26 28.28 3.99
CA ILE C 302 55.25 28.31 5.45
C ILE C 302 55.83 27.05 6.06
N SER C 303 56.29 27.17 7.29
CA SER C 303 56.89 26.07 8.00
C SER C 303 55.91 25.47 9.01
N TYR C 304 55.81 24.16 9.00
CA TYR C 304 54.94 23.46 9.93
C TYR C 304 55.74 22.36 10.62
N ASN C 305 55.50 22.20 11.92
CA ASN C 305 56.21 21.25 12.75
C ASN C 305 55.45 19.96 12.83
N LYS C 306 55.36 19.25 11.71
CA LYS C 306 54.55 18.04 11.67
C LYS C 306 54.66 17.17 12.93
N ASP C 307 55.85 16.64 13.21
CA ASP C 307 55.98 15.65 14.26
C ASP C 307 56.19 16.28 15.64
N GLY C 308 55.88 17.57 15.73
CA GLY C 308 55.90 18.30 16.99
C GLY C 308 56.93 19.41 16.97
N PRO C 309 57.08 20.13 18.11
CA PRO C 309 58.14 21.11 18.35
C PRO C 309 59.43 20.46 18.84
N GLU C 310 59.34 19.22 19.33
CA GLU C 310 60.51 18.44 19.74
C GLU C 310 61.23 17.79 18.53
N ASN C 311 60.68 18.01 17.33
CA ASN C 311 61.32 17.60 16.09
C ASN C 311 61.43 18.70 15.05
N GLN C 312 61.61 18.31 13.80
CA GLN C 312 61.91 19.29 12.77
C GLN C 312 60.68 19.82 12.11
N PRO C 313 60.74 21.10 11.69
CA PRO C 313 59.72 21.71 10.85
C PRO C 313 59.91 21.34 9.37
N ILE C 314 58.81 21.28 8.61
CA ILE C 314 58.85 21.06 7.17
C ILE C 314 58.29 22.27 6.47
N GLU C 315 58.64 22.45 5.20
CA GLU C 315 58.09 23.56 4.43
C GLU C 315 56.87 23.08 3.60
N ILE C 316 55.88 23.95 3.43
CA ILE C 316 54.69 23.61 2.67
C ILE C 316 54.36 24.77 1.73
N ASP C 317 54.07 24.44 0.46
CA ASP C 317 53.99 25.46 -0.58
C ASP C 317 52.59 25.61 -1.17
N PHE C 318 51.99 26.74 -0.85
CA PHE C 318 50.58 26.99 -1.15
C PHE C 318 50.39 27.70 -2.50
N THR C 319 51.48 27.78 -3.28
CA THR C 319 51.41 28.28 -4.65
C THR C 319 50.57 27.34 -5.53
N PRO C 320 49.56 27.90 -6.20
CA PRO C 320 48.66 27.12 -7.06
C PRO C 320 49.14 27.04 -8.51
N PRO C 321 48.68 26.03 -9.26
CA PRO C 321 47.72 25.00 -8.82
C PRO C 321 48.38 23.86 -8.04
N TYR C 322 47.57 22.97 -7.45
CA TYR C 322 48.08 21.80 -6.73
C TYR C 322 47.80 20.49 -7.47
N PRO C 323 48.53 19.42 -7.12
CA PRO C 323 48.24 18.12 -7.72
C PRO C 323 46.74 17.81 -7.71
N LYS C 324 46.33 16.88 -8.55
CA LYS C 324 45.04 16.19 -8.41
C LYS C 324 45.31 14.69 -8.66
N VAL C 325 44.74 13.83 -7.84
CA VAL C 325 45.08 12.40 -7.87
C VAL C 325 43.88 11.45 -7.79
N SER C 326 43.43 10.96 -8.95
CA SER C 326 42.43 9.89 -8.98
C SER C 326 42.77 8.81 -7.96
N ILE C 327 41.82 8.49 -7.09
CA ILE C 327 42.07 7.59 -5.97
C ILE C 327 42.24 6.10 -6.34
N VAL C 328 41.60 5.66 -7.41
CA VAL C 328 41.67 4.23 -7.79
C VAL C 328 42.77 4.00 -8.82
N GLU C 329 42.85 4.93 -9.78
CA GLU C 329 43.89 4.95 -10.80
C GLU C 329 45.27 4.88 -10.15
N GLU C 330 45.39 5.50 -8.97
CA GLU C 330 46.65 5.62 -8.22
C GLU C 330 46.87 4.57 -7.12
N ILE C 331 45.82 3.90 -6.67
CA ILE C 331 45.99 2.73 -5.83
C ILE C 331 46.47 1.62 -6.73
N GLU C 332 45.91 1.56 -7.93
CA GLU C 332 46.33 0.58 -8.91
C GLU C 332 47.82 0.76 -9.20
N LYS C 333 48.18 1.94 -9.68
CA LYS C 333 49.57 2.25 -10.01
C LYS C 333 50.52 1.87 -8.87
N VAL C 334 50.21 2.35 -7.67
CA VAL C 334 51.04 2.14 -6.48
C VAL C 334 51.03 0.70 -5.97
N THR C 335 49.84 0.17 -5.73
CA THR C 335 49.69 -1.21 -5.24
C THR C 335 49.89 -2.24 -6.35
N ASN C 336 50.15 -1.76 -7.56
CA ASN C 336 50.47 -2.60 -8.73
C ASN C 336 49.47 -3.74 -9.01
N THR C 337 48.19 -3.47 -8.81
CA THR C 337 47.14 -4.38 -9.20
C THR C 337 46.25 -3.70 -10.23
N ILE C 338 45.17 -4.37 -10.62
CA ILE C 338 44.17 -3.74 -11.47
C ILE C 338 42.82 -4.04 -10.88
N LEU C 339 42.08 -2.99 -10.54
CA LEU C 339 40.70 -3.15 -10.07
C LEU C 339 39.87 -1.90 -10.24
N GLU C 340 39.19 -1.84 -11.37
CA GLU C 340 38.04 -0.97 -11.54
C GLU C 340 36.88 -1.94 -11.56
N GLN C 341 36.57 -2.45 -12.75
CA GLN C 341 35.52 -3.46 -12.86
C GLN C 341 34.38 -2.92 -12.03
N PRO C 342 34.01 -1.64 -12.27
CA PRO C 342 33.28 -0.77 -11.35
C PRO C 342 32.13 -1.43 -10.59
N PHE C 343 32.08 -2.75 -10.56
CA PHE C 343 31.40 -3.43 -9.47
C PHE C 343 32.51 -3.80 -8.51
N ASP C 344 32.83 -2.89 -7.59
CA ASP C 344 33.78 -3.20 -6.53
C ASP C 344 33.04 -4.02 -5.48
N SER C 345 32.90 -5.33 -5.73
CA SER C 345 32.21 -6.22 -4.80
C SER C 345 32.41 -7.71 -5.13
N ASN C 346 32.36 -8.52 -4.07
CA ASN C 346 32.71 -9.94 -4.13
C ASN C 346 34.21 -10.20 -4.35
N GLU C 347 34.58 -10.62 -5.55
CA GLU C 347 35.99 -10.88 -5.86
C GLU C 347 36.86 -9.62 -5.73
N THR C 348 36.33 -8.46 -6.10
CA THR C 348 37.07 -7.20 -6.01
C THR C 348 37.29 -6.78 -4.55
N ILE C 349 36.52 -7.37 -3.64
CA ILE C 349 36.73 -7.21 -2.20
C ILE C 349 37.87 -8.10 -1.71
N GLU C 350 37.79 -9.38 -2.06
CA GLU C 350 38.89 -10.30 -1.81
C GLU C 350 40.22 -9.64 -2.23
N LYS C 351 40.30 -9.21 -3.50
CA LYS C 351 41.50 -8.57 -4.04
C LYS C 351 42.01 -7.43 -3.16
N MET C 352 41.11 -6.58 -2.67
CA MET C 352 41.52 -5.51 -1.76
C MET C 352 41.80 -6.07 -0.36
N ILE C 353 41.01 -7.04 0.06
CA ILE C 353 41.32 -7.74 1.31
C ILE C 353 42.68 -8.45 1.21
N ASN C 354 42.92 -9.14 0.10
CA ASN C 354 44.20 -9.79 -0.14
C ASN C 354 45.33 -8.78 -0.08
N ILE C 355 45.14 -7.62 -0.70
CA ILE C 355 46.13 -6.56 -0.64
C ILE C 355 46.45 -6.22 0.82
N ILE C 356 45.42 -5.88 1.58
CA ILE C 356 45.58 -5.53 2.98
C ILE C 356 46.59 -6.41 3.75
N LYS C 357 46.37 -7.72 3.76
CA LYS C 357 47.31 -8.61 4.43
C LYS C 357 48.68 -8.52 3.74
N GLU C 358 48.70 -8.86 2.46
CA GLU C 358 49.91 -8.95 1.62
C GLU C 358 50.89 -7.77 1.68
N HIS C 359 50.42 -6.59 2.09
CA HIS C 359 51.28 -5.39 2.10
C HIS C 359 51.26 -4.75 3.47
N LYS C 360 52.44 -4.55 4.04
CA LYS C 360 52.53 -4.21 5.45
C LYS C 360 51.38 -4.96 6.12
N ILE C 361 50.47 -4.20 6.72
CA ILE C 361 49.19 -4.75 7.11
C ILE C 361 48.28 -3.55 7.23
N GLU C 362 47.13 -3.74 7.85
CA GLU C 362 46.27 -2.62 8.17
C GLU C 362 45.12 -3.28 8.85
N LEU C 363 44.30 -2.51 9.53
CA LEU C 363 43.09 -3.07 10.09
C LEU C 363 42.01 -3.04 9.02
N PRO C 364 41.45 -4.20 8.67
CA PRO C 364 40.40 -4.22 7.65
C PRO C 364 39.11 -3.57 8.18
N ASN C 365 38.82 -3.80 9.45
CA ASN C 365 37.50 -3.49 10.00
C ASN C 365 36.49 -4.52 9.55
N PRO C 366 35.32 -4.59 10.22
CA PRO C 366 34.15 -5.25 9.63
C PRO C 366 34.04 -4.82 8.15
N PRO C 367 34.58 -5.65 7.24
CA PRO C 367 35.10 -5.27 5.93
C PRO C 367 34.06 -4.84 4.89
N THR C 368 33.40 -3.72 5.16
CA THR C 368 32.68 -2.99 4.11
C THR C 368 33.61 -2.86 2.90
N ALA C 369 33.07 -2.87 1.69
CA ALA C 369 33.94 -2.61 0.54
C ALA C 369 34.50 -1.19 0.65
N ALA C 370 33.60 -0.22 0.76
CA ALA C 370 33.95 1.21 0.78
C ALA C 370 34.80 1.64 1.97
N LYS C 371 34.79 0.85 3.04
CA LYS C 371 35.73 1.02 4.14
C LYS C 371 37.14 0.64 3.66
N LEU C 372 37.27 -0.60 3.18
CA LEU C 372 38.49 -1.12 2.56
C LEU C 372 39.09 -0.15 1.53
N LEU C 373 38.25 0.40 0.66
CA LEU C 373 38.69 1.46 -0.26
C LEU C 373 39.44 2.56 0.49
N ASP C 374 38.85 2.98 1.60
CA ASP C 374 39.35 4.11 2.39
C ASP C 374 40.72 3.83 3.01
N GLN C 375 40.85 2.72 3.73
CA GLN C 375 42.11 2.38 4.37
C GLN C 375 43.24 2.33 3.32
N LEU C 376 42.94 1.78 2.15
CA LEU C 376 43.90 1.78 1.06
C LEU C 376 44.37 3.19 0.78
N ALA C 377 43.44 4.15 0.74
CA ALA C 377 43.81 5.54 0.52
C ALA C 377 44.60 6.14 1.68
N SER C 378 44.19 5.88 2.91
CA SER C 378 44.93 6.36 4.08
C SER C 378 46.42 6.11 3.91
N HIS C 379 46.72 4.87 3.55
CA HIS C 379 48.06 4.34 3.44
C HIS C 379 48.77 4.85 2.17
N PHE C 380 48.27 4.44 1.00
CA PHE C 380 49.00 4.62 -0.27
C PHE C 380 48.83 5.97 -0.98
N ILE C 381 47.88 6.81 -0.54
CA ILE C 381 47.67 8.09 -1.24
C ILE C 381 47.82 9.33 -0.37
N GLU C 382 47.22 9.29 0.83
CA GLU C 382 47.08 10.48 1.66
C GLU C 382 48.42 11.06 2.09
N ASN C 383 49.45 10.22 2.14
CA ASN C 383 50.78 10.69 2.52
C ASN C 383 51.73 11.00 1.36
N LYS C 384 51.21 10.92 0.13
CA LYS C 384 52.02 11.11 -1.07
C LYS C 384 52.69 12.48 -1.18
N TYR C 385 52.22 13.46 -0.42
CA TYR C 385 52.79 14.81 -0.47
C TYR C 385 52.78 15.51 0.88
N ASN C 386 53.93 16.03 1.28
CA ASN C 386 54.03 16.80 2.51
C ASN C 386 54.74 18.12 2.23
N ASP C 387 54.83 18.41 0.93
CA ASP C 387 55.48 19.61 0.43
C ASP C 387 54.43 20.65 0.05
N LYS C 388 53.23 20.16 -0.24
CA LYS C 388 52.15 21.01 -0.72
C LYS C 388 50.81 20.36 -0.41
N PRO C 389 49.75 21.17 -0.47
CA PRO C 389 48.40 20.61 -0.55
C PRO C 389 48.20 19.92 -1.91
N PHE C 390 47.43 18.83 -1.90
CA PHE C 390 47.05 18.16 -3.13
C PHE C 390 45.61 17.61 -2.98
N PHE C 391 44.99 17.27 -4.11
CA PHE C 391 43.61 16.78 -4.12
C PHE C 391 43.53 15.29 -4.47
N ILE C 392 43.01 14.46 -3.56
CA ILE C 392 42.52 13.14 -3.97
C ILE C 392 41.20 13.34 -4.78
N VAL C 393 40.97 12.54 -5.80
CA VAL C 393 39.93 12.90 -6.78
C VAL C 393 39.18 11.69 -7.36
N GLU C 394 37.96 11.94 -7.86
CA GLU C 394 37.12 10.94 -8.52
C GLU C 394 36.85 9.68 -7.72
N HIS C 395 36.46 9.83 -6.45
CA HIS C 395 36.07 8.68 -5.62
C HIS C 395 34.91 7.85 -6.19
N PRO C 396 35.03 6.53 -6.04
CA PRO C 396 33.98 5.54 -6.31
C PRO C 396 32.65 6.04 -5.72
N GLN C 397 31.54 5.71 -6.38
CA GLN C 397 30.23 6.09 -5.87
C GLN C 397 29.97 5.29 -4.60
N ILE C 398 30.43 4.04 -4.55
CA ILE C 398 30.23 3.26 -3.34
C ILE C 398 30.72 4.03 -2.09
N MET C 399 31.58 5.01 -2.31
CA MET C 399 32.17 5.82 -1.24
C MET C 399 31.49 7.17 -1.04
N SER C 400 30.80 7.64 -2.08
CA SER C 400 30.28 9.01 -2.11
C SER C 400 28.82 9.06 -2.56
N PRO C 401 27.93 8.37 -1.81
CA PRO C 401 26.55 8.14 -2.25
C PRO C 401 25.64 9.36 -2.30
N LEU C 402 26.18 10.56 -2.07
CA LEU C 402 25.37 11.77 -2.19
C LEU C 402 25.85 12.59 -3.38
N ALA C 403 26.97 12.15 -3.97
CA ALA C 403 27.62 12.84 -5.10
C ALA C 403 27.17 12.32 -6.46
N LYS C 404 26.94 13.27 -7.37
CA LYS C 404 26.60 12.97 -8.75
C LYS C 404 27.58 11.97 -9.38
N TYR C 405 27.05 11.15 -10.30
CA TYR C 405 27.83 10.27 -11.14
C TYR C 405 28.85 11.05 -11.95
N HIS C 406 30.02 10.45 -12.13
CA HIS C 406 31.06 11.01 -13.01
C HIS C 406 30.63 10.94 -14.49
N ARG C 407 30.88 12.00 -15.28
CA ARG C 407 30.41 12.07 -16.69
C ARG C 407 30.70 10.84 -17.59
N THR C 408 31.95 10.36 -17.53
CA THR C 408 32.40 9.22 -18.31
C THR C 408 32.67 7.95 -17.48
N LYS C 409 33.46 8.08 -16.42
CA LYS C 409 34.05 6.90 -15.78
C LYS C 409 33.12 6.17 -14.80
N PRO C 410 32.60 4.99 -15.19
CA PRO C 410 31.65 4.19 -14.41
C PRO C 410 32.12 3.70 -13.03
N GLY C 411 31.25 3.82 -12.05
CA GLY C 411 31.57 3.49 -10.66
C GLY C 411 31.96 4.73 -9.89
N LEU C 412 32.28 5.80 -10.65
CA LEU C 412 33.03 6.98 -10.17
C LEU C 412 32.23 8.29 -10.10
N THR C 413 32.69 9.15 -9.18
CA THR C 413 32.09 10.44 -8.83
C THR C 413 33.02 11.55 -9.26
N GLU C 414 32.60 12.80 -9.12
CA GLU C 414 33.44 13.93 -9.59
C GLU C 414 33.98 14.65 -8.36
N ARG C 415 33.97 13.94 -7.24
CA ARG C 415 34.35 14.52 -5.96
C ARG C 415 35.83 14.92 -5.82
N LEU C 416 36.08 16.05 -5.16
CA LEU C 416 37.44 16.47 -4.77
C LEU C 416 37.57 16.49 -3.24
N GLU C 417 38.74 16.11 -2.74
CA GLU C 417 39.01 16.13 -1.30
C GLU C 417 40.48 16.50 -1.03
N MET C 418 40.73 17.59 -0.30
CA MET C 418 42.08 18.13 -0.18
C MET C 418 42.86 17.77 1.09
N PHE C 419 44.18 17.57 0.97
CA PHE C 419 45.00 17.24 2.14
C PHE C 419 46.21 18.15 2.36
N ILE C 420 46.50 18.44 3.63
CA ILE C 420 47.82 18.92 4.08
C ILE C 420 48.40 17.88 5.05
N CYS C 421 49.60 17.39 4.76
CA CYS C 421 50.25 16.39 5.62
C CYS C 421 49.29 15.29 6.06
N GLY C 422 48.56 14.74 5.09
CA GLY C 422 47.72 13.57 5.33
C GLY C 422 46.66 13.78 6.40
N LYS C 423 46.14 15.01 6.46
CA LYS C 423 45.01 15.36 7.30
C LYS C 423 43.94 15.97 6.38
N GLU C 424 42.73 15.43 6.37
CA GLU C 424 41.71 15.91 5.42
C GLU C 424 41.27 17.36 5.76
N VAL C 425 40.94 18.16 4.74
CA VAL C 425 40.86 19.62 4.94
C VAL C 425 39.68 20.31 4.25
N LEU C 426 39.43 19.91 3.00
CA LEU C 426 38.36 20.44 2.19
C LEU C 426 37.67 19.26 1.58
N ASN C 427 36.34 19.29 1.53
CA ASN C 427 35.60 18.19 0.90
C ASN C 427 34.47 18.65 0.01
N ALA C 428 34.61 18.46 -1.29
CA ALA C 428 33.56 18.93 -2.20
C ALA C 428 33.12 17.93 -3.27
N TYR C 429 31.92 18.16 -3.78
CA TYR C 429 31.34 17.38 -4.88
C TYR C 429 30.01 17.90 -5.32
N THR C 430 29.82 17.85 -6.64
CA THR C 430 28.53 18.10 -7.27
C THR C 430 27.47 17.13 -6.74
N GLU C 431 26.28 17.67 -6.47
CA GLU C 431 25.24 16.93 -5.74
C GLU C 431 24.37 16.03 -6.65
N LEU C 432 24.11 14.80 -6.21
CA LEU C 432 23.23 13.89 -6.94
C LEU C 432 21.75 14.33 -6.89
N ASN C 433 21.32 15.19 -7.82
CA ASN C 433 19.97 15.75 -7.75
C ASN C 433 18.80 14.86 -8.21
N ASP C 434 19.09 13.75 -8.90
CA ASP C 434 18.03 12.88 -9.43
C ASP C 434 17.51 11.96 -8.34
N PRO C 435 16.21 12.11 -8.01
CA PRO C 435 15.70 11.36 -6.85
C PRO C 435 15.80 9.86 -7.08
N PHE C 436 15.73 9.45 -8.35
CA PHE C 436 15.70 8.02 -8.66
C PHE C 436 17.05 7.34 -8.58
N PHE C 463 13.65 15.94 3.14
CA PHE C 463 14.68 16.21 2.13
C PHE C 463 14.59 15.28 0.91
N CYS C 464 14.23 14.02 1.15
CA CYS C 464 13.95 13.15 0.02
C CYS C 464 12.87 13.88 -0.78
N THR C 465 11.97 14.53 -0.06
CA THR C 465 10.92 15.34 -0.66
C THR C 465 11.44 16.61 -1.39
N SER C 466 12.41 17.29 -0.78
CA SER C 466 12.87 18.56 -1.32
C SER C 466 13.55 18.37 -2.67
N LEU C 467 14.17 17.20 -2.82
CA LEU C 467 14.80 16.80 -4.08
C LEU C 467 13.75 16.78 -5.21
N GLU C 468 12.56 16.29 -4.87
CA GLU C 468 11.42 16.18 -5.82
C GLU C 468 10.87 17.51 -6.36
N TYR C 469 11.34 18.65 -5.83
CA TYR C 469 10.85 19.92 -6.35
C TYR C 469 11.84 20.55 -7.33
N GLY C 470 12.99 19.91 -7.47
CA GLY C 470 13.92 20.35 -8.49
C GLY C 470 15.08 21.09 -7.90
N LEU C 471 16.11 20.31 -7.56
CA LEU C 471 17.40 20.81 -7.10
C LEU C 471 18.33 20.97 -8.30
N PRO C 472 18.62 22.23 -8.68
CA PRO C 472 19.45 22.54 -9.86
C PRO C 472 20.82 21.86 -9.74
N PRO C 473 21.55 21.73 -10.86
CA PRO C 473 22.87 21.10 -10.75
C PRO C 473 23.77 21.91 -9.81
N THR C 474 24.48 21.24 -8.90
CA THR C 474 25.03 21.97 -7.76
C THR C 474 26.23 21.35 -7.05
N GLY C 475 27.28 22.16 -6.89
CA GLY C 475 28.42 21.79 -6.06
C GLY C 475 28.28 22.12 -4.58
N GLY C 476 28.55 21.12 -3.73
CA GLY C 476 28.72 21.34 -2.30
C GLY C 476 30.19 21.39 -1.87
N LEU C 477 30.45 21.81 -0.62
CA LEU C 477 31.83 22.06 -0.13
C LEU C 477 31.94 22.22 1.39
N GLY C 478 32.71 21.35 2.03
CA GLY C 478 32.95 21.48 3.47
C GLY C 478 34.41 21.71 3.88
N LEU C 479 34.62 22.74 4.71
CA LEU C 479 35.93 23.01 5.34
C LEU C 479 35.98 22.52 6.79
N GLY C 480 37.18 22.12 7.23
CA GLY C 480 37.42 21.96 8.66
C GLY C 480 38.15 23.22 9.14
N ILE C 481 37.53 24.00 10.01
CA ILE C 481 38.09 25.30 10.35
C ILE C 481 39.26 25.15 11.31
N ASP C 482 39.16 24.18 12.21
CA ASP C 482 40.16 24.00 13.25
C ASP C 482 41.47 23.46 12.70
N ARG C 483 41.39 22.36 11.96
CA ARG C 483 42.57 21.69 11.43
C ARG C 483 43.34 22.70 10.57
N ILE C 484 42.59 23.49 9.80
CA ILE C 484 43.24 24.55 9.03
C ILE C 484 43.99 25.52 9.94
N THR C 485 43.37 25.91 11.06
CA THR C 485 43.99 26.89 11.94
C THR C 485 45.29 26.33 12.49
N MET C 486 45.33 25.03 12.74
CA MET C 486 46.54 24.38 13.24
C MET C 486 47.75 24.51 12.29
N PHE C 487 47.55 24.19 11.01
CA PHE C 487 48.62 24.31 10.02
C PHE C 487 49.10 25.74 9.93
N LEU C 488 48.15 26.66 10.03
CA LEU C 488 48.49 28.08 9.93
C LEU C 488 49.01 28.73 11.24
N THR C 489 48.84 28.03 12.37
CA THR C 489 49.38 28.49 13.64
C THR C 489 50.35 27.47 14.20
N ASN C 490 50.89 26.64 13.31
CA ASN C 490 51.89 25.64 13.67
C ASN C 490 51.54 24.80 14.90
N LYS C 491 50.27 24.40 14.97
CA LYS C 491 49.78 23.67 16.13
C LYS C 491 49.55 22.20 15.79
N ASN C 492 49.62 21.36 16.81
CA ASN C 492 49.62 19.89 16.65
C ASN C 492 48.51 19.28 17.48
N SER C 493 47.85 20.13 18.27
CA SER C 493 46.79 19.66 19.13
C SER C 493 45.67 20.66 19.05
N ILE C 494 44.45 20.14 19.04
CA ILE C 494 43.25 20.95 18.77
C ILE C 494 42.97 21.89 19.96
N LYS C 495 43.43 21.53 21.15
CA LYS C 495 43.26 22.41 22.30
C LYS C 495 44.00 23.74 22.11
N ASP C 496 44.83 23.84 21.08
CA ASP C 496 45.72 25.00 20.98
C ASP C 496 45.17 26.02 20.02
N VAL C 497 43.98 25.72 19.50
CA VAL C 497 43.31 26.59 18.53
C VAL C 497 41.86 26.86 18.94
N ILE C 498 41.43 26.18 19.99
CA ILE C 498 40.10 26.35 20.57
C ILE C 498 40.24 26.96 21.96
N LEU C 499 39.63 28.14 22.18
CA LEU C 499 39.82 28.90 23.44
C LEU C 499 39.48 28.10 24.70
N PHE C 500 38.40 27.34 24.60
CA PHE C 500 37.88 26.64 25.77
C PHE C 500 37.62 25.18 25.41
N PRO C 501 38.70 24.45 25.15
CA PRO C 501 38.59 23.02 24.81
C PRO C 501 37.95 22.31 25.98
N THR C 502 37.14 21.29 25.71
CA THR C 502 36.54 20.56 26.81
C THR C 502 37.59 19.74 27.57
N MET C 503 37.42 19.72 28.88
CA MET C 503 38.35 19.09 29.79
C MET C 503 37.64 18.30 30.89
N ARG C 504 38.11 17.07 31.09
CA ARG C 504 37.86 16.30 32.32
C ARG C 504 38.19 17.15 33.54
N PRO C 505 37.31 17.12 34.56
CA PRO C 505 37.34 18.08 35.68
C PRO C 505 38.32 17.76 36.82
N ALA C 506 38.65 16.48 36.99
CA ALA C 506 39.14 15.95 38.28
C ALA C 506 40.66 15.91 38.50
N ASN C 507 41.34 15.06 37.74
CA ASN C 507 42.72 14.66 38.04
C ASN C 507 43.77 15.69 37.65
N PRO D 4 -3.11 15.46 -8.96
CA PRO D 4 -2.16 15.90 -7.93
C PRO D 4 -1.03 14.90 -7.74
N ARG D 5 -1.28 13.82 -7.00
CA ARG D 5 -0.35 12.70 -7.00
C ARG D 5 -0.33 12.04 -8.40
N LEU D 6 -1.33 12.37 -9.20
CA LEU D 6 -1.35 12.02 -10.62
C LEU D 6 -0.41 12.93 -11.41
N TYR D 7 -0.17 14.13 -10.90
CA TYR D 7 0.76 15.06 -11.56
C TYR D 7 2.19 14.57 -11.39
N PHE D 8 2.49 14.12 -10.17
CA PHE D 8 3.76 13.49 -9.85
C PHE D 8 3.91 12.23 -10.70
N GLU D 9 3.02 11.27 -10.50
CA GLU D 9 3.09 10.00 -11.22
C GLU D 9 3.32 10.14 -12.72
N ASN D 10 2.87 11.25 -13.31
CA ASN D 10 3.12 11.47 -14.72
C ASN D 10 4.49 12.05 -15.00
N ARG D 11 4.77 13.23 -14.42
CA ARG D 11 6.11 13.83 -14.48
C ARG D 11 7.26 12.80 -14.33
N SER D 12 7.22 11.97 -13.28
CA SER D 12 8.18 10.87 -13.13
C SER D 12 8.38 10.15 -14.47
N LYS D 13 7.32 9.46 -14.92
CA LYS D 13 7.27 8.77 -16.22
C LYS D 13 7.88 9.62 -17.34
N PHE D 14 7.48 10.88 -17.39
CA PHE D 14 7.93 11.79 -18.44
C PHE D 14 9.45 11.83 -18.52
N ILE D 15 10.08 11.78 -17.35
CA ILE D 15 11.53 11.71 -17.24
C ILE D 15 12.06 10.40 -17.82
N GLN D 16 11.65 9.29 -17.22
CA GLN D 16 12.12 7.98 -17.67
C GLN D 16 12.07 7.87 -19.19
N ASP D 17 11.06 8.48 -19.80
CA ASP D 17 10.87 8.39 -21.25
C ASP D 17 11.81 9.31 -22.03
N GLN D 18 12.27 10.39 -21.40
CA GLN D 18 13.29 11.25 -22.01
C GLN D 18 14.68 10.63 -21.87
N LYS D 19 14.84 9.76 -20.86
CA LYS D 19 16.08 9.04 -20.70
C LYS D 19 16.17 8.05 -21.87
N ASP D 20 15.14 7.23 -21.99
CA ASP D 20 15.02 6.28 -23.10
C ASP D 20 15.11 6.96 -24.47
N LYS D 21 14.35 8.05 -24.62
CA LYS D 21 14.35 8.86 -25.84
C LYS D 21 15.75 9.41 -26.21
N GLY D 22 16.67 9.42 -25.25
CA GLY D 22 18.03 9.90 -25.51
C GLY D 22 18.41 11.24 -24.91
N ILE D 23 17.64 11.68 -23.92
CA ILE D 23 17.94 12.94 -23.24
C ILE D 23 18.18 12.74 -21.75
N ASN D 24 19.18 13.43 -21.22
CA ASN D 24 19.37 13.48 -19.77
C ASN D 24 18.65 14.73 -19.27
N PRO D 25 17.57 14.52 -18.50
CA PRO D 25 16.75 15.60 -17.96
C PRO D 25 17.48 16.24 -16.77
N TYR D 26 18.59 15.62 -16.35
CA TYR D 26 19.47 16.15 -15.30
C TYR D 26 20.91 16.32 -15.76
N PRO D 27 21.14 17.21 -16.75
CA PRO D 27 22.48 17.38 -17.32
C PRO D 27 23.56 17.81 -16.32
N HIS D 28 24.80 17.42 -16.59
CA HIS D 28 25.90 17.74 -15.68
C HIS D 28 26.20 19.23 -15.59
N LYS D 29 26.51 19.87 -16.72
CA LYS D 29 26.89 21.27 -16.65
C LYS D 29 26.39 22.11 -17.83
N PHE D 30 25.51 23.07 -17.52
CA PHE D 30 25.23 24.17 -18.42
C PHE D 30 26.10 25.32 -17.93
N GLU D 31 26.57 26.16 -18.84
CA GLU D 31 27.55 27.17 -18.49
C GLU D 31 26.97 28.57 -18.65
N ARG D 32 26.53 29.18 -17.54
CA ARG D 32 25.90 30.50 -17.63
C ARG D 32 26.90 31.57 -18.11
N THR D 33 26.40 32.56 -18.83
CA THR D 33 27.18 33.73 -19.22
C THR D 33 26.83 34.96 -18.35
N ILE D 34 25.56 35.03 -17.94
CA ILE D 34 25.07 36.17 -17.18
C ILE D 34 24.02 35.70 -16.17
N SER D 35 23.80 36.49 -15.13
CA SER D 35 22.78 36.21 -14.10
C SER D 35 21.59 37.14 -14.31
N ILE D 36 20.47 36.83 -13.66
CA ILE D 36 19.26 37.56 -13.96
C ILE D 36 19.35 39.03 -13.54
N PRO D 37 19.88 39.27 -12.33
CA PRO D 37 19.98 40.67 -11.87
C PRO D 37 21.00 41.49 -12.69
N GLU D 38 22.08 40.85 -13.15
CA GLU D 38 23.02 41.48 -14.09
C GLU D 38 22.35 41.75 -15.45
N PHE D 39 21.55 40.78 -15.88
CA PHE D 39 20.77 40.93 -17.11
C PHE D 39 19.87 42.19 -17.10
N ILE D 40 18.87 42.17 -16.24
CA ILE D 40 18.03 43.35 -16.03
C ILE D 40 18.86 44.63 -15.94
N GLU D 41 19.72 44.70 -14.93
CA GLU D 41 20.51 45.90 -14.67
C GLU D 41 21.22 46.43 -15.91
N LYS D 42 21.76 45.50 -16.71
CA LYS D 42 22.48 45.87 -17.93
C LYS D 42 21.53 46.40 -19.01
N TYR D 43 20.42 45.68 -19.23
CA TYR D 43 19.56 45.84 -20.41
C TYR D 43 18.28 46.66 -20.20
N LYS D 44 18.09 47.18 -19.00
CA LYS D 44 16.83 47.85 -18.67
C LYS D 44 16.64 49.20 -19.35
N ASP D 45 17.69 49.77 -19.94
CA ASP D 45 17.56 51.06 -20.63
C ASP D 45 17.19 50.91 -22.10
N LEU D 46 17.27 49.68 -22.60
CA LEU D 46 16.89 49.31 -23.96
C LEU D 46 15.55 49.92 -24.43
N GLY D 47 15.40 50.08 -25.75
CA GLY D 47 14.17 50.61 -26.31
C GLY D 47 13.04 49.61 -26.31
N ASN D 48 11.79 50.08 -26.21
CA ASN D 48 10.66 49.18 -26.47
C ASN D 48 10.71 48.76 -27.94
N GLY D 49 10.51 47.48 -28.21
CA GLY D 49 10.83 46.96 -29.53
C GLY D 49 12.28 46.50 -29.68
N GLU D 50 13.22 47.29 -29.11
CA GLU D 50 14.65 47.04 -29.31
C GLU D 50 15.06 45.57 -29.17
N HIS D 51 16.18 45.24 -29.80
CA HIS D 51 16.49 43.88 -30.25
C HIS D 51 17.97 43.76 -30.60
N LEU D 52 18.73 43.09 -29.74
CA LEU D 52 20.16 42.85 -30.02
C LEU D 52 20.40 41.35 -30.33
N GLU D 53 20.41 41.01 -31.63
CA GLU D 53 20.48 39.61 -32.07
C GLU D 53 21.87 39.09 -32.44
N ASP D 54 22.89 39.93 -32.25
CA ASP D 54 24.30 39.53 -32.38
C ASP D 54 24.76 38.79 -31.13
N THR D 55 24.70 39.53 -30.01
CA THR D 55 24.80 38.96 -28.66
C THR D 55 24.22 37.54 -28.56
N ILE D 56 25.05 36.60 -28.15
CA ILE D 56 24.53 35.36 -27.61
C ILE D 56 24.84 35.38 -26.10
N LEU D 57 23.85 35.08 -25.28
CA LEU D 57 24.06 34.96 -23.85
C LEU D 57 23.67 33.55 -23.43
N ASN D 58 24.33 33.02 -22.40
CA ASN D 58 23.82 31.80 -21.79
C ASN D 58 23.21 32.12 -20.44
N ILE D 59 22.04 31.56 -20.15
CA ILE D 59 21.35 31.92 -18.91
C ILE D 59 20.64 30.72 -18.30
N THR D 60 20.20 30.88 -17.05
CA THR D 60 19.41 29.83 -16.38
C THR D 60 18.33 30.46 -15.49
N GLY D 61 17.51 29.58 -14.89
CA GLY D 61 16.46 30.07 -14.01
C GLY D 61 15.38 29.06 -13.68
N ARG D 62 14.34 29.52 -12.96
CA ARG D 62 13.14 28.69 -12.83
C ARG D 62 12.01 29.23 -13.67
N ILE D 63 11.35 28.32 -14.40
CA ILE D 63 10.09 28.66 -15.04
C ILE D 63 9.03 28.80 -13.94
N MET D 64 8.35 29.94 -13.93
CA MET D 64 7.28 30.14 -12.94
C MET D 64 5.89 30.40 -13.58
N ARG D 65 5.87 30.91 -14.82
CA ARG D 65 4.62 31.08 -15.57
C ARG D 65 4.79 30.69 -17.04
N VAL D 66 3.86 29.86 -17.55
CA VAL D 66 3.89 29.39 -18.94
C VAL D 66 2.58 29.62 -19.73
N SER D 67 2.64 30.47 -20.76
CA SER D 67 1.52 30.68 -21.70
C SER D 67 1.94 30.46 -23.15
N ALA D 68 1.07 29.82 -23.92
CA ALA D 68 1.24 29.70 -25.37
C ALA D 68 0.50 30.82 -26.11
N SER D 69 0.62 30.82 -27.44
CA SER D 69 -0.10 31.77 -28.28
C SER D 69 0.00 31.37 -29.76
N GLY D 70 -0.62 30.25 -30.11
CA GLY D 70 -0.60 29.75 -31.48
C GLY D 70 0.57 28.85 -31.83
N GLN D 71 1.50 28.67 -30.89
CA GLN D 71 2.63 27.75 -31.06
C GLN D 71 3.66 28.16 -32.12
N LYS D 72 3.61 29.40 -32.55
CA LYS D 72 4.79 30.03 -33.14
C LYS D 72 5.47 30.67 -31.94
N LEU D 73 4.68 31.36 -31.14
CA LEU D 73 5.18 32.02 -29.95
C LEU D 73 5.03 31.14 -28.71
N ARG D 74 5.88 31.44 -27.74
CA ARG D 74 5.79 30.83 -26.42
C ARG D 74 6.18 31.89 -25.40
N PHE D 75 5.66 31.77 -24.18
CA PHE D 75 5.92 32.79 -23.18
C PHE D 75 6.25 32.07 -21.86
N PHE D 76 6.93 32.76 -20.95
CA PHE D 76 7.45 32.13 -19.73
C PHE D 76 7.91 33.15 -18.70
N ASP D 77 7.76 32.80 -17.43
CA ASP D 77 8.43 33.57 -16.38
C ASP D 77 9.71 32.86 -15.87
N LEU D 78 10.82 33.61 -15.90
CA LEU D 78 12.09 33.09 -15.36
C LEU D 78 12.48 33.85 -14.08
N VAL D 79 12.62 33.10 -12.99
CA VAL D 79 13.21 33.67 -11.76
C VAL D 79 14.60 33.13 -11.38
N GLY D 80 15.50 34.10 -11.14
CA GLY D 80 16.80 33.87 -10.53
C GLY D 80 17.14 34.93 -9.50
N ASP D 81 17.64 34.47 -8.36
CA ASP D 81 18.13 35.33 -7.30
C ASP D 81 17.12 36.43 -6.94
N GLY D 82 15.86 36.03 -6.80
CA GLY D 82 14.77 36.96 -6.47
C GLY D 82 14.35 38.01 -7.52
N GLU D 83 14.67 37.77 -8.79
CA GLU D 83 14.27 38.70 -9.84
C GLU D 83 13.70 38.00 -11.08
N LYS D 84 13.03 38.77 -11.93
CA LYS D 84 12.24 38.16 -12.98
C LYS D 84 12.51 38.74 -14.36
N ILE D 85 12.58 37.86 -15.36
CA ILE D 85 12.53 38.30 -16.75
C ILE D 85 11.59 37.45 -17.58
N GLN D 86 11.23 37.99 -18.74
CA GLN D 86 10.34 37.30 -19.66
C GLN D 86 11.10 36.53 -20.76
N VAL D 87 10.95 35.20 -20.76
CA VAL D 87 11.35 34.39 -21.93
C VAL D 87 10.31 34.56 -23.07
N LEU D 88 10.78 34.71 -24.30
CA LEU D 88 9.92 34.87 -25.49
C LEU D 88 10.37 33.93 -26.63
N ALA D 89 10.00 32.65 -26.58
CA ALA D 89 10.41 31.69 -27.60
C ALA D 89 9.74 31.97 -28.97
N ASN D 90 10.54 32.24 -30.00
CA ASN D 90 10.00 32.58 -31.33
C ASN D 90 10.42 31.61 -32.46
N TYR D 91 9.44 31.01 -33.14
CA TYR D 91 9.71 30.03 -34.21
C TYR D 91 10.75 30.54 -35.22
N SER D 92 10.71 31.83 -35.49
CA SER D 92 11.66 32.45 -36.41
C SER D 92 13.08 32.45 -35.83
N PHE D 93 13.22 31.97 -34.59
CA PHE D 93 14.51 31.96 -33.90
C PHE D 93 15.00 30.55 -33.52
N HIS D 94 14.07 29.63 -33.22
CA HIS D 94 14.48 28.29 -32.73
C HIS D 94 15.44 27.61 -33.69
N ASN D 95 16.37 26.84 -33.13
CA ASN D 95 17.31 26.05 -33.91
C ASN D 95 16.80 24.61 -34.07
N HIS D 96 16.07 24.39 -35.15
CA HIS D 96 15.21 23.22 -35.33
C HIS D 96 15.91 21.85 -35.46
N GLU D 97 17.22 21.86 -35.64
CA GLU D 97 17.99 20.60 -35.71
C GLU D 97 18.13 19.98 -34.32
N LYS D 98 18.24 20.84 -33.31
CA LYS D 98 18.14 20.40 -31.93
C LYS D 98 16.88 19.56 -31.72
N GLY D 99 15.72 20.17 -31.94
CA GLY D 99 14.46 19.48 -31.77
C GLY D 99 13.21 20.29 -32.10
N ASN D 100 12.06 19.64 -31.87
CA ASN D 100 10.77 20.19 -32.23
C ASN D 100 10.34 21.38 -31.36
N PHE D 101 10.23 22.57 -31.98
CA PHE D 101 9.76 23.80 -31.33
C PHE D 101 8.50 23.57 -30.51
N ALA D 102 7.61 22.71 -30.99
CA ALA D 102 6.46 22.34 -30.20
C ALA D 102 6.95 21.36 -29.14
N GLU D 103 7.49 20.23 -29.58
CA GLU D 103 7.88 19.20 -28.64
C GLU D 103 8.82 19.69 -27.54
N CYS D 104 9.70 20.65 -27.86
CA CYS D 104 10.60 21.24 -26.86
C CYS D 104 9.80 21.88 -25.72
N TYR D 105 9.06 22.91 -26.07
CA TYR D 105 8.32 23.75 -25.13
C TYR D 105 7.06 23.11 -24.52
N ASP D 106 6.82 21.82 -24.82
CA ASP D 106 5.60 21.17 -24.35
C ASP D 106 5.84 20.29 -23.12
N LYS D 107 7.11 20.11 -22.79
CA LYS D 107 7.47 19.32 -21.63
C LYS D 107 7.59 20.26 -20.42
N ILE D 108 7.98 21.50 -20.72
CA ILE D 108 8.20 22.54 -19.71
C ILE D 108 7.00 22.76 -18.79
N ARG D 109 7.16 22.41 -17.52
CA ARG D 109 6.15 22.71 -16.51
C ARG D 109 6.58 23.88 -15.59
N ARG D 110 5.78 24.12 -14.57
CA ARG D 110 6.02 25.24 -13.69
C ARG D 110 7.00 24.79 -12.62
N GLY D 111 8.03 25.61 -12.38
CA GLY D 111 9.04 25.31 -11.38
C GLY D 111 10.12 24.40 -11.93
N ASP D 112 10.25 24.41 -13.26
CA ASP D 112 11.29 23.66 -13.94
C ASP D 112 12.55 24.54 -13.95
N ILE D 113 13.74 23.95 -13.74
CA ILE D 113 14.98 24.70 -13.96
C ILE D 113 15.57 24.40 -15.37
N VAL D 114 15.85 25.47 -16.12
CA VAL D 114 16.27 25.34 -17.52
C VAL D 114 17.47 26.22 -17.88
N GLY D 115 18.24 25.77 -18.89
CA GLY D 115 19.26 26.61 -19.51
C GLY D 115 18.69 27.25 -20.78
N ILE D 116 19.11 28.50 -21.05
CA ILE D 116 18.59 29.24 -22.21
C ILE D 116 19.70 29.91 -23.02
N VAL D 117 19.79 29.55 -24.31
CA VAL D 117 20.76 30.19 -25.22
C VAL D 117 20.03 31.11 -26.22
N GLY D 118 20.38 32.39 -26.22
CA GLY D 118 19.74 33.32 -27.13
C GLY D 118 20.11 34.74 -26.77
N PHE D 119 19.38 35.70 -27.35
CA PHE D 119 19.77 37.11 -27.32
C PHE D 119 18.71 37.99 -26.57
N PRO D 120 19.18 39.06 -25.90
CA PRO D 120 18.38 39.95 -25.04
C PRO D 120 17.43 40.85 -25.87
N GLY D 121 16.40 41.48 -25.29
CA GLY D 121 15.44 42.31 -26.04
C GLY D 121 14.16 42.68 -25.29
N LYS D 122 13.73 43.94 -25.43
CA LYS D 122 12.39 44.35 -24.99
C LYS D 122 11.40 44.15 -26.13
N SER D 123 10.17 43.76 -25.80
CA SER D 123 9.12 43.56 -26.79
C SER D 123 8.68 44.91 -27.34
N LYS D 124 7.66 44.91 -28.19
CA LYS D 124 7.07 46.17 -28.64
C LYS D 124 6.35 46.87 -27.48
N LYS D 125 6.04 46.08 -26.45
CA LYS D 125 5.39 46.60 -25.24
C LYS D 125 6.41 47.11 -24.21
N GLY D 126 7.70 46.88 -24.48
CA GLY D 126 8.75 47.35 -23.59
C GLY D 126 9.04 46.40 -22.45
N GLU D 127 8.69 45.13 -22.64
CA GLU D 127 8.87 44.08 -21.63
C GLU D 127 10.21 43.35 -21.79
N LEU D 128 11.02 43.30 -20.73
CA LEU D 128 12.39 42.78 -20.85
C LEU D 128 12.42 41.26 -21.02
N SER D 129 13.05 40.80 -22.10
CA SER D 129 12.95 39.40 -22.49
C SER D 129 14.24 38.77 -23.01
N ILE D 130 14.34 37.46 -22.86
CA ILE D 130 15.39 36.67 -23.49
C ILE D 130 14.74 35.86 -24.62
N PHE D 131 15.39 35.79 -25.79
CA PHE D 131 14.85 35.01 -26.90
C PHE D 131 15.65 33.71 -27.16
N PRO D 132 15.17 32.58 -26.60
CA PRO D 132 15.89 31.28 -26.71
C PRO D 132 15.86 30.64 -28.11
N LYS D 133 17.05 30.36 -28.64
CA LYS D 133 17.18 29.55 -29.86
C LYS D 133 17.23 28.09 -29.43
N GLU D 134 17.54 27.89 -28.16
CA GLU D 134 17.57 26.56 -27.57
C GLU D 134 17.31 26.65 -26.08
N THR D 135 16.72 25.59 -25.54
CA THR D 135 16.27 25.57 -24.16
C THR D 135 16.24 24.12 -23.67
N ILE D 136 16.99 23.86 -22.59
CA ILE D 136 17.22 22.49 -22.14
C ILE D 136 16.83 22.33 -20.65
N LEU D 137 16.30 21.16 -20.29
CA LEU D 137 15.80 20.94 -18.93
C LEU D 137 16.88 20.50 -17.94
N LEU D 138 17.40 21.47 -17.18
CA LEU D 138 18.43 21.22 -16.17
C LEU D 138 17.90 20.37 -14.99
N SER D 139 16.81 20.81 -14.36
CA SER D 139 16.21 20.04 -13.25
C SER D 139 14.69 20.26 -13.21
N ALA D 140 13.92 19.19 -12.98
CA ALA D 140 12.47 19.33 -13.17
C ALA D 140 11.60 19.29 -11.91
N CYS D 141 10.69 20.26 -11.83
CA CYS D 141 9.71 20.31 -10.74
C CYS D 141 8.73 19.11 -10.84
N LEU D 142 9.01 18.07 -10.07
CA LEU D 142 8.22 16.83 -10.15
C LEU D 142 6.92 16.90 -9.39
N HIS D 143 6.68 18.03 -8.73
CA HIS D 143 5.45 18.26 -7.96
C HIS D 143 4.75 19.47 -8.55
N MET D 144 3.46 19.55 -8.26
CA MET D 144 2.63 20.69 -8.66
C MET D 144 2.96 21.91 -7.78
N LEU D 145 3.68 22.90 -8.34
CA LEU D 145 4.06 24.13 -7.62
C LEU D 145 2.87 25.09 -7.39
N PRO D 146 2.37 25.18 -6.15
CA PRO D 146 1.25 26.09 -5.83
C PRO D 146 1.62 27.58 -5.96
N MET D 147 0.67 28.49 -5.76
CA MET D 147 0.98 29.92 -5.75
C MET D 147 0.52 30.63 -4.47
N LYS D 148 0.81 31.92 -4.39
CA LYS D 148 0.26 32.76 -3.31
C LYS D 148 -1.24 32.47 -3.15
N TYR D 149 -1.75 32.67 -1.93
CA TYR D 149 -3.05 32.13 -1.51
C TYR D 149 -2.82 30.66 -1.12
N GLY D 150 -2.06 29.96 -1.98
CA GLY D 150 -1.63 28.60 -1.72
C GLY D 150 -0.93 28.53 -0.39
N LEU D 151 -0.04 29.50 -0.12
CA LEU D 151 0.53 29.64 1.23
C LEU D 151 0.53 31.11 1.58
N LYS D 152 0.54 31.41 2.88
CA LYS D 152 -0.13 32.60 3.37
C LYS D 152 -1.61 32.25 3.26
N ASP D 153 -2.14 31.56 4.26
CA ASP D 153 -1.34 31.14 5.40
C ASP D 153 -1.36 29.61 5.59
N THR D 154 -0.23 29.04 6.00
CA THR D 154 -0.17 27.62 6.35
C THR D 154 1.10 27.27 7.11
N GLU D 155 1.09 26.10 7.74
CA GLU D 155 2.19 25.61 8.58
C GLU D 155 3.36 25.13 7.70
N ILE D 156 3.18 25.22 6.40
CA ILE D 156 4.17 24.69 5.47
C ILE D 156 5.05 25.80 4.94
N ARG D 157 4.78 27.03 5.36
CA ARG D 157 5.77 28.09 5.17
C ARG D 157 6.99 27.75 6.03
N TYR D 158 6.74 26.99 7.09
CA TYR D 158 7.81 26.64 8.01
C TYR D 158 8.41 25.30 7.64
N ARG D 159 7.56 24.29 7.47
CA ARG D 159 8.03 22.91 7.30
C ARG D 159 8.66 22.61 5.94
N GLN D 160 8.59 23.57 5.02
CA GLN D 160 9.18 23.46 3.69
C GLN D 160 9.52 24.85 3.16
N ARG D 161 10.49 25.49 3.82
CA ARG D 161 10.77 26.91 3.63
C ARG D 161 11.08 27.23 2.17
N TYR D 162 11.59 26.23 1.45
CA TYR D 162 11.96 26.44 0.05
C TYR D 162 10.77 26.86 -0.82
N LEU D 163 9.61 26.29 -0.53
CA LEU D 163 8.40 26.70 -1.24
C LEU D 163 8.12 28.18 -0.96
N ASP D 164 8.01 28.50 0.33
CA ASP D 164 7.83 29.87 0.81
C ASP D 164 8.85 30.80 0.14
N LEU D 165 10.09 30.33 0.09
CA LEU D 165 11.20 31.09 -0.50
C LEU D 165 10.98 31.38 -2.00
N LEU D 166 10.47 30.37 -2.71
CA LEU D 166 10.21 30.47 -4.15
C LEU D 166 8.95 31.28 -4.53
N ILE D 167 7.87 31.01 -3.81
CA ILE D 167 6.57 31.61 -4.05
C ILE D 167 6.43 33.05 -3.52
N ASN D 168 6.79 33.26 -2.25
CA ASN D 168 6.58 34.56 -1.60
C ASN D 168 7.75 35.54 -1.71
N GLU D 169 7.63 36.50 -2.62
CA GLU D 169 8.68 37.50 -2.87
C GLU D 169 9.09 38.19 -1.57
N SER D 170 8.12 38.34 -0.69
CA SER D 170 8.32 39.02 0.59
C SER D 170 9.17 38.20 1.56
N SER D 171 8.95 36.88 1.66
CA SER D 171 9.75 36.06 2.58
C SER D 171 11.29 36.13 2.31
N ARG D 172 11.66 35.99 1.05
CA ARG D 172 13.06 36.14 0.66
C ARG D 172 13.61 37.51 1.07
N HIS D 173 12.74 38.50 1.10
CA HIS D 173 13.22 39.83 1.42
C HIS D 173 13.57 39.85 2.91
N THR D 174 12.81 39.07 3.67
CA THR D 174 12.90 39.08 5.10
C THR D 174 14.32 38.65 5.44
N PHE D 175 14.62 37.40 5.08
CA PHE D 175 15.87 36.72 5.38
C PHE D 175 17.15 37.39 4.84
N VAL D 176 17.03 38.03 3.68
CA VAL D 176 18.08 38.92 3.22
C VAL D 176 18.34 39.96 4.31
N THR D 177 17.27 40.63 4.70
CA THR D 177 17.32 41.66 5.71
C THR D 177 18.01 41.17 6.99
N ARG D 178 17.56 40.04 7.55
CA ARG D 178 18.23 39.44 8.73
C ARG D 178 19.74 39.43 8.53
N THR D 179 20.18 38.74 7.48
CA THR D 179 21.60 38.72 7.13
C THR D 179 22.23 40.12 7.05
N LYS D 180 21.59 41.03 6.31
CA LYS D 180 22.04 42.43 6.21
C LYS D 180 22.23 43.07 7.60
N ILE D 181 21.36 42.71 8.54
CA ILE D 181 21.41 43.20 9.92
C ILE D 181 22.62 42.63 10.66
N ILE D 182 22.80 41.31 10.58
CA ILE D 182 23.97 40.70 11.19
C ILE D 182 25.27 41.25 10.60
N ASN D 183 25.44 41.24 9.28
CA ASN D 183 26.64 41.88 8.77
C ASN D 183 26.84 43.26 9.36
N PHE D 184 25.80 44.09 9.34
CA PHE D 184 25.98 45.46 9.81
C PHE D 184 26.46 45.47 11.26
N LEU D 185 25.93 44.56 12.07
CA LEU D 185 26.41 44.40 13.45
C LEU D 185 27.90 43.99 13.53
N ARG D 186 28.26 42.92 12.85
CA ARG D 186 29.67 42.48 12.77
C ARG D 186 30.68 43.60 12.44
N ASN D 187 30.33 44.47 11.48
CA ASN D 187 31.22 45.54 10.99
C ASN D 187 31.29 46.74 11.94
N PHE D 188 30.14 47.08 12.53
CA PHE D 188 30.01 48.17 13.49
C PHE D 188 30.94 47.90 14.65
N LEU D 189 30.83 46.69 15.19
CA LEU D 189 31.80 46.17 16.14
C LEU D 189 33.23 46.20 15.57
N ASN D 190 33.47 45.48 14.47
CA ASN D 190 34.83 45.36 13.91
C ASN D 190 35.51 46.71 13.64
N GLU D 191 34.75 47.69 13.17
CA GLU D 191 35.32 49.00 12.88
C GLU D 191 35.64 49.77 14.18
N ARG D 192 34.98 49.37 15.27
CA ARG D 192 35.25 49.94 16.60
C ARG D 192 36.25 49.10 17.39
N GLY D 193 37.01 48.26 16.70
CA GLY D 193 38.09 47.53 17.33
C GLY D 193 37.78 46.17 17.94
N PHE D 194 36.51 45.80 18.01
CA PHE D 194 36.14 44.56 18.67
C PHE D 194 36.68 43.32 17.98
N PHE D 195 36.83 42.24 18.75
CA PHE D 195 37.49 41.03 18.32
C PHE D 195 36.58 39.80 18.56
N GLU D 196 36.10 39.18 17.47
CA GLU D 196 35.16 38.06 17.56
C GLU D 196 35.88 36.78 18.03
N VAL D 197 35.18 35.94 18.78
CA VAL D 197 35.71 34.69 19.34
C VAL D 197 34.58 33.73 19.56
N GLU D 198 34.92 32.44 19.67
CA GLU D 198 33.91 31.45 19.93
C GLU D 198 34.09 30.79 21.26
N THR D 199 33.02 30.74 22.04
CA THR D 199 33.07 30.05 23.31
C THR D 199 32.43 28.72 23.06
N PRO D 200 32.40 27.86 24.08
CA PRO D 200 31.75 26.55 23.91
C PRO D 200 30.23 26.67 23.99
N MET D 201 29.56 25.72 23.35
CA MET D 201 28.10 25.66 23.42
C MET D 201 27.66 24.65 24.46
N MET D 202 28.50 23.67 24.71
CA MET D 202 28.24 22.70 25.77
C MET D 202 29.21 22.91 26.95
N ASN D 203 28.65 22.95 28.15
CA ASN D 203 29.43 23.09 29.38
C ASN D 203 28.92 22.20 30.50
N LEU D 204 29.21 22.65 31.72
CA LEU D 204 28.67 22.02 32.91
C LEU D 204 28.24 23.08 33.92
N ILE D 205 27.06 23.68 33.70
CA ILE D 205 26.41 24.42 34.77
C ILE D 205 25.46 23.53 35.58
N PRO D 213 17.51 24.67 30.83
CA PRO D 213 18.65 23.72 30.83
C PRO D 213 18.43 22.53 29.88
N PHE D 214 19.24 22.47 28.83
CA PHE D 214 19.20 21.38 27.85
C PHE D 214 20.31 20.37 28.16
N ILE D 215 19.96 19.16 28.59
CA ILE D 215 20.96 18.19 28.98
C ILE D 215 21.24 17.10 27.94
N THR D 216 22.51 17.01 27.50
CA THR D 216 22.98 15.98 26.58
C THR D 216 24.08 15.17 27.25
N HIS D 217 24.08 13.86 27.03
CA HIS D 217 25.03 12.99 27.73
C HIS D 217 26.23 12.65 26.87
N HIS D 218 27.41 12.68 27.48
CA HIS D 218 28.63 12.39 26.74
C HIS D 218 29.11 10.95 26.98
N ASN D 219 28.79 10.09 26.02
CA ASN D 219 29.10 8.66 26.10
C ASN D 219 30.47 8.38 26.72
N ASP D 220 31.52 8.91 26.10
CA ASP D 220 32.88 8.57 26.51
C ASP D 220 33.18 8.95 27.96
N LEU D 221 32.90 10.20 28.33
CA LEU D 221 33.21 10.68 29.67
C LEU D 221 32.25 10.19 30.74
N ASP D 222 31.17 9.52 30.32
CA ASP D 222 30.12 9.16 31.27
C ASP D 222 29.78 10.41 32.10
N LEU D 223 29.56 11.52 31.42
CA LEU D 223 29.19 12.75 32.11
C LEU D 223 28.11 13.49 31.35
N ASP D 224 27.41 14.38 32.06
CA ASP D 224 26.36 15.18 31.45
C ASP D 224 26.87 16.57 31.10
N LEU D 225 26.43 17.05 29.92
CA LEU D 225 26.80 18.37 29.40
C LEU D 225 25.58 19.28 29.32
N TYR D 226 25.79 20.58 29.50
CA TYR D 226 24.66 21.52 29.50
C TYR D 226 24.81 22.57 28.40
N LEU D 227 23.79 22.68 27.55
CA LEU D 227 23.76 23.66 26.46
C LEU D 227 23.62 25.08 27.00
N ARG D 228 24.54 25.95 26.58
CA ARG D 228 24.69 27.27 27.18
C ARG D 228 23.43 28.15 27.07
N ILE D 229 23.23 28.96 28.10
CA ILE D 229 22.11 29.88 28.15
C ILE D 229 22.61 31.31 27.78
N ALA D 230 23.91 31.52 27.96
CA ALA D 230 24.60 32.75 27.58
C ALA D 230 26.10 32.50 27.45
N THR D 231 26.82 33.54 27.09
CA THR D 231 28.22 33.44 26.73
C THR D 231 29.01 34.39 27.62
N GLU D 232 28.34 34.94 28.62
CA GLU D 232 28.90 36.04 29.38
C GLU D 232 30.23 35.63 30.07
N LEU D 233 30.21 34.52 30.79
CA LEU D 233 31.34 34.16 31.62
C LEU D 233 32.63 34.00 30.81
N PRO D 234 32.67 33.06 29.85
CA PRO D 234 33.94 32.93 29.14
C PRO D 234 34.37 34.24 28.47
N LEU D 235 33.42 35.07 28.04
CA LEU D 235 33.79 36.36 27.49
C LEU D 235 34.51 37.21 28.54
N LYS D 236 33.96 37.17 29.76
CA LYS D 236 34.48 37.99 30.84
C LYS D 236 35.88 37.53 31.23
N MET D 237 36.12 36.23 31.10
CA MET D 237 37.41 35.64 31.40
C MET D 237 38.44 36.14 30.40
N LEU D 238 38.12 36.03 29.11
CA LEU D 238 38.89 36.66 28.04
C LEU D 238 39.36 38.11 28.34
N ILE D 239 38.48 38.91 28.96
CA ILE D 239 38.79 40.31 29.28
C ILE D 239 39.90 40.36 30.31
N VAL D 240 39.85 39.45 31.28
CA VAL D 240 40.96 39.29 32.19
C VAL D 240 42.20 38.91 31.37
N GLY D 241 42.00 38.06 30.37
CA GLY D 241 43.08 37.57 29.55
C GLY D 241 43.72 38.66 28.70
N GLY D 242 43.14 39.86 28.77
CA GLY D 242 43.71 40.98 28.05
C GLY D 242 43.25 41.18 26.63
N ILE D 243 42.17 40.51 26.22
CA ILE D 243 41.40 40.95 25.06
C ILE D 243 40.44 42.04 25.50
N ASP D 244 40.74 43.31 25.19
CA ASP D 244 39.96 44.39 25.79
C ASP D 244 38.50 44.56 25.27
N LYS D 245 38.32 44.59 23.94
CA LYS D 245 37.00 44.62 23.34
C LYS D 245 36.72 43.28 22.65
N VAL D 246 35.78 42.54 23.21
CA VAL D 246 35.55 41.17 22.77
C VAL D 246 34.06 40.93 22.60
N TYR D 247 33.65 40.26 21.52
CA TYR D 247 32.25 39.83 21.35
C TYR D 247 32.05 38.42 20.80
N GLU D 248 30.88 37.85 21.09
CA GLU D 248 30.43 36.67 20.41
C GLU D 248 29.03 36.93 19.75
N ILE D 249 28.87 36.52 18.51
CA ILE D 249 27.55 36.43 17.88
C ILE D 249 27.25 34.96 17.64
N GLY D 250 26.42 34.33 18.47
CA GLY D 250 25.99 32.98 18.16
C GLY D 250 24.70 32.50 18.81
N LYS D 251 24.57 31.19 18.93
CA LYS D 251 23.31 30.59 19.33
C LYS D 251 23.25 30.36 20.83
N VAL D 252 22.12 30.69 21.44
CA VAL D 252 21.84 30.28 22.81
C VAL D 252 20.51 29.49 22.85
N PHE D 253 20.24 28.83 23.98
CA PHE D 253 19.17 27.82 24.08
C PHE D 253 18.40 27.81 25.37
N ARG D 254 17.10 27.63 25.24
CA ARG D 254 16.29 27.33 26.41
C ARG D 254 15.39 26.13 26.17
N ASN D 255 15.32 25.28 27.18
CA ASN D 255 14.37 24.19 27.17
C ASN D 255 13.14 24.68 27.89
N GLU D 256 12.21 25.22 27.11
CA GLU D 256 10.94 25.72 27.61
C GLU D 256 9.96 25.54 26.45
N GLY D 257 8.83 26.23 26.50
CA GLY D 257 7.81 26.07 25.46
C GLY D 257 8.16 26.67 24.10
N ILE D 258 7.57 26.11 23.06
CA ILE D 258 7.65 26.66 21.72
C ILE D 258 6.35 27.40 21.31
N ASP D 259 6.48 28.63 20.85
CA ASP D 259 5.34 29.39 20.33
C ASP D 259 5.80 30.46 19.32
N ASN D 260 4.93 31.42 18.98
CA ASN D 260 5.28 32.46 18.01
C ASN D 260 6.26 33.51 18.54
N THR D 261 6.64 33.36 19.82
CA THR D 261 7.64 34.21 20.47
C THR D 261 8.78 33.37 21.04
N HIS D 262 8.68 32.06 20.96
CA HIS D 262 9.67 31.21 21.63
C HIS D 262 10.20 30.11 20.74
N ASN D 263 11.47 30.21 20.40
CA ASN D 263 12.13 29.09 19.77
C ASN D 263 13.16 28.50 20.76
N PRO D 264 13.56 27.24 20.55
CA PRO D 264 14.54 26.69 21.50
C PRO D 264 15.96 27.22 21.23
N GLU D 265 16.12 27.90 20.08
CA GLU D 265 17.38 28.48 19.61
C GLU D 265 17.25 29.95 19.23
N PHE D 266 17.78 30.82 20.09
CA PHE D 266 17.90 32.26 19.84
C PHE D 266 19.34 32.61 19.44
N THR D 267 19.47 33.63 18.60
CA THR D 267 20.77 34.18 18.24
C THR D 267 21.07 35.40 19.11
N SER D 268 22.04 35.25 20.01
CA SER D 268 22.46 36.34 20.87
C SER D 268 23.72 37.00 20.32
N CYS D 269 24.03 38.19 20.84
CA CYS D 269 25.30 38.84 20.62
C CYS D 269 25.69 39.55 21.91
N GLU D 270 26.82 39.17 22.49
CA GLU D 270 27.29 39.85 23.70
C GLU D 270 28.61 40.50 23.40
N PHE D 271 28.83 41.67 23.96
CA PHE D 271 30.19 42.16 23.91
C PHE D 271 30.66 42.68 25.24
N TYR D 272 31.94 42.47 25.50
CA TYR D 272 32.57 43.12 26.61
C TYR D 272 33.55 44.14 26.13
N TRP D 273 33.62 45.23 26.87
CA TRP D 273 34.38 46.40 26.45
C TRP D 273 35.13 46.95 27.68
N ALA D 274 36.45 46.79 27.70
CA ALA D 274 37.23 47.26 28.84
C ALA D 274 37.35 48.78 28.87
N TYR D 275 37.33 49.35 30.07
CA TYR D 275 37.38 50.80 30.32
C TYR D 275 36.28 51.61 29.64
N ALA D 276 35.13 50.96 29.49
CA ALA D 276 33.93 51.62 29.03
C ALA D 276 32.95 51.72 30.20
N ASP D 277 32.10 52.74 30.16
CA ASP D 277 31.14 53.00 31.24
C ASP D 277 29.71 53.27 30.69
N TYR D 278 28.77 53.57 31.60
CA TYR D 278 27.38 53.88 31.26
C TYR D 278 27.27 54.75 29.99
N ASN D 279 28.00 55.86 29.97
CA ASN D 279 27.88 56.79 28.86
C ASN D 279 28.42 56.25 27.54
N ASP D 280 29.34 55.29 27.62
CA ASP D 280 29.89 54.68 26.42
C ASP D 280 28.93 53.64 25.86
N LEU D 281 28.37 52.84 26.77
CA LEU D 281 27.33 51.89 26.46
C LEU D 281 26.08 52.56 25.82
N ILE D 282 25.59 53.65 26.41
CA ILE D 282 24.46 54.42 25.87
C ILE D 282 24.70 54.96 24.44
N LYS D 283 25.69 55.84 24.31
CA LYS D 283 26.08 56.35 23.00
C LYS D 283 26.26 55.22 21.98
N TRP D 284 26.72 54.06 22.43
CA TRP D 284 26.96 52.95 21.50
C TRP D 284 25.66 52.47 20.87
N SER D 285 24.64 52.29 21.70
CA SER D 285 23.33 51.81 21.26
C SER D 285 22.61 52.85 20.39
N GLU D 286 22.61 54.09 20.86
CA GLU D 286 21.98 55.15 20.07
C GLU D 286 22.63 55.16 18.69
N ASP D 287 23.93 54.94 18.63
CA ASP D 287 24.61 54.95 17.34
C ASP D 287 24.31 53.70 16.52
N PHE D 288 24.45 52.55 17.13
CA PHE D 288 24.02 51.34 16.46
C PHE D 288 22.56 51.37 15.91
N PHE D 289 21.56 51.66 16.73
CA PHE D 289 20.20 51.64 16.16
C PHE D 289 19.98 52.78 15.17
N SER D 290 20.38 53.99 15.54
CA SER D 290 20.39 55.08 14.57
C SER D 290 21.00 54.61 13.22
N GLN D 291 22.29 54.31 13.16
CA GLN D 291 22.91 53.96 11.88
C GLN D 291 22.34 52.72 11.19
N LEU D 292 21.90 51.74 11.97
CA LEU D 292 21.39 50.50 11.41
C LEU D 292 20.14 50.75 10.57
N VAL D 293 19.16 51.38 11.20
CA VAL D 293 17.89 51.71 10.57
C VAL D 293 18.02 52.64 9.35
N TYR D 294 18.97 53.57 9.40
CA TYR D 294 19.19 54.41 8.23
C TYR D 294 19.91 53.61 7.13
N HIS D 295 20.69 52.61 7.51
CA HIS D 295 21.50 51.88 6.55
C HIS D 295 20.61 50.92 5.78
N LEU D 296 19.50 50.55 6.42
CA LEU D 296 18.53 49.57 5.91
C LEU D 296 17.38 50.22 5.14
N PHE D 297 17.01 51.41 5.60
CA PHE D 297 15.75 52.01 5.23
C PHE D 297 15.88 53.40 4.61
N GLY D 298 17.00 54.08 4.85
CA GLY D 298 17.19 55.42 4.30
C GLY D 298 16.47 56.50 5.10
N THR D 299 15.88 56.12 6.22
CA THR D 299 15.33 57.12 7.14
C THR D 299 15.35 56.59 8.57
N TYR D 300 15.10 57.45 9.55
CA TYR D 300 15.09 57.02 10.93
C TYR D 300 13.75 56.45 11.34
N LYS D 301 12.71 56.77 10.55
CA LYS D 301 11.34 56.38 10.86
C LYS D 301 10.92 55.14 10.08
N ILE D 302 10.36 54.16 10.78
CA ILE D 302 9.83 52.96 10.12
C ILE D 302 8.43 52.66 10.62
N SER D 303 7.71 51.83 9.88
CA SER D 303 6.36 51.45 10.26
C SER D 303 6.40 50.01 10.82
N TYR D 304 5.67 49.75 11.91
CA TYR D 304 5.63 48.40 12.49
C TYR D 304 4.22 47.99 12.92
N ASN D 305 3.88 46.74 12.63
CA ASN D 305 2.54 46.26 12.93
C ASN D 305 2.41 45.71 14.34
N LYS D 306 2.52 46.62 15.32
CA LYS D 306 2.50 46.26 16.75
C LYS D 306 1.42 45.25 17.15
N ASP D 307 0.27 45.30 16.47
CA ASP D 307 -0.89 44.52 16.88
C ASP D 307 -1.14 43.32 15.98
N GLY D 308 -0.46 43.32 14.83
CA GLY D 308 -0.68 42.30 13.84
C GLY D 308 -0.95 43.01 12.54
N PRO D 309 -1.13 42.24 11.46
CA PRO D 309 -1.39 42.74 10.11
C PRO D 309 -2.87 43.11 9.84
N GLU D 310 -3.76 42.65 10.70
CA GLU D 310 -5.17 42.98 10.58
C GLU D 310 -5.48 44.29 11.30
N ASN D 311 -4.47 44.87 11.93
CA ASN D 311 -4.63 46.17 12.59
C ASN D 311 -3.77 47.23 11.95
N GLN D 312 -3.71 48.39 12.59
CA GLN D 312 -2.89 49.48 12.05
C GLN D 312 -1.43 49.31 12.40
N PRO D 313 -0.56 49.77 11.49
CA PRO D 313 0.85 49.98 11.84
C PRO D 313 1.00 51.27 12.66
N ILE D 314 2.09 51.38 13.41
CA ILE D 314 2.46 52.61 14.09
C ILE D 314 3.79 53.06 13.52
N GLU D 315 4.35 54.15 14.03
CA GLU D 315 5.64 54.60 13.53
C GLU D 315 6.68 54.70 14.66
N ILE D 316 7.89 54.27 14.37
CA ILE D 316 8.94 54.38 15.37
C ILE D 316 10.05 55.26 14.84
N ASP D 317 10.34 56.33 15.59
CA ASP D 317 11.40 57.22 15.18
C ASP D 317 12.68 56.78 15.87
N PHE D 318 13.63 56.27 15.11
CA PHE D 318 14.90 55.86 15.70
C PHE D 318 15.89 57.00 15.75
N THR D 319 15.42 58.20 15.44
CA THR D 319 16.26 59.39 15.53
C THR D 319 16.72 59.68 16.97
N PRO D 320 18.03 59.65 17.19
CA PRO D 320 18.62 59.85 18.51
C PRO D 320 18.66 61.32 18.92
N PRO D 321 18.82 61.60 20.22
CA PRO D 321 18.95 60.59 21.27
C PRO D 321 17.59 60.06 21.78
N TYR D 322 17.63 58.93 22.49
CA TYR D 322 16.47 58.31 23.12
C TYR D 322 16.33 58.70 24.60
N PRO D 323 15.09 58.75 25.10
CA PRO D 323 14.83 59.09 26.51
C PRO D 323 15.43 58.08 27.50
N LYS D 324 15.72 58.53 28.73
CA LYS D 324 16.24 57.68 29.80
C LYS D 324 15.40 57.80 31.06
N VAL D 325 14.84 56.69 31.51
CA VAL D 325 13.93 56.72 32.66
C VAL D 325 14.50 55.91 33.82
N SER D 326 14.59 56.55 34.99
CA SER D 326 15.04 55.88 36.22
C SER D 326 13.91 55.01 36.78
N ILE D 327 14.14 53.71 36.95
CA ILE D 327 13.06 52.77 37.29
C ILE D 327 12.36 53.03 38.63
N VAL D 328 13.10 53.42 39.67
CA VAL D 328 12.48 53.67 40.97
C VAL D 328 11.81 55.03 41.00
N GLU D 329 12.57 56.04 40.57
CA GLU D 329 12.04 57.40 40.47
C GLU D 329 10.68 57.47 39.76
N GLU D 330 10.59 56.86 38.58
CA GLU D 330 9.35 56.89 37.79
C GLU D 330 8.18 56.13 38.41
N ILE D 331 8.49 55.05 39.13
CA ILE D 331 7.45 54.25 39.76
C ILE D 331 6.85 55.02 40.93
N GLU D 332 7.71 55.70 41.69
CA GLU D 332 7.29 56.55 42.81
C GLU D 332 6.53 57.79 42.33
N LYS D 333 6.86 58.24 41.12
CA LYS D 333 6.21 59.41 40.49
C LYS D 333 4.79 59.06 40.04
N VAL D 334 4.68 58.03 39.22
CA VAL D 334 3.38 57.57 38.80
C VAL D 334 2.57 57.11 39.99
N THR D 335 3.10 56.12 40.70
CA THR D 335 2.36 55.41 41.73
C THR D 335 1.99 56.27 42.94
N ASN D 336 2.55 57.47 43.01
CA ASN D 336 2.28 58.39 44.14
C ASN D 336 2.64 57.84 45.52
N THR D 337 3.72 57.08 45.55
CA THR D 337 4.33 56.67 46.81
C THR D 337 5.77 57.16 46.84
N ILE D 338 6.48 56.72 47.84
CA ILE D 338 7.92 56.84 47.86
C ILE D 338 8.33 55.54 48.51
N LEU D 339 9.11 54.73 47.79
CA LEU D 339 9.59 53.50 48.40
C LEU D 339 11.01 53.23 48.02
N GLU D 340 11.87 54.17 48.38
CA GLU D 340 13.28 53.92 48.42
C GLU D 340 13.52 53.52 49.88
N GLN D 341 14.64 53.96 50.45
CA GLN D 341 15.36 53.14 51.42
C GLN D 341 15.84 51.96 50.58
N PRO D 342 16.88 52.20 49.78
CA PRO D 342 17.51 51.16 48.99
C PRO D 342 17.87 49.93 49.82
N PHE D 343 17.09 49.70 50.87
CA PHE D 343 16.82 48.35 51.31
C PHE D 343 15.35 48.08 51.00
N ASP D 344 15.12 47.38 49.89
CA ASP D 344 13.77 47.09 49.48
C ASP D 344 13.44 45.70 50.06
N SER D 345 13.13 45.67 51.36
CA SER D 345 12.75 44.42 52.04
C SER D 345 11.83 44.61 53.26
N ASN D 346 11.19 43.51 53.66
CA ASN D 346 10.08 43.52 54.61
C ASN D 346 8.98 44.54 54.32
N GLU D 347 9.12 45.74 54.89
CA GLU D 347 8.02 46.70 54.91
C GLU D 347 7.86 47.52 53.61
N THR D 348 8.95 47.70 52.85
CA THR D 348 8.81 48.28 51.51
C THR D 348 8.23 47.25 50.55
N ILE D 349 8.66 46.00 50.67
CA ILE D 349 8.08 44.88 49.95
C ILE D 349 6.56 44.83 50.15
N GLU D 350 6.12 45.20 51.35
CA GLU D 350 4.69 45.27 51.63
C GLU D 350 4.13 46.47 50.87
N LYS D 351 4.84 47.59 50.93
CA LYS D 351 4.43 48.78 50.20
C LYS D 351 4.23 48.46 48.73
N MET D 352 4.95 47.45 48.23
CA MET D 352 4.92 47.13 46.80
C MET D 352 3.83 46.13 46.45
N ILE D 353 3.64 45.13 47.29
CA ILE D 353 2.54 44.17 47.10
C ILE D 353 1.21 44.91 47.00
N ASN D 354 1.00 45.87 47.89
CA ASN D 354 -0.23 46.62 47.94
C ASN D 354 -0.51 47.47 46.68
N ILE D 355 0.54 47.82 45.94
CA ILE D 355 0.33 48.52 44.67
C ILE D 355 -0.08 47.57 43.53
N ILE D 356 0.34 46.31 43.66
CA ILE D 356 -0.04 45.26 42.72
C ILE D 356 -1.51 44.91 42.98
N LYS D 357 -2.02 45.35 44.13
CA LYS D 357 -3.43 45.21 44.48
C LYS D 357 -4.19 46.51 44.25
N GLU D 358 -3.90 47.52 45.07
CA GLU D 358 -4.52 48.83 44.90
C GLU D 358 -4.58 49.24 43.43
N HIS D 359 -3.65 48.73 42.64
CA HIS D 359 -3.70 48.96 41.20
C HIS D 359 -4.19 47.71 40.46
N LYS D 360 -5.13 47.92 39.53
CA LYS D 360 -5.50 46.92 38.56
C LYS D 360 -5.14 45.53 39.08
N ILE D 361 -3.92 45.10 38.80
CA ILE D 361 -3.58 43.71 39.10
C ILE D 361 -2.21 43.28 38.60
N GLU D 362 -1.88 42.04 38.88
CA GLU D 362 -0.80 41.34 38.20
C GLU D 362 -0.43 40.17 39.07
N LEU D 363 -0.13 39.05 38.46
CA LEU D 363 0.57 38.00 39.18
C LEU D 363 1.63 38.66 40.09
N PRO D 364 1.60 38.32 41.39
CA PRO D 364 2.78 38.61 42.20
C PRO D 364 3.87 37.62 41.83
N ASN D 365 3.49 36.37 41.61
CA ASN D 365 4.44 35.28 41.67
C ASN D 365 4.92 35.20 43.12
N PRO D 366 5.62 34.11 43.45
CA PRO D 366 6.49 34.19 44.63
C PRO D 366 7.06 35.60 44.73
N PRO D 367 6.73 36.33 45.80
CA PRO D 367 7.00 37.77 45.94
C PRO D 367 8.48 38.08 46.13
N THR D 368 9.28 37.77 45.10
CA THR D 368 10.69 38.18 45.05
C THR D 368 10.80 39.70 44.94
N ALA D 369 11.56 40.32 45.85
CA ALA D 369 11.70 41.77 45.86
C ALA D 369 12.09 42.29 44.47
N ALA D 370 12.86 41.48 43.74
CA ALA D 370 13.24 41.83 42.38
C ALA D 370 12.09 41.62 41.38
N LYS D 371 11.34 40.53 41.54
CA LYS D 371 10.15 40.27 40.70
C LYS D 371 9.06 41.34 40.89
N LEU D 372 8.83 41.75 42.14
CA LEU D 372 7.92 42.87 42.41
C LEU D 372 8.30 44.13 41.62
N LEU D 373 9.58 44.50 41.73
CA LEU D 373 10.15 45.60 40.97
C LEU D 373 10.03 45.34 39.49
N ASP D 374 10.16 44.07 39.11
CA ASP D 374 10.04 43.71 37.70
C ASP D 374 8.62 43.93 37.24
N GLN D 375 7.66 43.29 37.90
CA GLN D 375 6.26 43.44 37.54
C GLN D 375 5.90 44.92 37.48
N LEU D 376 6.17 45.65 38.55
CA LEU D 376 5.91 47.07 38.59
C LEU D 376 6.48 47.82 37.40
N ALA D 377 7.63 47.38 36.90
CA ALA D 377 8.22 48.00 35.71
C ALA D 377 7.49 47.56 34.44
N SER D 378 7.17 46.27 34.38
CA SER D 378 6.34 45.72 33.31
C SER D 378 5.08 46.55 33.11
N HIS D 379 4.34 46.80 34.20
CA HIS D 379 3.06 47.52 34.13
C HIS D 379 3.26 49.02 33.90
N PHE D 380 3.96 49.66 34.82
CA PHE D 380 4.09 51.12 34.88
C PHE D 380 5.14 51.78 33.95
N ILE D 381 6.12 51.06 33.44
CA ILE D 381 7.10 51.76 32.62
C ILE D 381 7.33 51.24 31.19
N GLU D 382 7.42 49.92 31.05
CA GLU D 382 7.83 49.31 29.78
C GLU D 382 6.96 49.71 28.57
N ASN D 383 5.74 50.19 28.80
CA ASN D 383 4.92 50.70 27.69
C ASN D 383 4.75 52.22 27.68
N LYS D 384 5.70 52.91 28.30
CA LYS D 384 5.69 54.37 28.30
C LYS D 384 5.80 54.92 26.89
N TYR D 385 6.68 54.32 26.09
CA TYR D 385 6.97 54.82 24.74
C TYR D 385 6.76 53.76 23.67
N ASN D 386 6.10 54.14 22.59
CA ASN D 386 5.92 53.25 21.46
C ASN D 386 6.31 53.93 20.16
N ASP D 387 6.24 55.26 20.15
CA ASP D 387 6.67 56.05 19.00
C ASP D 387 8.19 56.10 18.86
N LYS D 388 8.89 55.48 19.82
CA LYS D 388 10.34 55.63 19.89
C LYS D 388 10.95 54.63 20.86
N PRO D 389 12.19 54.17 20.57
CA PRO D 389 12.96 53.38 21.53
C PRO D 389 13.37 54.25 22.72
N PHE D 390 13.50 53.64 23.90
CA PHE D 390 13.98 54.33 25.12
C PHE D 390 14.65 53.38 26.12
N PHE D 391 15.45 53.95 27.02
CA PHE D 391 16.17 53.16 28.01
C PHE D 391 15.43 53.17 29.34
N ILE D 392 15.51 52.03 30.05
CA ILE D 392 15.18 51.98 31.46
C ILE D 392 16.51 51.88 32.20
N VAL D 393 16.64 52.55 33.34
CA VAL D 393 17.97 52.96 33.80
C VAL D 393 18.13 52.94 35.32
N GLU D 394 19.38 52.76 35.77
CA GLU D 394 19.77 52.76 37.19
C GLU D 394 18.97 51.77 38.03
N HIS D 395 18.82 50.55 37.52
CA HIS D 395 18.06 49.54 38.24
C HIS D 395 18.76 49.24 39.55
N PRO D 396 17.99 49.13 40.65
CA PRO D 396 18.46 48.64 41.95
C PRO D 396 19.49 47.50 41.82
N GLN D 397 20.30 47.26 42.84
CA GLN D 397 21.28 46.16 42.78
C GLN D 397 20.61 44.80 42.97
N ILE D 398 19.60 44.75 43.82
CA ILE D 398 18.81 43.55 44.08
C ILE D 398 18.29 42.91 42.76
N MET D 399 18.00 43.74 41.77
CA MET D 399 17.58 43.30 40.43
C MET D 399 18.74 42.90 39.49
N SER D 400 19.94 43.37 39.80
CA SER D 400 21.07 43.21 38.89
C SER D 400 22.33 42.87 39.69
N PRO D 401 22.47 41.59 40.08
CA PRO D 401 23.45 41.22 41.10
C PRO D 401 24.86 41.18 40.50
N LEU D 402 24.95 41.40 39.20
CA LEU D 402 26.22 41.37 38.49
C LEU D 402 26.70 42.78 38.09
N ALA D 403 25.88 43.79 38.36
CA ALA D 403 26.18 45.16 37.96
C ALA D 403 26.87 45.99 39.06
N LYS D 404 28.02 46.53 38.70
CA LYS D 404 28.75 47.46 39.55
C LYS D 404 27.81 48.48 40.16
N TYR D 405 28.10 48.85 41.40
CA TYR D 405 27.29 49.82 42.10
C TYR D 405 27.33 51.18 41.35
N HIS D 406 26.25 51.95 41.51
CA HIS D 406 26.19 53.33 41.06
C HIS D 406 27.15 54.13 41.94
N ARG D 407 27.69 55.23 41.41
CA ARG D 407 28.76 55.97 42.10
C ARG D 407 28.24 56.74 43.30
N THR D 408 27.14 57.43 43.08
CA THR D 408 26.60 58.36 44.07
C THR D 408 25.32 57.84 44.70
N LYS D 409 24.48 57.21 43.89
CA LYS D 409 23.19 56.70 44.36
C LYS D 409 23.27 55.27 44.90
N PRO D 410 23.28 55.11 46.24
CA PRO D 410 23.39 53.78 46.85
C PRO D 410 22.17 52.89 46.71
N GLY D 411 22.39 51.60 46.47
CA GLY D 411 21.31 50.66 46.22
C GLY D 411 21.09 50.46 44.72
N LEU D 412 21.72 51.33 43.94
CA LEU D 412 21.49 51.38 42.52
C LEU D 412 22.73 50.96 41.74
N THR D 413 22.51 50.69 40.47
CA THR D 413 23.56 50.33 39.53
C THR D 413 23.55 51.35 38.40
N GLU D 414 24.45 51.20 37.43
CA GLU D 414 24.53 52.10 36.29
C GLU D 414 24.13 51.28 35.06
N ARG D 415 23.09 50.48 35.26
CA ARG D 415 22.52 49.59 34.23
C ARG D 415 21.62 50.34 33.25
N LEU D 416 21.66 49.93 32.00
CA LEU D 416 20.74 50.46 30.97
C LEU D 416 20.08 49.32 30.19
N GLU D 417 18.75 49.35 30.11
CA GLU D 417 17.95 48.40 29.32
C GLU D 417 17.13 49.16 28.27
N MET D 418 17.14 48.70 27.02
CA MET D 418 16.45 49.45 25.99
C MET D 418 15.18 48.75 25.56
N PHE D 419 14.14 49.53 25.31
CA PHE D 419 12.84 48.99 24.92
C PHE D 419 12.36 49.58 23.61
N ILE D 420 11.84 48.70 22.76
CA ILE D 420 11.03 49.11 21.63
C ILE D 420 9.64 48.47 21.81
N CYS D 421 8.60 49.32 21.77
CA CYS D 421 7.21 48.88 21.93
C CYS D 421 7.05 47.76 22.97
N GLY D 422 7.62 47.96 24.16
CA GLY D 422 7.33 47.11 25.30
C GLY D 422 8.14 45.83 25.34
N LYS D 423 9.11 45.72 24.43
CA LYS D 423 9.95 44.53 24.33
C LYS D 423 11.45 44.85 24.55
N GLU D 424 12.04 44.15 25.53
CA GLU D 424 13.49 44.20 25.79
C GLU D 424 14.26 43.85 24.51
N VAL D 425 15.01 44.82 24.02
CA VAL D 425 15.86 44.69 22.85
C VAL D 425 17.33 44.51 23.25
N LEU D 426 17.74 45.22 24.30
CA LEU D 426 19.14 45.37 24.68
C LEU D 426 19.29 45.51 26.20
N ASN D 427 20.39 44.98 26.73
CA ASN D 427 20.69 45.07 28.15
C ASN D 427 22.20 45.25 28.40
N ALA D 428 22.54 46.30 29.13
CA ALA D 428 23.93 46.66 29.30
C ALA D 428 24.23 47.22 30.69
N TYR D 429 25.40 46.87 31.21
CA TYR D 429 25.91 47.46 32.45
C TYR D 429 27.41 47.28 32.64
N THR D 430 27.97 48.05 33.58
CA THR D 430 29.36 47.95 33.95
C THR D 430 29.53 46.85 34.99
N GLU D 431 30.46 45.94 34.75
CA GLU D 431 30.57 44.72 35.56
C GLU D 431 31.09 44.98 36.97
N LEU D 432 30.51 44.29 37.94
CA LEU D 432 31.00 44.33 39.32
C LEU D 432 32.32 43.53 39.47
N ASN D 433 33.44 44.26 39.51
CA ASN D 433 34.80 43.70 39.47
C ASN D 433 35.51 43.46 40.83
N ASP D 434 34.93 43.95 41.93
CA ASP D 434 35.56 43.74 43.24
C ASP D 434 35.16 42.41 43.86
N PRO D 435 36.06 41.42 43.81
CA PRO D 435 35.68 40.06 44.25
C PRO D 435 34.87 40.05 45.56
N PHE D 436 35.16 40.99 46.44
CA PHE D 436 34.55 41.03 47.76
C PHE D 436 33.17 41.70 47.81
N LYS D 437 32.87 42.51 46.80
CA LYS D 437 31.52 43.08 46.64
C LYS D 437 30.60 42.16 45.80
N GLN D 438 31.07 40.96 45.46
CA GLN D 438 30.29 40.03 44.65
C GLN D 438 29.59 38.97 45.51
N PHE D 463 35.22 31.22 37.49
CA PHE D 463 34.98 32.63 37.13
C PHE D 463 35.06 33.56 38.33
N CYS D 464 34.62 33.09 39.48
CA CYS D 464 34.83 33.88 40.68
C CYS D 464 36.32 33.83 41.02
N THR D 465 37.03 32.87 40.41
CA THR D 465 38.48 32.87 40.47
C THR D 465 39.14 33.89 39.51
N SER D 466 38.77 33.88 38.23
CA SER D 466 39.34 34.84 37.27
C SER D 466 39.14 36.29 37.76
N LEU D 467 38.02 36.54 38.42
CA LEU D 467 37.77 37.80 39.11
C LEU D 467 38.95 38.19 40.04
N GLU D 468 39.56 37.18 40.66
CA GLU D 468 40.66 37.42 41.59
C GLU D 468 42.00 37.65 40.88
N TYR D 469 42.04 37.49 39.57
CA TYR D 469 43.27 37.84 38.84
C TYR D 469 43.19 39.25 38.20
N GLY D 470 42.12 39.98 38.54
CA GLY D 470 42.01 41.37 38.13
C GLY D 470 41.20 41.59 36.86
N LEU D 471 39.93 41.92 37.04
CA LEU D 471 39.16 42.38 35.91
C LEU D 471 39.16 43.90 35.93
N PRO D 472 39.53 44.54 34.80
CA PRO D 472 39.51 45.99 34.68
C PRO D 472 38.08 46.48 34.64
N PRO D 473 37.84 47.77 34.94
CA PRO D 473 36.49 48.34 34.75
C PRO D 473 35.95 48.07 33.33
N THR D 474 34.77 47.45 33.23
CA THR D 474 34.27 46.91 31.97
C THR D 474 32.79 47.11 31.74
N GLY D 475 32.45 47.47 30.50
CA GLY D 475 31.06 47.55 30.06
C GLY D 475 30.64 46.28 29.34
N GLY D 476 29.45 45.80 29.68
CA GLY D 476 28.91 44.58 29.09
C GLY D 476 27.62 44.87 28.38
N LEU D 477 27.49 44.44 27.13
CA LEU D 477 26.25 44.65 26.39
C LEU D 477 25.73 43.39 25.72
N GLY D 478 24.40 43.21 25.77
CA GLY D 478 23.74 42.06 25.14
C GLY D 478 22.58 42.46 24.26
N LEU D 479 22.27 41.59 23.31
CA LEU D 479 21.35 41.92 22.21
C LEU D 479 20.38 40.79 21.86
N GLY D 480 19.10 41.12 21.74
CA GLY D 480 18.11 40.21 21.18
C GLY D 480 18.04 40.31 19.66
N ILE D 481 18.78 39.45 18.98
CA ILE D 481 18.94 39.60 17.52
C ILE D 481 17.65 39.27 16.77
N ASP D 482 16.95 38.22 17.19
CA ASP D 482 15.68 37.86 16.58
C ASP D 482 14.60 38.97 16.71
N ARG D 483 14.35 39.41 17.95
CA ARG D 483 13.47 40.54 18.24
C ARG D 483 13.79 41.75 17.37
N ILE D 484 15.06 42.12 17.36
CA ILE D 484 15.48 43.27 16.55
C ILE D 484 15.14 43.06 15.08
N THR D 485 15.24 41.82 14.63
CA THR D 485 14.93 41.55 13.24
C THR D 485 13.41 41.62 12.98
N MET D 486 12.64 41.12 13.93
CA MET D 486 11.18 41.21 13.91
C MET D 486 10.66 42.65 13.75
N PHE D 487 11.30 43.63 14.40
CA PHE D 487 10.88 45.03 14.32
C PHE D 487 11.31 45.69 13.01
N LEU D 488 12.28 45.10 12.33
CA LEU D 488 12.82 45.71 11.12
C LEU D 488 12.32 45.02 9.84
N THR D 489 11.75 43.83 9.99
CA THR D 489 11.07 43.18 8.87
C THR D 489 9.52 43.21 8.97
N ASN D 490 8.99 43.84 10.04
CA ASN D 490 7.55 43.89 10.32
C ASN D 490 6.91 42.56 10.68
N LYS D 491 7.60 41.76 11.47
CA LYS D 491 7.05 40.47 11.84
C LYS D 491 6.64 40.48 13.31
N ASN D 492 5.66 39.65 13.66
CA ASN D 492 5.16 39.57 15.04
C ASN D 492 5.36 38.16 15.55
N SER D 493 5.84 37.29 14.67
CA SER D 493 6.15 35.92 15.05
C SER D 493 7.60 35.60 14.71
N ILE D 494 8.23 34.87 15.62
CA ILE D 494 9.64 34.58 15.52
C ILE D 494 9.89 33.56 14.41
N LYS D 495 8.91 32.71 14.16
CA LYS D 495 9.05 31.76 13.06
C LYS D 495 9.16 32.45 11.68
N ASP D 496 8.95 33.76 11.63
CA ASP D 496 9.03 34.48 10.35
C ASP D 496 10.39 35.12 10.09
N VAL D 497 11.33 34.90 11.03
CA VAL D 497 12.66 35.51 10.95
C VAL D 497 13.78 34.49 11.26
N ILE D 498 13.38 33.23 11.26
CA ILE D 498 14.23 32.07 11.47
C ILE D 498 13.89 31.10 10.33
N LEU D 499 14.91 30.60 9.62
CA LEU D 499 14.69 29.79 8.42
C LEU D 499 14.09 28.42 8.72
N PHE D 500 14.47 27.85 9.85
CA PHE D 500 13.99 26.51 10.18
C PHE D 500 13.51 26.41 11.63
N PRO D 501 12.43 27.16 11.96
CA PRO D 501 11.80 27.16 13.29
C PRO D 501 11.42 25.75 13.68
N THR D 502 11.66 25.39 14.95
CA THR D 502 11.32 24.06 15.40
C THR D 502 9.78 23.96 15.36
N MET D 503 9.29 22.81 14.91
CA MET D 503 7.86 22.62 14.72
C MET D 503 7.47 21.19 15.12
N ARG D 504 6.50 21.08 16.03
CA ARG D 504 5.92 19.79 16.40
C ARG D 504 5.24 19.10 15.23
N PRO D 505 5.27 17.75 15.19
CA PRO D 505 4.40 17.00 14.27
C PRO D 505 3.14 16.48 14.95
N PRO E 4 9.26 -44.12 -21.21
CA PRO E 4 7.99 -43.51 -20.75
C PRO E 4 7.02 -43.19 -21.91
N ARG E 5 7.52 -42.87 -23.10
CA ARG E 5 6.70 -43.05 -24.31
C ARG E 5 7.27 -44.25 -25.07
N LEU E 6 8.45 -44.71 -24.62
CA LEU E 6 8.94 -46.04 -24.96
C LEU E 6 7.96 -47.05 -24.32
N TYR E 7 7.67 -46.82 -23.05
CA TYR E 7 6.73 -47.65 -22.31
C TYR E 7 5.43 -47.86 -23.10
N PHE E 8 4.91 -46.77 -23.65
CA PHE E 8 3.75 -46.84 -24.54
C PHE E 8 4.01 -47.60 -25.87
N GLU E 9 5.11 -47.29 -26.56
CA GLU E 9 5.44 -47.95 -27.82
C GLU E 9 5.54 -49.46 -27.60
N ASN E 10 6.10 -49.80 -26.45
CA ASN E 10 6.27 -51.19 -26.08
C ASN E 10 4.98 -51.88 -25.65
N ARG E 11 4.30 -51.29 -24.68
CA ARG E 11 3.02 -51.85 -24.26
C ARG E 11 2.16 -52.16 -25.48
N SER E 12 2.25 -51.32 -26.50
CA SER E 12 1.40 -51.48 -27.68
C SER E 12 1.90 -52.57 -28.61
N LYS E 13 3.22 -52.67 -28.75
CA LYS E 13 3.78 -53.78 -29.49
C LYS E 13 3.28 -55.07 -28.87
N PHE E 14 3.32 -55.14 -27.54
CA PHE E 14 2.75 -56.26 -26.78
C PHE E 14 1.29 -56.62 -27.15
N ILE E 15 0.41 -55.65 -27.04
CA ILE E 15 -0.96 -55.91 -27.43
C ILE E 15 -0.93 -56.54 -28.82
N GLN E 16 -0.19 -55.93 -29.73
CA GLN E 16 -0.16 -56.41 -31.12
C GLN E 16 0.25 -57.89 -31.22
N ASP E 17 1.41 -58.23 -30.67
CA ASP E 17 1.88 -59.61 -30.72
C ASP E 17 0.88 -60.58 -30.10
N GLN E 18 0.29 -60.20 -28.97
CA GLN E 18 -0.74 -61.04 -28.34
C GLN E 18 -1.92 -61.33 -29.27
N LYS E 19 -2.31 -60.37 -30.10
CA LYS E 19 -3.33 -60.67 -31.10
C LYS E 19 -2.80 -61.67 -32.12
N ASP E 20 -1.55 -61.46 -32.55
CA ASP E 20 -0.91 -62.35 -33.50
C ASP E 20 -0.71 -63.78 -32.93
N LYS E 21 -0.62 -63.88 -31.61
CA LYS E 21 -0.47 -65.15 -30.91
C LYS E 21 -1.80 -65.86 -30.68
N GLY E 22 -2.89 -65.22 -31.10
CA GLY E 22 -4.22 -65.77 -30.92
C GLY E 22 -4.96 -65.38 -29.65
N ILE E 23 -4.47 -64.36 -28.95
CA ILE E 23 -5.10 -63.91 -27.70
C ILE E 23 -5.90 -62.64 -27.92
N ASN E 24 -7.04 -62.50 -27.23
CA ASN E 24 -7.65 -61.17 -27.19
C ASN E 24 -7.34 -60.45 -25.87
N PRO E 25 -6.53 -59.38 -25.94
CA PRO E 25 -6.19 -58.67 -24.71
C PRO E 25 -7.37 -57.82 -24.19
N TYR E 26 -8.43 -57.75 -25.00
CA TYR E 26 -9.66 -57.09 -24.62
C TYR E 26 -10.85 -58.01 -24.87
N PRO E 27 -10.88 -59.17 -24.18
CA PRO E 27 -11.93 -60.19 -24.34
C PRO E 27 -13.32 -59.59 -24.15
N HIS E 28 -14.34 -60.27 -24.69
CA HIS E 28 -15.70 -59.72 -24.82
C HIS E 28 -16.51 -59.73 -23.52
N LYS E 29 -16.53 -60.87 -22.85
CA LYS E 29 -17.12 -60.93 -21.51
C LYS E 29 -16.28 -61.82 -20.58
N PHE E 30 -16.16 -61.38 -19.34
CA PHE E 30 -15.65 -62.21 -18.24
C PHE E 30 -16.69 -62.06 -17.12
N GLU E 31 -17.17 -63.17 -16.57
CA GLU E 31 -18.33 -63.13 -15.67
C GLU E 31 -17.94 -63.23 -14.17
N ARG E 32 -18.09 -62.12 -13.45
CA ARG E 32 -17.76 -62.13 -12.02
C ARG E 32 -18.66 -63.01 -11.17
N THR E 33 -18.04 -63.62 -10.15
CA THR E 33 -18.74 -64.28 -9.03
C THR E 33 -18.97 -63.33 -7.84
N ILE E 34 -18.08 -62.36 -7.68
CA ILE E 34 -18.00 -61.60 -6.43
C ILE E 34 -17.33 -60.26 -6.68
N SER E 35 -17.69 -59.23 -5.93
CA SER E 35 -16.94 -57.99 -5.99
C SER E 35 -15.83 -58.07 -4.95
N ILE E 36 -15.06 -57.00 -4.81
CA ILE E 36 -13.96 -57.02 -3.87
C ILE E 36 -14.39 -56.59 -2.47
N PRO E 37 -15.23 -55.54 -2.37
CA PRO E 37 -15.87 -55.26 -1.07
C PRO E 37 -16.65 -56.47 -0.51
N GLU E 38 -17.36 -57.20 -1.39
CA GLU E 38 -18.04 -58.46 -1.02
C GLU E 38 -17.06 -59.55 -0.52
N PHE E 39 -16.04 -59.83 -1.33
CA PHE E 39 -14.93 -60.70 -0.94
C PHE E 39 -14.45 -60.38 0.49
N ILE E 40 -14.10 -59.12 0.75
CA ILE E 40 -13.61 -58.73 2.08
C ILE E 40 -14.64 -58.96 3.20
N GLU E 41 -15.88 -58.53 2.97
CA GLU E 41 -16.97 -58.71 3.94
C GLU E 41 -17.01 -60.16 4.41
N LYS E 42 -16.92 -61.09 3.46
CA LYS E 42 -17.05 -62.53 3.69
C LYS E 42 -15.83 -63.23 4.30
N TYR E 43 -14.63 -62.77 3.93
CA TYR E 43 -13.44 -63.58 4.18
C TYR E 43 -12.44 -62.99 5.16
N LYS E 44 -12.61 -61.71 5.49
CA LYS E 44 -11.71 -61.02 6.42
C LYS E 44 -11.54 -61.80 7.72
N ASP E 45 -12.57 -62.58 8.07
CA ASP E 45 -12.65 -63.34 9.32
C ASP E 45 -11.87 -64.65 9.29
N LEU E 46 -11.22 -64.93 8.16
CA LEU E 46 -10.43 -66.14 8.02
C LEU E 46 -9.23 -66.11 8.95
N GLY E 47 -8.77 -67.28 9.37
CA GLY E 47 -7.57 -67.39 10.19
C GLY E 47 -6.30 -67.28 9.36
N ASN E 48 -5.22 -66.79 9.97
CA ASN E 48 -3.94 -66.66 9.27
C ASN E 48 -3.49 -67.98 8.64
N GLY E 49 -3.22 -67.95 7.34
CA GLY E 49 -2.79 -69.13 6.61
C GLY E 49 -3.91 -70.02 6.09
N GLU E 50 -5.14 -69.72 6.47
CA GLU E 50 -6.29 -70.56 6.10
C GLU E 50 -6.53 -70.54 4.59
N HIS E 51 -6.98 -71.67 4.06
CA HIS E 51 -7.34 -71.78 2.66
C HIS E 51 -8.76 -72.36 2.54
N LEU E 52 -9.56 -71.81 1.64
CA LEU E 52 -10.83 -72.43 1.25
C LEU E 52 -10.66 -73.15 -0.10
N GLU E 53 -9.78 -74.14 -0.13
CA GLU E 53 -9.42 -74.84 -1.38
C GLU E 53 -10.64 -75.31 -2.16
N ASP E 54 -11.82 -75.24 -1.51
CA ASP E 54 -13.05 -75.82 -2.03
C ASP E 54 -14.01 -74.81 -2.63
N THR E 55 -13.54 -73.58 -2.79
CA THR E 55 -14.35 -72.46 -3.22
C THR E 55 -13.73 -71.78 -4.45
N ILE E 56 -14.35 -71.96 -5.61
CA ILE E 56 -13.85 -71.32 -6.84
C ILE E 56 -14.57 -70.02 -7.15
N LEU E 57 -13.82 -68.92 -7.11
CA LEU E 57 -14.36 -67.59 -7.35
C LEU E 57 -13.87 -66.98 -8.67
N ASN E 58 -14.74 -66.22 -9.31
CA ASN E 58 -14.38 -65.38 -10.44
C ASN E 58 -14.34 -63.93 -9.98
N ILE E 59 -13.19 -63.27 -10.13
CA ILE E 59 -13.12 -61.90 -9.62
C ILE E 59 -12.45 -60.91 -10.59
N THR E 60 -12.61 -59.62 -10.34
CA THR E 60 -11.90 -58.62 -11.14
C THR E 60 -11.45 -57.44 -10.28
N GLY E 61 -10.49 -56.69 -10.80
CA GLY E 61 -9.88 -55.60 -10.08
C GLY E 61 -8.80 -54.97 -10.94
N ARG E 62 -8.10 -53.99 -10.38
CA ARG E 62 -6.93 -53.42 -11.03
C ARG E 62 -5.64 -53.78 -10.28
N ILE E 63 -4.59 -54.06 -11.05
CA ILE E 63 -3.26 -54.31 -10.50
C ILE E 63 -2.59 -52.98 -10.16
N MET E 64 -2.30 -52.79 -8.89
CA MET E 64 -1.82 -51.51 -8.37
C MET E 64 -0.41 -51.67 -7.80
N ARG E 65 -0.05 -52.91 -7.46
CA ARG E 65 1.32 -53.27 -7.14
C ARG E 65 1.66 -54.63 -7.69
N VAL E 66 2.92 -54.77 -8.12
CA VAL E 66 3.48 -56.06 -8.57
C VAL E 66 4.90 -56.31 -7.99
N SER E 67 5.16 -57.53 -7.51
CA SER E 67 6.45 -57.92 -6.89
C SER E 67 6.74 -59.43 -7.00
N ALA E 68 7.85 -59.82 -7.64
CA ALA E 68 8.18 -61.26 -7.75
C ALA E 68 8.94 -61.82 -6.54
N SER E 69 8.93 -63.14 -6.41
CA SER E 69 9.50 -63.85 -5.26
C SER E 69 9.67 -65.35 -5.55
N GLY E 70 10.74 -65.70 -6.28
CA GLY E 70 11.07 -67.10 -6.52
C GLY E 70 10.74 -67.65 -7.89
N GLN E 71 9.68 -67.13 -8.49
CA GLN E 71 9.18 -67.69 -9.74
C GLN E 71 8.62 -69.09 -9.41
N LYS E 72 8.22 -69.22 -8.15
CA LYS E 72 7.30 -70.23 -7.64
C LYS E 72 6.21 -69.42 -6.92
N LEU E 73 6.39 -68.10 -6.91
CA LEU E 73 5.54 -67.20 -6.16
C LEU E 73 5.48 -65.78 -6.75
N ARG E 74 4.30 -65.18 -6.72
CA ARG E 74 4.05 -63.87 -7.32
C ARG E 74 2.99 -63.06 -6.57
N PHE E 75 3.28 -61.79 -6.30
CA PHE E 75 2.38 -61.00 -5.47
C PHE E 75 1.85 -59.74 -6.17
N PHE E 76 0.54 -59.53 -6.06
CA PHE E 76 -0.09 -58.29 -6.56
C PHE E 76 -1.07 -57.70 -5.55
N ASP E 77 -1.21 -56.37 -5.61
CA ASP E 77 -2.40 -55.72 -5.06
C ASP E 77 -3.45 -55.46 -6.14
N LEU E 78 -4.70 -55.84 -5.86
CA LEU E 78 -5.81 -55.70 -6.80
C LEU E 78 -6.86 -54.72 -6.24
N VAL E 79 -7.30 -53.75 -7.06
CA VAL E 79 -8.34 -52.79 -6.60
C VAL E 79 -9.66 -52.80 -7.36
N GLY E 80 -10.74 -52.81 -6.58
CA GLY E 80 -12.07 -52.54 -7.10
C GLY E 80 -12.88 -51.78 -6.07
N ASP E 81 -13.67 -50.82 -6.54
CA ASP E 81 -14.62 -50.11 -5.69
C ASP E 81 -13.90 -49.44 -4.53
N GLY E 82 -12.64 -49.05 -4.76
CA GLY E 82 -11.88 -48.37 -3.73
C GLY E 82 -11.44 -49.31 -2.63
N GLU E 83 -11.47 -50.61 -2.89
CA GLU E 83 -10.94 -51.56 -1.90
C GLU E 83 -9.79 -52.39 -2.44
N LYS E 84 -8.90 -52.82 -1.54
CA LYS E 84 -7.73 -53.58 -1.91
C LYS E 84 -7.81 -55.04 -1.41
N ILE E 85 -7.20 -55.96 -2.16
CA ILE E 85 -6.89 -57.32 -1.68
C ILE E 85 -5.59 -57.78 -2.31
N GLN E 86 -5.11 -58.95 -1.92
CA GLN E 86 -3.83 -59.40 -2.44
C GLN E 86 -3.98 -60.61 -3.35
N VAL E 87 -3.31 -60.53 -4.50
CA VAL E 87 -3.17 -61.69 -5.37
C VAL E 87 -1.91 -62.47 -5.02
N LEU E 88 -2.11 -63.70 -4.57
CA LEU E 88 -0.99 -64.59 -4.36
C LEU E 88 -1.03 -65.70 -5.41
N ALA E 89 -0.24 -65.51 -6.47
CA ALA E 89 -0.07 -66.57 -7.45
C ALA E 89 1.01 -67.58 -7.03
N ASN E 90 0.58 -68.81 -6.75
CA ASN E 90 1.50 -69.91 -6.44
C ASN E 90 1.61 -70.84 -7.64
N TYR E 91 2.83 -71.24 -7.95
CA TYR E 91 3.06 -72.16 -9.07
C TYR E 91 2.28 -73.49 -8.93
N SER E 92 2.20 -74.04 -7.72
CA SER E 92 1.53 -75.32 -7.53
C SER E 92 0.04 -75.28 -7.87
N PHE E 93 -0.53 -74.07 -7.82
CA PHE E 93 -1.96 -73.86 -8.01
C PHE E 93 -2.31 -73.40 -9.44
N HIS E 94 -1.29 -73.20 -10.27
CA HIS E 94 -1.50 -72.68 -11.62
C HIS E 94 -1.90 -73.78 -12.60
N ASN E 95 -2.99 -73.52 -13.33
CA ASN E 95 -3.45 -74.44 -14.37
C ASN E 95 -2.50 -74.39 -15.55
N HIS E 96 -1.61 -75.38 -15.63
CA HIS E 96 -0.52 -75.36 -16.59
C HIS E 96 -0.95 -75.56 -18.03
N GLU E 97 -2.20 -76.03 -18.22
CA GLU E 97 -2.75 -76.25 -19.56
C GLU E 97 -2.89 -74.94 -20.32
N LYS E 98 -3.34 -73.90 -19.63
CA LYS E 98 -3.61 -72.59 -20.23
C LYS E 98 -2.32 -71.92 -20.68
N GLY E 99 -1.20 -72.31 -20.10
CA GLY E 99 0.06 -71.68 -20.44
C GLY E 99 1.14 -71.91 -19.41
N ASN E 100 2.27 -71.25 -19.60
CA ASN E 100 3.35 -71.37 -18.65
C ASN E 100 3.17 -70.38 -17.51
N PHE E 101 3.41 -70.84 -16.28
CA PHE E 101 3.30 -69.97 -15.12
C PHE E 101 3.94 -68.60 -15.38
N ALA E 102 5.26 -68.55 -15.40
CA ALA E 102 5.97 -67.29 -15.43
C ALA E 102 5.73 -66.49 -16.72
N GLU E 103 5.63 -67.20 -17.84
CA GLU E 103 5.44 -66.56 -19.14
C GLU E 103 4.08 -65.82 -19.18
N CYS E 104 3.09 -66.35 -18.46
CA CYS E 104 1.80 -65.67 -18.29
C CYS E 104 1.92 -64.45 -17.37
N TYR E 105 2.31 -64.68 -16.12
CA TYR E 105 2.44 -63.61 -15.13
C TYR E 105 3.53 -62.57 -15.42
N ASP E 106 4.43 -62.85 -16.35
CA ASP E 106 5.46 -61.87 -16.72
C ASP E 106 4.84 -60.77 -17.57
N LYS E 107 3.62 -61.01 -18.04
CA LYS E 107 2.93 -60.08 -18.93
C LYS E 107 2.25 -58.95 -18.16
N ILE E 108 1.69 -59.30 -17.00
CA ILE E 108 0.93 -58.37 -16.16
C ILE E 108 1.74 -57.16 -15.70
N ARG E 109 1.13 -55.98 -15.80
CA ARG E 109 1.74 -54.71 -15.42
C ARG E 109 0.86 -53.89 -14.51
N ARG E 110 1.48 -53.11 -13.65
CA ARG E 110 0.73 -52.20 -12.77
C ARG E 110 -0.31 -51.42 -13.58
N GLY E 111 -1.55 -51.41 -13.09
CA GLY E 111 -2.62 -50.67 -13.75
C GLY E 111 -3.58 -51.51 -14.59
N ASP E 112 -3.18 -52.74 -14.92
CA ASP E 112 -4.00 -53.61 -15.76
C ASP E 112 -5.30 -54.04 -15.06
N ILE E 113 -6.35 -54.26 -15.86
CA ILE E 113 -7.57 -54.85 -15.36
C ILE E 113 -7.49 -56.33 -15.69
N VAL E 114 -7.65 -57.19 -14.68
CA VAL E 114 -7.55 -58.64 -14.87
C VAL E 114 -8.84 -59.33 -14.41
N GLY E 115 -9.16 -60.46 -15.01
CA GLY E 115 -10.08 -61.41 -14.41
C GLY E 115 -9.22 -62.48 -13.78
N ILE E 116 -9.71 -63.11 -12.72
CA ILE E 116 -8.91 -64.06 -11.98
C ILE E 116 -9.77 -65.19 -11.47
N VAL E 117 -9.32 -66.42 -11.68
CA VAL E 117 -10.08 -67.56 -11.18
C VAL E 117 -9.26 -68.29 -10.13
N GLY E 118 -9.80 -68.37 -8.91
CA GLY E 118 -9.04 -68.83 -7.76
C GLY E 118 -9.88 -69.00 -6.51
N PHE E 119 -9.25 -69.35 -5.39
CA PHE E 119 -9.97 -69.50 -4.13
C PHE E 119 -9.48 -68.46 -3.13
N PRO E 120 -10.30 -68.19 -2.10
CA PRO E 120 -9.92 -67.19 -1.10
C PRO E 120 -9.09 -67.81 0.03
N GLY E 121 -8.23 -66.99 0.63
CA GLY E 121 -7.35 -67.48 1.66
C GLY E 121 -6.48 -66.42 2.29
N LYS E 122 -5.99 -66.72 3.48
CA LYS E 122 -5.10 -65.79 4.15
C LYS E 122 -3.69 -66.30 3.95
N SER E 123 -2.77 -65.40 3.64
CA SER E 123 -1.37 -65.77 3.69
C SER E 123 -1.07 -66.12 5.15
N LYS E 124 0.18 -66.47 5.43
CA LYS E 124 0.54 -66.87 6.78
C LYS E 124 0.48 -65.69 7.74
N LYS E 125 0.78 -64.50 7.21
CA LYS E 125 0.72 -63.25 7.97
C LYS E 125 -0.71 -62.71 8.19
N GLY E 126 -1.72 -63.49 7.84
CA GLY E 126 -3.09 -63.07 8.00
C GLY E 126 -3.51 -62.01 7.00
N GLU E 127 -2.79 -61.93 5.88
CA GLU E 127 -3.10 -61.01 4.78
C GLU E 127 -4.10 -61.62 3.79
N LEU E 128 -5.21 -60.94 3.57
CA LEU E 128 -6.30 -61.49 2.78
C LEU E 128 -5.95 -61.52 1.29
N SER E 129 -6.15 -62.69 0.68
CA SER E 129 -5.69 -62.92 -0.69
C SER E 129 -6.63 -63.85 -1.49
N ILE E 130 -6.56 -63.73 -2.82
CA ILE E 130 -7.19 -64.70 -3.71
C ILE E 130 -6.09 -65.47 -4.44
N PHE E 131 -6.19 -66.79 -4.45
CA PHE E 131 -5.18 -67.64 -5.06
C PHE E 131 -5.60 -68.10 -6.44
N PRO E 132 -5.07 -67.46 -7.51
CA PRO E 132 -5.45 -67.87 -8.87
C PRO E 132 -4.92 -69.23 -9.39
N LYS E 133 -5.78 -69.97 -10.08
CA LYS E 133 -5.34 -71.07 -10.94
C LYS E 133 -5.14 -70.54 -12.34
N GLU E 134 -5.81 -69.42 -12.61
CA GLU E 134 -5.83 -68.78 -13.92
C GLU E 134 -6.04 -67.28 -13.76
N THR E 135 -5.20 -66.49 -14.42
CA THR E 135 -5.39 -65.03 -14.47
C THR E 135 -5.43 -64.53 -15.93
N ILE E 136 -6.56 -63.96 -16.35
CA ILE E 136 -6.68 -63.46 -17.72
C ILE E 136 -6.64 -61.93 -17.75
N LEU E 137 -6.01 -61.32 -18.75
CA LEU E 137 -6.06 -59.85 -18.89
C LEU E 137 -7.41 -59.48 -19.48
N LEU E 138 -7.99 -58.37 -19.01
CA LEU E 138 -9.29 -57.89 -19.53
C LEU E 138 -9.15 -56.56 -20.25
N SER E 139 -8.31 -55.69 -19.71
CA SER E 139 -7.91 -54.46 -20.35
C SER E 139 -6.55 -54.07 -19.80
N ALA E 140 -5.63 -53.76 -20.70
CA ALA E 140 -4.33 -53.28 -20.28
C ALA E 140 -4.28 -51.76 -20.16
N CYS E 141 -3.61 -51.31 -19.11
CA CYS E 141 -3.12 -49.95 -18.97
C CYS E 141 -1.83 -49.74 -19.81
N LEU E 142 -1.91 -48.84 -20.80
CA LEU E 142 -0.78 -48.63 -21.73
C LEU E 142 0.32 -47.66 -21.26
N HIS E 143 0.05 -46.92 -20.19
CA HIS E 143 0.97 -45.88 -19.73
C HIS E 143 1.49 -46.20 -18.36
N MET E 144 2.45 -45.41 -17.91
CA MET E 144 2.87 -45.52 -16.53
C MET E 144 1.90 -44.81 -15.59
N LEU E 145 1.20 -45.58 -14.79
CA LEU E 145 0.51 -45.03 -13.62
C LEU E 145 1.53 -44.44 -12.64
N PRO E 146 1.38 -43.14 -12.32
CA PRO E 146 2.19 -42.52 -11.25
C PRO E 146 1.97 -43.24 -9.92
N MET E 147 2.73 -42.87 -8.89
CA MET E 147 2.51 -43.45 -7.55
C MET E 147 2.17 -42.36 -6.57
N LYS E 148 1.91 -42.73 -5.32
CA LYS E 148 1.69 -41.70 -4.29
C LYS E 148 2.86 -40.72 -4.16
N TYR E 149 2.55 -39.45 -3.89
CA TYR E 149 3.50 -38.35 -4.04
C TYR E 149 3.76 -38.01 -5.51
N GLY E 150 3.40 -38.93 -6.40
CA GLY E 150 3.33 -38.63 -7.83
C GLY E 150 2.32 -37.50 -8.04
N LEU E 151 1.17 -37.60 -7.37
CA LEU E 151 0.18 -36.53 -7.39
C LEU E 151 -0.24 -36.12 -5.99
N LYS E 152 -0.75 -34.90 -5.90
CA LYS E 152 -0.77 -34.15 -4.65
C LYS E 152 0.70 -33.81 -4.38
N ASP E 153 1.05 -32.61 -4.81
CA ASP E 153 0.08 -31.72 -5.41
C ASP E 153 0.36 -31.48 -6.89
N THR E 154 -0.67 -31.57 -7.72
CA THR E 154 -0.53 -31.14 -9.11
C THR E 154 -1.89 -30.78 -9.67
N GLU E 155 -1.91 -30.42 -10.95
CA GLU E 155 -3.15 -30.07 -11.56
C GLU E 155 -3.77 -31.25 -12.29
N ILE E 156 -2.95 -32.26 -12.58
CA ILE E 156 -3.48 -33.43 -13.27
C ILE E 156 -4.33 -34.24 -12.31
N ARG E 157 -4.36 -33.82 -11.05
CA ARG E 157 -5.42 -34.23 -10.13
C ARG E 157 -6.81 -33.86 -10.70
N TYR E 158 -6.84 -32.72 -11.41
CA TYR E 158 -8.08 -32.18 -11.95
C TYR E 158 -8.24 -32.51 -13.43
N ARG E 159 -7.23 -32.21 -14.24
CA ARG E 159 -7.30 -32.41 -15.70
C ARG E 159 -7.29 -33.90 -16.12
N GLN E 160 -7.08 -34.79 -15.16
CA GLN E 160 -7.19 -36.24 -15.38
C GLN E 160 -7.72 -36.91 -14.12
N ARG E 161 -8.96 -36.60 -13.80
CA ARG E 161 -9.59 -36.97 -12.53
C ARG E 161 -9.56 -38.48 -12.30
N TYR E 162 -9.68 -39.25 -13.38
CA TYR E 162 -9.59 -40.71 -13.24
C TYR E 162 -8.31 -41.19 -12.53
N LEU E 163 -7.18 -40.50 -12.77
CA LEU E 163 -5.96 -40.83 -12.06
C LEU E 163 -6.08 -40.50 -10.56
N ASP E 164 -6.25 -39.23 -10.23
CA ASP E 164 -6.59 -38.83 -8.86
C ASP E 164 -7.51 -39.86 -8.20
N LEU E 165 -8.58 -40.26 -8.89
CA LEU E 165 -9.54 -41.24 -8.38
C LEU E 165 -8.96 -42.60 -8.01
N LEU E 166 -8.01 -43.05 -8.85
CA LEU E 166 -7.42 -44.36 -8.68
C LEU E 166 -6.50 -44.39 -7.47
N ILE E 167 -5.60 -43.42 -7.45
CA ILE E 167 -4.43 -43.41 -6.57
C ILE E 167 -4.77 -42.83 -5.19
N ASN E 168 -5.34 -41.62 -5.18
CA ASN E 168 -5.68 -40.95 -3.94
C ASN E 168 -7.00 -41.44 -3.39
N GLU E 169 -6.93 -42.10 -2.24
CA GLU E 169 -8.11 -42.71 -1.63
C GLU E 169 -8.97 -41.64 -1.02
N SER E 170 -8.35 -40.74 -0.25
CA SER E 170 -9.09 -39.65 0.36
C SER E 170 -10.01 -38.93 -0.65
N SER E 171 -9.68 -38.99 -1.94
CA SER E 171 -10.50 -38.30 -2.94
C SER E 171 -11.79 -39.07 -3.27
N ARG E 172 -11.65 -40.25 -3.86
CA ARG E 172 -12.82 -41.08 -4.09
C ARG E 172 -13.77 -40.97 -2.91
N HIS E 173 -13.21 -41.01 -1.70
CA HIS E 173 -14.00 -40.92 -0.47
C HIS E 173 -14.75 -39.59 -0.38
N THR E 174 -14.08 -38.54 -0.85
CA THR E 174 -14.67 -37.21 -0.88
C THR E 174 -15.89 -37.14 -1.79
N PHE E 175 -15.74 -37.60 -3.03
CA PHE E 175 -16.88 -37.52 -3.94
C PHE E 175 -18.05 -38.36 -3.47
N VAL E 176 -17.74 -39.52 -2.91
CA VAL E 176 -18.79 -40.31 -2.29
C VAL E 176 -19.56 -39.45 -1.31
N THR E 177 -18.82 -38.85 -0.38
CA THR E 177 -19.40 -37.96 0.63
C THR E 177 -20.27 -36.84 0.01
N ARG E 178 -19.83 -36.24 -1.08
CA ARG E 178 -20.68 -35.27 -1.77
C ARG E 178 -22.00 -35.90 -2.20
N THR E 179 -21.94 -37.07 -2.79
CA THR E 179 -23.17 -37.70 -3.24
C THR E 179 -24.06 -37.96 -2.03
N LYS E 180 -23.47 -38.58 -1.00
CA LYS E 180 -24.19 -38.85 0.26
C LYS E 180 -24.97 -37.62 0.74
N ILE E 181 -24.31 -36.48 0.67
CA ILE E 181 -24.87 -35.21 1.10
C ILE E 181 -26.17 -34.90 0.34
N ILE E 182 -26.03 -34.67 -0.96
CA ILE E 182 -27.20 -34.50 -1.84
C ILE E 182 -28.27 -35.58 -1.60
N ASN E 183 -27.93 -36.86 -1.53
CA ASN E 183 -28.99 -37.83 -1.30
C ASN E 183 -29.74 -37.52 0.00
N PHE E 184 -28.99 -37.20 1.05
CA PHE E 184 -29.59 -36.92 2.33
C PHE E 184 -30.54 -35.73 2.26
N LEU E 185 -30.10 -34.71 1.52
CA LEU E 185 -30.87 -33.49 1.28
C LEU E 185 -32.15 -33.86 0.53
N ARG E 186 -31.96 -34.35 -0.68
CA ARG E 186 -33.07 -34.77 -1.50
C ARG E 186 -34.08 -35.51 -0.64
N ASN E 187 -33.63 -36.54 0.07
CA ASN E 187 -34.55 -37.29 0.94
C ASN E 187 -35.15 -36.39 2.05
N PHE E 188 -34.33 -35.47 2.56
CA PHE E 188 -34.73 -34.65 3.70
C PHE E 188 -36.02 -33.98 3.34
N LEU E 189 -35.94 -33.22 2.25
CA LEU E 189 -37.08 -32.60 1.60
C LEU E 189 -38.22 -33.59 1.27
N ASN E 190 -37.96 -34.59 0.45
CA ASN E 190 -39.07 -35.45 0.04
C ASN E 190 -39.93 -35.93 1.22
N GLU E 191 -39.27 -36.29 2.33
CA GLU E 191 -39.96 -36.71 3.53
C GLU E 191 -40.85 -35.61 4.12
N ARG E 192 -40.54 -34.36 3.79
CA ARG E 192 -41.28 -33.21 4.32
C ARG E 192 -42.37 -32.75 3.36
N GLY E 193 -42.74 -33.61 2.43
CA GLY E 193 -43.82 -33.29 1.52
C GLY E 193 -43.45 -32.23 0.49
N PHE E 194 -42.15 -32.01 0.33
CA PHE E 194 -41.66 -31.17 -0.76
C PHE E 194 -41.60 -31.95 -2.07
N PHE E 195 -41.58 -31.17 -3.17
CA PHE E 195 -41.71 -31.63 -4.54
C PHE E 195 -40.58 -31.09 -5.40
N GLU E 196 -39.69 -31.97 -5.87
CA GLU E 196 -38.65 -31.59 -6.81
C GLU E 196 -39.27 -31.26 -8.19
N VAL E 197 -38.67 -30.29 -8.89
CA VAL E 197 -39.10 -29.91 -10.23
C VAL E 197 -37.91 -29.47 -11.08
N GLU E 198 -38.13 -29.47 -12.39
CA GLU E 198 -37.13 -29.05 -13.36
C GLU E 198 -37.54 -27.73 -14.00
N THR E 199 -36.66 -26.74 -13.95
CA THR E 199 -36.89 -25.44 -14.59
C THR E 199 -35.74 -25.19 -15.59
N PRO E 200 -35.90 -24.22 -16.50
CA PRO E 200 -34.90 -23.98 -17.54
C PRO E 200 -33.54 -23.55 -16.97
N MET E 201 -32.48 -23.92 -17.67
CA MET E 201 -31.14 -23.43 -17.36
C MET E 201 -30.82 -22.26 -18.29
N MET E 202 -31.65 -22.15 -19.34
CA MET E 202 -31.52 -21.14 -20.40
C MET E 202 -32.79 -20.25 -20.45
N ASN E 203 -32.61 -18.93 -20.29
CA ASN E 203 -33.71 -17.95 -20.14
C ASN E 203 -33.62 -16.68 -21.02
N LEU E 204 -34.18 -15.59 -20.50
CA LEU E 204 -33.90 -14.22 -20.98
C LEU E 204 -33.99 -13.16 -19.86
N ILE E 205 -32.86 -12.92 -19.19
CA ILE E 205 -32.66 -11.65 -18.48
C ILE E 205 -31.57 -10.82 -19.15
N PRO E 213 -23.02 -13.32 -16.13
CA PRO E 213 -23.98 -13.36 -17.25
C PRO E 213 -23.43 -14.14 -18.46
N PHE E 214 -23.99 -15.31 -18.76
CA PHE E 214 -23.57 -16.09 -19.93
C PHE E 214 -24.54 -15.98 -21.10
N ILE E 215 -24.08 -15.35 -22.18
CA ILE E 215 -24.93 -15.12 -23.35
C ILE E 215 -24.66 -16.10 -24.49
N THR E 216 -25.59 -17.02 -24.74
CA THR E 216 -25.47 -17.89 -25.91
C THR E 216 -26.62 -17.64 -26.89
N HIS E 217 -26.39 -17.94 -28.16
CA HIS E 217 -27.35 -17.64 -29.24
C HIS E 217 -28.02 -18.90 -29.82
N HIS E 218 -29.31 -18.79 -30.13
CA HIS E 218 -30.09 -19.91 -30.70
C HIS E 218 -30.32 -19.69 -32.20
N ASN E 219 -29.45 -20.31 -33.00
CA ASN E 219 -29.48 -20.26 -34.47
C ASN E 219 -30.86 -20.18 -35.14
N ASP E 220 -31.87 -20.81 -34.56
CA ASP E 220 -33.21 -20.83 -35.17
C ASP E 220 -34.04 -19.58 -34.85
N LEU E 221 -34.23 -19.29 -33.57
CA LEU E 221 -35.00 -18.10 -33.17
C LEU E 221 -34.25 -16.80 -33.50
N ASP E 222 -32.94 -16.92 -33.72
CA ASP E 222 -32.04 -15.76 -33.85
C ASP E 222 -32.20 -14.81 -32.67
N LEU E 223 -32.05 -15.36 -31.46
CA LEU E 223 -32.09 -14.56 -30.24
C LEU E 223 -30.92 -14.94 -29.34
N ASP E 224 -30.57 -14.04 -28.43
CA ASP E 224 -29.54 -14.34 -27.45
C ASP E 224 -30.13 -14.91 -26.15
N LEU E 225 -29.89 -16.20 -25.91
CA LEU E 225 -30.34 -16.86 -24.68
C LEU E 225 -29.44 -16.56 -23.49
N TYR E 226 -29.87 -16.98 -22.30
CA TYR E 226 -29.25 -16.55 -21.04
C TYR E 226 -29.15 -17.70 -20.05
N LEU E 227 -27.99 -17.85 -19.39
CA LEU E 227 -27.76 -18.97 -18.46
C LEU E 227 -28.16 -18.57 -17.06
N ARG E 228 -28.97 -19.42 -16.42
CA ARG E 228 -29.56 -19.02 -15.14
C ARG E 228 -28.51 -18.81 -14.07
N ILE E 229 -28.86 -17.97 -13.10
CA ILE E 229 -27.96 -17.58 -12.02
C ILE E 229 -28.60 -17.94 -10.67
N ALA E 230 -29.91 -18.14 -10.73
CA ALA E 230 -30.66 -18.79 -9.64
C ALA E 230 -31.88 -19.48 -10.23
N THR E 231 -32.70 -20.10 -9.39
CA THR E 231 -33.93 -20.74 -9.87
C THR E 231 -35.18 -20.13 -9.25
N GLU E 232 -34.96 -19.04 -8.50
CA GLU E 232 -35.98 -18.40 -7.67
C GLU E 232 -37.32 -18.11 -8.34
N LEU E 233 -37.27 -17.34 -9.43
CA LEU E 233 -38.46 -16.90 -10.16
C LEU E 233 -39.41 -18.05 -10.52
N PRO E 234 -38.98 -18.97 -11.40
CA PRO E 234 -39.91 -20.02 -11.84
C PRO E 234 -40.41 -20.82 -10.67
N LEU E 235 -39.54 -21.08 -9.70
CA LEU E 235 -39.95 -21.81 -8.52
C LEU E 235 -41.14 -21.06 -7.93
N LYS E 236 -40.92 -19.79 -7.60
CA LYS E 236 -42.03 -18.96 -7.14
C LYS E 236 -43.33 -19.16 -7.96
N MET E 237 -43.22 -19.09 -9.28
CA MET E 237 -44.37 -19.24 -10.16
C MET E 237 -45.18 -20.52 -9.88
N LEU E 238 -44.48 -21.64 -9.69
CA LEU E 238 -45.19 -22.87 -9.31
C LEU E 238 -46.02 -22.69 -8.02
N ILE E 239 -45.51 -21.88 -7.08
CA ILE E 239 -46.23 -21.62 -5.83
C ILE E 239 -47.62 -20.99 -6.10
N VAL E 240 -47.61 -19.86 -6.81
CA VAL E 240 -48.84 -19.30 -7.38
C VAL E 240 -49.62 -20.43 -8.05
N GLY E 241 -48.89 -21.24 -8.83
CA GLY E 241 -49.48 -22.36 -9.52
C GLY E 241 -50.13 -23.38 -8.59
N GLY E 242 -49.79 -23.33 -7.30
CA GLY E 242 -50.50 -24.16 -6.32
C GLY E 242 -49.75 -25.35 -5.75
N ILE E 243 -48.51 -25.50 -6.21
CA ILE E 243 -47.50 -26.42 -5.69
C ILE E 243 -46.88 -25.84 -4.38
N ASP E 244 -47.36 -26.31 -3.22
CA ASP E 244 -47.09 -25.61 -1.93
C ASP E 244 -45.68 -25.79 -1.29
N LYS E 245 -45.04 -26.92 -1.55
CA LYS E 245 -43.64 -27.09 -1.17
C LYS E 245 -42.83 -27.61 -2.35
N VAL E 246 -42.00 -26.73 -2.91
CA VAL E 246 -41.31 -26.99 -4.16
C VAL E 246 -39.82 -26.75 -4.00
N TYR E 247 -38.99 -27.60 -4.61
CA TYR E 247 -37.54 -27.36 -4.63
C TYR E 247 -36.89 -27.83 -5.94
N GLU E 248 -35.72 -27.27 -6.22
CA GLU E 248 -34.87 -27.75 -7.33
C GLU E 248 -33.42 -27.85 -6.85
N ILE E 249 -32.73 -28.91 -7.29
CA ILE E 249 -31.28 -29.08 -7.04
C ILE E 249 -30.60 -29.14 -8.40
N GLY E 250 -29.81 -28.12 -8.75
CA GLY E 250 -29.16 -28.16 -10.05
C GLY E 250 -28.04 -27.14 -10.16
N LYS E 251 -27.55 -26.95 -11.37
CA LYS E 251 -26.51 -25.97 -11.60
C LYS E 251 -27.13 -24.61 -11.88
N VAL E 252 -26.39 -23.58 -11.45
CA VAL E 252 -26.55 -22.20 -11.91
C VAL E 252 -25.13 -21.75 -12.30
N PHE E 253 -25.00 -20.56 -12.88
CA PHE E 253 -23.72 -20.14 -13.42
C PHE E 253 -23.38 -18.70 -13.08
N ARG E 254 -22.08 -18.41 -13.13
CA ARG E 254 -21.58 -17.04 -13.20
C ARG E 254 -20.45 -17.00 -14.21
N ASN E 255 -20.41 -15.96 -15.03
CA ASN E 255 -19.29 -15.73 -15.93
C ASN E 255 -18.30 -14.73 -15.34
N GLU E 256 -17.63 -15.12 -14.27
CA GLU E 256 -16.58 -14.30 -13.70
C GLU E 256 -15.24 -15.05 -13.76
N GLY E 257 -14.35 -14.80 -12.81
CA GLY E 257 -13.03 -15.41 -12.83
C GLY E 257 -12.98 -16.78 -12.18
N ILE E 258 -12.00 -17.60 -12.57
CA ILE E 258 -11.85 -18.95 -12.04
C ILE E 258 -10.67 -19.14 -11.08
N ASP E 259 -10.99 -19.36 -9.80
CA ASP E 259 -9.97 -19.59 -8.80
C ASP E 259 -10.26 -20.88 -8.02
N ASN E 260 -9.87 -20.91 -6.74
CA ASN E 260 -10.09 -22.11 -5.95
C ASN E 260 -11.35 -22.01 -5.09
N THR E 261 -11.98 -20.84 -5.14
CA THR E 261 -13.27 -20.62 -4.51
C THR E 261 -14.41 -20.44 -5.54
N HIS E 262 -14.07 -20.36 -6.83
CA HIS E 262 -15.03 -20.04 -7.90
C HIS E 262 -14.91 -20.92 -9.12
N ASN E 263 -16.01 -21.55 -9.48
CA ASN E 263 -16.12 -22.28 -10.74
C ASN E 263 -17.23 -21.67 -11.59
N PRO E 264 -17.20 -21.91 -12.91
CA PRO E 264 -18.31 -21.48 -13.77
C PRO E 264 -19.70 -22.01 -13.38
N GLU E 265 -19.76 -23.24 -12.89
CA GLU E 265 -21.01 -23.88 -12.47
C GLU E 265 -20.88 -24.27 -11.00
N PHE E 266 -21.79 -23.79 -10.17
CA PHE E 266 -21.89 -24.31 -8.82
C PHE E 266 -23.08 -25.25 -8.83
N THR E 267 -23.32 -25.90 -7.71
CA THR E 267 -24.56 -26.62 -7.56
C THR E 267 -25.33 -25.91 -6.47
N SER E 268 -26.59 -25.60 -6.77
CA SER E 268 -27.41 -24.84 -5.85
C SER E 268 -28.63 -25.65 -5.57
N CYS E 269 -29.22 -25.40 -4.40
CA CYS E 269 -30.55 -25.90 -4.06
C CYS E 269 -31.44 -24.73 -3.58
N GLU E 270 -32.66 -24.66 -4.09
CA GLU E 270 -33.59 -23.59 -3.71
C GLU E 270 -34.95 -24.20 -3.45
N PHE E 271 -35.61 -23.81 -2.36
CA PHE E 271 -36.97 -24.29 -2.19
C PHE E 271 -37.98 -23.19 -1.81
N TYR E 272 -39.27 -23.42 -2.08
CA TYR E 272 -40.30 -22.53 -1.57
C TYR E 272 -41.36 -23.26 -0.78
N TRP E 273 -41.84 -22.56 0.24
CA TRP E 273 -42.64 -23.18 1.28
C TRP E 273 -43.75 -22.22 1.69
N ALA E 274 -44.93 -22.45 1.12
CA ALA E 274 -46.10 -21.63 1.40
C ALA E 274 -46.47 -21.64 2.88
N TYR E 275 -47.09 -20.52 3.29
CA TYR E 275 -47.46 -20.22 4.67
C TYR E 275 -46.38 -20.69 5.67
N ALA E 276 -45.16 -20.26 5.44
CA ALA E 276 -44.04 -20.68 6.26
C ALA E 276 -43.26 -19.45 6.71
N ASP E 277 -42.85 -19.45 7.98
CA ASP E 277 -42.24 -18.27 8.57
C ASP E 277 -40.77 -18.54 8.94
N TYR E 278 -39.99 -17.45 8.99
CA TYR E 278 -38.71 -17.37 9.72
C TYR E 278 -38.55 -18.50 10.74
N ASN E 279 -39.46 -18.60 11.71
CA ASN E 279 -39.37 -19.67 12.71
C ASN E 279 -39.32 -21.08 12.09
N ASP E 280 -40.14 -21.29 11.06
CA ASP E 280 -40.14 -22.55 10.32
C ASP E 280 -38.84 -22.70 9.53
N LEU E 281 -38.34 -21.58 9.01
CA LEU E 281 -37.10 -21.57 8.24
C LEU E 281 -35.83 -21.86 9.10
N ILE E 282 -35.78 -21.29 10.31
CA ILE E 282 -34.66 -21.54 11.25
C ILE E 282 -34.65 -23.01 11.68
N LYS E 283 -35.77 -23.45 12.23
CA LYS E 283 -35.90 -24.82 12.67
C LYS E 283 -35.41 -25.75 11.55
N TRP E 284 -35.76 -25.43 10.30
CA TRP E 284 -35.45 -26.32 9.19
C TRP E 284 -33.93 -26.41 9.03
N SER E 285 -33.26 -25.26 9.08
CA SER E 285 -31.80 -25.24 8.97
C SER E 285 -31.11 -25.96 10.15
N GLU E 286 -31.51 -25.65 11.38
CA GLU E 286 -30.90 -26.34 12.51
C GLU E 286 -31.16 -27.84 12.41
N ASP E 287 -32.41 -28.22 12.12
CA ASP E 287 -32.72 -29.64 11.90
C ASP E 287 -31.83 -30.26 10.81
N PHE E 288 -31.64 -29.53 9.71
CA PHE E 288 -30.91 -30.07 8.59
C PHE E 288 -29.44 -30.30 8.93
N PHE E 289 -28.75 -29.23 9.34
CA PHE E 289 -27.34 -29.32 9.63
C PHE E 289 -26.99 -30.31 10.76
N SER E 290 -27.67 -30.16 11.90
CA SER E 290 -27.56 -31.17 12.95
C SER E 290 -27.74 -32.61 12.41
N GLN E 291 -28.82 -32.90 11.70
CA GLN E 291 -29.06 -34.28 11.25
C GLN E 291 -28.05 -34.73 10.19
N LEU E 292 -27.72 -33.81 9.29
CA LEU E 292 -26.83 -34.12 8.17
C LEU E 292 -25.46 -34.56 8.68
N VAL E 293 -24.80 -33.64 9.37
CA VAL E 293 -23.52 -33.90 10.00
C VAL E 293 -23.48 -35.19 10.84
N TYR E 294 -24.42 -35.36 11.78
CA TYR E 294 -24.50 -36.62 12.52
C TYR E 294 -24.65 -37.82 11.56
N HIS E 295 -25.47 -37.65 10.51
CA HIS E 295 -25.72 -38.71 9.51
C HIS E 295 -24.44 -39.26 8.91
N LEU E 296 -23.47 -38.35 8.73
CA LEU E 296 -22.19 -38.66 8.14
C LEU E 296 -21.23 -39.13 9.22
N PHE E 297 -21.19 -38.38 10.33
CA PHE E 297 -20.08 -38.49 11.27
C PHE E 297 -20.36 -39.22 12.59
N GLY E 298 -21.63 -39.36 12.96
CA GLY E 298 -22.00 -40.05 14.18
C GLY E 298 -22.03 -39.10 15.37
N THR E 299 -21.64 -37.85 15.15
CA THR E 299 -21.77 -36.78 16.14
C THR E 299 -21.93 -35.37 15.49
N TYR E 300 -22.09 -34.33 16.33
CA TYR E 300 -22.39 -32.98 15.83
C TYR E 300 -21.13 -32.15 15.61
N LYS E 301 -19.99 -32.67 16.07
CA LYS E 301 -18.74 -31.93 15.95
C LYS E 301 -17.79 -32.53 14.89
N ILE E 302 -17.14 -31.65 14.13
CA ILE E 302 -16.26 -32.05 13.04
C ILE E 302 -14.95 -31.24 13.10
N SER E 303 -13.91 -31.72 12.42
CA SER E 303 -12.65 -30.97 12.37
C SER E 303 -12.41 -30.37 10.98
N TYR E 304 -12.32 -29.05 10.92
CA TYR E 304 -12.08 -28.36 9.65
C TYR E 304 -10.74 -27.66 9.66
N ASN E 305 -10.01 -27.79 8.56
CA ASN E 305 -8.75 -27.07 8.45
C ASN E 305 -8.89 -25.68 7.89
N LYS E 306 -9.38 -24.78 8.72
CA LYS E 306 -9.70 -23.41 8.30
C LYS E 306 -8.59 -22.63 7.57
N ASP E 307 -7.32 -22.88 7.88
CA ASP E 307 -6.27 -22.07 7.26
C ASP E 307 -5.38 -22.84 6.28
N GLY E 308 -5.79 -24.07 5.98
CA GLY E 308 -5.00 -24.96 5.16
C GLY E 308 -4.52 -26.13 6.00
N PRO E 309 -4.08 -27.21 5.32
CA PRO E 309 -3.64 -28.48 5.92
C PRO E 309 -2.18 -28.41 6.37
N GLU E 310 -1.49 -27.35 5.96
CA GLU E 310 -0.17 -27.00 6.49
C GLU E 310 -0.36 -26.18 7.78
N ASN E 311 -1.59 -26.19 8.27
CA ASN E 311 -1.99 -25.44 9.47
C ASN E 311 -2.85 -26.29 10.40
N GLN E 312 -2.97 -25.83 11.64
CA GLN E 312 -3.78 -26.49 12.67
C GLN E 312 -5.28 -26.43 12.31
N PRO E 313 -6.01 -27.52 12.58
CA PRO E 313 -7.45 -27.59 12.32
C PRO E 313 -8.28 -27.14 13.53
N ILE E 314 -9.45 -26.55 13.28
CA ILE E 314 -10.36 -26.10 14.34
C ILE E 314 -11.63 -26.96 14.37
N GLU E 315 -12.38 -26.90 15.47
CA GLU E 315 -13.61 -27.69 15.61
C GLU E 315 -14.90 -26.88 15.32
N ILE E 316 -15.88 -27.54 14.72
CA ILE E 316 -17.16 -26.88 14.42
C ILE E 316 -18.35 -27.64 15.02
N ASP E 317 -19.04 -26.99 15.95
CA ASP E 317 -20.09 -27.64 16.74
C ASP E 317 -21.50 -27.44 16.11
N PHE E 318 -22.07 -28.53 15.60
CA PHE E 318 -23.37 -28.46 14.92
C PHE E 318 -24.50 -29.02 15.77
N THR E 319 -24.30 -29.05 17.09
CA THR E 319 -25.41 -29.29 18.00
C THR E 319 -26.25 -28.00 18.05
N PRO E 320 -27.54 -28.12 17.71
CA PRO E 320 -28.48 -26.99 17.68
C PRO E 320 -29.01 -26.71 19.09
N PRO E 321 -29.60 -25.53 19.30
CA PRO E 321 -29.81 -24.47 18.30
C PRO E 321 -28.58 -23.60 18.12
N TYR E 322 -28.54 -22.83 17.04
CA TYR E 322 -27.43 -21.95 16.72
C TYR E 322 -27.75 -20.51 17.08
N PRO E 323 -26.70 -19.75 17.45
CA PRO E 323 -26.85 -18.33 17.81
C PRO E 323 -27.58 -17.47 16.74
N LYS E 324 -28.52 -16.63 17.16
CA LYS E 324 -29.09 -15.61 16.23
C LYS E 324 -28.56 -14.20 16.52
N VAL E 325 -28.14 -13.49 15.47
CA VAL E 325 -27.48 -12.19 15.64
C VAL E 325 -28.05 -11.13 14.72
N SER E 326 -29.01 -10.37 15.25
CA SER E 326 -29.47 -9.15 14.61
C SER E 326 -28.25 -8.31 14.21
N ILE E 327 -28.21 -7.89 12.96
CA ILE E 327 -27.00 -7.32 12.38
C ILE E 327 -26.81 -5.84 12.69
N VAL E 328 -27.88 -5.05 12.64
CA VAL E 328 -27.74 -3.64 13.05
C VAL E 328 -27.44 -3.53 14.56
N GLU E 329 -28.24 -4.22 15.36
CA GLU E 329 -28.11 -4.28 16.82
C GLU E 329 -26.72 -4.72 17.31
N GLU E 330 -26.07 -5.57 16.52
CA GLU E 330 -24.74 -6.13 16.85
C GLU E 330 -23.60 -5.40 16.13
N ILE E 331 -23.96 -4.52 15.20
CA ILE E 331 -23.01 -3.57 14.64
C ILE E 331 -22.95 -2.40 15.61
N GLU E 332 -24.14 -1.90 15.93
CA GLU E 332 -24.33 -0.83 16.89
C GLU E 332 -23.53 -1.05 18.19
N LYS E 333 -23.86 -2.13 18.90
CA LYS E 333 -23.19 -2.47 20.16
C LYS E 333 -21.67 -2.64 20.03
N VAL E 334 -21.23 -3.22 18.91
CA VAL E 334 -19.79 -3.34 18.64
C VAL E 334 -19.14 -1.99 18.28
N THR E 335 -19.63 -1.38 17.20
CA THR E 335 -19.09 -0.13 16.69
C THR E 335 -19.41 1.09 17.56
N ASN E 336 -20.18 0.88 18.63
CA ASN E 336 -20.46 1.92 19.62
C ASN E 336 -21.12 3.19 19.06
N THR E 337 -22.04 3.00 18.11
CA THR E 337 -22.77 4.13 17.54
C THR E 337 -24.29 3.92 17.57
N ILE E 338 -25.00 4.62 16.68
CA ILE E 338 -26.44 4.53 16.58
C ILE E 338 -26.98 5.32 15.41
N LEU E 339 -27.30 4.59 14.35
CA LEU E 339 -28.05 5.10 13.22
C LEU E 339 -29.37 4.32 13.26
N GLU E 340 -30.30 4.75 14.13
CA GLU E 340 -31.52 3.98 14.43
C GLU E 340 -32.65 4.30 13.46
N GLN E 341 -33.00 5.59 13.41
CA GLN E 341 -33.62 6.20 12.24
C GLN E 341 -33.51 5.25 11.04
N PRO E 342 -34.52 4.37 10.88
CA PRO E 342 -34.39 3.32 9.86
C PRO E 342 -34.36 3.88 8.46
N PHE E 343 -34.14 5.18 8.33
CA PHE E 343 -33.75 5.75 7.05
C PHE E 343 -32.23 5.73 6.98
N ASP E 344 -31.70 4.77 6.21
CA ASP E 344 -30.25 4.64 6.08
C ASP E 344 -29.78 5.37 4.81
N SER E 345 -29.89 6.71 4.80
CA SER E 345 -29.42 7.53 3.67
C SER E 345 -29.07 8.98 4.07
N ASN E 346 -28.59 9.75 3.11
CA ASN E 346 -27.80 10.96 3.40
C ASN E 346 -26.92 10.78 4.64
N GLU E 347 -27.01 11.69 5.61
CA GLU E 347 -26.19 11.61 6.81
C GLU E 347 -26.09 10.20 7.46
N THR E 348 -27.18 9.42 7.43
CA THR E 348 -27.12 8.09 8.04
C THR E 348 -25.96 7.31 7.43
N ILE E 349 -25.84 7.39 6.11
CA ILE E 349 -24.71 6.87 5.34
C ILE E 349 -23.36 7.36 5.87
N GLU E 350 -23.25 8.68 5.93
CA GLU E 350 -22.04 9.34 6.42
C GLU E 350 -21.48 8.72 7.71
N LYS E 351 -22.32 8.44 8.69
CA LYS E 351 -21.84 7.86 9.94
C LYS E 351 -21.12 6.56 9.66
N MET E 352 -21.81 5.68 8.92
CA MET E 352 -21.26 4.40 8.48
C MET E 352 -19.95 4.54 7.69
N ILE E 353 -19.90 5.50 6.77
CA ILE E 353 -18.68 5.78 6.01
C ILE E 353 -17.54 6.13 6.97
N ASN E 354 -17.81 7.07 7.88
CA ASN E 354 -16.82 7.46 8.87
C ASN E 354 -16.32 6.30 9.74
N ILE E 355 -17.21 5.37 10.09
CA ILE E 355 -16.80 4.17 10.83
C ILE E 355 -15.85 3.30 10.01
N ILE E 356 -15.98 3.32 8.68
CA ILE E 356 -15.06 2.57 7.82
C ILE E 356 -13.71 3.29 7.74
N LYS E 357 -13.73 4.59 7.97
CA LYS E 357 -12.52 5.41 8.00
C LYS E 357 -11.89 5.43 9.39
N GLU E 358 -12.72 5.67 10.41
CA GLU E 358 -12.30 5.72 11.81
C GLU E 358 -11.72 4.41 12.32
N HIS E 359 -11.99 3.32 11.61
CA HIS E 359 -11.93 2.01 12.23
C HIS E 359 -11.30 1.05 11.25
N LYS E 360 -10.18 0.46 11.65
CA LYS E 360 -9.37 -0.24 10.70
C LYS E 360 -9.38 0.61 9.43
N ILE E 361 -9.66 -0.05 8.31
CA ILE E 361 -10.00 0.65 7.08
C ILE E 361 -11.05 -0.21 6.37
N GLU E 362 -11.06 -0.14 5.05
CA GLU E 362 -11.80 -1.13 4.26
C GLU E 362 -12.40 -0.50 3.03
N LEU E 363 -12.30 -1.26 1.95
CA LEU E 363 -12.86 -0.86 0.67
C LEU E 363 -14.25 -0.24 0.85
N PRO E 364 -14.38 1.05 0.49
CA PRO E 364 -15.71 1.66 0.48
C PRO E 364 -16.59 0.97 -0.55
N ASN E 365 -16.04 0.83 -1.76
CA ASN E 365 -16.85 0.58 -2.92
C ASN E 365 -17.70 1.82 -3.16
N PRO E 366 -18.02 2.13 -4.44
CA PRO E 366 -19.07 3.12 -4.68
C PRO E 366 -20.19 3.06 -3.61
N PRO E 367 -20.39 4.16 -2.86
CA PRO E 367 -20.97 4.16 -1.52
C PRO E 367 -22.45 3.87 -1.42
N THR E 368 -22.90 2.81 -2.09
CA THR E 368 -24.27 2.31 -1.90
C THR E 368 -24.51 1.97 -0.43
N ALA E 369 -25.57 2.53 0.15
CA ALA E 369 -25.89 2.29 1.56
C ALA E 369 -25.80 0.81 1.94
N ALA E 370 -26.34 -0.07 1.10
CA ALA E 370 -26.28 -1.50 1.37
C ALA E 370 -24.85 -2.02 1.22
N LYS E 371 -24.15 -1.56 0.19
CA LYS E 371 -22.73 -1.89 -0.01
C LYS E 371 -21.87 -1.55 1.22
N LEU E 372 -22.10 -0.37 1.78
CA LEU E 372 -21.43 -0.01 3.02
C LEU E 372 -21.93 -1.01 4.05
N LEU E 373 -23.24 -1.04 4.22
CA LEU E 373 -23.85 -1.89 5.23
C LEU E 373 -23.37 -3.36 5.10
N ASP E 374 -23.11 -3.80 3.87
CA ASP E 374 -22.59 -5.15 3.63
C ASP E 374 -21.12 -5.25 4.05
N GLN E 375 -20.36 -4.17 3.83
CA GLN E 375 -18.95 -4.13 4.25
C GLN E 375 -18.83 -4.26 5.78
N LEU E 376 -19.61 -3.42 6.47
CA LEU E 376 -19.70 -3.44 7.93
C LEU E 376 -19.87 -4.86 8.49
N ALA E 377 -20.69 -5.70 7.85
CA ALA E 377 -20.99 -7.02 8.40
C ALA E 377 -19.87 -8.04 8.20
N SER E 378 -19.18 -7.96 7.05
CA SER E 378 -18.03 -8.81 6.77
C SER E 378 -16.98 -8.69 7.87
N HIS E 379 -16.99 -7.51 8.50
CA HIS E 379 -15.95 -7.07 9.42
C HIS E 379 -16.28 -7.41 10.89
N PHE E 380 -17.30 -6.75 11.44
CA PHE E 380 -17.64 -6.91 12.86
C PHE E 380 -18.44 -8.16 13.19
N ILE E 381 -19.19 -8.72 12.23
CA ILE E 381 -20.13 -9.78 12.54
C ILE E 381 -19.82 -11.15 11.91
N GLU E 382 -19.63 -11.16 10.59
CA GLU E 382 -19.47 -12.41 9.83
C GLU E 382 -18.44 -13.36 10.42
N ASN E 383 -17.38 -12.81 11.01
CA ASN E 383 -16.35 -13.65 11.60
C ASN E 383 -16.48 -13.83 13.12
N LYS E 384 -17.66 -13.48 13.65
CA LYS E 384 -17.92 -13.61 15.09
C LYS E 384 -17.64 -15.00 15.66
N TYR E 385 -18.11 -16.05 14.98
CA TYR E 385 -17.87 -17.41 15.44
C TYR E 385 -17.18 -18.24 14.36
N ASN E 386 -16.19 -19.02 14.77
CA ASN E 386 -15.54 -20.00 13.90
C ASN E 386 -15.66 -21.34 14.57
N ASP E 387 -16.18 -21.32 15.81
CA ASP E 387 -16.38 -22.52 16.60
C ASP E 387 -17.70 -23.27 16.26
N LYS E 388 -18.72 -22.52 15.85
CA LYS E 388 -20.03 -23.09 15.54
C LYS E 388 -20.63 -22.37 14.33
N PRO E 389 -21.70 -22.94 13.72
CA PRO E 389 -22.48 -22.17 12.74
C PRO E 389 -23.42 -21.18 13.45
N PHE E 390 -23.54 -19.97 12.91
CA PHE E 390 -24.48 -19.00 13.47
C PHE E 390 -25.24 -18.24 12.39
N PHE E 391 -26.28 -17.56 12.81
CA PHE E 391 -27.18 -16.88 11.89
C PHE E 391 -26.95 -15.38 11.93
N ILE E 392 -26.79 -14.76 10.77
CA ILE E 392 -26.98 -13.34 10.70
C ILE E 392 -28.44 -13.06 10.28
N VAL E 393 -29.07 -12.10 10.95
CA VAL E 393 -30.53 -12.04 11.01
C VAL E 393 -31.15 -10.63 10.94
N GLU E 394 -32.38 -10.56 10.41
CA GLU E 394 -33.19 -9.33 10.41
C GLU E 394 -32.51 -8.18 9.68
N HIS E 395 -32.15 -8.44 8.42
CA HIS E 395 -31.43 -7.45 7.61
C HIS E 395 -32.30 -6.24 7.28
N PRO E 396 -31.68 -5.05 7.25
CA PRO E 396 -32.35 -3.92 6.62
C PRO E 396 -33.03 -4.29 5.28
N GLN E 397 -34.14 -3.63 4.98
CA GLN E 397 -34.84 -3.83 3.72
C GLN E 397 -33.95 -3.36 2.57
N ILE E 398 -33.04 -2.45 2.87
CA ILE E 398 -32.25 -1.83 1.80
C ILE E 398 -31.31 -2.84 1.14
N MET E 399 -30.91 -3.85 1.90
CA MET E 399 -30.10 -4.94 1.39
C MET E 399 -30.96 -6.07 0.79
N SER E 400 -32.25 -6.08 1.09
CA SER E 400 -33.09 -7.24 0.79
C SER E 400 -34.47 -6.92 0.23
N PRO E 401 -34.50 -6.36 -1.00
CA PRO E 401 -35.70 -5.93 -1.71
C PRO E 401 -36.73 -7.05 -1.98
N LEU E 402 -36.37 -8.32 -1.80
CA LEU E 402 -37.38 -9.38 -1.94
C LEU E 402 -37.92 -9.93 -0.62
N ALA E 403 -37.46 -9.39 0.52
CA ALA E 403 -37.93 -9.91 1.81
C ALA E 403 -39.04 -9.05 2.40
N LYS E 404 -40.05 -9.74 2.94
CA LYS E 404 -41.21 -9.12 3.59
C LYS E 404 -40.72 -8.27 4.77
N TYR E 405 -41.43 -7.17 5.05
CA TYR E 405 -41.05 -6.31 6.15
C TYR E 405 -41.11 -7.07 7.48
N HIS E 406 -40.21 -6.73 8.40
CA HIS E 406 -40.30 -7.27 9.75
C HIS E 406 -41.61 -6.74 10.34
N ARG E 407 -42.26 -7.55 11.19
CA ARG E 407 -43.55 -7.15 11.76
C ARG E 407 -43.37 -5.95 12.69
N THR E 408 -42.71 -6.23 13.79
CA THR E 408 -42.46 -5.26 14.85
C THR E 408 -41.43 -4.18 14.45
N LYS E 409 -40.47 -4.56 13.60
CA LYS E 409 -39.29 -3.72 13.33
C LYS E 409 -39.27 -3.04 11.97
N PRO E 410 -39.32 -1.69 11.96
CA PRO E 410 -39.32 -0.90 10.72
C PRO E 410 -37.96 -0.91 10.01
N GLY E 411 -37.99 -0.94 8.68
CA GLY E 411 -36.76 -0.94 7.89
C GLY E 411 -36.02 -2.28 7.95
N LEU E 412 -36.51 -3.19 8.78
CA LEU E 412 -35.91 -4.52 8.92
C LEU E 412 -36.77 -5.56 8.21
N THR E 413 -36.14 -6.68 7.90
CA THR E 413 -36.80 -7.82 7.28
C THR E 413 -36.71 -8.98 8.28
N GLU E 414 -37.35 -10.10 7.97
CA GLU E 414 -37.25 -11.29 8.81
C GLU E 414 -36.28 -12.33 8.21
N ARG E 415 -35.32 -11.81 7.48
CA ARG E 415 -34.26 -12.58 6.82
C ARG E 415 -33.30 -13.28 7.80
N LEU E 416 -32.90 -14.51 7.45
CA LEU E 416 -31.83 -15.24 8.13
C LEU E 416 -30.82 -15.75 7.11
N GLU E 417 -29.55 -15.77 7.51
CA GLU E 417 -28.44 -16.04 6.62
C GLU E 417 -27.41 -16.76 7.47
N MET E 418 -27.07 -18.00 7.13
CA MET E 418 -26.20 -18.80 8.01
C MET E 418 -24.73 -18.82 7.58
N PHE E 419 -23.84 -18.85 8.57
CA PHE E 419 -22.38 -18.86 8.32
C PHE E 419 -21.65 -19.97 9.05
N ILE E 420 -20.64 -20.52 8.37
CA ILE E 420 -19.60 -21.31 9.02
C ILE E 420 -18.22 -20.76 8.63
N CYS E 421 -17.40 -20.50 9.63
CA CYS E 421 -16.02 -20.02 9.41
C CYS E 421 -15.99 -18.85 8.41
N GLY E 422 -16.99 -17.99 8.55
CA GLY E 422 -17.02 -16.71 7.87
C GLY E 422 -17.44 -16.78 6.42
N LYS E 423 -18.02 -17.93 6.04
CA LYS E 423 -18.52 -18.14 4.69
C LYS E 423 -20.05 -18.33 4.72
N GLU E 424 -20.75 -17.70 3.75
CA GLU E 424 -22.20 -17.88 3.64
C GLU E 424 -22.55 -19.30 3.20
N VAL E 425 -23.35 -19.98 4.01
CA VAL E 425 -23.76 -21.34 3.73
C VAL E 425 -25.18 -21.38 3.16
N LEU E 426 -25.95 -20.34 3.50
CA LEU E 426 -27.40 -20.42 3.47
C LEU E 426 -28.02 -19.03 3.52
N ASN E 427 -28.89 -18.72 2.57
CA ASN E 427 -29.73 -17.54 2.68
C ASN E 427 -31.22 -17.89 2.65
N ALA E 428 -32.01 -17.07 3.35
CA ALA E 428 -33.42 -17.39 3.58
C ALA E 428 -34.21 -16.16 4.04
N TYR E 429 -35.45 -16.04 3.52
CA TYR E 429 -36.40 -15.01 3.99
C TYR E 429 -37.81 -15.30 3.58
N THR E 430 -38.75 -14.74 4.32
CA THR E 430 -40.15 -14.76 3.92
C THR E 430 -40.40 -13.72 2.85
N GLU E 431 -41.21 -14.11 1.86
CA GLU E 431 -41.32 -13.35 0.61
C GLU E 431 -42.34 -12.22 0.67
N LEU E 432 -41.96 -11.08 0.11
CA LEU E 432 -42.81 -9.89 -0.06
C LEU E 432 -43.88 -10.07 -1.17
N ASN E 433 -45.08 -10.53 -0.84
CA ASN E 433 -46.09 -10.92 -1.87
C ASN E 433 -47.09 -9.85 -2.34
N ASP E 434 -47.01 -8.65 -1.75
CA ASP E 434 -47.80 -7.49 -2.19
C ASP E 434 -47.05 -6.79 -3.32
N PRO E 435 -47.57 -6.94 -4.54
CA PRO E 435 -46.98 -6.39 -5.77
C PRO E 435 -46.75 -4.90 -5.66
N PHE E 436 -47.41 -4.26 -4.69
CA PHE E 436 -47.29 -2.81 -4.55
C PHE E 436 -46.00 -2.38 -3.85
N LYS E 437 -45.10 -3.33 -3.59
CA LYS E 437 -43.83 -2.98 -3.00
C LYS E 437 -42.65 -3.77 -3.59
N PHE E 463 -42.79 -12.29 -14.49
CA PHE E 463 -42.85 -12.53 -13.05
C PHE E 463 -43.66 -11.51 -12.26
N CYS E 464 -43.39 -10.22 -12.46
CA CYS E 464 -44.07 -9.22 -11.65
C CYS E 464 -45.58 -9.48 -11.81
N THR E 465 -45.94 -9.82 -13.04
CA THR E 465 -47.28 -10.27 -13.46
C THR E 465 -47.84 -11.40 -12.59
N SER E 466 -47.10 -12.50 -12.50
CA SER E 466 -47.55 -13.65 -11.71
C SER E 466 -47.89 -13.27 -10.25
N LEU E 467 -47.20 -12.28 -9.70
CA LEU E 467 -47.46 -11.88 -8.32
C LEU E 467 -48.85 -11.26 -8.24
N GLU E 468 -49.37 -10.88 -9.40
CA GLU E 468 -50.70 -10.29 -9.52
C GLU E 468 -51.83 -11.31 -9.60
N TYR E 469 -51.50 -12.59 -9.71
CA TYR E 469 -52.56 -13.59 -9.63
C TYR E 469 -52.69 -14.14 -8.22
N GLY E 470 -51.64 -13.93 -7.41
CA GLY E 470 -51.72 -14.24 -6.00
C GLY E 470 -50.65 -15.18 -5.51
N LEU E 471 -49.73 -14.63 -4.72
CA LEU E 471 -48.71 -15.40 -4.04
C LEU E 471 -49.02 -15.37 -2.53
N PRO E 472 -49.10 -16.56 -1.89
CA PRO E 472 -49.43 -16.55 -0.46
C PRO E 472 -48.26 -16.12 0.41
N PRO E 473 -48.48 -16.07 1.73
CA PRO E 473 -47.35 -16.13 2.67
C PRO E 473 -46.42 -17.30 2.29
N THR E 474 -45.15 -16.96 2.09
CA THR E 474 -44.22 -17.91 1.51
C THR E 474 -42.79 -17.65 1.94
N GLY E 475 -42.17 -18.68 2.51
CA GLY E 475 -40.75 -18.65 2.79
C GLY E 475 -39.92 -19.29 1.68
N GLY E 476 -38.75 -18.71 1.45
CA GLY E 476 -37.82 -19.26 0.48
C GLY E 476 -36.43 -19.45 1.09
N LEU E 477 -35.60 -20.29 0.46
CA LEU E 477 -34.31 -20.70 1.03
C LEU E 477 -33.31 -21.21 -0.03
N GLY E 478 -32.03 -20.85 0.11
CA GLY E 478 -31.02 -21.28 -0.84
C GLY E 478 -29.72 -21.83 -0.23
N LEU E 479 -29.25 -22.96 -0.75
CA LEU E 479 -28.04 -23.59 -0.22
C LEU E 479 -26.80 -23.47 -1.11
N GLY E 480 -25.68 -23.03 -0.54
CA GLY E 480 -24.38 -23.26 -1.15
C GLY E 480 -24.05 -24.74 -1.03
N ILE E 481 -24.12 -25.48 -2.14
CA ILE E 481 -23.91 -26.94 -2.06
C ILE E 481 -22.43 -27.32 -2.02
N ASP E 482 -21.64 -26.77 -2.94
CA ASP E 482 -20.25 -27.17 -3.04
C ASP E 482 -19.51 -26.73 -1.79
N ARG E 483 -19.76 -25.50 -1.37
CA ARG E 483 -19.17 -24.97 -0.14
C ARG E 483 -19.44 -25.89 1.06
N ILE E 484 -20.69 -26.31 1.25
CA ILE E 484 -21.04 -27.21 2.36
C ILE E 484 -20.28 -28.51 2.25
N THR E 485 -20.06 -28.95 1.01
CA THR E 485 -19.30 -30.17 0.77
C THR E 485 -17.84 -29.92 1.18
N MET E 486 -17.35 -28.72 0.86
CA MET E 486 -16.01 -28.27 1.22
C MET E 486 -15.78 -28.28 2.73
N PHE E 487 -16.81 -27.99 3.51
CA PHE E 487 -16.70 -28.06 4.97
C PHE E 487 -16.71 -29.52 5.45
N LEU E 488 -17.53 -30.36 4.82
CA LEU E 488 -17.79 -31.70 5.36
C LEU E 488 -16.85 -32.77 4.78
N THR E 489 -15.91 -32.31 3.95
CA THR E 489 -14.84 -33.18 3.45
C THR E 489 -13.46 -32.55 3.74
N ASN E 490 -13.48 -31.47 4.50
CA ASN E 490 -12.25 -30.81 4.88
C ASN E 490 -11.42 -30.34 3.69
N LYS E 491 -12.03 -29.50 2.85
CA LYS E 491 -11.35 -28.93 1.68
C LYS E 491 -11.38 -27.41 1.70
N ASN E 492 -10.24 -26.80 1.36
CA ASN E 492 -10.15 -25.34 1.28
C ASN E 492 -10.22 -24.86 -0.15
N SER E 493 -10.55 -25.80 -1.04
CA SER E 493 -10.67 -25.51 -2.46
C SER E 493 -11.89 -26.19 -3.03
N ILE E 494 -12.49 -25.54 -4.02
CA ILE E 494 -13.66 -26.07 -4.69
C ILE E 494 -13.27 -27.07 -5.80
N LYS E 495 -12.00 -27.05 -6.23
CA LYS E 495 -11.58 -27.99 -7.27
C LYS E 495 -11.55 -29.41 -6.71
N ASP E 496 -11.41 -29.51 -5.40
CA ASP E 496 -11.34 -30.81 -4.74
C ASP E 496 -12.72 -31.38 -4.38
N VAL E 497 -13.78 -30.67 -4.78
CA VAL E 497 -15.16 -31.09 -4.50
C VAL E 497 -16.07 -31.19 -5.75
N ILE E 498 -15.54 -30.76 -6.90
CA ILE E 498 -16.15 -30.93 -8.24
C ILE E 498 -15.30 -31.90 -9.10
N LEU E 499 -15.84 -33.06 -9.49
CA LEU E 499 -15.04 -34.01 -10.29
C LEU E 499 -14.28 -33.37 -11.44
N PHE E 500 -14.98 -32.56 -12.23
CA PHE E 500 -14.33 -31.95 -13.37
C PHE E 500 -14.31 -30.43 -13.35
N PRO E 501 -13.49 -29.83 -12.44
CA PRO E 501 -13.35 -28.37 -12.50
C PRO E 501 -13.09 -27.87 -13.91
N THR E 502 -13.50 -26.64 -14.19
CA THR E 502 -13.16 -26.02 -15.45
C THR E 502 -11.77 -25.44 -15.27
N MET E 503 -10.93 -25.63 -16.29
CA MET E 503 -9.49 -25.39 -16.17
C MET E 503 -8.87 -24.70 -17.38
N ARG E 504 -7.91 -23.82 -17.13
CA ARG E 504 -7.12 -23.20 -18.20
C ARG E 504 -6.41 -24.27 -19.01
N PRO E 505 -6.23 -24.04 -20.32
CA PRO E 505 -5.65 -25.04 -21.21
C PRO E 505 -4.15 -25.28 -20.96
N PRO F 4 -62.13 -6.00 -17.80
CA PRO F 4 -60.98 -6.76 -18.35
C PRO F 4 -59.64 -6.16 -17.96
N ARG F 5 -59.26 -5.05 -18.61
CA ARG F 5 -58.22 -4.20 -18.05
C ARG F 5 -58.87 -3.30 -16.99
N LEU F 6 -60.18 -3.06 -17.17
CA LEU F 6 -61.00 -2.38 -16.16
C LEU F 6 -61.01 -3.17 -14.84
N TYR F 7 -61.36 -4.47 -14.94
CA TYR F 7 -61.29 -5.38 -13.78
C TYR F 7 -60.00 -5.14 -12.96
N PHE F 8 -58.86 -5.29 -13.63
CA PHE F 8 -57.58 -5.03 -13.01
C PHE F 8 -57.60 -3.69 -12.28
N GLU F 9 -57.90 -2.61 -13.00
CA GLU F 9 -57.90 -1.25 -12.42
C GLU F 9 -58.69 -1.15 -11.11
N ASN F 10 -59.86 -1.80 -11.07
CA ASN F 10 -60.73 -1.72 -9.88
C ASN F 10 -60.18 -2.55 -8.73
N ARG F 11 -59.68 -3.72 -9.08
CA ARG F 11 -59.02 -4.57 -8.10
C ARG F 11 -57.82 -3.87 -7.47
N SER F 12 -57.00 -3.19 -8.28
CA SER F 12 -55.95 -2.35 -7.73
C SER F 12 -56.56 -1.32 -6.76
N LYS F 13 -57.46 -0.50 -7.29
CA LYS F 13 -58.18 0.52 -6.52
C LYS F 13 -58.90 -0.01 -5.28
N PHE F 14 -59.38 -1.25 -5.34
CA PHE F 14 -59.99 -1.89 -4.16
C PHE F 14 -58.93 -2.13 -3.09
N ILE F 15 -57.75 -2.49 -3.57
CA ILE F 15 -56.66 -2.81 -2.67
C ILE F 15 -56.33 -1.56 -1.90
N GLN F 16 -56.04 -0.49 -2.62
CA GLN F 16 -55.60 0.74 -1.99
C GLN F 16 -56.51 1.08 -0.83
N ASP F 17 -57.80 0.95 -1.10
CA ASP F 17 -58.87 1.30 -0.17
C ASP F 17 -58.86 0.49 1.11
N GLN F 18 -58.74 -0.83 1.01
CA GLN F 18 -58.65 -1.62 2.23
C GLN F 18 -57.51 -1.11 3.11
N LYS F 19 -56.39 -0.72 2.49
CA LYS F 19 -55.23 -0.24 3.22
C LYS F 19 -55.57 1.06 3.97
N ASP F 20 -56.26 1.94 3.25
CA ASP F 20 -56.67 3.21 3.82
C ASP F 20 -57.75 3.00 4.87
N LYS F 21 -58.51 1.92 4.70
CA LYS F 21 -59.56 1.54 5.65
C LYS F 21 -58.97 0.85 6.89
N GLY F 22 -57.64 0.69 6.89
CA GLY F 22 -56.95 0.08 8.03
C GLY F 22 -56.83 -1.43 7.94
N ILE F 23 -56.77 -1.95 6.71
CA ILE F 23 -56.59 -3.38 6.52
C ILE F 23 -55.34 -3.70 5.70
N ASN F 24 -54.64 -4.77 6.11
CA ASN F 24 -53.65 -5.38 5.24
C ASN F 24 -54.30 -6.47 4.38
N PRO F 25 -54.50 -6.19 3.09
CA PRO F 25 -55.02 -7.27 2.24
C PRO F 25 -53.94 -8.34 2.05
N TYR F 26 -52.69 -7.94 2.30
CA TYR F 26 -51.56 -8.86 2.27
C TYR F 26 -50.92 -8.95 3.65
N PRO F 27 -51.65 -9.55 4.60
CA PRO F 27 -51.16 -9.77 5.96
C PRO F 27 -49.84 -10.55 5.94
N HIS F 28 -49.18 -10.65 7.10
CA HIS F 28 -47.88 -11.32 7.19
C HIS F 28 -47.96 -12.85 7.35
N LYS F 29 -48.74 -13.31 8.33
CA LYS F 29 -48.82 -14.74 8.66
C LYS F 29 -50.25 -15.22 8.98
N PHE F 30 -50.69 -16.30 8.34
CA PHE F 30 -51.95 -16.97 8.72
C PHE F 30 -51.61 -18.42 9.13
N GLU F 31 -51.99 -18.77 10.36
CA GLU F 31 -51.58 -20.03 10.93
C GLU F 31 -52.59 -21.14 10.66
N ARG F 32 -52.25 -22.01 9.71
CA ARG F 32 -53.13 -23.12 9.35
C ARG F 32 -53.05 -24.29 10.34
N THR F 33 -54.16 -24.53 11.02
CA THR F 33 -54.47 -25.84 11.60
C THR F 33 -54.11 -26.99 10.64
N ILE F 34 -54.58 -26.83 9.41
CA ILE F 34 -54.70 -27.97 8.51
C ILE F 34 -54.56 -27.60 7.03
N SER F 35 -54.26 -28.61 6.21
CA SER F 35 -54.26 -28.47 4.75
C SER F 35 -55.46 -29.20 4.19
N ILE F 36 -55.85 -28.84 2.96
CA ILE F 36 -57.07 -29.41 2.39
C ILE F 36 -56.97 -30.92 2.20
N PRO F 37 -55.88 -31.41 1.56
CA PRO F 37 -55.82 -32.88 1.38
C PRO F 37 -55.98 -33.60 2.72
N GLU F 38 -55.38 -33.03 3.76
CA GLU F 38 -55.61 -33.48 5.15
C GLU F 38 -57.08 -33.41 5.54
N PHE F 39 -57.65 -32.20 5.45
CA PHE F 39 -59.08 -31.97 5.65
C PHE F 39 -59.88 -33.14 5.07
N ILE F 40 -59.91 -33.24 3.73
CA ILE F 40 -60.65 -34.30 3.04
C ILE F 40 -60.33 -35.69 3.61
N GLU F 41 -59.04 -35.94 3.85
CA GLU F 41 -58.61 -37.22 4.41
C GLU F 41 -59.26 -37.47 5.80
N LYS F 42 -59.33 -36.39 6.59
CA LYS F 42 -59.84 -36.47 7.96
C LYS F 42 -61.35 -36.66 8.01
N TYR F 43 -62.07 -35.94 7.16
CA TYR F 43 -63.51 -35.79 7.32
C TYR F 43 -64.37 -36.50 6.28
N LYS F 44 -63.75 -37.12 5.27
CA LYS F 44 -64.52 -37.68 4.15
C LYS F 44 -65.73 -38.52 4.58
N ASP F 45 -65.52 -39.40 5.57
CA ASP F 45 -66.52 -40.41 5.93
C ASP F 45 -67.62 -39.87 6.87
N LEU F 46 -67.63 -38.55 7.07
CA LEU F 46 -68.67 -37.91 7.88
C LEU F 46 -70.06 -38.30 7.36
N GLY F 47 -71.03 -38.39 8.26
CA GLY F 47 -72.41 -38.58 7.83
C GLY F 47 -72.86 -37.38 7.00
N ASN F 48 -73.72 -37.60 6.00
CA ASN F 48 -74.25 -36.48 5.26
C ASN F 48 -75.04 -35.57 6.22
N GLY F 49 -74.78 -34.26 6.15
CA GLY F 49 -75.44 -33.32 7.04
C GLY F 49 -74.86 -33.23 8.45
N GLU F 50 -73.89 -34.10 8.77
CA GLU F 50 -73.17 -34.07 10.05
C GLU F 50 -72.48 -32.70 10.29
N HIS F 51 -72.14 -32.41 11.54
CA HIS F 51 -71.55 -31.12 11.89
C HIS F 51 -70.66 -31.30 13.11
N LEU F 52 -69.61 -30.50 13.20
CA LEU F 52 -68.77 -30.47 14.39
C LEU F 52 -68.39 -29.02 14.65
N GLU F 53 -69.38 -28.24 15.07
CA GLU F 53 -69.14 -26.83 15.41
C GLU F 53 -68.22 -26.77 16.64
N ASP F 54 -68.01 -27.94 17.24
CA ASP F 54 -67.07 -28.09 18.34
C ASP F 54 -65.61 -27.96 17.85
N THR F 55 -65.40 -28.17 16.56
CA THR F 55 -64.04 -28.21 16.01
C THR F 55 -63.74 -27.00 15.09
N ILE F 56 -63.15 -25.96 15.66
CA ILE F 56 -62.76 -24.80 14.86
C ILE F 56 -61.37 -25.02 14.25
N LEU F 57 -61.22 -24.64 12.98
CA LEU F 57 -59.95 -24.86 12.29
C LEU F 57 -59.43 -23.57 11.66
N ASN F 58 -58.16 -23.56 11.30
CA ASN F 58 -57.67 -22.53 10.40
C ASN F 58 -57.25 -23.18 9.07
N ILE F 59 -57.95 -22.81 8.00
CA ILE F 59 -57.67 -23.44 6.71
C ILE F 59 -57.40 -22.38 5.64
N THR F 60 -56.63 -22.74 4.62
CA THR F 60 -56.30 -21.79 3.55
C THR F 60 -56.46 -22.46 2.20
N GLY F 61 -56.54 -21.62 1.19
CA GLY F 61 -56.76 -22.12 -0.15
C GLY F 61 -57.04 -21.01 -1.12
N ARG F 62 -57.31 -21.39 -2.36
CA ARG F 62 -57.68 -20.44 -3.39
C ARG F 62 -59.17 -20.58 -3.72
N ILE F 63 -59.81 -19.44 -3.97
CA ILE F 63 -61.21 -19.44 -4.40
C ILE F 63 -61.31 -19.65 -5.92
N MET F 64 -62.00 -20.72 -6.32
CA MET F 64 -62.14 -21.04 -7.74
C MET F 64 -63.55 -20.80 -8.20
N ARG F 65 -64.50 -20.92 -7.28
CA ARG F 65 -65.89 -20.66 -7.62
C ARG F 65 -66.64 -19.87 -6.54
N VAL F 66 -67.42 -18.88 -6.99
CA VAL F 66 -68.29 -18.12 -6.10
C VAL F 66 -69.78 -18.32 -6.46
N SER F 67 -70.64 -18.35 -5.45
CA SER F 67 -72.10 -18.20 -5.62
C SER F 67 -72.73 -17.65 -4.32
N ALA F 68 -73.65 -16.71 -4.43
CA ALA F 68 -74.44 -16.28 -3.27
C ALA F 68 -75.85 -16.90 -3.27
N SER F 69 -76.62 -16.61 -2.24
CA SER F 69 -77.95 -17.19 -2.11
C SER F 69 -78.71 -16.47 -0.99
N GLY F 70 -79.09 -15.23 -1.28
CA GLY F 70 -79.91 -14.44 -0.37
C GLY F 70 -79.16 -13.60 0.66
N GLN F 71 -77.85 -13.75 0.73
CA GLN F 71 -77.04 -12.98 1.70
C GLN F 71 -77.28 -13.39 3.14
N LYS F 72 -77.85 -14.59 3.30
CA LYS F 72 -77.74 -15.34 4.53
C LYS F 72 -76.69 -16.40 4.20
N LEU F 73 -76.71 -16.84 2.95
CA LEU F 73 -75.85 -17.93 2.49
C LEU F 73 -74.93 -17.57 1.31
N ARG F 74 -73.67 -17.94 1.46
CA ARG F 74 -72.65 -17.79 0.42
C ARG F 74 -71.91 -19.12 0.24
N PHE F 75 -71.59 -19.44 -1.01
CA PHE F 75 -70.89 -20.68 -1.35
C PHE F 75 -69.54 -20.34 -2.00
N PHE F 76 -68.56 -21.22 -1.85
CA PHE F 76 -67.28 -21.05 -2.54
C PHE F 76 -66.63 -22.40 -2.82
N ASP F 77 -65.93 -22.49 -3.93
CA ASP F 77 -65.03 -23.62 -4.15
C ASP F 77 -63.60 -23.26 -3.75
N LEU F 78 -62.93 -24.15 -3.00
CA LEU F 78 -61.62 -23.85 -2.41
C LEU F 78 -60.58 -24.84 -2.90
N VAL F 79 -59.42 -24.35 -3.35
CA VAL F 79 -58.39 -25.31 -3.81
C VAL F 79 -57.04 -25.23 -3.08
N GLY F 80 -56.59 -26.38 -2.59
CA GLY F 80 -55.24 -26.51 -2.07
C GLY F 80 -54.56 -27.80 -2.50
N ASP F 81 -53.38 -27.66 -3.09
CA ASP F 81 -52.58 -28.82 -3.48
C ASP F 81 -53.30 -29.71 -4.47
N GLY F 82 -54.01 -29.10 -5.42
CA GLY F 82 -54.82 -29.90 -6.35
C GLY F 82 -55.87 -30.73 -5.62
N GLU F 83 -56.49 -30.14 -4.60
CA GLU F 83 -57.64 -30.80 -3.95
C GLU F 83 -58.73 -29.80 -3.61
N LYS F 84 -59.97 -30.27 -3.62
CA LYS F 84 -61.11 -29.35 -3.48
C LYS F 84 -62.06 -29.66 -2.31
N ILE F 85 -62.38 -28.63 -1.54
CA ILE F 85 -63.52 -28.66 -0.62
C ILE F 85 -64.49 -27.53 -0.92
N GLN F 86 -65.58 -27.51 -0.16
CA GLN F 86 -66.59 -26.47 -0.34
C GLN F 86 -66.66 -25.53 0.86
N VAL F 87 -66.78 -24.24 0.59
CA VAL F 87 -67.06 -23.24 1.62
C VAL F 87 -68.55 -22.89 1.65
N LEU F 88 -69.11 -22.87 2.87
CA LEU F 88 -70.48 -22.40 3.10
C LEU F 88 -70.48 -21.35 4.21
N ALA F 89 -70.68 -20.09 3.82
CA ALA F 89 -70.70 -19.00 4.81
C ALA F 89 -72.14 -18.69 5.24
N ASN F 90 -72.52 -19.15 6.44
CA ASN F 90 -73.88 -18.91 6.94
C ASN F 90 -73.95 -17.72 7.90
N TYR F 91 -74.86 -16.79 7.59
CA TYR F 91 -75.04 -15.58 8.42
C TYR F 91 -75.09 -15.92 9.91
N SER F 92 -75.64 -17.09 10.23
CA SER F 92 -75.74 -17.57 11.59
C SER F 92 -74.38 -17.61 12.31
N PHE F 93 -73.40 -18.21 11.64
CA PHE F 93 -72.11 -18.58 12.22
C PHE F 93 -71.04 -17.50 12.06
N HIS F 94 -71.29 -16.57 11.13
CA HIS F 94 -70.40 -15.41 10.92
C HIS F 94 -70.24 -14.58 12.20
N ASN F 95 -69.03 -14.49 12.72
CA ASN F 95 -68.73 -13.58 13.83
C ASN F 95 -68.84 -12.12 13.40
N HIS F 96 -69.61 -11.33 14.16
CA HIS F 96 -69.92 -9.96 13.75
C HIS F 96 -69.15 -8.83 14.50
N GLU F 97 -68.02 -9.18 15.11
CA GLU F 97 -67.11 -8.16 15.66
C GLU F 97 -66.18 -7.70 14.55
N LYS F 98 -65.94 -8.64 13.65
CA LYS F 98 -64.85 -8.59 12.66
C LYS F 98 -65.14 -7.66 11.47
N GLY F 99 -66.37 -7.72 10.98
CA GLY F 99 -66.76 -6.99 9.78
C GLY F 99 -68.22 -7.32 9.50
N ASN F 100 -68.84 -6.67 8.53
CA ASN F 100 -70.23 -7.01 8.21
C ASN F 100 -70.29 -8.25 7.30
N PHE F 101 -71.25 -9.15 7.54
CA PHE F 101 -71.34 -10.42 6.78
C PHE F 101 -71.15 -10.26 5.26
N ALA F 102 -72.21 -9.82 4.57
CA ALA F 102 -72.13 -9.52 3.14
C ALA F 102 -71.02 -8.51 2.79
N GLU F 103 -70.90 -7.47 3.61
CA GLU F 103 -69.87 -6.46 3.41
C GLU F 103 -68.48 -7.11 3.29
N CYS F 104 -68.27 -8.21 4.00
CA CYS F 104 -67.02 -8.99 3.89
C CYS F 104 -67.01 -9.83 2.60
N TYR F 105 -67.95 -10.76 2.52
CA TYR F 105 -67.98 -11.77 1.46
C TYR F 105 -68.20 -11.19 0.06
N ASP F 106 -68.58 -9.93 -0.04
CA ASP F 106 -68.74 -9.27 -1.33
C ASP F 106 -67.39 -8.89 -1.90
N LYS F 107 -66.42 -8.72 -0.99
CA LYS F 107 -65.07 -8.30 -1.35
C LYS F 107 -64.43 -9.38 -2.23
N ILE F 108 -64.71 -10.62 -1.87
CA ILE F 108 -64.08 -11.78 -2.49
C ILE F 108 -64.26 -11.86 -4.00
N ARG F 109 -63.20 -12.31 -4.66
CA ARG F 109 -63.27 -12.69 -6.07
C ARG F 109 -62.74 -14.10 -6.27
N ARG F 110 -63.03 -14.65 -7.45
CA ARG F 110 -62.43 -15.90 -7.88
C ARG F 110 -60.91 -15.70 -8.09
N GLY F 111 -60.12 -16.67 -7.60
CA GLY F 111 -58.69 -16.59 -7.74
C GLY F 111 -58.01 -16.04 -6.50
N ASP F 112 -58.79 -15.72 -5.48
CA ASP F 112 -58.18 -15.14 -4.28
C ASP F 112 -57.77 -16.19 -3.28
N ILE F 113 -56.65 -15.93 -2.58
CA ILE F 113 -56.10 -16.84 -1.57
C ILE F 113 -56.62 -16.43 -0.18
N VAL F 114 -57.31 -17.33 0.52
CA VAL F 114 -58.01 -16.96 1.77
C VAL F 114 -57.67 -17.75 3.07
N GLY F 115 -57.65 -17.03 4.19
CA GLY F 115 -57.71 -17.68 5.49
C GLY F 115 -59.17 -17.89 5.93
N ILE F 116 -59.45 -19.11 6.37
CA ILE F 116 -60.78 -19.44 6.86
C ILE F 116 -60.69 -19.97 8.30
N VAL F 117 -61.33 -19.27 9.25
CA VAL F 117 -61.53 -19.82 10.58
C VAL F 117 -62.96 -20.37 10.66
N GLY F 118 -63.10 -21.65 10.98
CA GLY F 118 -64.40 -22.29 10.85
C GLY F 118 -64.39 -23.75 11.23
N PHE F 119 -65.49 -24.44 10.93
CA PHE F 119 -65.67 -25.82 11.36
C PHE F 119 -66.13 -26.70 10.21
N PRO F 120 -65.79 -28.00 10.26
CA PRO F 120 -66.08 -28.96 9.18
C PRO F 120 -67.51 -29.49 9.26
N GLY F 121 -68.03 -29.94 8.12
CA GLY F 121 -69.36 -30.49 8.05
C GLY F 121 -69.71 -30.82 6.62
N LYS F 122 -70.57 -31.83 6.45
CA LYS F 122 -71.22 -32.10 5.18
C LYS F 122 -72.55 -31.38 5.16
N SER F 123 -72.97 -30.87 4.00
CA SER F 123 -74.31 -30.32 3.88
C SER F 123 -75.33 -31.46 3.89
N LYS F 124 -76.63 -31.14 3.85
CA LYS F 124 -77.65 -32.19 3.88
C LYS F 124 -77.43 -33.19 2.74
N LYS F 125 -76.70 -32.76 1.73
CA LYS F 125 -76.43 -33.59 0.55
C LYS F 125 -75.18 -34.46 0.79
N GLY F 126 -74.49 -34.19 1.89
CA GLY F 126 -73.26 -34.88 2.23
C GLY F 126 -72.08 -34.45 1.39
N GLU F 127 -71.95 -33.14 1.14
CA GLU F 127 -70.82 -32.57 0.40
C GLU F 127 -69.84 -31.86 1.36
N LEU F 128 -68.58 -32.31 1.37
CA LEU F 128 -67.59 -31.83 2.37
C LEU F 128 -67.32 -30.31 2.28
N SER F 129 -67.46 -29.63 3.42
CA SER F 129 -67.33 -28.16 3.50
C SER F 129 -66.66 -27.70 4.79
N ILE F 130 -66.07 -26.51 4.73
CA ILE F 130 -65.68 -25.76 5.93
C ILE F 130 -66.74 -24.69 6.07
N PHE F 131 -67.17 -24.39 7.30
CA PHE F 131 -68.08 -23.25 7.51
C PHE F 131 -67.36 -22.11 8.26
N PRO F 132 -66.97 -21.07 7.51
CA PRO F 132 -66.26 -19.93 8.13
C PRO F 132 -67.12 -19.15 9.15
N LYS F 133 -66.48 -18.86 10.29
CA LYS F 133 -66.99 -17.86 11.24
C LYS F 133 -66.27 -16.53 10.97
N GLU F 134 -65.24 -16.61 10.14
CA GLU F 134 -64.42 -15.45 9.79
C GLU F 134 -63.46 -15.80 8.65
N THR F 135 -63.34 -14.87 7.71
CA THR F 135 -62.76 -15.14 6.40
C THR F 135 -61.98 -13.93 5.90
N ILE F 136 -60.66 -14.06 5.89
CA ILE F 136 -59.79 -12.93 5.57
C ILE F 136 -59.05 -13.16 4.26
N LEU F 137 -58.75 -12.06 3.56
CA LEU F 137 -57.94 -12.13 2.35
C LEU F 137 -56.44 -12.27 2.64
N LEU F 138 -55.88 -13.45 2.36
CA LEU F 138 -54.43 -13.63 2.44
C LEU F 138 -53.71 -12.91 1.29
N SER F 139 -54.25 -13.05 0.09
CA SER F 139 -53.65 -12.49 -1.12
C SER F 139 -54.76 -12.42 -2.20
N ALA F 140 -54.73 -11.41 -3.05
CA ALA F 140 -55.80 -11.29 -4.02
C ALA F 140 -55.33 -11.46 -5.46
N CYS F 141 -56.16 -12.15 -6.24
CA CYS F 141 -56.00 -12.20 -7.66
C CYS F 141 -56.46 -10.84 -8.24
N LEU F 142 -55.54 -10.13 -8.87
CA LEU F 142 -55.81 -8.80 -9.40
C LEU F 142 -56.29 -8.89 -10.83
N HIS F 143 -56.18 -10.10 -11.41
CA HIS F 143 -56.65 -10.33 -12.77
C HIS F 143 -57.86 -11.25 -12.83
N MET F 144 -58.48 -11.27 -13.99
CA MET F 144 -59.59 -12.17 -14.24
C MET F 144 -59.06 -13.59 -14.48
N LEU F 145 -59.38 -14.52 -13.59
CA LEU F 145 -59.00 -15.92 -13.77
C LEU F 145 -59.87 -16.59 -14.85
N PRO F 146 -59.24 -17.07 -15.93
CA PRO F 146 -59.91 -17.77 -17.03
C PRO F 146 -60.46 -19.14 -16.63
N MET F 147 -61.26 -19.80 -17.48
CA MET F 147 -61.77 -21.15 -17.17
C MET F 147 -61.10 -22.19 -18.06
N LYS F 148 -61.33 -23.48 -17.80
CA LYS F 148 -61.07 -24.47 -18.85
C LYS F 148 -61.84 -23.96 -20.08
N TYR F 149 -61.49 -24.45 -21.26
CA TYR F 149 -61.89 -23.78 -22.48
C TYR F 149 -61.05 -22.50 -22.63
N GLY F 150 -61.14 -21.62 -21.64
CA GLY F 150 -60.29 -20.44 -21.59
C GLY F 150 -58.89 -20.81 -22.01
N LEU F 151 -58.39 -21.93 -21.47
CA LEU F 151 -57.16 -22.56 -21.97
C LEU F 151 -57.36 -24.05 -22.20
N LYS F 152 -56.41 -24.68 -22.88
CA LYS F 152 -56.74 -25.91 -23.60
C LYS F 152 -57.91 -25.51 -24.50
N ASP F 153 -57.53 -25.08 -25.70
CA ASP F 153 -56.12 -25.16 -26.09
C ASP F 153 -55.47 -23.83 -26.43
N THR F 154 -54.34 -23.57 -25.78
CA THR F 154 -53.68 -22.28 -25.88
C THR F 154 -52.17 -22.33 -25.59
N GLU F 155 -51.46 -21.28 -25.99
CA GLU F 155 -50.04 -21.18 -25.69
C GLU F 155 -49.82 -20.53 -24.33
N ILE F 156 -50.92 -20.11 -23.71
CA ILE F 156 -50.80 -19.61 -22.35
C ILE F 156 -50.58 -20.77 -21.34
N ARG F 157 -50.93 -22.00 -21.73
CA ARG F 157 -50.62 -23.16 -20.91
C ARG F 157 -49.11 -23.17 -20.62
N TYR F 158 -48.35 -22.66 -21.57
CA TYR F 158 -46.89 -22.66 -21.52
C TYR F 158 -46.33 -21.31 -21.08
N ARG F 159 -46.85 -20.23 -21.64
CA ARG F 159 -46.38 -18.89 -21.24
C ARG F 159 -46.80 -18.57 -19.80
N GLN F 160 -47.78 -19.30 -19.29
CA GLN F 160 -48.19 -19.15 -17.90
C GLN F 160 -48.58 -20.47 -17.26
N ARG F 161 -47.56 -21.26 -16.91
CA ARG F 161 -47.75 -22.63 -16.47
C ARG F 161 -48.48 -22.65 -15.13
N TYR F 162 -48.35 -21.57 -14.37
CA TYR F 162 -49.10 -21.50 -13.12
C TYR F 162 -50.61 -21.49 -13.37
N LEU F 163 -51.06 -20.66 -14.32
CA LEU F 163 -52.46 -20.65 -14.71
C LEU F 163 -52.89 -22.08 -15.00
N ASP F 164 -52.17 -22.72 -15.91
CA ASP F 164 -52.44 -24.09 -16.34
C ASP F 164 -52.49 -25.05 -15.13
N LEU F 165 -51.67 -24.79 -14.12
CA LEU F 165 -51.59 -25.68 -12.96
C LEU F 165 -52.79 -25.55 -12.01
N LEU F 166 -53.35 -24.35 -11.90
CA LEU F 166 -54.52 -24.12 -11.06
C LEU F 166 -55.82 -24.63 -11.72
N ILE F 167 -55.87 -24.49 -13.05
CA ILE F 167 -57.10 -24.63 -13.83
C ILE F 167 -57.27 -26.04 -14.36
N ASN F 168 -56.16 -26.67 -14.73
CA ASN F 168 -56.19 -27.99 -15.34
C ASN F 168 -55.67 -29.10 -14.40
N GLU F 169 -56.58 -29.89 -13.84
CA GLU F 169 -56.20 -30.95 -12.91
C GLU F 169 -55.42 -32.06 -13.60
N SER F 170 -55.63 -32.20 -14.91
CA SER F 170 -54.85 -33.12 -15.72
C SER F 170 -53.36 -32.81 -15.61
N SER F 171 -53.01 -31.55 -15.89
CA SER F 171 -51.61 -31.15 -16.08
C SER F 171 -50.80 -31.34 -14.78
N ARG F 172 -51.32 -30.81 -13.68
CA ARG F 172 -50.72 -31.01 -12.37
C ARG F 172 -50.38 -32.49 -12.17
N HIS F 173 -51.35 -33.34 -12.48
CA HIS F 173 -51.15 -34.77 -12.37
C HIS F 173 -49.98 -35.18 -13.25
N THR F 174 -49.90 -34.58 -14.43
CA THR F 174 -48.87 -34.95 -15.38
C THR F 174 -47.51 -34.68 -14.75
N PHE F 175 -47.32 -33.46 -14.24
CA PHE F 175 -46.03 -33.05 -13.70
C PHE F 175 -45.65 -33.80 -12.39
N VAL F 176 -46.63 -34.09 -11.55
CA VAL F 176 -46.37 -34.98 -10.42
C VAL F 176 -45.79 -36.26 -10.96
N THR F 177 -46.49 -36.85 -11.90
CA THR F 177 -46.10 -38.13 -12.47
C THR F 177 -44.64 -38.10 -12.96
N ARG F 178 -44.26 -37.11 -13.76
CA ARG F 178 -42.84 -36.90 -14.15
C ARG F 178 -41.89 -36.99 -12.93
N THR F 179 -42.24 -36.31 -11.84
CA THR F 179 -41.41 -36.28 -10.64
C THR F 179 -41.32 -37.65 -9.94
N LYS F 180 -42.36 -38.45 -10.10
CA LYS F 180 -42.42 -39.80 -9.51
C LYS F 180 -41.56 -40.75 -10.32
N ILE F 181 -41.60 -40.56 -11.64
CA ILE F 181 -40.80 -41.35 -12.58
C ILE F 181 -39.31 -41.22 -12.25
N ILE F 182 -38.86 -39.97 -12.14
CA ILE F 182 -37.48 -39.70 -11.84
C ILE F 182 -37.12 -40.28 -10.47
N ASN F 183 -37.91 -39.96 -9.45
CA ASN F 183 -37.72 -40.61 -8.16
C ASN F 183 -37.53 -42.13 -8.32
N PHE F 184 -38.33 -42.77 -9.17
CA PHE F 184 -38.33 -44.23 -9.25
C PHE F 184 -37.11 -44.72 -10.03
N LEU F 185 -36.67 -43.88 -10.94
CA LEU F 185 -35.46 -44.11 -11.71
C LEU F 185 -34.24 -44.03 -10.76
N ARG F 186 -34.18 -42.95 -9.99
CA ARG F 186 -33.12 -42.71 -9.03
C ARG F 186 -32.95 -43.89 -8.04
N ASN F 187 -34.06 -44.25 -7.39
CA ASN F 187 -34.09 -45.28 -6.39
C ASN F 187 -33.71 -46.66 -6.94
N PHE F 188 -34.06 -46.88 -8.22
CA PHE F 188 -33.78 -48.13 -8.94
C PHE F 188 -32.28 -48.34 -9.05
N LEU F 189 -31.62 -47.47 -9.82
CA LEU F 189 -30.17 -47.53 -9.93
C LEU F 189 -29.59 -47.65 -8.52
N ASN F 190 -29.85 -46.65 -7.69
CA ASN F 190 -29.38 -46.71 -6.32
C ASN F 190 -29.50 -48.08 -5.63
N GLU F 191 -30.67 -48.67 -5.66
CA GLU F 191 -30.82 -49.92 -4.93
C GLU F 191 -30.02 -51.02 -5.61
N ARG F 192 -29.57 -50.75 -6.83
CA ARG F 192 -28.71 -51.67 -7.60
C ARG F 192 -27.24 -51.26 -7.54
N GLY F 193 -26.90 -50.38 -6.60
CA GLY F 193 -25.50 -50.06 -6.35
C GLY F 193 -24.92 -49.08 -7.34
N PHE F 194 -25.77 -48.27 -7.98
CA PHE F 194 -25.23 -47.25 -8.87
C PHE F 194 -24.90 -45.99 -8.09
N PHE F 195 -24.21 -45.07 -8.74
CA PHE F 195 -23.63 -43.91 -8.05
C PHE F 195 -23.79 -42.63 -8.86
N GLU F 196 -24.60 -41.73 -8.32
CA GLU F 196 -24.98 -40.47 -8.96
C GLU F 196 -23.82 -39.49 -8.85
N VAL F 197 -23.59 -38.73 -9.91
CA VAL F 197 -22.39 -37.89 -10.01
C VAL F 197 -22.74 -36.70 -10.91
N GLU F 198 -22.02 -35.58 -10.76
CA GLU F 198 -22.24 -34.45 -11.66
C GLU F 198 -21.06 -34.14 -12.57
N THR F 199 -21.32 -34.18 -13.87
CA THR F 199 -20.31 -33.84 -14.85
C THR F 199 -20.49 -32.42 -15.36
N PRO F 200 -19.46 -31.86 -16.02
CA PRO F 200 -19.60 -30.48 -16.45
C PRO F 200 -20.70 -30.33 -17.49
N MET F 201 -21.28 -29.13 -17.56
CA MET F 201 -22.33 -28.82 -18.51
C MET F 201 -21.75 -27.95 -19.63
N MET F 202 -20.55 -27.43 -19.36
CA MET F 202 -19.80 -26.63 -20.32
C MET F 202 -18.42 -27.25 -20.51
N ASN F 203 -17.92 -27.30 -21.74
CA ASN F 203 -16.61 -27.92 -21.96
C ASN F 203 -15.82 -27.21 -23.05
N LEU F 204 -15.25 -28.04 -23.91
CA LEU F 204 -14.82 -27.70 -25.26
C LEU F 204 -14.76 -28.96 -26.13
N ILE F 205 -15.76 -29.13 -26.99
CA ILE F 205 -15.64 -29.99 -28.17
C ILE F 205 -15.92 -29.10 -29.37
N PRO F 213 -25.40 -27.73 -30.93
CA PRO F 213 -24.08 -27.14 -30.60
C PRO F 213 -24.14 -25.70 -30.04
N PHE F 214 -24.37 -25.53 -28.74
CA PHE F 214 -24.55 -24.21 -28.14
C PHE F 214 -23.24 -23.52 -27.71
N ILE F 215 -22.84 -22.47 -28.41
CA ILE F 215 -21.60 -21.76 -28.05
C ILE F 215 -21.82 -20.54 -27.15
N THR F 216 -20.92 -20.34 -26.18
CA THR F 216 -20.92 -19.14 -25.33
C THR F 216 -19.52 -18.74 -24.85
N HIS F 217 -19.26 -17.44 -24.82
CA HIS F 217 -17.93 -16.90 -24.47
C HIS F 217 -17.76 -16.63 -22.96
N HIS F 218 -16.66 -17.17 -22.40
CA HIS F 218 -16.26 -16.88 -21.03
C HIS F 218 -15.29 -15.71 -21.03
N ASN F 219 -15.65 -14.65 -20.29
CA ASN F 219 -14.92 -13.39 -20.41
C ASN F 219 -13.52 -13.39 -19.82
N ASP F 220 -13.39 -13.87 -18.58
CA ASP F 220 -12.11 -13.86 -17.88
C ASP F 220 -11.04 -14.66 -18.60
N LEU F 221 -11.48 -15.65 -19.38
CA LEU F 221 -10.55 -16.52 -20.09
C LEU F 221 -10.29 -15.99 -21.49
N ASP F 222 -11.29 -15.27 -22.02
CA ASP F 222 -11.35 -14.89 -23.43
C ASP F 222 -11.41 -16.14 -24.32
N LEU F 223 -12.25 -17.09 -23.90
CA LEU F 223 -12.43 -18.37 -24.57
C LEU F 223 -13.91 -18.71 -24.80
N ASP F 224 -14.15 -19.59 -25.78
CA ASP F 224 -15.48 -20.12 -26.02
C ASP F 224 -15.73 -21.42 -25.24
N LEU F 225 -16.97 -21.61 -24.79
CA LEU F 225 -17.41 -22.84 -24.12
C LEU F 225 -18.58 -23.47 -24.89
N TYR F 226 -18.80 -24.77 -24.70
CA TYR F 226 -19.74 -25.51 -25.53
C TYR F 226 -20.68 -26.36 -24.68
N LEU F 227 -21.98 -26.08 -24.77
CA LEU F 227 -22.96 -26.74 -23.90
C LEU F 227 -23.02 -28.21 -24.25
N ARG F 228 -23.07 -29.05 -23.22
CA ARG F 228 -22.93 -30.49 -23.42
C ARG F 228 -24.10 -31.05 -24.22
N ILE F 229 -23.82 -32.09 -25.01
CA ILE F 229 -24.84 -32.77 -25.81
C ILE F 229 -25.17 -34.16 -25.25
N ALA F 230 -24.21 -34.75 -24.55
CA ALA F 230 -24.43 -36.01 -23.85
C ALA F 230 -23.63 -35.92 -22.57
N THR F 231 -23.73 -36.94 -21.73
CA THR F 231 -22.86 -36.96 -20.55
C THR F 231 -21.81 -38.08 -20.65
N GLU F 232 -21.89 -38.83 -21.73
CA GLU F 232 -21.20 -40.11 -21.88
C GLU F 232 -19.69 -40.08 -21.62
N LEU F 233 -18.99 -39.10 -22.20
CA LEU F 233 -17.54 -39.12 -22.09
C LEU F 233 -17.07 -39.16 -20.63
N PRO F 234 -17.08 -38.02 -19.92
CA PRO F 234 -16.59 -38.01 -18.53
C PRO F 234 -17.11 -39.17 -17.66
N LEU F 235 -18.28 -39.69 -17.98
CA LEU F 235 -18.81 -40.84 -17.25
C LEU F 235 -17.90 -42.05 -17.44
N LYS F 236 -17.63 -42.38 -18.70
CA LYS F 236 -16.63 -43.41 -19.03
C LYS F 236 -15.31 -43.23 -18.23
N MET F 237 -14.77 -42.02 -18.22
CA MET F 237 -13.52 -41.78 -17.50
C MET F 237 -13.62 -42.23 -16.02
N LEU F 238 -14.75 -41.94 -15.38
CA LEU F 238 -15.01 -42.37 -13.99
C LEU F 238 -15.08 -43.90 -13.86
N ILE F 239 -15.40 -44.60 -14.95
CA ILE F 239 -15.25 -46.06 -14.97
C ILE F 239 -13.76 -46.46 -14.95
N VAL F 240 -12.95 -45.69 -15.68
CA VAL F 240 -11.48 -45.82 -15.66
C VAL F 240 -10.90 -45.41 -14.27
N GLY F 241 -11.52 -44.41 -13.63
CA GLY F 241 -11.18 -44.04 -12.27
C GLY F 241 -11.64 -45.08 -11.24
N GLY F 242 -12.30 -46.12 -11.72
CA GLY F 242 -12.62 -47.27 -10.89
C GLY F 242 -13.87 -47.11 -10.07
N ILE F 243 -14.77 -46.23 -10.54
CA ILE F 243 -16.15 -46.16 -10.07
C ILE F 243 -16.99 -47.08 -10.95
N ASP F 244 -17.26 -48.31 -10.52
CA ASP F 244 -17.78 -49.33 -11.46
C ASP F 244 -19.28 -49.27 -11.84
N LYS F 245 -20.09 -48.59 -11.03
CA LYS F 245 -21.49 -48.33 -11.42
C LYS F 245 -21.84 -46.86 -11.20
N VAL F 246 -21.90 -46.10 -12.29
CA VAL F 246 -22.00 -44.64 -12.24
C VAL F 246 -23.15 -44.08 -13.14
N TYR F 247 -23.84 -43.01 -12.69
CA TYR F 247 -24.88 -42.38 -13.51
C TYR F 247 -25.07 -40.89 -13.26
N GLU F 248 -25.49 -40.21 -14.32
CA GLU F 248 -25.91 -38.81 -14.22
C GLU F 248 -27.38 -38.74 -14.59
N ILE F 249 -28.10 -37.81 -13.98
CA ILE F 249 -29.39 -37.41 -14.51
C ILE F 249 -29.30 -35.90 -14.59
N GLY F 250 -29.46 -35.35 -15.78
CA GLY F 250 -29.33 -33.91 -15.93
C GLY F 250 -29.91 -33.43 -17.25
N LYS F 251 -29.51 -32.23 -17.62
CA LYS F 251 -30.00 -31.62 -18.84
C LYS F 251 -28.93 -31.73 -19.93
N VAL F 252 -29.31 -32.15 -21.13
CA VAL F 252 -28.43 -31.94 -22.30
C VAL F 252 -29.01 -30.92 -23.28
N PHE F 253 -28.21 -30.47 -24.25
CA PHE F 253 -28.65 -29.40 -25.15
C PHE F 253 -28.44 -29.64 -26.64
N ARG F 254 -29.43 -29.18 -27.42
CA ARG F 254 -29.34 -29.10 -28.87
C ARG F 254 -29.56 -27.65 -29.29
N ASN F 255 -28.61 -27.05 -29.98
CA ASN F 255 -28.93 -25.80 -30.69
C ASN F 255 -29.62 -26.10 -32.03
N GLU F 256 -30.86 -26.60 -31.95
CA GLU F 256 -31.64 -26.92 -33.16
C GLU F 256 -33.07 -26.40 -33.06
N GLY F 257 -33.91 -26.76 -34.04
CA GLY F 257 -35.25 -26.21 -34.15
C GLY F 257 -36.21 -26.60 -33.03
N ILE F 258 -36.82 -25.59 -32.40
CA ILE F 258 -37.86 -25.80 -31.37
C ILE F 258 -39.17 -26.24 -32.01
N ASP F 259 -39.83 -27.25 -31.44
CA ASP F 259 -41.19 -27.62 -31.87
C ASP F 259 -41.94 -28.49 -30.84
N ASN F 260 -42.99 -29.17 -31.29
CA ASN F 260 -43.79 -29.99 -30.37
C ASN F 260 -43.13 -31.35 -30.04
N THR F 261 -41.94 -31.57 -30.61
CA THR F 261 -41.13 -32.75 -30.32
C THR F 261 -39.70 -32.36 -29.88
N HIS F 262 -39.37 -31.07 -29.97
CA HIS F 262 -38.01 -30.56 -29.76
C HIS F 262 -37.95 -29.32 -28.86
N ASN F 263 -37.17 -29.44 -27.80
CA ASN F 263 -36.82 -28.31 -26.93
C ASN F 263 -35.28 -28.15 -26.90
N PRO F 264 -34.77 -26.96 -26.52
CA PRO F 264 -33.32 -26.80 -26.47
C PRO F 264 -32.67 -27.57 -25.29
N GLU F 265 -33.48 -27.92 -24.29
CA GLU F 265 -33.00 -28.66 -23.11
C GLU F 265 -33.78 -29.94 -22.98
N PHE F 266 -33.08 -31.07 -22.98
CA PHE F 266 -33.72 -32.34 -22.71
C PHE F 266 -33.22 -32.89 -21.38
N THR F 267 -33.84 -33.97 -20.94
CA THR F 267 -33.47 -34.57 -19.68
C THR F 267 -33.04 -36.01 -19.97
N SER F 268 -31.76 -36.27 -19.76
CA SER F 268 -31.16 -37.57 -20.06
C SER F 268 -30.77 -38.25 -18.76
N CYS F 269 -30.84 -39.58 -18.77
CA CYS F 269 -30.17 -40.39 -17.78
C CYS F 269 -29.22 -41.39 -18.51
N GLU F 270 -27.92 -41.25 -18.27
CA GLU F 270 -26.92 -42.18 -18.80
C GLU F 270 -26.27 -42.90 -17.65
N PHE F 271 -26.19 -44.24 -17.72
CA PHE F 271 -25.28 -44.93 -16.80
C PHE F 271 -24.21 -45.79 -17.49
N TYR F 272 -23.07 -45.94 -16.82
CA TYR F 272 -22.13 -47.01 -17.15
C TYR F 272 -21.98 -47.99 -16.00
N TRP F 273 -21.73 -49.24 -16.37
CA TRP F 273 -21.84 -50.40 -15.51
C TRP F 273 -20.69 -51.29 -15.91
N ALA F 274 -19.69 -51.42 -15.05
CA ALA F 274 -18.56 -52.29 -15.34
C ALA F 274 -18.97 -53.75 -15.32
N TYR F 275 -18.33 -54.52 -16.19
CA TYR F 275 -18.41 -55.98 -16.25
C TYR F 275 -19.77 -56.47 -16.62
N ALA F 276 -20.52 -55.60 -17.28
CA ALA F 276 -21.89 -55.96 -17.65
C ALA F 276 -21.99 -56.25 -19.13
N ASP F 277 -22.86 -57.19 -19.47
CA ASP F 277 -23.11 -57.56 -20.87
C ASP F 277 -24.52 -57.23 -21.36
N TYR F 278 -24.70 -57.38 -22.67
CA TYR F 278 -25.98 -57.39 -23.34
C TYR F 278 -27.15 -57.87 -22.46
N ASN F 279 -27.06 -59.14 -22.08
CA ASN F 279 -28.09 -59.79 -21.27
C ASN F 279 -28.36 -59.04 -19.98
N ASP F 280 -27.37 -58.29 -19.52
CA ASP F 280 -27.51 -57.60 -18.26
C ASP F 280 -28.26 -56.32 -18.53
N LEU F 281 -27.93 -55.72 -19.68
CA LEU F 281 -28.60 -54.52 -20.19
C LEU F 281 -30.06 -54.81 -20.58
N ILE F 282 -30.29 -55.89 -21.31
CA ILE F 282 -31.66 -56.25 -21.63
C ILE F 282 -32.46 -56.47 -20.35
N LYS F 283 -31.93 -57.30 -19.46
CA LYS F 283 -32.66 -57.70 -18.26
C LYS F 283 -32.96 -56.50 -17.40
N TRP F 284 -32.09 -55.49 -17.47
CA TRP F 284 -32.29 -54.24 -16.73
C TRP F 284 -33.46 -53.43 -17.31
N SER F 285 -33.33 -53.02 -18.57
CA SER F 285 -34.42 -52.35 -19.31
C SER F 285 -35.77 -53.08 -19.20
N GLU F 286 -35.75 -54.41 -19.27
CA GLU F 286 -37.00 -55.13 -19.18
C GLU F 286 -37.58 -55.04 -17.76
N ASP F 287 -36.70 -55.05 -16.76
CA ASP F 287 -37.11 -54.88 -15.36
C ASP F 287 -37.61 -53.47 -15.12
N PHE F 288 -36.72 -52.52 -15.37
CA PHE F 288 -37.04 -51.12 -15.21
C PHE F 288 -38.41 -50.77 -15.78
N PHE F 289 -38.66 -51.03 -17.06
CA PHE F 289 -39.97 -50.65 -17.56
C PHE F 289 -41.13 -51.35 -16.87
N SER F 290 -41.13 -52.68 -16.90
CA SER F 290 -42.14 -53.47 -16.19
C SER F 290 -42.45 -52.96 -14.76
N GLN F 291 -41.42 -52.62 -14.00
CA GLN F 291 -41.59 -52.19 -12.61
C GLN F 291 -42.13 -50.76 -12.49
N LEU F 292 -41.59 -49.85 -13.29
CA LEU F 292 -42.03 -48.45 -13.35
C LEU F 292 -43.51 -48.32 -13.73
N VAL F 293 -43.89 -48.96 -14.83
CA VAL F 293 -45.31 -48.99 -15.21
C VAL F 293 -46.19 -49.61 -14.09
N TYR F 294 -45.86 -50.79 -13.58
CA TYR F 294 -46.66 -51.35 -12.48
C TYR F 294 -46.72 -50.43 -11.25
N HIS F 295 -45.63 -49.73 -10.99
CA HIS F 295 -45.52 -48.88 -9.80
C HIS F 295 -46.29 -47.56 -9.98
N LEU F 296 -46.61 -47.21 -11.22
CA LEU F 296 -47.45 -46.04 -11.48
C LEU F 296 -48.93 -46.43 -11.66
N PHE F 297 -49.19 -47.51 -12.40
CA PHE F 297 -50.57 -47.85 -12.74
C PHE F 297 -51.12 -49.11 -12.08
N GLY F 298 -50.25 -49.95 -11.54
CA GLY F 298 -50.69 -51.15 -10.83
C GLY F 298 -50.99 -52.29 -11.79
N THR F 299 -50.76 -52.01 -13.08
CA THR F 299 -50.79 -53.04 -14.10
C THR F 299 -49.66 -52.86 -15.10
N TYR F 300 -49.62 -53.72 -16.12
CA TYR F 300 -48.60 -53.65 -17.15
C TYR F 300 -49.19 -53.04 -18.42
N LYS F 301 -50.53 -53.03 -18.49
CA LYS F 301 -51.21 -52.45 -19.64
C LYS F 301 -51.64 -51.00 -19.41
N ILE F 302 -51.22 -50.13 -20.32
CA ILE F 302 -51.64 -48.73 -20.26
C ILE F 302 -52.33 -48.31 -21.58
N SER F 303 -52.89 -47.10 -21.60
CA SER F 303 -53.50 -46.58 -22.82
C SER F 303 -52.69 -45.40 -23.36
N TYR F 304 -52.53 -45.33 -24.68
CA TYR F 304 -51.84 -44.18 -25.28
C TYR F 304 -52.55 -43.65 -26.53
N ASN F 305 -52.80 -42.34 -26.54
CA ASN F 305 -53.36 -41.70 -27.73
C ASN F 305 -52.27 -41.38 -28.77
N LYS F 306 -51.85 -42.43 -29.49
CA LYS F 306 -50.77 -42.33 -30.50
C LYS F 306 -50.95 -41.24 -31.57
N ASP F 307 -52.19 -41.02 -32.03
CA ASP F 307 -52.45 -40.06 -33.11
C ASP F 307 -53.00 -38.75 -32.60
N GLY F 308 -53.17 -38.67 -31.28
CA GLY F 308 -53.74 -37.50 -30.66
C GLY F 308 -54.99 -37.89 -29.89
N PRO F 309 -55.56 -36.92 -29.19
CA PRO F 309 -56.77 -37.09 -28.39
C PRO F 309 -58.01 -36.98 -29.26
N GLU F 310 -57.89 -36.42 -30.46
CA GLU F 310 -59.00 -36.44 -31.43
C GLU F 310 -59.04 -37.75 -32.22
N ASN F 311 -58.27 -38.74 -31.78
CA ASN F 311 -58.31 -40.07 -32.38
C ASN F 311 -58.45 -41.18 -31.35
N GLN F 312 -58.17 -42.41 -31.76
CA GLN F 312 -58.33 -43.57 -30.89
C GLN F 312 -57.08 -43.83 -30.06
N PRO F 313 -57.25 -44.40 -28.86
CA PRO F 313 -56.13 -44.85 -28.01
C PRO F 313 -55.74 -46.32 -28.30
N ILE F 314 -54.44 -46.59 -28.43
CA ILE F 314 -53.98 -47.99 -28.43
C ILE F 314 -53.56 -48.43 -27.03
N GLU F 315 -53.68 -49.73 -26.78
CA GLU F 315 -53.15 -50.31 -25.55
C GLU F 315 -51.67 -50.68 -25.76
N ILE F 316 -50.87 -50.52 -24.70
CA ILE F 316 -49.46 -50.89 -24.75
C ILE F 316 -49.10 -51.72 -23.53
N ASP F 317 -48.49 -52.87 -23.79
CA ASP F 317 -48.37 -53.89 -22.75
C ASP F 317 -46.92 -54.06 -22.32
N PHE F 318 -46.61 -53.56 -21.15
CA PHE F 318 -45.25 -53.58 -20.62
C PHE F 318 -44.91 -54.87 -19.92
N THR F 319 -45.76 -55.87 -20.13
CA THR F 319 -45.50 -57.20 -19.62
C THR F 319 -44.24 -57.77 -20.32
N PRO F 320 -43.23 -58.13 -19.51
CA PRO F 320 -41.98 -58.68 -20.04
C PRO F 320 -42.08 -60.20 -20.26
N PRO F 321 -41.11 -60.76 -21.02
CA PRO F 321 -40.05 -60.02 -21.71
C PRO F 321 -40.51 -59.51 -23.08
N TYR F 322 -39.73 -58.63 -23.71
CA TYR F 322 -40.14 -58.03 -24.98
C TYR F 322 -39.39 -58.63 -26.18
N PRO F 323 -39.92 -58.39 -27.40
CA PRO F 323 -39.31 -58.89 -28.63
C PRO F 323 -37.92 -58.29 -28.92
N LYS F 324 -36.93 -59.18 -29.03
CA LYS F 324 -35.65 -58.83 -29.65
C LYS F 324 -35.83 -59.00 -31.16
N VAL F 325 -35.39 -58.00 -31.94
CA VAL F 325 -35.49 -58.09 -33.39
C VAL F 325 -34.22 -57.60 -34.06
N SER F 326 -33.54 -58.54 -34.74
CA SER F 326 -32.27 -58.25 -35.40
CA SER F 326 -32.28 -58.27 -35.43
C SER F 326 -32.46 -57.43 -36.68
N ILE F 327 -31.84 -56.26 -36.70
CA ILE F 327 -31.96 -55.29 -37.79
C ILE F 327 -31.61 -55.89 -39.17
N VAL F 328 -30.42 -56.48 -39.30
CA VAL F 328 -30.03 -57.03 -40.60
C VAL F 328 -30.91 -58.22 -40.95
N GLU F 329 -30.91 -59.20 -40.06
CA GLU F 329 -31.77 -60.39 -40.20
C GLU F 329 -33.23 -60.07 -40.57
N GLU F 330 -33.73 -58.91 -40.15
CA GLU F 330 -35.14 -58.61 -40.42
C GLU F 330 -35.31 -57.83 -41.72
N ILE F 331 -34.41 -56.89 -41.98
CA ILE F 331 -34.42 -56.19 -43.27
C ILE F 331 -34.38 -57.21 -44.40
N GLU F 332 -33.44 -58.14 -44.31
CA GLU F 332 -33.40 -59.26 -45.23
C GLU F 332 -34.75 -59.97 -45.24
N LYS F 333 -35.03 -60.71 -44.18
CA LYS F 333 -36.17 -61.63 -44.13
C LYS F 333 -37.51 -61.04 -44.59
N VAL F 334 -37.62 -59.72 -44.57
CA VAL F 334 -38.83 -59.06 -45.05
C VAL F 334 -38.68 -58.69 -46.53
N THR F 335 -37.60 -57.98 -46.85
CA THR F 335 -37.33 -57.51 -48.22
C THR F 335 -36.81 -58.63 -49.14
N ASN F 336 -36.56 -59.81 -48.58
CA ASN F 336 -35.94 -60.92 -49.31
C ASN F 336 -34.75 -60.50 -50.17
N THR F 337 -33.81 -59.82 -49.52
CA THR F 337 -32.46 -59.72 -50.03
C THR F 337 -31.60 -60.42 -49.00
N ILE F 338 -30.36 -60.72 -49.35
CA ILE F 338 -29.43 -61.26 -48.38
C ILE F 338 -28.22 -60.36 -48.39
N LEU F 339 -27.96 -59.69 -47.27
CA LEU F 339 -26.72 -58.96 -47.13
C LEU F 339 -26.30 -58.73 -45.69
N GLU F 340 -25.23 -59.45 -45.33
CA GLU F 340 -24.41 -59.15 -44.18
C GLU F 340 -23.13 -58.67 -44.83
N GLN F 341 -22.32 -59.62 -45.27
CA GLN F 341 -21.14 -59.29 -46.07
C GLN F 341 -20.44 -58.14 -45.38
N PRO F 342 -19.83 -58.42 -44.22
CA PRO F 342 -19.35 -57.42 -43.28
C PRO F 342 -18.48 -56.33 -43.90
N PHE F 343 -18.59 -56.11 -45.20
CA PHE F 343 -18.20 -54.82 -45.72
C PHE F 343 -19.43 -54.13 -46.32
N ASP F 344 -20.15 -53.38 -45.48
CA ASP F 344 -21.21 -52.51 -45.98
C ASP F 344 -20.52 -51.34 -46.69
N SER F 345 -20.22 -51.56 -47.97
CA SER F 345 -19.49 -50.58 -48.78
C SER F 345 -19.57 -50.96 -50.25
N ASN F 346 -19.71 -49.94 -51.10
CA ASN F 346 -19.81 -50.11 -52.55
C ASN F 346 -20.97 -51.00 -53.03
N GLU F 347 -20.72 -52.30 -53.13
CA GLU F 347 -21.69 -53.24 -53.69
C GLU F 347 -22.87 -53.47 -52.75
N THR F 348 -22.62 -53.44 -51.44
CA THR F 348 -23.68 -53.66 -50.48
C THR F 348 -24.49 -52.38 -50.29
N ILE F 349 -23.82 -51.24 -50.40
CA ILE F 349 -24.49 -49.93 -50.49
C ILE F 349 -25.46 -49.94 -51.66
N GLU F 350 -25.03 -50.60 -52.75
CA GLU F 350 -25.85 -50.75 -53.95
C GLU F 350 -27.17 -51.44 -53.62
N LYS F 351 -27.10 -52.73 -53.29
CA LYS F 351 -28.29 -53.53 -52.96
C LYS F 351 -29.26 -52.83 -52.00
N MET F 352 -28.75 -51.96 -51.14
CA MET F 352 -29.61 -51.20 -50.22
C MET F 352 -30.31 -50.10 -51.00
N ILE F 353 -29.51 -49.34 -51.77
CA ILE F 353 -30.01 -48.29 -52.66
C ILE F 353 -31.12 -48.79 -53.59
N ASN F 354 -30.91 -49.97 -54.19
CA ASN F 354 -31.92 -50.58 -55.04
C ASN F 354 -33.24 -50.76 -54.29
N ILE F 355 -33.21 -51.46 -53.15
CA ILE F 355 -34.40 -51.62 -52.31
C ILE F 355 -35.00 -50.27 -51.92
N ILE F 356 -34.15 -49.28 -51.67
CA ILE F 356 -34.60 -47.94 -51.29
C ILE F 356 -35.38 -47.27 -52.44
N LYS F 357 -35.00 -47.58 -53.69
CA LYS F 357 -35.68 -47.07 -54.89
C LYS F 357 -36.87 -47.97 -55.28
N GLU F 358 -36.56 -49.23 -55.55
CA GLU F 358 -37.54 -50.28 -55.84
C GLU F 358 -38.71 -50.34 -54.85
N HIS F 359 -38.42 -50.20 -53.56
CA HIS F 359 -39.43 -50.45 -52.52
C HIS F 359 -39.98 -49.15 -51.95
N LYS F 360 -41.30 -49.02 -51.90
CA LYS F 360 -41.87 -47.72 -51.62
C LYS F 360 -40.85 -46.73 -52.16
N ILE F 361 -40.38 -45.83 -51.31
CA ILE F 361 -39.24 -45.02 -51.64
C ILE F 361 -38.72 -44.41 -50.35
N GLU F 362 -37.96 -43.34 -50.47
CA GLU F 362 -37.53 -42.62 -49.28
C GLU F 362 -36.24 -41.90 -49.57
N LEU F 363 -36.06 -40.74 -48.96
CA LEU F 363 -34.81 -40.02 -49.10
C LEU F 363 -33.65 -40.98 -48.80
N PRO F 364 -32.63 -41.01 -49.68
CA PRO F 364 -31.43 -41.77 -49.36
C PRO F 364 -30.36 -40.85 -48.79
N ASN F 365 -30.62 -39.54 -48.83
CA ASN F 365 -29.78 -38.55 -48.18
C ASN F 365 -28.41 -38.46 -48.81
N PRO F 366 -27.57 -37.54 -48.31
CA PRO F 366 -26.13 -37.73 -48.49
C PRO F 366 -25.82 -39.21 -48.20
N PRO F 367 -25.64 -40.02 -49.26
CA PRO F 367 -25.95 -41.45 -49.35
C PRO F 367 -25.03 -42.40 -48.58
N THR F 368 -24.71 -42.06 -47.34
CA THR F 368 -23.86 -42.91 -46.49
C THR F 368 -24.58 -44.18 -46.05
N ALA F 369 -23.85 -45.29 -46.04
CA ALA F 369 -24.40 -46.60 -45.67
C ALA F 369 -25.11 -46.62 -44.30
N ALA F 370 -24.61 -45.84 -43.35
CA ALA F 370 -25.16 -45.82 -42.00
C ALA F 370 -26.55 -45.21 -42.00
N LYS F 371 -26.74 -44.22 -42.86
CA LYS F 371 -28.03 -43.58 -43.06
C LYS F 371 -28.93 -44.45 -43.91
N LEU F 372 -28.42 -44.92 -45.05
CA LEU F 372 -29.16 -45.89 -45.83
C LEU F 372 -29.65 -46.97 -44.88
N LEU F 373 -28.74 -47.47 -44.05
CA LEU F 373 -29.10 -48.40 -42.97
C LEU F 373 -30.19 -47.82 -42.08
N ASP F 374 -30.02 -46.55 -41.73
CA ASP F 374 -30.97 -45.85 -40.87
C ASP F 374 -32.37 -45.79 -41.52
N GLN F 375 -32.44 -45.24 -42.73
CA GLN F 375 -33.71 -45.09 -43.43
C GLN F 375 -34.50 -46.41 -43.50
N LEU F 376 -33.79 -47.52 -43.62
CA LEU F 376 -34.42 -48.83 -43.76
C LEU F 376 -35.08 -49.34 -42.47
N ALA F 377 -34.38 -49.18 -41.35
CA ALA F 377 -34.94 -49.56 -40.06
C ALA F 377 -36.23 -48.78 -39.77
N SER F 378 -36.17 -47.46 -39.98
CA SER F 378 -37.36 -46.60 -39.85
C SER F 378 -38.62 -47.21 -40.47
N HIS F 379 -38.47 -47.75 -41.67
CA HIS F 379 -39.60 -48.18 -42.48
C HIS F 379 -40.06 -49.60 -42.13
N PHE F 380 -39.15 -50.57 -42.27
CA PHE F 380 -39.47 -51.98 -42.08
C PHE F 380 -39.51 -52.48 -40.63
N ILE F 381 -38.84 -51.77 -39.72
CA ILE F 381 -38.65 -52.33 -38.37
C ILE F 381 -39.24 -51.51 -37.23
N GLU F 382 -39.00 -50.19 -37.27
CA GLU F 382 -39.40 -49.31 -36.17
C GLU F 382 -40.90 -49.30 -35.88
N ASN F 383 -41.72 -49.58 -36.89
CA ASN F 383 -43.16 -49.63 -36.65
C ASN F 383 -43.74 -51.03 -36.56
N LYS F 384 -42.86 -52.02 -36.40
CA LYS F 384 -43.28 -53.41 -36.33
C LYS F 384 -44.30 -53.65 -35.22
N TYR F 385 -43.99 -53.18 -34.01
CA TYR F 385 -44.89 -53.35 -32.85
C TYR F 385 -45.34 -52.00 -32.26
N ASN F 386 -46.62 -51.90 -31.90
CA ASN F 386 -47.18 -50.72 -31.23
C ASN F 386 -48.05 -51.21 -30.07
N ASP F 387 -48.26 -52.52 -30.06
CA ASP F 387 -49.01 -53.21 -29.03
C ASP F 387 -48.15 -53.52 -27.76
N LYS F 388 -46.87 -53.15 -27.81
CA LYS F 388 -45.92 -53.45 -26.72
C LYS F 388 -44.54 -52.85 -27.01
N PRO F 389 -43.67 -52.77 -25.99
CA PRO F 389 -42.30 -52.33 -26.27
C PRO F 389 -41.55 -53.48 -26.94
N PHE F 390 -40.51 -53.14 -27.70
CA PHE F 390 -39.66 -54.16 -28.31
C PHE F 390 -38.24 -53.63 -28.59
N PHE F 391 -37.30 -54.56 -28.71
CA PHE F 391 -35.90 -54.21 -28.83
C PHE F 391 -35.41 -54.34 -30.25
N ILE F 392 -34.71 -53.31 -30.75
CA ILE F 392 -34.00 -53.43 -32.02
C ILE F 392 -32.53 -53.72 -31.68
N VAL F 393 -31.99 -54.81 -32.24
CA VAL F 393 -30.78 -55.45 -31.70
C VAL F 393 -29.71 -55.75 -32.77
N GLU F 394 -28.46 -55.90 -32.29
CA GLU F 394 -27.28 -56.21 -33.13
C GLU F 394 -27.16 -55.34 -34.40
N HIS F 395 -26.87 -54.06 -34.18
CA HIS F 395 -26.70 -53.09 -35.25
C HIS F 395 -25.32 -53.25 -35.83
N PRO F 396 -25.17 -52.96 -37.13
CA PRO F 396 -23.86 -52.75 -37.77
C PRO F 396 -22.87 -51.98 -36.90
N GLN F 397 -21.57 -52.19 -37.10
CA GLN F 397 -20.56 -51.42 -36.38
C GLN F 397 -20.54 -50.03 -36.98
N ILE F 398 -21.09 -49.93 -38.19
CA ILE F 398 -21.15 -48.69 -38.98
C ILE F 398 -22.23 -47.70 -38.48
N MET F 399 -23.23 -48.21 -37.78
CA MET F 399 -24.23 -47.37 -37.13
C MET F 399 -23.82 -47.01 -35.70
N SER F 400 -22.76 -47.65 -35.22
CA SER F 400 -22.44 -47.67 -33.79
C SER F 400 -20.92 -47.71 -33.54
N PRO F 401 -20.20 -46.70 -34.03
CA PRO F 401 -18.73 -46.66 -34.03
C PRO F 401 -18.18 -46.81 -32.61
N LEU F 402 -19.07 -46.79 -31.62
CA LEU F 402 -18.67 -46.78 -30.22
C LEU F 402 -18.98 -48.09 -29.48
N ALA F 403 -19.63 -49.04 -30.14
CA ALA F 403 -19.95 -50.29 -29.46
C ALA F 403 -18.97 -51.41 -29.84
N LYS F 404 -18.75 -52.33 -28.90
CA LYS F 404 -17.85 -53.46 -29.12
C LYS F 404 -18.43 -54.38 -30.20
N TYR F 405 -17.54 -55.05 -30.92
CA TYR F 405 -17.93 -56.03 -31.92
C TYR F 405 -18.78 -57.16 -31.33
N HIS F 406 -19.66 -57.73 -32.15
CA HIS F 406 -20.41 -58.93 -31.77
C HIS F 406 -19.45 -60.11 -31.65
N ARG F 407 -19.75 -61.06 -30.76
CA ARG F 407 -18.81 -62.14 -30.42
C ARG F 407 -18.64 -63.12 -31.58
N THR F 408 -19.62 -63.15 -32.46
CA THR F 408 -19.75 -64.23 -33.43
C THR F 408 -20.35 -63.71 -34.74
N LYS F 409 -20.89 -62.50 -34.72
CA LYS F 409 -21.49 -61.92 -35.92
C LYS F 409 -20.66 -60.79 -36.52
N PRO F 410 -20.12 -61.04 -37.73
CA PRO F 410 -19.17 -60.08 -38.30
C PRO F 410 -19.77 -58.75 -38.77
N GLY F 411 -19.20 -57.66 -38.31
CA GLY F 411 -19.69 -56.33 -38.66
C GLY F 411 -20.89 -55.89 -37.83
N LEU F 412 -21.19 -56.66 -36.80
CA LEU F 412 -22.32 -56.38 -35.93
C LEU F 412 -21.85 -55.97 -34.53
N THR F 413 -22.77 -55.45 -33.74
CA THR F 413 -22.48 -55.02 -32.38
C THR F 413 -23.41 -55.76 -31.43
N GLU F 414 -23.18 -55.65 -30.14
CA GLU F 414 -24.07 -56.29 -29.18
C GLU F 414 -25.07 -55.26 -28.64
N ARG F 415 -25.43 -54.32 -29.53
CA ARG F 415 -26.25 -53.15 -29.23
C ARG F 415 -27.76 -53.48 -29.13
N LEU F 416 -28.42 -52.84 -28.18
CA LEU F 416 -29.89 -52.90 -28.08
C LEU F 416 -30.50 -51.50 -27.97
N GLU F 417 -31.56 -51.27 -28.75
CA GLU F 417 -32.27 -49.99 -28.83
C GLU F 417 -33.74 -50.27 -28.62
N MET F 418 -34.39 -49.63 -27.65
CA MET F 418 -35.79 -50.00 -27.39
C MET F 418 -36.79 -48.97 -27.91
N PHE F 419 -37.92 -49.45 -28.41
CA PHE F 419 -38.89 -48.58 -29.04
C PHE F 419 -40.26 -48.77 -28.44
N ILE F 420 -40.97 -47.66 -28.29
CA ILE F 420 -42.39 -47.70 -27.96
C ILE F 420 -43.17 -46.94 -29.04
N CYS F 421 -44.03 -47.67 -29.77
CA CYS F 421 -44.84 -47.09 -30.87
C CYS F 421 -43.99 -46.32 -31.90
N GLY F 422 -42.83 -46.88 -32.25
CA GLY F 422 -41.99 -46.26 -33.27
C GLY F 422 -41.07 -45.14 -32.79
N LYS F 423 -41.14 -44.79 -31.50
CA LYS F 423 -40.25 -43.75 -30.96
C LYS F 423 -39.10 -44.33 -30.12
N GLU F 424 -37.87 -43.90 -30.39
CA GLU F 424 -36.72 -44.42 -29.63
C GLU F 424 -36.66 -43.90 -28.19
N VAL F 425 -36.62 -44.86 -27.26
CA VAL F 425 -36.76 -44.62 -25.83
C VAL F 425 -35.43 -44.84 -25.07
N LEU F 426 -34.84 -46.02 -25.28
CA LEU F 426 -33.63 -46.43 -24.59
C LEU F 426 -32.58 -46.88 -25.61
N ASN F 427 -31.33 -46.48 -25.39
CA ASN F 427 -30.19 -46.98 -26.17
C ASN F 427 -29.02 -47.50 -25.30
N ALA F 428 -28.78 -48.81 -25.35
CA ALA F 428 -27.70 -49.47 -24.58
C ALA F 428 -26.66 -50.20 -25.45
N TYR F 429 -25.43 -50.30 -24.97
CA TYR F 429 -24.41 -51.19 -25.58
C TYR F 429 -23.11 -51.23 -24.80
N THR F 430 -22.39 -52.34 -24.96
CA THR F 430 -21.04 -52.48 -24.42
C THR F 430 -20.03 -51.66 -25.21
N GLU F 431 -19.22 -50.88 -24.51
CA GLU F 431 -18.26 -49.97 -25.13
C GLU F 431 -17.12 -50.73 -25.82
N LEU F 432 -16.61 -50.15 -26.90
CA LEU F 432 -15.36 -50.60 -27.52
C LEU F 432 -14.15 -50.13 -26.67
N ASN F 433 -13.66 -51.01 -25.79
CA ASN F 433 -12.59 -50.66 -24.85
C ASN F 433 -11.16 -50.72 -25.39
N ASP F 434 -11.00 -51.38 -26.54
CA ASP F 434 -9.72 -51.54 -27.24
C ASP F 434 -9.27 -50.25 -27.95
N PRO F 435 -8.28 -49.53 -27.37
CA PRO F 435 -7.84 -48.24 -27.93
C PRO F 435 -7.35 -48.36 -29.37
N PHE F 436 -7.28 -49.58 -29.90
CA PHE F 436 -6.70 -49.75 -31.22
C PHE F 436 -7.74 -49.93 -32.31
N LYS F 437 -9.02 -49.86 -31.93
CA LYS F 437 -10.14 -49.89 -32.91
C LYS F 437 -11.02 -48.64 -32.82
N PHE F 463 -10.03 -37.95 -23.49
CA PHE F 463 -10.69 -39.25 -23.33
C PHE F 463 -9.95 -40.40 -24.04
N CYS F 464 -9.61 -40.21 -25.30
CA CYS F 464 -8.91 -41.28 -26.02
C CYS F 464 -7.66 -41.70 -25.25
N THR F 465 -7.18 -40.80 -24.39
CA THR F 465 -6.09 -41.09 -23.48
C THR F 465 -6.54 -42.00 -22.33
N SER F 466 -7.57 -41.60 -21.61
CA SER F 466 -8.09 -42.38 -20.50
C SER F 466 -8.41 -43.83 -20.91
N LEU F 467 -8.78 -44.01 -22.18
CA LEU F 467 -8.99 -45.35 -22.76
C LEU F 467 -7.70 -46.17 -22.68
N GLU F 468 -6.58 -45.47 -22.84
CA GLU F 468 -5.25 -46.05 -22.81
C GLU F 468 -4.79 -46.41 -21.38
N TYR F 469 -5.47 -45.88 -20.36
CA TYR F 469 -5.21 -46.31 -19.00
C TYR F 469 -6.07 -47.53 -18.67
N GLY F 470 -6.81 -47.99 -19.67
CA GLY F 470 -7.53 -49.24 -19.59
C GLY F 470 -8.96 -49.09 -19.14
N LEU F 471 -9.89 -49.33 -20.06
CA LEU F 471 -11.27 -49.39 -19.65
C LEU F 471 -11.72 -50.85 -19.62
N PRO F 472 -12.35 -51.25 -18.51
CA PRO F 472 -12.85 -52.63 -18.42
C PRO F 472 -13.93 -52.86 -19.46
N PRO F 473 -14.28 -54.13 -19.72
CA PRO F 473 -15.53 -54.32 -20.46
C PRO F 473 -16.67 -53.63 -19.69
N THR F 474 -17.50 -52.82 -20.37
CA THR F 474 -18.47 -51.98 -19.69
C THR F 474 -19.71 -51.76 -20.52
N GLY F 475 -20.88 -51.87 -19.89
CA GLY F 475 -22.14 -51.53 -20.53
C GLY F 475 -22.54 -50.07 -20.28
N GLY F 476 -23.03 -49.40 -21.34
CA GLY F 476 -23.57 -48.06 -21.20
C GLY F 476 -25.03 -48.02 -21.63
N LEU F 477 -25.86 -47.27 -20.90
CA LEU F 477 -27.29 -47.17 -21.24
C LEU F 477 -27.79 -45.71 -21.20
N GLY F 478 -28.58 -45.32 -22.20
CA GLY F 478 -29.17 -43.99 -22.26
C GLY F 478 -30.69 -44.02 -22.25
N LEU F 479 -31.30 -43.04 -21.60
CA LEU F 479 -32.76 -42.92 -21.58
C LEU F 479 -33.23 -41.49 -21.94
N GLY F 480 -34.28 -41.36 -22.74
CA GLY F 480 -34.90 -40.06 -22.93
C GLY F 480 -36.02 -39.86 -21.92
N ILE F 481 -35.72 -39.12 -20.84
CA ILE F 481 -36.69 -39.01 -19.74
C ILE F 481 -38.03 -38.39 -20.18
N ASP F 482 -37.93 -37.36 -21.00
CA ASP F 482 -39.10 -36.67 -21.51
C ASP F 482 -40.00 -37.58 -22.34
N ARG F 483 -39.44 -38.23 -23.34
CA ARG F 483 -40.25 -39.05 -24.23
C ARG F 483 -40.86 -40.17 -23.44
N ILE F 484 -40.20 -40.54 -22.34
CA ILE F 484 -40.73 -41.60 -21.52
C ILE F 484 -41.91 -41.11 -20.70
N THR F 485 -41.79 -39.91 -20.14
CA THR F 485 -42.89 -39.29 -19.42
C THR F 485 -44.12 -39.16 -20.35
N MET F 486 -43.85 -38.78 -21.61
CA MET F 486 -44.90 -38.58 -22.60
C MET F 486 -45.85 -39.78 -22.80
N PHE F 487 -45.31 -41.00 -22.69
CA PHE F 487 -46.14 -42.18 -22.89
C PHE F 487 -46.85 -42.53 -21.61
N LEU F 488 -46.30 -42.05 -20.49
CA LEU F 488 -46.80 -42.43 -19.18
C LEU F 488 -47.81 -41.41 -18.63
N THR F 489 -47.77 -40.18 -19.16
CA THR F 489 -48.80 -39.18 -18.90
C THR F 489 -49.71 -38.99 -20.13
N ASN F 490 -49.37 -39.73 -21.19
CA ASN F 490 -50.17 -39.75 -22.40
C ASN F 490 -50.21 -38.41 -23.09
N LYS F 491 -49.05 -37.90 -23.47
CA LYS F 491 -49.02 -36.68 -24.24
C LYS F 491 -48.35 -36.91 -25.61
N ASN F 492 -48.54 -35.98 -26.54
CA ASN F 492 -47.93 -36.10 -27.86
C ASN F 492 -46.96 -34.95 -28.08
N SER F 493 -47.05 -33.95 -27.23
CA SER F 493 -46.13 -32.82 -27.30
C SER F 493 -45.21 -32.80 -26.07
N ILE F 494 -43.99 -32.31 -26.28
CA ILE F 494 -42.95 -32.28 -25.25
C ILE F 494 -43.19 -31.09 -24.34
N LYS F 495 -43.81 -30.03 -24.89
CA LYS F 495 -44.22 -28.88 -24.08
C LYS F 495 -45.27 -29.26 -23.02
N ASP F 496 -45.87 -30.45 -23.14
CA ASP F 496 -46.85 -30.86 -22.14
C ASP F 496 -46.24 -31.61 -20.97
N VAL F 497 -44.91 -31.79 -21.02
CA VAL F 497 -44.20 -32.54 -19.95
C VAL F 497 -42.96 -31.78 -19.50
N ILE F 498 -42.79 -30.58 -20.02
CA ILE F 498 -41.78 -29.67 -19.53
C ILE F 498 -42.49 -28.43 -18.95
N LEU F 499 -42.17 -28.08 -17.70
CA LEU F 499 -42.82 -26.95 -17.07
C LEU F 499 -42.63 -25.62 -17.83
N PHE F 500 -41.41 -25.33 -18.25
CA PHE F 500 -41.23 -24.04 -18.94
C PHE F 500 -40.56 -24.17 -20.31
N PRO F 501 -41.27 -24.80 -21.28
CA PRO F 501 -40.66 -24.94 -22.61
C PRO F 501 -40.30 -23.57 -23.13
N THR F 502 -39.32 -23.53 -24.02
CA THR F 502 -38.81 -22.27 -24.53
C THR F 502 -39.80 -21.87 -25.60
N MET F 503 -40.37 -20.67 -25.47
CA MET F 503 -41.41 -20.28 -26.41
C MET F 503 -40.91 -19.03 -27.14
N ARG F 504 -41.33 -18.86 -28.40
CA ARG F 504 -40.93 -17.68 -29.16
C ARG F 504 -41.77 -16.50 -28.69
N PRO F 505 -41.11 -15.42 -28.29
CA PRO F 505 -41.83 -14.20 -27.89
C PRO F 505 -41.98 -13.26 -29.09
N PRO G 4 76.34 -55.26 3.08
CA PRO G 4 75.05 -54.82 3.63
C PRO G 4 74.02 -54.50 2.53
N ARG G 5 74.42 -53.73 1.51
CA ARG G 5 73.74 -53.79 0.24
C ARG G 5 74.25 -55.06 -0.46
N LEU G 6 75.34 -55.60 0.09
CA LEU G 6 75.93 -56.85 -0.40
C LEU G 6 75.10 -58.03 0.06
N TYR G 7 74.47 -57.89 1.24
CA TYR G 7 73.52 -58.87 1.75
C TYR G 7 72.32 -58.89 0.81
N PHE G 8 71.85 -57.70 0.48
CA PHE G 8 70.75 -57.58 -0.44
C PHE G 8 71.09 -58.28 -1.75
N GLU G 9 72.19 -57.85 -2.38
CA GLU G 9 72.53 -58.33 -3.72
C GLU G 9 72.64 -59.83 -3.77
N ASN G 10 73.21 -60.41 -2.71
CA ASN G 10 73.34 -61.85 -2.62
C ASN G 10 71.99 -62.54 -2.41
N ARG G 11 71.17 -62.00 -1.52
CA ARG G 11 69.82 -62.53 -1.36
C ARG G 11 69.06 -62.52 -2.68
N SER G 12 69.16 -61.42 -3.43
CA SER G 12 68.46 -61.32 -4.73
C SER G 12 68.94 -62.38 -5.71
N LYS G 13 70.25 -62.50 -5.84
CA LYS G 13 70.85 -63.51 -6.69
C LYS G 13 70.46 -64.91 -6.21
N PHE G 14 70.50 -65.11 -4.90
CA PHE G 14 69.96 -66.35 -4.33
C PHE G 14 68.52 -66.61 -4.81
N ILE G 15 67.68 -65.58 -4.76
CA ILE G 15 66.32 -65.75 -5.27
C ILE G 15 66.33 -66.14 -6.75
N GLN G 16 67.08 -65.42 -7.59
CA GLN G 16 67.08 -65.75 -9.01
C GLN G 16 67.63 -67.16 -9.27
N ASP G 17 68.39 -67.68 -8.31
CA ASP G 17 68.90 -69.05 -8.35
C ASP G 17 67.78 -70.07 -8.13
N GLN G 18 67.12 -69.93 -6.99
CA GLN G 18 66.02 -70.81 -6.64
C GLN G 18 65.05 -70.98 -7.82
N LYS G 19 64.91 -69.94 -8.63
CA LYS G 19 63.98 -69.98 -9.75
C LYS G 19 64.53 -70.79 -10.93
N ASP G 20 65.80 -70.58 -11.23
CA ASP G 20 66.45 -71.36 -12.28
C ASP G 20 66.62 -72.82 -11.82
N LYS G 21 66.61 -73.03 -10.50
CA LYS G 21 66.77 -74.37 -9.91
C LYS G 21 65.43 -75.09 -9.72
N GLY G 22 64.31 -74.43 -10.05
CA GLY G 22 63.01 -75.05 -9.99
C GLY G 22 62.26 -74.89 -8.68
N ILE G 23 62.57 -73.82 -7.95
CA ILE G 23 61.90 -73.54 -6.68
C ILE G 23 61.19 -72.19 -6.73
N ASN G 24 59.95 -72.16 -6.28
CA ASN G 24 59.27 -70.89 -6.09
C ASN G 24 59.47 -70.40 -4.65
N PRO G 25 60.29 -69.33 -4.49
CA PRO G 25 60.55 -68.70 -3.19
C PRO G 25 59.37 -67.86 -2.71
N TYR G 26 58.42 -67.63 -3.62
CA TYR G 26 57.20 -66.92 -3.32
C TYR G 26 56.03 -67.73 -3.85
N PRO G 27 55.81 -68.94 -3.27
CA PRO G 27 54.75 -69.88 -3.68
C PRO G 27 53.35 -69.40 -3.32
N HIS G 28 52.34 -69.89 -4.04
CA HIS G 28 51.02 -69.28 -4.03
C HIS G 28 50.15 -69.52 -2.79
N LYS G 29 50.02 -70.78 -2.41
CA LYS G 29 49.22 -71.12 -1.24
C LYS G 29 49.91 -72.22 -0.42
N PHE G 30 50.02 -71.98 0.89
CA PHE G 30 50.50 -72.97 1.85
C PHE G 30 49.47 -73.03 2.98
N GLU G 31 48.81 -74.16 3.15
CA GLU G 31 47.64 -74.21 4.03
C GLU G 31 48.04 -74.57 5.46
N ARG G 32 47.79 -73.66 6.39
CA ARG G 32 48.15 -73.92 7.79
C ARG G 32 47.01 -74.63 8.48
N THR G 33 47.39 -75.54 9.36
CA THR G 33 46.46 -76.24 10.21
C THR G 33 46.02 -75.29 11.34
N ILE G 34 46.92 -74.36 11.69
CA ILE G 34 46.89 -73.76 13.02
C ILE G 34 47.81 -72.55 13.16
N SER G 35 47.41 -71.61 14.01
CA SER G 35 48.19 -70.41 14.30
C SER G 35 49.12 -70.60 15.52
N ILE G 36 50.17 -69.78 15.62
CA ILE G 36 51.12 -69.88 16.72
C ILE G 36 50.53 -69.60 18.09
N PRO G 37 49.61 -68.63 18.17
CA PRO G 37 48.89 -68.40 19.44
C PRO G 37 47.86 -69.49 19.77
N GLU G 38 47.44 -70.27 18.77
CA GLU G 38 46.63 -71.47 18.99
C GLU G 38 47.49 -72.69 19.32
N PHE G 39 48.66 -72.78 18.67
CA PHE G 39 49.68 -73.78 18.98
C PHE G 39 50.08 -73.70 20.46
N ILE G 40 50.30 -72.47 20.94
CA ILE G 40 50.74 -72.27 22.31
C ILE G 40 49.64 -72.50 23.33
N GLU G 41 48.39 -72.29 22.92
CA GLU G 41 47.26 -72.47 23.85
C GLU G 41 46.95 -73.96 23.96
N LYS G 42 47.31 -74.69 22.92
CA LYS G 42 47.01 -76.10 22.81
C LYS G 42 48.05 -77.01 23.48
N TYR G 43 49.32 -76.65 23.39
CA TYR G 43 50.41 -77.54 23.83
C TYR G 43 51.27 -77.04 24.99
N LYS G 44 51.03 -75.82 25.45
CA LYS G 44 51.83 -75.24 26.53
C LYS G 44 51.96 -76.16 27.75
N ASP G 45 50.98 -77.03 27.99
CA ASP G 45 51.04 -77.89 29.16
C ASP G 45 51.52 -79.32 28.86
N LEU G 46 52.29 -79.49 27.78
CA LEU G 46 53.04 -80.72 27.55
C LEU G 46 54.19 -80.84 28.57
N GLY G 47 54.46 -82.05 29.05
CA GLY G 47 55.55 -82.24 30.00
C GLY G 47 56.88 -82.01 29.32
N ASN G 48 57.87 -81.57 30.08
CA ASN G 48 59.19 -81.34 29.49
C ASN G 48 59.64 -82.58 28.73
N GLY G 49 60.12 -82.38 27.51
CA GLY G 49 60.62 -83.48 26.69
C GLY G 49 59.61 -84.25 25.86
N GLU G 50 58.32 -84.03 26.11
CA GLU G 50 57.25 -84.81 25.48
C GLU G 50 57.09 -84.51 23.98
N HIS G 51 56.81 -85.55 23.20
CA HIS G 51 56.56 -85.44 21.76
C HIS G 51 55.18 -85.97 21.38
N LEU G 52 54.70 -85.56 20.21
CA LEU G 52 53.46 -86.06 19.62
C LEU G 52 53.73 -86.34 18.14
N GLU G 53 54.55 -87.35 17.89
CA GLU G 53 55.07 -87.61 16.55
C GLU G 53 54.00 -88.01 15.53
N ASP G 54 52.81 -88.33 16.02
CA ASP G 54 51.73 -88.76 15.15
C ASP G 54 50.89 -87.57 14.71
N THR G 55 51.01 -86.47 15.45
CA THR G 55 50.23 -85.27 15.21
C THR G 55 50.96 -84.29 14.28
N ILE G 56 50.57 -84.29 13.00
CA ILE G 56 51.16 -83.44 11.97
C ILE G 56 50.37 -82.14 11.84
N LEU G 57 51.08 -81.02 11.87
CA LEU G 57 50.47 -79.71 11.71
C LEU G 57 51.21 -78.98 10.58
N ASN G 58 50.50 -78.11 9.85
CA ASN G 58 51.16 -77.13 9.02
C ASN G 58 51.11 -75.83 9.81
N ILE G 59 52.20 -75.09 9.83
CA ILE G 59 52.26 -73.88 10.65
C ILE G 59 53.09 -72.82 9.94
N THR G 60 52.85 -71.55 10.24
CA THR G 60 53.59 -70.51 9.54
C THR G 60 54.26 -69.49 10.46
N GLY G 61 55.23 -68.76 9.94
CA GLY G 61 55.90 -67.76 10.73
C GLY G 61 57.09 -67.06 10.09
N ARG G 62 57.54 -66.06 10.82
CA ARG G 62 58.76 -65.37 10.47
C ARG G 62 59.87 -65.86 11.39
N ILE G 63 60.98 -66.31 10.79
CA ILE G 63 62.17 -66.69 11.52
C ILE G 63 62.87 -65.48 12.11
N MET G 64 62.78 -65.28 13.43
CA MET G 64 63.48 -64.15 14.05
C MET G 64 64.89 -64.48 14.55
N ARG G 65 65.25 -65.78 14.58
CA ARG G 65 66.57 -66.26 15.06
C ARG G 65 67.02 -67.59 14.39
N VAL G 66 68.32 -67.70 14.11
CA VAL G 66 68.93 -68.92 13.53
C VAL G 66 70.25 -69.27 14.23
N SER G 67 70.35 -70.51 14.71
CA SER G 67 71.53 -70.99 15.43
C SER G 67 71.75 -72.47 15.13
N ALA G 68 72.90 -72.80 14.53
CA ALA G 68 73.21 -74.18 14.16
C ALA G 68 73.87 -74.92 15.32
N SER G 69 73.71 -76.25 15.34
CA SER G 69 74.42 -77.12 16.29
C SER G 69 74.76 -78.50 15.70
N GLY G 70 75.62 -78.52 14.69
CA GLY G 70 76.09 -79.79 14.14
C GLY G 70 75.71 -80.18 12.72
N GLN G 71 74.70 -79.54 12.15
CA GLN G 71 74.19 -79.98 10.84
C GLN G 71 73.45 -81.32 11.01
N LYS G 72 73.05 -81.57 12.26
CA LYS G 72 72.17 -82.66 12.62
C LYS G 72 71.00 -82.00 13.39
N LEU G 73 71.34 -80.95 14.15
CA LEU G 73 70.34 -80.05 14.71
C LEU G 73 70.32 -78.67 14.03
N ARG G 74 69.16 -78.03 14.03
CA ARG G 74 69.03 -76.66 13.59
C ARG G 74 67.93 -75.96 14.41
N PHE G 75 68.25 -74.80 15.00
CA PHE G 75 67.34 -74.12 15.92
C PHE G 75 66.93 -72.73 15.41
N PHE G 76 65.65 -72.42 15.59
CA PHE G 76 65.11 -71.12 15.16
C PHE G 76 64.14 -70.62 16.19
N ASP G 77 64.02 -69.29 16.32
CA ASP G 77 62.83 -68.70 16.96
C ASP G 77 61.85 -68.25 15.86
N LEU G 78 60.57 -68.64 16.00
CA LEU G 78 59.57 -68.40 14.94
C LEU G 78 58.39 -67.57 15.43
N VAL G 79 58.17 -66.41 14.83
CA VAL G 79 57.15 -65.49 15.36
C VAL G 79 55.89 -65.28 14.49
N GLY G 80 54.74 -65.33 15.15
CA GLY G 80 53.46 -65.02 14.54
C GLY G 80 52.56 -64.27 15.52
N ASP G 81 51.88 -63.23 15.03
CA ASP G 81 50.93 -62.46 15.85
C ASP G 81 51.49 -62.11 17.23
N GLY G 82 52.77 -61.76 17.31
CA GLY G 82 53.33 -61.32 18.58
C GLY G 82 53.65 -62.43 19.56
N GLU G 83 53.79 -63.65 19.04
CA GLU G 83 54.09 -64.77 19.90
C GLU G 83 55.14 -65.69 19.30
N LYS G 84 56.04 -66.19 20.16
CA LYS G 84 57.18 -66.98 19.75
C LYS G 84 57.01 -68.47 20.10
N ILE G 85 57.30 -69.36 19.16
CA ILE G 85 57.67 -70.75 19.47
C ILE G 85 59.05 -71.10 18.86
N GLN G 86 59.64 -72.18 19.35
CA GLN G 86 60.96 -72.58 18.88
C GLN G 86 60.87 -73.66 17.80
N VAL G 87 61.77 -73.60 16.82
CA VAL G 87 61.85 -74.64 15.81
C VAL G 87 63.04 -75.53 16.09
N LEU G 88 62.76 -76.84 16.11
CA LEU G 88 63.79 -77.85 16.29
C LEU G 88 63.79 -78.73 15.06
N ALA G 89 64.66 -78.40 14.11
CA ALA G 89 64.84 -79.28 12.97
C ALA G 89 65.84 -80.38 13.38
N ASN G 90 65.44 -81.64 13.17
CA ASN G 90 66.31 -82.75 13.53
C ASN G 90 66.56 -83.72 12.37
N TYR G 91 67.83 -83.93 12.05
CA TYR G 91 68.19 -84.70 10.86
C TYR G 91 67.38 -86.00 10.75
N SER G 92 67.07 -86.62 11.88
CA SER G 92 66.39 -87.92 11.87
C SER G 92 64.91 -87.80 11.53
N PHE G 93 64.32 -86.66 11.92
CA PHE G 93 62.93 -86.38 11.60
C PHE G 93 62.74 -85.79 10.21
N HIS G 94 63.80 -85.27 9.61
CA HIS G 94 63.75 -84.74 8.24
C HIS G 94 63.14 -85.73 7.24
N ASN G 95 62.39 -85.22 6.26
CA ASN G 95 61.86 -86.05 5.17
C ASN G 95 62.77 -86.05 3.95
N HIS G 96 63.92 -86.70 4.08
CA HIS G 96 64.98 -86.64 3.07
C HIS G 96 64.55 -86.75 1.60
N GLU G 97 63.27 -87.05 1.35
CA GLU G 97 62.76 -87.15 -0.01
C GLU G 97 62.69 -85.79 -0.67
N LYS G 98 62.40 -84.77 0.13
CA LYS G 98 62.14 -83.42 -0.35
C LYS G 98 63.41 -82.66 -0.71
N GLY G 99 64.52 -83.01 -0.07
CA GLY G 99 65.79 -82.36 -0.33
C GLY G 99 66.83 -82.67 0.74
N ASN G 100 68.02 -82.10 0.58
CA ASN G 100 69.11 -82.31 1.52
C ASN G 100 68.93 -81.55 2.84
N PHE G 101 68.95 -82.27 3.97
CA PHE G 101 68.77 -81.61 5.27
C PHE G 101 69.49 -80.25 5.34
N ALA G 102 70.81 -80.26 5.25
CA ALA G 102 71.57 -79.03 5.48
C ALA G 102 71.46 -78.03 4.33
N GLU G 103 71.24 -78.52 3.11
CA GLU G 103 71.07 -77.63 1.96
C GLU G 103 69.76 -76.83 2.08
N CYS G 104 68.73 -77.46 2.64
CA CYS G 104 67.50 -76.74 3.00
C CYS G 104 67.80 -75.65 4.02
N TYR G 105 68.10 -76.07 5.24
CA TYR G 105 68.21 -75.14 6.35
C TYR G 105 69.38 -74.14 6.30
N ASP G 106 70.18 -74.20 5.25
CA ASP G 106 71.27 -73.24 5.08
C ASP G 106 70.74 -71.95 4.46
N LYS G 107 69.88 -72.12 3.46
CA LYS G 107 69.15 -71.04 2.80
C LYS G 107 68.48 -70.09 3.78
N ILE G 108 68.16 -70.60 4.96
CA ILE G 108 67.27 -69.87 5.87
C ILE G 108 67.96 -68.75 6.65
N ARG G 109 67.47 -67.52 6.47
CA ARG G 109 68.00 -66.35 7.15
C ARG G 109 66.99 -65.72 8.09
N ARG G 110 67.47 -64.85 8.98
CA ARG G 110 66.60 -64.14 9.90
C ARG G 110 65.61 -63.26 9.13
N GLY G 111 64.32 -63.41 9.43
CA GLY G 111 63.30 -62.54 8.88
C GLY G 111 62.52 -63.14 7.71
N ASP G 112 62.79 -64.41 7.42
CA ASP G 112 62.07 -65.10 6.37
C ASP G 112 60.71 -65.60 6.82
N ILE G 113 59.79 -65.68 5.88
CA ILE G 113 58.51 -66.28 6.18
C ILE G 113 58.51 -67.72 5.65
N VAL G 114 58.35 -68.67 6.57
CA VAL G 114 58.42 -70.09 6.23
C VAL G 114 57.11 -70.85 6.49
N GLY G 115 56.80 -71.79 5.59
CA GLY G 115 55.83 -72.84 5.88
C GLY G 115 56.52 -74.07 6.48
N ILE G 116 55.88 -74.68 7.48
CA ILE G 116 56.51 -75.79 8.19
C ILE G 116 55.59 -76.98 8.39
N VAL G 117 56.11 -78.18 8.15
CA VAL G 117 55.32 -79.38 8.38
C VAL G 117 56.02 -80.18 9.46
N GLY G 118 55.30 -80.47 10.54
CA GLY G 118 55.89 -81.19 11.64
C GLY G 118 54.98 -81.40 12.82
N PHE G 119 55.55 -81.96 13.88
CA PHE G 119 54.78 -82.34 15.05
C PHE G 119 55.08 -81.35 16.17
N PRO G 120 54.17 -81.24 17.15
CA PRO G 120 54.40 -80.37 18.31
C PRO G 120 55.03 -81.15 19.48
N GLY G 121 55.80 -80.47 20.32
CA GLY G 121 56.47 -81.12 21.42
C GLY G 121 57.31 -80.14 22.21
N LYS G 122 57.86 -80.61 23.32
CA LYS G 122 58.71 -79.81 24.18
C LYS G 122 60.12 -80.40 24.19
N SER G 123 61.13 -79.53 24.17
CA SER G 123 62.51 -79.96 24.36
C SER G 123 62.74 -80.40 25.80
N LYS G 124 63.79 -81.17 26.04
CA LYS G 124 64.06 -81.70 27.37
C LYS G 124 64.12 -80.61 28.44
N LYS G 125 64.49 -79.40 28.02
CA LYS G 125 64.52 -78.26 28.91
C LYS G 125 63.10 -77.85 29.23
N GLY G 126 62.18 -78.22 28.35
CA GLY G 126 60.78 -77.88 28.50
C GLY G 126 60.42 -76.65 27.68
N GLU G 127 61.02 -76.54 26.49
CA GLU G 127 60.82 -75.38 25.62
C GLU G 127 59.89 -75.76 24.47
N LEU G 128 58.73 -75.10 24.37
CA LEU G 128 57.70 -75.54 23.42
C LEU G 128 58.06 -75.30 21.94
N SER G 129 57.97 -76.34 21.13
CA SER G 129 58.50 -76.27 19.76
C SER G 129 57.73 -77.09 18.73
N ILE G 130 57.96 -76.74 17.46
CA ILE G 130 57.52 -77.56 16.35
C ILE G 130 58.73 -78.29 15.76
N PHE G 131 58.55 -79.58 15.49
CA PHE G 131 59.57 -80.40 14.89
C PHE G 131 59.17 -80.58 13.43
N PRO G 132 59.86 -79.86 12.52
CA PRO G 132 59.55 -80.01 11.09
C PRO G 132 60.04 -81.34 10.50
N LYS G 133 59.28 -81.85 9.52
CA LYS G 133 59.71 -82.96 8.67
C LYS G 133 60.19 -82.28 7.41
N GLU G 134 59.50 -81.17 7.13
CA GLU G 134 59.73 -80.33 5.98
C GLU G 134 59.52 -78.86 6.34
N THR G 135 60.48 -78.04 5.94
CA THR G 135 60.38 -76.59 6.04
C THR G 135 60.48 -75.99 4.63
N ILE G 136 59.57 -75.08 4.30
CA ILE G 136 59.59 -74.44 2.97
C ILE G 136 59.65 -72.91 3.10
N LEU G 137 60.26 -72.26 2.12
CA LEU G 137 60.31 -70.80 2.11
C LEU G 137 59.09 -70.20 1.40
N LEU G 138 58.44 -69.27 2.08
CA LEU G 138 57.17 -68.71 1.66
C LEU G 138 57.35 -67.28 1.14
N SER G 139 58.21 -66.52 1.83
CA SER G 139 58.60 -65.19 1.38
C SER G 139 59.89 -64.74 2.08
N ALA G 140 60.79 -64.12 1.34
CA ALA G 140 62.13 -63.93 1.85
C ALA G 140 62.45 -62.49 2.22
N CYS G 141 63.12 -62.33 3.35
CA CYS G 141 63.67 -61.07 3.78
C CYS G 141 65.01 -60.85 3.07
N LEU G 142 64.98 -59.97 2.08
CA LEU G 142 66.12 -59.62 1.23
C LEU G 142 67.07 -58.63 1.92
N HIS G 143 66.56 -57.94 2.94
CA HIS G 143 67.35 -56.98 3.69
C HIS G 143 67.74 -57.53 5.05
N MET G 144 68.82 -56.99 5.58
CA MET G 144 69.21 -57.30 6.93
C MET G 144 68.10 -56.75 7.83
N LEU G 145 67.55 -57.63 8.65
CA LEU G 145 66.69 -57.19 9.75
C LEU G 145 67.64 -56.72 10.86
N PRO G 146 67.49 -55.48 11.32
CA PRO G 146 68.26 -55.06 12.50
C PRO G 146 67.72 -55.71 13.79
N MET G 147 68.33 -55.43 14.94
CA MET G 147 67.86 -55.99 16.19
C MET G 147 67.29 -54.88 17.06
N LYS G 148 66.68 -55.24 18.20
CA LYS G 148 66.37 -54.21 19.20
C LYS G 148 67.65 -53.41 19.43
N TYR G 149 67.49 -52.09 19.64
CA TYR G 149 68.62 -51.17 19.75
C TYR G 149 68.93 -50.59 18.38
N GLY G 150 68.88 -51.44 17.35
CA GLY G 150 68.95 -50.98 15.97
C GLY G 150 68.01 -49.80 15.81
N LEU G 151 66.77 -50.01 16.28
CA LEU G 151 65.75 -48.97 16.40
C LEU G 151 65.38 -48.81 17.87
N LYS G 152 64.73 -47.71 18.21
CA LYS G 152 64.66 -47.30 19.61
C LYS G 152 66.11 -47.01 19.97
N ASP G 153 66.55 -45.79 19.69
CA ASP G 153 65.65 -44.75 19.17
C ASP G 153 66.06 -44.16 17.83
N THR G 154 65.11 -44.07 16.91
CA THR G 154 65.38 -43.54 15.57
C THR G 154 64.12 -42.87 14.98
N GLU G 155 64.26 -42.32 13.78
CA GLU G 155 63.08 -41.80 13.08
C GLU G 155 62.48 -42.88 12.21
N ILE G 156 63.21 -43.97 12.02
CA ILE G 156 62.67 -45.02 11.19
C ILE G 156 61.67 -45.89 11.96
N ARG G 157 61.57 -45.67 13.27
CA ARG G 157 60.42 -46.18 14.04
C ARG G 157 59.11 -45.80 13.35
N TYR G 158 59.10 -44.60 12.77
CA TYR G 158 57.93 -43.98 12.17
C TYR G 158 57.93 -44.09 10.63
N ARG G 159 59.04 -43.77 10.00
CA ARG G 159 59.12 -43.79 8.53
C ARG G 159 59.01 -45.22 7.97
N GLN G 160 58.95 -46.19 8.87
CA GLN G 160 58.95 -47.62 8.56
C GLN G 160 58.39 -48.37 9.76
N ARG G 161 57.09 -48.19 10.02
CA ARG G 161 56.52 -48.69 11.27
C ARG G 161 56.52 -50.21 11.27
N TYR G 162 56.62 -50.79 10.08
CA TYR G 162 56.65 -52.25 9.99
C TYR G 162 57.89 -52.86 10.68
N LEU G 163 58.99 -52.10 10.71
CA LEU G 163 60.18 -52.54 11.45
C LEU G 163 59.93 -52.45 12.94
N ASP G 164 59.40 -51.31 13.40
CA ASP G 164 59.02 -51.16 14.80
C ASP G 164 58.17 -52.37 15.23
N LEU G 165 57.10 -52.59 14.49
CA LEU G 165 56.18 -53.70 14.76
C LEU G 165 56.86 -55.07 14.86
N LEU G 166 57.90 -55.30 14.06
CA LEU G 166 58.57 -56.59 14.03
C LEU G 166 59.54 -56.78 15.19
N ILE G 167 60.24 -55.72 15.54
CA ILE G 167 61.38 -55.82 16.46
C ILE G 167 61.06 -55.34 17.89
N ASN G 168 60.15 -54.38 18.02
CA ASN G 168 59.80 -53.87 19.34
C ASN G 168 58.44 -54.35 19.85
N GLU G 169 58.46 -55.30 20.79
CA GLU G 169 57.22 -55.87 21.30
C GLU G 169 56.32 -54.81 21.94
N SER G 170 56.92 -53.76 22.47
CA SER G 170 56.17 -52.72 23.16
C SER G 170 55.31 -51.95 22.16
N SER G 171 55.79 -51.80 20.93
CA SER G 171 55.02 -51.07 19.94
C SER G 171 53.78 -51.89 19.59
N ARG G 172 53.96 -53.17 19.28
CA ARG G 172 52.84 -54.04 18.95
C ARG G 172 51.77 -53.99 20.06
N HIS G 173 52.22 -53.88 21.30
CA HIS G 173 51.28 -53.87 22.42
C HIS G 173 50.55 -52.53 22.42
N THR G 174 51.32 -51.45 22.28
CA THR G 174 50.79 -50.10 22.31
C THR G 174 49.61 -49.96 21.37
N PHE G 175 49.83 -50.35 20.12
CA PHE G 175 48.80 -50.24 19.12
C PHE G 175 47.67 -51.23 19.35
N VAL G 176 47.96 -52.49 19.66
CA VAL G 176 46.87 -53.38 20.03
C VAL G 176 45.99 -52.68 21.08
N THR G 177 46.63 -52.09 22.08
CA THR G 177 45.93 -51.32 23.12
C THR G 177 44.99 -50.19 22.61
N ARG G 178 45.50 -49.37 21.69
CA ARG G 178 44.68 -48.30 21.09
C ARG G 178 43.36 -48.85 20.49
N THR G 179 43.48 -49.88 19.66
CA THR G 179 42.33 -50.59 19.13
C THR G 179 41.46 -51.16 20.24
N LYS G 180 42.07 -51.67 21.31
CA LYS G 180 41.28 -52.14 22.45
C LYS G 180 40.54 -50.94 23.03
N ILE G 181 41.23 -49.81 23.10
CA ILE G 181 40.61 -48.60 23.65
C ILE G 181 39.37 -48.18 22.83
N ILE G 182 39.59 -47.84 21.57
CA ILE G 182 38.50 -47.51 20.68
C ILE G 182 37.34 -48.50 20.82
N ASN G 183 37.61 -49.80 20.72
CA ASN G 183 36.55 -50.81 20.87
C ASN G 183 35.78 -50.78 22.18
N PHE G 184 36.46 -50.48 23.28
CA PHE G 184 35.76 -50.31 24.54
C PHE G 184 34.83 -49.10 24.43
N LEU G 185 35.40 -47.98 23.98
CA LEU G 185 34.69 -46.71 23.87
C LEU G 185 33.40 -46.86 23.07
N ARG G 186 33.51 -47.60 21.96
CA ARG G 186 32.39 -47.82 21.05
C ARG G 186 31.39 -48.86 21.60
N ASN G 187 31.88 -49.87 22.31
CA ASN G 187 30.96 -50.83 22.94
C ASN G 187 30.24 -50.19 24.10
N PHE G 188 30.78 -49.05 24.51
CA PHE G 188 30.36 -48.38 25.73
C PHE G 188 29.14 -47.49 25.47
N LEU G 189 29.25 -46.62 24.46
CA LEU G 189 28.11 -45.85 23.97
C LEU G 189 26.99 -46.74 23.43
N ASN G 190 27.35 -47.76 22.67
CA ASN G 190 26.32 -48.61 22.11
C ASN G 190 25.47 -49.29 23.19
N GLU G 191 26.13 -49.86 24.18
CA GLU G 191 25.39 -50.41 25.31
C GLU G 191 24.47 -49.39 25.96
N ARG G 192 24.88 -48.12 25.96
CA ARG G 192 24.15 -47.01 26.57
C ARG G 192 23.13 -46.38 25.59
N GLY G 193 22.94 -47.02 24.44
CA GLY G 193 21.91 -46.61 23.49
C GLY G 193 22.35 -45.65 22.40
N PHE G 194 23.62 -45.27 22.39
CA PHE G 194 24.07 -44.32 21.37
C PHE G 194 24.13 -44.94 19.94
N PHE G 195 24.10 -44.05 18.95
CA PHE G 195 23.89 -44.38 17.56
C PHE G 195 24.97 -43.70 16.74
N GLU G 196 25.79 -44.49 16.06
CA GLU G 196 26.95 -43.94 15.35
C GLU G 196 26.56 -43.45 13.95
N VAL G 197 27.24 -42.39 13.52
CA VAL G 197 26.95 -41.78 12.25
C VAL G 197 28.28 -41.33 11.65
N GLU G 198 28.30 -41.02 10.36
CA GLU G 198 29.44 -40.34 9.78
C GLU G 198 28.93 -39.02 9.21
N THR G 199 29.78 -38.01 9.19
CA THR G 199 29.36 -36.71 8.69
C THR G 199 30.51 -36.15 7.88
N PRO G 200 30.25 -35.16 7.01
CA PRO G 200 31.31 -34.74 6.07
C PRO G 200 32.61 -34.36 6.76
N MET G 201 33.70 -34.72 6.10
CA MET G 201 35.04 -34.34 6.50
C MET G 201 35.41 -33.05 5.80
N MET G 202 34.64 -32.74 4.74
CA MET G 202 34.87 -31.55 3.90
C MET G 202 33.61 -30.68 3.88
N ASN G 203 33.81 -29.36 3.99
CA ASN G 203 32.72 -28.39 4.06
C ASN G 203 33.15 -27.04 3.51
N LEU G 204 32.37 -26.02 3.89
CA LEU G 204 32.80 -24.64 3.81
C LEU G 204 32.55 -23.88 5.12
N ILE G 205 33.60 -23.79 5.94
CA ILE G 205 33.67 -22.78 6.98
C ILE G 205 34.52 -21.62 6.50
N PRO G 213 43.16 -24.60 9.40
CA PRO G 213 42.23 -24.76 8.25
C PRO G 213 42.96 -25.34 7.04
N PHE G 214 42.67 -26.60 6.71
CA PHE G 214 43.18 -27.14 5.46
C PHE G 214 42.24 -26.76 4.30
N ILE G 215 42.81 -26.20 3.25
CA ILE G 215 41.99 -25.84 2.10
C ILE G 215 42.35 -26.69 0.88
N THR G 216 41.32 -27.23 0.23
CA THR G 216 41.48 -28.01 -0.99
C THR G 216 40.46 -27.55 -2.01
N HIS G 217 40.89 -27.42 -3.27
CA HIS G 217 39.99 -27.02 -4.35
C HIS G 217 39.18 -28.20 -4.87
N HIS G 218 37.93 -27.96 -5.23
CA HIS G 218 37.16 -28.93 -6.00
C HIS G 218 37.10 -28.53 -7.46
N ASN G 219 37.83 -29.27 -8.29
CA ASN G 219 38.00 -28.93 -9.71
C ASN G 219 36.70 -28.68 -10.48
N ASP G 220 35.70 -29.52 -10.28
CA ASP G 220 34.47 -29.45 -11.06
C ASP G 220 33.55 -28.30 -10.64
N LEU G 221 33.50 -28.02 -9.35
CA LEU G 221 32.62 -26.99 -8.81
C LEU G 221 33.30 -25.63 -8.77
N ASP G 222 34.58 -25.60 -9.13
CA ASP G 222 35.39 -24.37 -9.05
C ASP G 222 35.32 -23.71 -7.66
N LEU G 223 35.10 -24.52 -6.62
CA LEU G 223 35.04 -24.04 -5.24
C LEU G 223 36.16 -24.60 -4.35
N ASP G 224 36.39 -23.93 -3.22
CA ASP G 224 37.35 -24.40 -2.23
C ASP G 224 36.63 -25.07 -1.06
N LEU G 225 37.08 -26.27 -0.70
CA LEU G 225 36.51 -27.00 0.43
C LEU G 225 37.41 -26.91 1.67
N TYR G 226 36.85 -27.12 2.85
CA TYR G 226 37.63 -27.02 4.08
C TYR G 226 37.51 -28.28 4.94
N LEU G 227 38.65 -28.82 5.35
CA LEU G 227 38.66 -30.03 6.16
C LEU G 227 38.12 -29.72 7.54
N ARG G 228 37.34 -30.65 8.07
CA ARG G 228 36.60 -30.41 9.29
C ARG G 228 37.52 -30.32 10.50
N ILE G 229 37.33 -29.28 11.30
CA ILE G 229 38.07 -29.12 12.56
C ILE G 229 37.32 -29.83 13.70
N ALA G 230 36.00 -29.97 13.50
CA ALA G 230 35.12 -30.58 14.50
C ALA G 230 33.94 -31.28 13.82
N THR G 231 33.20 -32.06 14.61
CA THR G 231 32.04 -32.78 14.11
C THR G 231 30.77 -32.29 14.81
N GLU G 232 30.89 -31.12 15.44
CA GLU G 232 29.89 -30.65 16.39
C GLU G 232 28.60 -30.20 15.71
N LEU G 233 28.71 -29.52 14.57
CA LEU G 233 27.50 -29.01 13.90
C LEU G 233 26.54 -30.11 13.44
N PRO G 234 26.97 -30.98 12.48
CA PRO G 234 26.11 -32.07 12.01
C PRO G 234 25.49 -32.91 13.12
N LEU G 235 26.31 -33.39 14.04
CA LEU G 235 25.78 -34.16 15.16
C LEU G 235 24.60 -33.40 15.77
N LYS G 236 24.82 -32.13 16.11
CA LYS G 236 23.76 -31.37 16.75
C LYS G 236 22.49 -31.35 15.87
N MET G 237 22.62 -31.02 14.58
CA MET G 237 21.49 -31.11 13.63
C MET G 237 20.77 -32.48 13.66
N LEU G 238 21.51 -33.59 13.70
CA LEU G 238 20.86 -34.89 13.85
C LEU G 238 19.94 -34.92 15.08
N ILE G 239 20.32 -34.23 16.15
CA ILE G 239 19.48 -34.15 17.36
C ILE G 239 18.17 -33.38 17.14
N VAL G 240 18.26 -32.26 16.43
CA VAL G 240 17.03 -31.61 15.99
C VAL G 240 16.25 -32.69 15.22
N GLY G 241 16.88 -33.24 14.18
CA GLY G 241 16.32 -34.31 13.37
C GLY G 241 15.78 -35.52 14.10
N GLY G 242 16.00 -35.57 15.41
CA GLY G 242 15.37 -36.59 16.23
C GLY G 242 16.15 -37.86 16.51
N ILE G 243 17.46 -37.85 16.24
CA ILE G 243 18.34 -38.89 16.80
C ILE G 243 18.80 -38.43 18.20
N ASP G 244 18.19 -38.98 19.26
CA ASP G 244 18.43 -38.45 20.61
C ASP G 244 19.88 -38.66 21.17
N LYS G 245 20.43 -39.86 20.99
CA LYS G 245 21.84 -40.14 21.29
C LYS G 245 22.62 -40.52 20.01
N VAL G 246 23.58 -39.68 19.64
CA VAL G 246 24.35 -39.84 18.38
C VAL G 246 25.83 -39.60 18.67
N TYR G 247 26.73 -40.24 17.92
CA TYR G 247 28.15 -39.96 18.11
C TYR G 247 28.98 -40.20 16.86
N GLU G 248 30.10 -39.48 16.78
CA GLU G 248 31.12 -39.81 15.81
C GLU G 248 32.51 -40.05 16.42
N ILE G 249 33.18 -41.09 15.90
CA ILE G 249 34.58 -41.38 16.15
C ILE G 249 35.24 -41.26 14.77
N GLY G 250 36.13 -40.29 14.62
CA GLY G 250 36.92 -40.16 13.40
C GLY G 250 37.86 -38.96 13.37
N LYS G 251 38.40 -38.69 12.19
CA LYS G 251 39.49 -37.73 12.07
C LYS G 251 39.01 -36.28 12.12
N VAL G 252 39.81 -35.41 12.75
CA VAL G 252 39.70 -33.95 12.60
C VAL G 252 41.10 -33.38 12.38
N PHE G 253 41.15 -32.10 11.98
CA PHE G 253 42.33 -31.55 11.29
C PHE G 253 42.77 -30.18 11.79
N ARG G 254 44.08 -29.93 11.74
CA ARG G 254 44.67 -28.60 11.99
C ARG G 254 45.80 -28.38 11.00
N ASN G 255 45.84 -27.19 10.39
CA ASN G 255 46.98 -26.77 9.57
C ASN G 255 47.92 -25.92 10.44
N GLU G 256 48.82 -26.59 11.15
CA GLU G 256 49.69 -25.89 12.09
C GLU G 256 50.93 -26.73 12.36
N GLY G 257 51.75 -26.32 13.31
CA GLY G 257 53.02 -26.98 13.57
C GLY G 257 52.90 -28.47 13.81
N ILE G 258 53.93 -29.22 13.37
CA ILE G 258 54.06 -30.63 13.68
C ILE G 258 55.16 -30.84 14.72
N ASP G 259 54.82 -31.50 15.82
CA ASP G 259 55.81 -31.88 16.84
C ASP G 259 55.52 -33.26 17.44
N ASN G 260 55.91 -33.47 18.69
CA ASN G 260 55.67 -34.76 19.33
C ASN G 260 54.35 -34.71 20.08
N THR G 261 53.70 -33.55 19.99
CA THR G 261 52.37 -33.35 20.55
C THR G 261 51.35 -33.03 19.46
N HIS G 262 51.83 -32.61 18.29
CA HIS G 262 50.93 -32.21 17.21
C HIS G 262 51.10 -33.05 15.94
N ASN G 263 49.98 -33.55 15.45
CA ASN G 263 49.90 -34.10 14.11
C ASN G 263 48.81 -33.31 13.38
N PRO G 264 48.80 -33.36 12.03
CA PRO G 264 47.74 -32.82 11.18
C PRO G 264 46.40 -33.55 11.31
N GLU G 265 46.44 -34.85 11.55
CA GLU G 265 45.22 -35.62 11.77
C GLU G 265 45.21 -36.12 13.20
N PHE G 266 44.10 -35.88 13.89
CA PHE G 266 43.87 -36.43 15.23
C PHE G 266 42.60 -37.25 15.17
N THR G 267 42.46 -38.18 16.12
CA THR G 267 41.21 -38.90 16.29
C THR G 267 40.39 -38.39 17.45
N SER G 268 39.23 -37.84 17.13
CA SER G 268 38.30 -37.32 18.12
C SER G 268 37.10 -38.23 18.17
N CYS G 269 36.38 -38.15 19.28
CA CYS G 269 35.04 -38.74 19.40
C CYS G 269 34.13 -37.78 20.18
N GLU G 270 33.00 -37.43 19.56
CA GLU G 270 31.98 -36.56 20.17
C GLU G 270 30.67 -37.30 20.24
N PHE G 271 29.89 -37.02 21.27
CA PHE G 271 28.48 -37.40 21.18
C PHE G 271 27.56 -36.27 21.63
N TYR G 272 26.29 -36.37 21.24
CA TYR G 272 25.25 -35.54 21.84
C TYR G 272 24.21 -36.42 22.52
N TRP G 273 23.53 -35.85 23.50
CA TRP G 273 22.66 -36.63 24.34
C TRP G 273 21.56 -35.72 24.81
N ALA G 274 20.34 -36.05 24.38
CA ALA G 274 19.19 -35.22 24.62
C ALA G 274 18.62 -35.44 26.02
N TYR G 275 18.19 -34.34 26.64
CA TYR G 275 17.55 -34.33 27.96
C TYR G 275 18.51 -34.85 28.99
N ALA G 276 19.73 -34.36 28.91
CA ALA G 276 20.76 -34.72 29.86
C ALA G 276 21.50 -33.46 30.28
N ASP G 277 22.02 -33.53 31.49
CA ASP G 277 22.64 -32.39 32.15
C ASP G 277 24.00 -32.80 32.72
N TYR G 278 24.90 -31.83 32.82
CA TYR G 278 26.09 -31.88 33.67
C TYR G 278 26.25 -33.14 34.55
N ASN G 279 25.34 -33.34 35.50
CA ASN G 279 25.46 -34.50 36.38
C ASN G 279 25.44 -35.81 35.63
N ASP G 280 24.81 -35.79 34.46
CA ASP G 280 24.77 -36.98 33.60
C ASP G 280 26.11 -37.17 32.87
N LEU G 281 26.69 -36.05 32.42
CA LEU G 281 27.97 -36.03 31.70
C LEU G 281 29.19 -36.45 32.58
N ILE G 282 29.41 -35.72 33.68
CA ILE G 282 30.29 -36.16 34.77
C ILE G 282 30.14 -37.67 35.00
N LYS G 283 28.97 -38.12 35.43
CA LYS G 283 28.83 -39.54 35.72
C LYS G 283 29.35 -40.40 34.58
N TRP G 284 29.04 -40.03 33.35
CA TRP G 284 29.45 -40.84 32.21
C TRP G 284 30.99 -40.88 32.09
N SER G 285 31.62 -39.73 32.31
CA SER G 285 33.07 -39.67 32.29
C SER G 285 33.66 -40.54 33.41
N GLU G 286 33.35 -40.20 34.65
CA GLU G 286 33.74 -41.06 35.76
C GLU G 286 33.50 -42.55 35.42
N ASP G 287 32.29 -42.88 35.00
CA ASP G 287 32.03 -44.26 34.55
C ASP G 287 33.00 -44.74 33.44
N PHE G 288 33.12 -43.96 32.38
CA PHE G 288 33.88 -44.39 31.21
C PHE G 288 35.33 -44.75 31.61
N PHE G 289 36.00 -43.77 32.20
CA PHE G 289 37.38 -43.94 32.60
C PHE G 289 37.60 -45.02 33.66
N SER G 290 36.87 -44.97 34.77
CA SER G 290 37.08 -45.97 35.82
C SER G 290 37.02 -47.38 35.20
N GLN G 291 36.02 -47.61 34.35
CA GLN G 291 35.78 -48.92 33.72
C GLN G 291 36.74 -49.23 32.57
N LEU G 292 37.05 -48.25 31.73
CA LEU G 292 38.04 -48.48 30.68
C LEU G 292 39.33 -48.98 31.28
N VAL G 293 39.91 -48.14 32.15
CA VAL G 293 41.16 -48.47 32.81
C VAL G 293 41.16 -49.83 33.53
N TYR G 294 40.09 -50.14 34.27
CA TYR G 294 39.99 -51.49 34.82
C TYR G 294 40.07 -52.55 33.70
N HIS G 295 39.40 -52.28 32.58
CA HIS G 295 39.29 -53.23 31.47
C HIS G 295 40.66 -53.61 30.88
N LEU G 296 41.52 -52.61 30.75
CA LEU G 296 42.88 -52.84 30.24
C LEU G 296 43.82 -53.44 31.29
N PHE G 297 43.71 -52.98 32.54
CA PHE G 297 44.77 -53.26 33.52
C PHE G 297 44.41 -54.18 34.71
N GLY G 298 43.18 -54.10 35.20
CA GLY G 298 42.78 -54.91 36.35
C GLY G 298 42.91 -54.11 37.63
N THR G 299 43.01 -52.79 37.49
CA THR G 299 42.90 -51.88 38.62
C THR G 299 42.72 -50.44 38.14
N TYR G 300 42.33 -49.57 39.07
CA TYR G 300 42.13 -48.18 38.72
C TYR G 300 43.48 -47.45 38.69
N LYS G 301 44.50 -48.14 39.17
CA LYS G 301 45.82 -47.53 39.35
C LYS G 301 46.80 -47.89 38.22
N ILE G 302 47.39 -46.87 37.62
CA ILE G 302 48.42 -47.08 36.60
C ILE G 302 49.62 -46.13 36.76
N SER G 303 50.75 -46.53 36.17
CA SER G 303 52.01 -45.81 36.32
C SER G 303 52.26 -45.00 35.05
N TYR G 304 52.53 -43.70 35.17
CA TYR G 304 52.74 -42.86 33.97
C TYR G 304 54.02 -42.01 34.02
N ASN G 305 54.92 -42.27 33.08
CA ASN G 305 56.16 -41.49 33.01
C ASN G 305 55.94 -40.07 32.53
N LYS G 306 55.52 -39.19 33.43
CA LYS G 306 55.14 -37.82 33.05
C LYS G 306 56.23 -37.09 32.26
N ASP G 307 57.43 -37.00 32.81
CA ASP G 307 58.48 -36.29 32.09
C ASP G 307 59.41 -37.26 31.35
N GLY G 308 58.90 -38.47 31.10
CA GLY G 308 59.56 -39.40 30.23
C GLY G 308 60.18 -40.60 30.94
N PRO G 309 60.86 -41.46 30.16
CA PRO G 309 61.51 -42.69 30.62
C PRO G 309 62.90 -42.39 31.15
N GLU G 310 63.40 -41.18 30.87
CA GLU G 310 64.64 -40.71 31.48
C GLU G 310 64.39 -40.15 32.89
N ASN G 311 63.14 -40.22 33.37
CA ASN G 311 62.79 -39.73 34.70
C ASN G 311 62.00 -40.71 35.54
N GLN G 312 61.35 -40.22 36.57
CA GLN G 312 60.59 -41.11 37.42
C GLN G 312 59.14 -41.17 36.99
N PRO G 313 58.51 -42.33 37.19
CA PRO G 313 57.07 -42.49 36.93
C PRO G 313 56.23 -41.83 38.05
N ILE G 314 54.93 -41.75 37.82
CA ILE G 314 54.00 -41.34 38.86
C ILE G 314 52.81 -42.28 38.84
N GLU G 315 52.07 -42.32 39.95
CA GLU G 315 50.86 -43.11 39.99
C GLU G 315 49.65 -42.20 39.71
N ILE G 316 48.68 -42.72 38.96
CA ILE G 316 47.43 -42.01 38.69
C ILE G 316 46.27 -42.92 39.05
N ASP G 317 45.40 -42.41 39.91
CA ASP G 317 44.37 -43.24 40.51
C ASP G 317 43.01 -42.99 39.84
N PHE G 318 42.55 -43.94 39.05
CA PHE G 318 41.31 -43.77 38.30
C PHE G 318 40.05 -44.20 39.05
N THR G 319 40.23 -44.67 40.29
CA THR G 319 39.08 -44.86 41.18
C THR G 319 38.22 -43.59 41.22
N PRO G 320 36.92 -43.74 40.94
CA PRO G 320 35.97 -42.62 40.97
C PRO G 320 35.33 -42.48 42.34
N PRO G 321 34.73 -41.32 42.63
CA PRO G 321 34.66 -40.16 41.74
C PRO G 321 35.91 -39.27 41.80
N TYR G 322 35.93 -38.26 40.93
CA TYR G 322 37.06 -37.34 40.75
C TYR G 322 36.71 -35.92 41.18
N PRO G 323 37.70 -35.17 41.68
CA PRO G 323 37.44 -33.83 42.20
C PRO G 323 36.90 -32.89 41.13
N LYS G 324 35.90 -32.12 41.52
CA LYS G 324 35.34 -31.08 40.68
C LYS G 324 35.82 -29.75 41.24
N VAL G 325 36.31 -28.86 40.36
CA VAL G 325 36.96 -27.62 40.79
C VAL G 325 36.50 -26.41 39.98
N SER G 326 35.72 -25.56 40.63
CA SER G 326 35.13 -24.38 40.00
C SER G 326 36.21 -23.35 39.67
N ILE G 327 36.31 -23.00 38.38
CA ILE G 327 37.40 -22.17 37.84
C ILE G 327 37.67 -20.84 38.55
N VAL G 328 36.62 -20.06 38.84
CA VAL G 328 36.79 -18.75 39.46
C VAL G 328 36.86 -18.78 40.99
N GLU G 329 35.92 -19.49 41.62
CA GLU G 329 35.99 -19.77 43.05
C GLU G 329 37.45 -20.07 43.48
N GLU G 330 38.14 -20.89 42.69
CA GLU G 330 39.53 -21.29 42.98
C GLU G 330 40.60 -20.25 42.60
N ILE G 331 40.43 -19.56 41.47
CA ILE G 331 41.38 -18.54 41.06
C ILE G 331 41.47 -17.46 42.13
N GLU G 332 40.32 -17.13 42.72
CA GLU G 332 40.27 -16.16 43.80
C GLU G 332 40.96 -16.77 45.02
N LYS G 333 40.32 -17.80 45.55
CA LYS G 333 40.86 -18.61 46.67
C LYS G 333 42.38 -18.73 46.75
N VAL G 334 43.05 -18.84 45.59
CA VAL G 334 44.50 -18.99 45.57
C VAL G 334 45.21 -17.66 45.45
N THR G 335 44.78 -16.86 44.47
CA THR G 335 45.42 -15.57 44.18
C THR G 335 44.89 -14.49 45.13
N ASN G 336 43.94 -14.87 45.98
CA ASN G 336 43.34 -14.01 47.00
C ASN G 336 42.88 -12.59 46.58
N THR G 337 42.46 -12.46 45.33
CA THR G 337 41.66 -11.29 44.95
C THR G 337 40.21 -11.77 44.86
N ILE G 338 39.33 -10.97 44.25
CA ILE G 338 37.97 -11.44 44.09
C ILE G 338 37.11 -10.60 43.15
N LEU G 339 37.07 -11.08 41.91
CA LEU G 339 36.08 -10.64 40.93
C LEU G 339 35.18 -11.84 40.64
N GLU G 340 33.89 -11.59 40.76
CA GLU G 340 32.84 -12.57 40.50
C GLU G 340 31.70 -11.73 39.98
N GLN G 341 31.84 -10.44 40.25
CA GLN G 341 31.44 -9.34 39.38
C GLN G 341 31.35 -9.87 37.95
N PRO G 342 30.27 -10.63 37.66
CA PRO G 342 30.28 -11.50 36.48
C PRO G 342 30.21 -10.72 35.18
N PHE G 343 30.38 -9.39 35.25
CA PHE G 343 30.78 -8.67 34.07
C PHE G 343 32.29 -8.52 34.14
N ASP G 344 32.99 -9.52 33.62
CA ASP G 344 34.43 -9.49 33.57
C ASP G 344 34.86 -8.50 32.46
N SER G 345 34.81 -7.20 32.76
CA SER G 345 35.31 -6.19 31.79
C SER G 345 35.79 -4.86 32.39
N ASN G 346 36.34 -4.01 31.52
CA ASN G 346 37.17 -2.86 31.90
C ASN G 346 38.01 -2.99 33.20
N GLU G 347 37.42 -2.63 34.34
CA GLU G 347 38.15 -2.59 35.62
C GLU G 347 38.65 -3.95 36.12
N THR G 348 37.93 -5.01 35.77
CA THR G 348 38.31 -6.35 36.21
C THR G 348 39.44 -6.94 35.36
N ILE G 349 39.44 -6.65 34.06
CA ILE G 349 40.58 -6.93 33.20
C ILE G 349 41.85 -6.54 33.91
N GLU G 350 41.83 -5.32 34.42
CA GLU G 350 42.91 -4.77 35.22
C GLU G 350 43.35 -5.74 36.32
N LYS G 351 42.44 -6.13 37.19
CA LYS G 351 42.75 -7.08 38.27
C LYS G 351 43.46 -8.33 37.77
N MET G 352 42.89 -8.96 36.76
CA MET G 352 43.50 -10.17 36.20
C MET G 352 44.86 -9.84 35.57
N ILE G 353 44.95 -8.72 34.85
CA ILE G 353 46.22 -8.26 34.30
C ILE G 353 47.27 -8.09 35.37
N ASN G 354 46.91 -7.46 36.47
CA ASN G 354 47.83 -7.26 37.57
C ASN G 354 48.38 -8.59 38.09
N ILE G 355 47.49 -9.53 38.38
CA ILE G 355 47.93 -10.87 38.81
C ILE G 355 49.00 -11.43 37.87
N ILE G 356 48.74 -11.32 36.57
CA ILE G 356 49.68 -11.79 35.53
C ILE G 356 51.06 -11.11 35.65
N LYS G 357 51.07 -9.83 35.98
CA LYS G 357 52.32 -9.08 36.13
C LYS G 357 53.01 -9.38 37.46
N GLU G 358 52.30 -9.19 38.55
CA GLU G 358 52.85 -9.45 39.87
C GLU G 358 53.27 -10.90 40.01
N HIS G 359 52.45 -11.81 39.48
CA HIS G 359 52.55 -13.20 39.88
C HIS G 359 53.37 -14.06 38.93
N LYS G 360 54.38 -14.76 39.44
CA LYS G 360 55.39 -15.37 38.57
C LYS G 360 55.37 -14.51 37.32
N ILE G 361 54.77 -15.03 36.26
CA ILE G 361 54.48 -14.19 35.11
C ILE G 361 53.34 -14.82 34.31
N GLU G 362 53.34 -14.53 33.02
CA GLU G 362 52.51 -15.24 32.08
C GLU G 362 52.73 -14.49 30.80
N LEU G 363 52.58 -15.17 29.67
CA LEU G 363 52.36 -14.39 28.47
C LEU G 363 50.99 -13.73 28.70
N PRO G 364 50.88 -12.40 28.50
CA PRO G 364 49.54 -11.81 28.52
C PRO G 364 48.80 -12.13 27.22
N ASN G 365 49.51 -11.98 26.10
CA ASN G 365 48.90 -12.09 24.78
C ASN G 365 47.90 -10.96 24.55
N PRO G 366 47.61 -10.66 23.27
CA PRO G 366 46.44 -9.85 22.93
C PRO G 366 45.29 -10.11 23.93
N PRO G 367 45.04 -9.14 24.83
CA PRO G 367 44.52 -9.26 26.21
C PRO G 367 43.01 -9.42 26.42
N THR G 368 42.38 -10.32 25.67
CA THR G 368 40.95 -10.54 25.81
C THR G 368 40.63 -11.21 27.15
N ALA G 369 39.67 -10.65 27.89
CA ALA G 369 39.28 -11.14 29.21
C ALA G 369 39.10 -12.67 29.30
N ALA G 370 38.68 -13.29 28.21
CA ALA G 370 38.55 -14.74 28.18
C ALA G 370 39.93 -15.41 28.13
N LYS G 371 40.81 -14.82 27.33
CA LYS G 371 42.17 -15.32 27.14
C LYS G 371 42.93 -15.30 28.46
N LEU G 372 42.79 -14.20 29.20
CA LEU G 372 43.45 -14.05 30.49
C LEU G 372 42.89 -15.09 31.45
N LEU G 373 41.57 -15.26 31.38
CA LEU G 373 40.87 -16.31 32.11
C LEU G 373 41.48 -17.69 31.84
N ASP G 374 41.81 -17.93 30.57
CA ASP G 374 42.49 -19.16 30.18
C ASP G 374 43.81 -19.19 30.90
N GLN G 375 44.65 -18.21 30.58
CA GLN G 375 45.99 -18.13 31.14
C GLN G 375 46.03 -18.46 32.63
N LEU G 376 45.11 -17.86 33.39
CA LEU G 376 45.12 -18.00 34.84
C LEU G 376 44.81 -19.42 35.31
N ALA G 377 43.74 -20.02 34.80
CA ALA G 377 43.48 -21.43 35.11
C ALA G 377 44.66 -22.34 34.69
N SER G 378 45.34 -21.99 33.60
CA SER G 378 46.44 -22.81 33.14
C SER G 378 47.47 -22.84 34.25
N HIS G 379 47.75 -21.65 34.78
CA HIS G 379 48.80 -21.43 35.76
C HIS G 379 48.44 -21.96 37.16
N PHE G 380 47.19 -21.77 37.59
CA PHE G 380 46.80 -22.04 38.97
C PHE G 380 45.99 -23.31 39.23
N ILE G 381 45.41 -23.91 38.21
CA ILE G 381 44.50 -25.02 38.45
C ILE G 381 44.90 -26.28 37.69
N GLU G 382 45.18 -26.11 36.40
CA GLU G 382 45.46 -27.23 35.50
C GLU G 382 46.50 -28.20 36.10
N ASN G 383 47.47 -27.67 36.84
CA ASN G 383 48.44 -28.54 37.54
C ASN G 383 48.18 -28.72 39.06
N LYS G 384 46.90 -28.69 39.44
CA LYS G 384 46.45 -28.82 40.83
C LYS G 384 46.41 -30.26 41.35
N TYR G 385 46.12 -31.22 40.48
CA TYR G 385 46.28 -32.63 40.82
C TYR G 385 47.17 -33.34 39.80
N ASN G 386 47.85 -34.42 40.22
CA ASN G 386 48.42 -35.34 39.24
C ASN G 386 48.26 -36.81 39.63
N ASP G 387 48.01 -37.06 40.92
CA ASP G 387 47.81 -38.42 41.44
C ASP G 387 46.48 -39.01 40.95
N LYS G 388 45.67 -38.15 40.35
CA LYS G 388 44.34 -38.53 39.85
C LYS G 388 43.87 -37.53 38.80
N PRO G 389 42.95 -37.97 37.92
CA PRO G 389 42.21 -37.09 36.98
C PRO G 389 41.21 -36.23 37.75
N PHE G 390 40.91 -35.05 37.24
CA PHE G 390 39.88 -34.22 37.89
C PHE G 390 39.19 -33.24 36.92
N PHE G 391 38.14 -32.57 37.39
CA PHE G 391 37.32 -31.70 36.55
C PHE G 391 37.42 -30.22 36.95
N ILE G 392 38.07 -29.42 36.11
CA ILE G 392 37.83 -28.00 36.14
C ILE G 392 36.39 -27.72 35.61
N VAL G 393 35.66 -26.87 36.32
CA VAL G 393 34.21 -26.89 36.18
C VAL G 393 33.60 -25.48 36.13
N GLU G 394 32.38 -25.37 35.59
CA GLU G 394 31.57 -24.16 35.68
C GLU G 394 32.23 -22.87 35.11
N HIS G 395 32.64 -22.92 33.85
CA HIS G 395 33.37 -21.82 33.18
C HIS G 395 32.53 -20.60 32.80
N PRO G 396 33.02 -19.40 33.10
CA PRO G 396 32.36 -18.14 32.70
C PRO G 396 31.78 -18.20 31.29
N GLN G 397 30.63 -17.55 31.10
CA GLN G 397 29.91 -17.61 29.86
C GLN G 397 30.75 -17.03 28.72
N ILE G 398 31.49 -15.97 28.99
CA ILE G 398 32.30 -15.34 27.96
C ILE G 398 33.39 -16.29 27.45
N MET G 399 33.92 -17.12 28.34
CA MET G 399 34.87 -18.17 27.97
C MET G 399 34.22 -19.27 27.11
N SER G 400 32.90 -19.38 27.20
CA SER G 400 32.13 -20.52 26.64
C SER G 400 30.80 -20.13 25.96
N PRO G 401 30.86 -19.55 24.75
CA PRO G 401 29.69 -18.94 24.11
C PRO G 401 28.60 -19.92 23.67
N LEU G 402 28.92 -21.20 23.57
CA LEU G 402 27.94 -22.20 23.13
C LEU G 402 27.26 -22.93 24.31
N ALA G 403 27.75 -22.68 25.52
CA ALA G 403 27.27 -23.40 26.70
C ALA G 403 26.04 -22.74 27.33
N LYS G 404 25.11 -23.57 27.76
CA LYS G 404 23.91 -23.09 28.45
C LYS G 404 24.28 -22.32 29.74
N TYR G 405 23.47 -21.33 30.12
CA TYR G 405 23.77 -20.53 31.29
C TYR G 405 23.73 -21.42 32.49
N HIS G 406 24.66 -21.21 33.41
CA HIS G 406 24.50 -21.80 34.70
C HIS G 406 23.16 -21.29 35.30
N ARG G 407 22.32 -22.24 35.73
CA ARG G 407 21.17 -21.96 36.56
C ARG G 407 21.49 -20.85 37.55
N THR G 408 21.98 -21.27 38.71
CA THR G 408 22.30 -20.39 39.85
C THR G 408 23.35 -19.25 39.61
N LYS G 409 24.55 -19.59 39.15
CA LYS G 409 25.65 -18.63 39.21
C LYS G 409 25.85 -17.74 37.98
N PRO G 410 25.43 -16.47 38.08
CA PRO G 410 25.45 -15.56 36.92
C PRO G 410 26.86 -15.38 36.35
N GLY G 411 26.95 -15.25 35.03
CA GLY G 411 28.24 -15.15 34.37
C GLY G 411 28.80 -16.53 34.05
N LEU G 412 28.17 -17.57 34.61
CA LEU G 412 28.72 -18.91 34.50
C LEU G 412 27.82 -19.87 33.72
N THR G 413 28.39 -21.03 33.40
CA THR G 413 27.75 -22.11 32.65
C THR G 413 27.94 -23.41 33.38
N GLU G 414 27.37 -24.47 32.85
CA GLU G 414 27.53 -25.78 33.48
C GLU G 414 28.61 -26.69 32.85
N ARG G 415 29.62 -26.05 32.26
CA ARG G 415 30.63 -26.76 31.51
C ARG G 415 31.65 -27.52 32.41
N LEU G 416 31.98 -28.76 32.01
CA LEU G 416 33.05 -29.54 32.62
C LEU G 416 34.20 -29.86 31.63
N GLU G 417 35.43 -29.86 32.13
CA GLU G 417 36.62 -30.08 31.32
C GLU G 417 37.63 -30.93 32.13
N MET G 418 37.89 -32.15 31.70
CA MET G 418 38.67 -33.07 32.52
C MET G 418 40.19 -33.04 32.27
N PHE G 419 40.98 -33.05 33.35
CA PHE G 419 42.44 -33.13 33.23
C PHE G 419 43.11 -34.39 33.85
N ILE G 420 44.09 -34.93 33.10
CA ILE G 420 45.05 -35.91 33.63
C ILE G 420 46.48 -35.37 33.48
N CYS G 421 47.14 -35.10 34.61
CA CYS G 421 48.47 -34.53 34.60
C CYS G 421 48.59 -33.26 33.75
N GLY G 422 47.62 -32.36 33.85
CA GLY G 422 47.72 -31.06 33.20
C GLY G 422 47.48 -31.06 31.70
N LYS G 423 47.10 -32.21 31.16
CA LYS G 423 46.57 -32.28 29.80
C LYS G 423 45.03 -32.32 29.80
N GLU G 424 44.39 -31.59 28.88
CA GLU G 424 42.92 -31.63 28.72
C GLU G 424 42.53 -32.84 27.90
N VAL G 425 41.60 -33.61 28.44
CA VAL G 425 41.29 -34.92 27.91
C VAL G 425 39.85 -34.97 27.35
N LEU G 426 38.93 -34.33 28.07
CA LEU G 426 37.49 -34.43 27.81
C LEU G 426 36.79 -33.06 28.05
N ASN G 427 35.93 -32.64 27.11
CA ASN G 427 35.22 -31.36 27.22
C ASN G 427 33.74 -31.50 26.97
N ALA G 428 32.92 -31.04 27.92
CA ALA G 428 31.49 -31.31 27.88
C ALA G 428 30.64 -30.23 28.56
N TYR G 429 29.68 -29.65 27.82
CA TYR G 429 28.69 -28.70 28.37
C TYR G 429 27.28 -28.93 27.78
N THR G 430 26.23 -28.56 28.52
CA THR G 430 24.86 -28.62 28.01
C THR G 430 24.63 -27.48 27.04
N GLU G 431 23.96 -27.77 25.92
CA GLU G 431 23.90 -26.83 24.80
C GLU G 431 22.95 -25.61 24.99
N LEU G 432 23.44 -24.42 24.64
CA LEU G 432 22.57 -23.24 24.55
C LEU G 432 21.56 -23.29 23.37
N ASN G 433 20.36 -23.83 23.64
CA ASN G 433 19.31 -24.03 22.62
C ASN G 433 18.43 -22.81 22.23
N ASP G 434 18.51 -21.70 22.97
CA ASP G 434 17.64 -20.53 22.70
C ASP G 434 18.20 -19.60 21.61
N PRO G 435 17.61 -19.63 20.39
CA PRO G 435 18.24 -18.96 19.25
C PRO G 435 18.46 -17.45 19.43
N PHE G 436 18.05 -16.91 20.58
CA PHE G 436 18.23 -15.48 20.86
C PHE G 436 19.50 -15.14 21.65
N LYS G 437 20.30 -16.17 21.92
CA LYS G 437 21.68 -16.00 22.39
C LYS G 437 22.71 -16.66 21.46
N PHE G 463 22.98 -23.86 10.50
CA PHE G 463 22.88 -24.21 11.92
C PHE G 463 22.16 -23.17 12.78
N CYS G 464 22.44 -21.90 12.52
CA CYS G 464 21.72 -20.91 13.26
C CYS G 464 20.23 -21.14 13.01
N THR G 465 19.92 -21.55 11.78
CA THR G 465 18.55 -21.92 11.39
C THR G 465 18.01 -23.11 12.18
N SER G 466 18.74 -24.23 12.15
CA SER G 466 18.28 -25.47 12.79
C SER G 466 17.88 -25.24 14.25
N LEU G 467 18.51 -24.24 14.86
CA LEU G 467 18.19 -23.86 16.23
C LEU G 467 16.71 -23.42 16.33
N GLU G 468 16.27 -22.63 15.37
CA GLU G 468 14.87 -22.14 15.32
C GLU G 468 13.82 -23.26 15.09
N TYR G 469 14.26 -24.43 14.65
CA TYR G 469 13.33 -25.57 14.53
C TYR G 469 13.12 -26.31 15.85
N GLY G 470 13.99 -26.01 16.84
CA GLY G 470 13.81 -26.51 18.20
C GLY G 470 14.80 -27.56 18.64
N LEU G 471 15.84 -27.15 19.36
CA LEU G 471 16.83 -28.12 19.84
C LEU G 471 16.64 -28.46 21.32
N PRO G 472 16.27 -29.72 21.61
CA PRO G 472 16.02 -30.15 22.99
C PRO G 472 17.15 -29.78 23.97
N PRO G 473 16.85 -29.69 25.29
CA PRO G 473 18.04 -29.58 26.14
C PRO G 473 18.97 -30.76 25.83
N THR G 474 20.27 -30.47 25.71
CA THR G 474 21.22 -31.46 25.20
C THR G 474 22.57 -31.35 25.89
N GLY G 475 23.06 -32.49 26.40
CA GLY G 475 24.45 -32.62 26.80
C GLY G 475 25.40 -32.98 25.64
N GLY G 476 26.46 -32.19 25.45
CA GLY G 476 27.45 -32.51 24.41
C GLY G 476 28.79 -32.85 25.02
N LEU G 477 29.58 -33.70 24.34
CA LEU G 477 30.86 -34.19 24.88
C LEU G 477 31.86 -34.61 23.80
N GLY G 478 33.10 -34.13 23.94
CA GLY G 478 34.20 -34.52 23.05
C GLY G 478 35.43 -35.10 23.77
N LEU G 479 36.05 -36.13 23.16
CA LEU G 479 37.23 -36.79 23.75
C LEU G 479 38.43 -36.72 22.82
N GLY G 480 39.59 -36.29 23.35
CA GLY G 480 40.85 -36.45 22.63
C GLY G 480 41.32 -37.90 22.69
N ILE G 481 41.29 -38.62 21.57
CA ILE G 481 41.55 -40.06 21.64
C ILE G 481 43.05 -40.38 21.74
N ASP G 482 43.85 -39.65 20.97
CA ASP G 482 45.29 -39.83 21.00
C ASP G 482 45.93 -39.56 22.39
N ARG G 483 45.76 -38.35 22.89
CA ARG G 483 46.17 -38.00 24.26
C ARG G 483 45.77 -39.10 25.23
N ILE G 484 44.56 -39.65 25.07
CA ILE G 484 44.10 -40.66 26.03
C ILE G 484 44.88 -41.94 25.85
N THR G 485 45.17 -42.27 24.59
CA THR G 485 45.95 -43.48 24.27
C THR G 485 47.40 -43.35 24.79
N MET G 486 47.88 -42.12 24.83
CA MET G 486 49.19 -41.77 25.40
C MET G 486 49.38 -42.21 26.85
N PHE G 487 48.43 -41.88 27.73
CA PHE G 487 48.57 -42.20 29.15
C PHE G 487 48.38 -43.69 29.42
N LEU G 488 47.69 -44.41 28.54
CA LEU G 488 47.31 -45.79 28.82
C LEU G 488 48.28 -46.79 28.16
N THR G 489 49.15 -46.24 27.32
CA THR G 489 50.24 -46.99 26.71
C THR G 489 51.57 -46.32 27.05
N ASN G 490 51.55 -45.55 28.15
CA ASN G 490 52.70 -44.80 28.68
C ASN G 490 53.58 -44.09 27.63
N LYS G 491 53.00 -43.24 26.80
CA LYS G 491 53.82 -42.46 25.89
C LYS G 491 53.70 -40.94 26.07
N ASN G 492 54.78 -40.24 25.70
CA ASN G 492 54.90 -38.80 25.88
C ASN G 492 54.76 -38.08 24.55
N SER G 493 54.81 -38.86 23.47
CA SER G 493 54.73 -38.31 22.12
C SER G 493 53.61 -38.97 21.34
N ILE G 494 52.91 -38.15 20.56
CA ILE G 494 51.77 -38.61 19.81
C ILE G 494 52.21 -39.58 18.71
N LYS G 495 53.47 -39.46 18.30
CA LYS G 495 53.97 -40.25 17.18
C LYS G 495 54.14 -41.71 17.61
N ASP G 496 54.04 -41.94 18.92
CA ASP G 496 54.16 -43.30 19.42
C ASP G 496 52.80 -43.92 19.58
N VAL G 497 51.78 -43.12 19.26
CA VAL G 497 50.40 -43.61 19.31
C VAL G 497 49.64 -43.59 17.97
N ILE G 498 50.14 -42.82 17.02
CA ILE G 498 49.61 -42.83 15.64
C ILE G 498 50.41 -43.80 14.76
N LEU G 499 49.74 -44.68 14.02
CA LEU G 499 50.47 -45.66 13.20
C LEU G 499 51.42 -45.00 12.21
N PHE G 500 50.91 -44.01 11.50
CA PHE G 500 51.74 -43.37 10.52
C PHE G 500 51.77 -41.88 10.75
N PRO G 501 52.49 -41.44 11.80
CA PRO G 501 52.61 -40.00 12.07
C PRO G 501 53.08 -39.31 10.80
N THR G 502 52.80 -38.03 10.69
CA THR G 502 53.13 -37.31 9.46
C THR G 502 54.55 -36.79 9.63
N MET G 503 55.43 -37.16 8.72
CA MET G 503 56.84 -36.85 8.88
C MET G 503 57.44 -36.06 7.73
N ARG G 504 58.10 -34.96 8.11
CA ARG G 504 58.86 -34.15 7.17
C ARG G 504 59.78 -35.05 6.35
N PRO G 505 59.77 -34.87 5.01
CA PRO G 505 60.44 -35.77 4.06
C PRO G 505 61.97 -35.78 4.20
N PRO H 4 3.89 -17.22 7.19
CA PRO H 4 5.05 -18.13 7.07
C PRO H 4 6.31 -17.51 7.68
N ARG H 5 6.73 -16.35 7.17
CA ARG H 5 7.72 -15.55 7.87
C ARG H 5 6.98 -14.94 9.04
N LEU H 6 5.65 -15.02 8.95
CA LEU H 6 4.76 -14.49 9.96
C LEU H 6 4.52 -15.52 11.05
N TYR H 7 4.47 -16.80 10.68
CA TYR H 7 4.48 -17.85 11.70
C TYR H 7 5.72 -17.67 12.56
N PHE H 8 6.87 -17.57 11.89
CA PHE H 8 8.13 -17.30 12.57
C PHE H 8 8.05 -16.05 13.44
N GLU H 9 7.79 -14.90 12.82
CA GLU H 9 7.67 -13.65 13.58
C GLU H 9 6.73 -13.82 14.78
N ASN H 10 5.50 -14.23 14.52
CA ASN H 10 4.52 -14.40 15.61
C ASN H 10 4.99 -15.38 16.68
N ARG H 11 5.73 -16.42 16.29
CA ARG H 11 6.36 -17.32 17.26
C ARG H 11 7.38 -16.61 18.16
N SER H 12 8.31 -15.86 17.55
CA SER H 12 9.19 -14.99 18.31
C SER H 12 8.36 -14.29 19.39
N LYS H 13 7.58 -13.28 18.99
CA LYS H 13 6.65 -12.61 19.89
C LYS H 13 6.22 -13.46 21.09
N PHE H 14 5.63 -14.62 20.81
CA PHE H 14 5.14 -15.51 21.86
C PHE H 14 6.22 -15.92 22.87
N ILE H 15 7.37 -16.36 22.36
CA ILE H 15 8.54 -16.58 23.21
C ILE H 15 8.86 -15.34 24.06
N GLN H 16 9.19 -14.23 23.41
CA GLN H 16 9.61 -13.03 24.15
C GLN H 16 8.63 -12.73 25.28
N ASP H 17 7.35 -12.89 25.00
CA ASP H 17 6.29 -12.54 25.92
C ASP H 17 6.27 -13.51 27.09
N GLN H 18 6.13 -14.78 26.78
CA GLN H 18 6.22 -15.84 27.77
C GLN H 18 7.30 -15.56 28.84
N LYS H 19 8.45 -15.03 28.42
CA LYS H 19 9.57 -14.77 29.32
C LYS H 19 9.24 -13.63 30.29
N ASP H 20 8.81 -12.51 29.72
CA ASP H 20 8.30 -11.40 30.51
C ASP H 20 7.17 -11.90 31.43
N LYS H 21 6.40 -12.85 30.93
CA LYS H 21 5.31 -13.40 31.73
C LYS H 21 5.79 -14.36 32.81
N GLY H 22 7.11 -14.47 32.96
CA GLY H 22 7.70 -15.28 34.01
C GLY H 22 7.76 -16.78 33.75
N ILE H 23 7.89 -17.15 32.48
CA ILE H 23 8.13 -18.54 32.12
C ILE H 23 9.46 -18.65 31.37
N ASN H 24 10.12 -19.80 31.47
CA ASN H 24 11.24 -20.05 30.55
C ASN H 24 10.79 -20.97 29.40
N PRO H 25 10.77 -20.43 28.17
CA PRO H 25 10.38 -21.33 27.07
C PRO H 25 11.40 -22.45 26.94
N TYR H 26 12.67 -22.16 27.27
CA TYR H 26 13.76 -23.14 27.18
C TYR H 26 14.35 -23.52 28.52
N PRO H 27 13.59 -24.30 29.33
CA PRO H 27 14.00 -24.67 30.70
C PRO H 27 15.23 -25.60 30.77
N HIS H 28 15.93 -25.58 31.91
CA HIS H 28 17.20 -26.27 32.06
C HIS H 28 17.12 -27.81 32.09
N LYS H 29 16.19 -28.37 32.85
CA LYS H 29 16.09 -29.83 32.84
C LYS H 29 14.68 -30.34 33.16
N PHE H 30 14.15 -31.11 32.22
CA PHE H 30 13.00 -31.95 32.51
C PHE H 30 13.60 -33.34 32.76
N GLU H 31 13.18 -33.98 33.84
CA GLU H 31 13.80 -35.24 34.20
C GLU H 31 12.83 -36.34 33.81
N ARG H 32 13.15 -37.10 32.76
CA ARG H 32 12.27 -38.18 32.30
C ARG H 32 12.32 -39.42 33.20
N THR H 33 11.16 -40.06 33.35
CA THR H 33 11.01 -41.36 33.99
C THR H 33 11.23 -42.45 32.95
N ILE H 34 10.82 -42.17 31.70
CA ILE H 34 10.73 -43.20 30.68
C ILE H 34 10.92 -42.62 29.25
N SER H 35 11.24 -43.50 28.30
CA SER H 35 11.27 -43.14 26.88
C SER H 35 10.08 -43.80 26.15
N ILE H 36 9.80 -43.31 24.95
CA ILE H 36 8.60 -43.75 24.24
C ILE H 36 8.65 -45.22 23.81
N PRO H 37 9.77 -45.65 23.21
CA PRO H 37 9.89 -47.08 22.89
C PRO H 37 9.72 -47.99 24.12
N GLU H 38 10.18 -47.51 25.28
CA GLU H 38 10.00 -48.21 26.55
C GLU H 38 8.52 -48.20 26.95
N PHE H 39 7.91 -47.03 26.89
CA PHE H 39 6.50 -46.87 27.15
C PHE H 39 5.73 -47.97 26.41
N ILE H 40 5.90 -47.98 25.09
CA ILE H 40 5.08 -48.84 24.24
C ILE H 40 5.24 -50.33 24.58
N GLU H 41 6.48 -50.78 24.77
CA GLU H 41 6.73 -52.20 25.04
C GLU H 41 5.98 -52.61 26.31
N LYS H 42 6.12 -51.79 27.35
CA LYS H 42 5.53 -52.04 28.66
C LYS H 42 3.98 -52.01 28.64
N TYR H 43 3.41 -51.12 27.84
CA TYR H 43 1.99 -50.81 27.96
C TYR H 43 1.13 -51.25 26.77
N LYS H 44 1.78 -51.73 25.71
CA LYS H 44 1.06 -52.08 24.49
C LYS H 44 0.03 -53.17 24.73
N ASP H 45 0.23 -53.95 25.79
CA ASP H 45 -0.59 -55.13 26.03
C ASP H 45 -1.79 -54.84 26.93
N LEU H 46 -2.05 -53.56 27.19
CA LEU H 46 -3.17 -53.16 28.04
C LEU H 46 -4.54 -53.41 27.38
N GLY H 47 -5.60 -53.14 28.13
CA GLY H 47 -6.95 -53.33 27.64
C GLY H 47 -7.52 -52.05 27.09
N ASN H 48 -8.37 -52.18 26.06
CA ASN H 48 -9.04 -51.03 25.45
C ASN H 48 -9.72 -50.19 26.52
N GLY H 49 -9.26 -48.96 26.70
CA GLY H 49 -9.84 -48.06 27.70
C GLY H 49 -9.33 -48.34 29.10
N GLU H 50 -8.10 -48.85 29.21
CA GLU H 50 -7.51 -49.12 30.53
C GLU H 50 -6.80 -47.90 31.14
N HIS H 51 -7.00 -47.69 32.43
CA HIS H 51 -6.44 -46.51 33.11
C HIS H 51 -5.53 -46.88 34.29
N LEU H 52 -4.33 -46.28 34.32
CA LEU H 52 -3.38 -46.47 35.42
C LEU H 52 -3.03 -45.11 36.05
N GLU H 53 -3.86 -44.68 36.99
CA GLU H 53 -3.81 -43.33 37.54
C GLU H 53 -2.74 -43.15 38.63
N ASP H 54 -2.37 -44.25 39.29
CA ASP H 54 -1.28 -44.26 40.27
C ASP H 54 0.10 -44.05 39.61
N THR H 55 0.43 -44.96 38.68
CA THR H 55 1.64 -44.89 37.88
C THR H 55 1.85 -43.48 37.33
N ILE H 56 2.79 -42.73 37.90
CA ILE H 56 3.16 -41.43 37.33
C ILE H 56 4.50 -41.52 36.58
N LEU H 57 4.55 -40.94 35.38
CA LEU H 57 5.77 -40.94 34.59
C LEU H 57 6.16 -39.51 34.18
N ASN H 58 7.46 -39.34 33.88
CA ASN H 58 7.95 -38.17 33.17
C ASN H 58 8.30 -38.57 31.74
N ILE H 59 7.75 -37.88 30.74
CA ILE H 59 8.06 -38.26 29.36
C ILE H 59 8.39 -37.05 28.48
N THR H 60 8.93 -37.29 27.29
CA THR H 60 9.20 -36.20 26.35
C THR H 60 9.11 -36.65 24.89
N GLY H 61 8.99 -35.68 24.00
CA GLY H 61 8.88 -35.94 22.57
C GLY H 61 8.69 -34.69 21.73
N ARG H 62 8.46 -34.88 20.44
CA ARG H 62 7.97 -33.77 19.63
C ARG H 62 6.45 -33.90 19.49
N ILE H 63 5.76 -32.76 19.60
CA ILE H 63 4.36 -32.68 19.22
C ILE H 63 4.30 -32.68 17.68
N MET H 64 3.83 -33.79 17.09
CA MET H 64 3.82 -33.92 15.62
C MET H 64 2.46 -33.59 15.00
N ARG H 65 1.37 -33.92 15.71
CA ARG H 65 0.02 -33.52 15.32
C ARG H 65 -0.79 -32.90 16.45
N VAL H 66 -1.51 -31.82 16.17
CA VAL H 66 -2.47 -31.29 17.16
C VAL H 66 -3.90 -31.08 16.65
N SER H 67 -4.87 -31.62 17.39
CA SER H 67 -6.30 -31.47 17.07
C SER H 67 -7.16 -31.24 18.35
N ALA H 68 -8.10 -30.29 18.26
CA ALA H 68 -8.95 -29.88 19.38
C ALA H 68 -10.14 -30.81 19.64
N SER H 69 -10.75 -30.67 20.81
CA SER H 69 -12.05 -31.32 21.15
C SER H 69 -12.77 -30.64 22.33
N GLY H 70 -13.40 -29.50 22.06
CA GLY H 70 -14.26 -28.85 23.04
C GLY H 70 -13.64 -28.43 24.38
N GLN H 71 -12.32 -28.25 24.36
CA GLN H 71 -11.59 -27.61 25.47
C GLN H 71 -11.82 -28.17 26.88
N LYS H 72 -12.38 -29.39 26.95
CA LYS H 72 -12.20 -30.23 28.13
C LYS H 72 -11.17 -31.29 27.71
N LEU H 73 -10.99 -31.40 26.38
CA LEU H 73 -10.11 -32.40 25.75
C LEU H 73 -9.19 -31.86 24.63
N ARG H 74 -7.95 -32.34 24.62
CA ARG H 74 -6.95 -32.06 23.61
C ARG H 74 -6.29 -33.37 23.20
N PHE H 75 -5.84 -33.46 21.95
CA PHE H 75 -5.17 -34.67 21.50
C PHE H 75 -3.86 -34.23 20.88
N PHE H 76 -2.78 -34.97 21.17
CA PHE H 76 -1.55 -34.72 20.45
C PHE H 76 -0.93 -36.01 19.99
N ASP H 77 -0.08 -35.88 18.98
CA ASP H 77 0.76 -36.98 18.53
C ASP H 77 2.17 -36.67 18.95
N LEU H 78 2.81 -37.64 19.61
CA LEU H 78 4.09 -37.38 20.28
C LEU H 78 5.16 -38.35 19.82
N VAL H 79 6.23 -37.82 19.21
CA VAL H 79 7.23 -38.70 18.62
C VAL H 79 8.57 -38.74 19.37
N GLY H 80 9.06 -39.97 19.57
CA GLY H 80 10.38 -40.19 20.13
C GLY H 80 11.04 -41.42 19.53
N ASP H 81 12.36 -41.33 19.31
CA ASP H 81 13.16 -42.46 18.81
C ASP H 81 12.48 -43.25 17.68
N GLY H 82 11.86 -42.52 16.74
CA GLY H 82 11.20 -43.14 15.61
C GLY H 82 9.92 -43.88 15.98
N GLU H 83 9.37 -43.56 17.15
CA GLU H 83 8.11 -44.18 17.57
C GLU H 83 7.16 -43.13 18.10
N LYS H 84 5.89 -43.53 18.16
CA LYS H 84 4.79 -42.58 18.31
C LYS H 84 3.83 -43.06 19.39
N ILE H 85 3.25 -42.09 20.09
CA ILE H 85 2.15 -42.31 21.03
C ILE H 85 1.26 -41.07 21.03
N GLN H 86 0.06 -41.22 21.59
CA GLN H 86 -0.90 -40.13 21.64
C GLN H 86 -0.94 -39.46 23.02
N VAL H 87 -0.92 -38.13 23.01
CA VAL H 87 -1.19 -37.31 24.19
C VAL H 87 -2.71 -37.20 24.34
N LEU H 88 -3.24 -37.63 25.49
CA LEU H 88 -4.65 -37.35 25.77
C LEU H 88 -4.76 -36.42 26.95
N ALA H 89 -4.63 -35.11 26.74
CA ALA H 89 -4.84 -34.18 27.85
C ALA H 89 -6.34 -33.97 28.12
N ASN H 90 -6.73 -34.19 29.38
CA ASN H 90 -8.13 -34.18 29.80
C ASN H 90 -8.33 -33.19 30.95
N TYR H 91 -9.29 -32.28 30.81
CA TYR H 91 -9.51 -31.21 31.79
C TYR H 91 -9.73 -31.66 33.25
N SER H 92 -10.30 -32.85 33.46
CA SER H 92 -10.48 -33.36 34.82
C SER H 92 -9.15 -33.74 35.49
N PHE H 93 -8.19 -34.21 34.69
CA PHE H 93 -6.90 -34.72 35.19
C PHE H 93 -5.85 -33.62 35.28
N HIS H 94 -6.05 -32.55 34.53
CA HIS H 94 -5.13 -31.41 34.55
C HIS H 94 -4.94 -30.93 35.99
N ASN H 95 -3.73 -30.48 36.31
CA ASN H 95 -3.50 -29.80 37.59
C ASN H 95 -3.60 -28.26 37.48
N HIS H 96 -4.69 -27.70 38.00
CA HIS H 96 -5.14 -26.34 37.65
C HIS H 96 -4.34 -25.13 38.18
N GLU H 97 -3.60 -25.28 39.27
CA GLU H 97 -2.91 -24.14 39.86
C GLU H 97 -1.76 -23.68 38.99
N LYS H 98 -1.10 -24.64 38.35
CA LYS H 98 0.02 -24.37 37.45
C LYS H 98 -0.40 -23.43 36.31
N GLY H 99 -1.66 -23.53 35.88
CA GLY H 99 -2.15 -22.67 34.83
C GLY H 99 -3.53 -23.07 34.35
N ASN H 100 -4.15 -22.21 33.53
CA ASN H 100 -5.42 -22.57 32.93
C ASN H 100 -5.21 -23.64 31.86
N PHE H 101 -5.83 -24.81 32.07
CA PHE H 101 -5.77 -25.92 31.13
C PHE H 101 -5.71 -25.38 29.71
N ALA H 102 -6.86 -24.91 29.22
CA ALA H 102 -6.97 -24.31 27.89
C ALA H 102 -5.90 -23.24 27.59
N GLU H 103 -5.55 -22.43 28.60
CA GLU H 103 -4.54 -21.37 28.41
C GLU H 103 -3.13 -21.96 28.13
N CYS H 104 -2.78 -23.01 28.87
CA CYS H 104 -1.52 -23.74 28.62
C CYS H 104 -1.52 -24.40 27.24
N TYR H 105 -2.57 -25.16 26.94
CA TYR H 105 -2.60 -25.98 25.72
C TYR H 105 -2.70 -25.22 24.39
N ASP H 106 -3.35 -24.05 24.36
CA ASP H 106 -3.45 -23.26 23.13
C ASP H 106 -2.08 -22.75 22.66
N LYS H 107 -1.09 -22.89 23.54
CA LYS H 107 0.25 -22.42 23.25
C LYS H 107 1.07 -23.51 22.53
N ILE H 108 0.60 -24.75 22.63
CA ILE H 108 1.23 -25.86 21.91
C ILE H 108 1.08 -25.77 20.38
N ARG H 109 2.21 -25.68 19.68
CA ARG H 109 2.19 -25.82 18.23
C ARG H 109 2.77 -27.15 17.82
N ARG H 110 2.80 -27.40 16.52
CA ARG H 110 3.29 -28.65 15.96
C ARG H 110 4.81 -28.54 15.82
N GLY H 111 5.55 -29.51 16.37
CA GLY H 111 7.01 -29.50 16.29
C GLY H 111 7.74 -29.14 17.57
N ASP H 112 6.97 -28.64 18.53
CA ASP H 112 7.48 -28.31 19.85
C ASP H 112 7.97 -29.55 20.57
N ILE H 113 9.05 -29.40 21.34
CA ILE H 113 9.53 -30.47 22.21
C ILE H 113 8.98 -30.23 23.64
N VAL H 114 8.37 -31.25 24.22
CA VAL H 114 7.59 -31.03 25.45
C VAL H 114 7.90 -32.00 26.61
N GLY H 115 7.61 -31.55 27.85
CA GLY H 115 7.67 -32.41 29.00
C GLY H 115 6.29 -32.69 29.56
N ILE H 116 5.98 -33.98 29.66
CA ILE H 116 4.67 -34.42 30.12
C ILE H 116 4.80 -35.21 31.44
N VAL H 117 4.02 -34.80 32.45
CA VAL H 117 3.87 -35.59 33.67
C VAL H 117 2.44 -36.07 33.69
N GLY H 118 2.23 -37.39 33.66
CA GLY H 118 0.89 -37.97 33.67
C GLY H 118 0.94 -39.47 33.89
N PHE H 119 -0.13 -40.16 33.50
CA PHE H 119 -0.25 -41.61 33.74
C PHE H 119 -0.66 -42.34 32.44
N PRO H 120 -0.04 -43.50 32.16
CA PRO H 120 -0.16 -44.16 30.86
C PRO H 120 -1.56 -44.77 30.76
N GLY H 121 -1.93 -45.36 29.62
CA GLY H 121 -3.24 -45.97 29.43
C GLY H 121 -3.81 -45.85 28.02
N LYS H 122 -4.77 -46.72 27.70
CA LYS H 122 -5.46 -46.75 26.42
C LYS H 122 -6.83 -46.06 26.49
N SER H 123 -7.25 -45.48 25.37
CA SER H 123 -8.60 -44.99 25.21
C SER H 123 -9.51 -46.20 24.95
N LYS H 124 -10.81 -45.94 24.82
CA LYS H 124 -11.80 -47.00 24.58
C LYS H 124 -11.54 -47.70 23.25
N LYS H 125 -11.15 -46.93 22.24
CA LYS H 125 -10.79 -47.49 20.94
C LYS H 125 -9.55 -48.38 21.10
N GLY H 126 -8.94 -48.34 22.29
CA GLY H 126 -7.78 -49.14 22.60
C GLY H 126 -6.51 -48.53 22.03
N GLU H 127 -6.38 -47.20 22.12
CA GLU H 127 -5.22 -46.47 21.59
C GLU H 127 -4.23 -46.09 22.71
N LEU H 128 -2.95 -46.42 22.53
CA LEU H 128 -1.95 -46.16 23.56
C LEU H 128 -1.72 -44.67 23.76
N SER H 129 -1.81 -44.22 25.01
CA SER H 129 -1.83 -42.80 25.31
C SER H 129 -1.25 -42.44 26.68
N ILE H 130 -0.74 -41.21 26.79
CA ILE H 130 -0.34 -40.63 28.08
C ILE H 130 -1.33 -39.51 28.45
N PHE H 131 -1.79 -39.49 29.71
CA PHE H 131 -2.78 -38.51 30.15
C PHE H 131 -2.18 -37.43 31.08
N PRO H 132 -1.68 -36.32 30.50
CA PRO H 132 -0.96 -35.30 31.27
C PRO H 132 -1.77 -34.58 32.37
N LYS H 133 -1.37 -34.76 33.63
CA LYS H 133 -1.80 -33.85 34.70
C LYS H 133 -1.03 -32.52 34.62
N GLU H 134 0.01 -32.52 33.79
CA GLU H 134 0.94 -31.39 33.70
C GLU H 134 1.78 -31.51 32.43
N THR H 135 2.02 -30.38 31.76
CA THR H 135 2.80 -30.36 30.54
C THR H 135 3.47 -29.01 30.34
N ILE H 136 4.77 -29.04 30.00
CA ILE H 136 5.62 -27.86 29.98
C ILE H 136 6.44 -27.84 28.67
N LEU H 137 6.66 -26.65 28.09
CA LEU H 137 7.44 -26.55 26.83
C LEU H 137 8.97 -26.53 27.01
N LEU H 138 9.64 -27.61 26.60
CA LEU H 138 11.11 -27.71 26.66
C LEU H 138 11.79 -26.88 25.56
N SER H 139 11.51 -27.21 24.30
CA SER H 139 11.96 -26.39 23.18
C SER H 139 10.81 -26.27 22.21
N ALA H 140 10.76 -25.16 21.47
CA ALA H 140 9.64 -24.92 20.57
C ALA H 140 10.11 -24.70 19.14
N CYS H 141 9.25 -25.04 18.17
CA CYS H 141 9.59 -24.85 16.76
C CYS H 141 9.11 -23.49 16.27
N LEU H 142 10.04 -22.56 16.21
CA LEU H 142 9.76 -21.22 15.70
C LEU H 142 9.34 -21.24 14.21
N HIS H 143 9.25 -22.44 13.62
CA HIS H 143 9.01 -22.58 12.16
C HIS H 143 7.84 -23.49 11.77
N MET H 144 7.20 -23.16 10.65
CA MET H 144 6.14 -24.04 10.14
C MET H 144 6.75 -25.34 9.61
N LEU H 145 6.38 -26.44 10.26
CA LEU H 145 6.91 -27.76 9.91
C LEU H 145 6.03 -28.39 8.84
N PRO H 146 6.64 -28.76 7.70
CA PRO H 146 5.99 -29.33 6.52
C PRO H 146 5.32 -30.66 6.86
N MET H 147 4.63 -31.26 5.88
CA MET H 147 3.92 -32.52 6.11
C MET H 147 4.52 -33.67 5.31
N LYS H 148 3.87 -34.85 5.37
CA LYS H 148 4.10 -35.87 4.37
C LYS H 148 3.84 -35.23 3.00
N TYR H 149 4.59 -35.64 1.98
CA TYR H 149 4.57 -34.99 0.67
C TYR H 149 5.20 -33.59 0.76
N GLY H 150 5.07 -32.93 1.91
CA GLY H 150 5.72 -31.65 2.14
C GLY H 150 7.17 -31.70 1.68
N LEU H 151 7.83 -32.83 1.97
CA LEU H 151 9.11 -33.17 1.31
C LEU H 151 9.15 -34.63 0.91
N LYS H 152 10.08 -34.94 0.01
CA LYS H 152 9.86 -36.01 -0.95
C LYS H 152 8.75 -35.42 -1.83
N ASP H 153 9.16 -34.77 -2.92
CA ASP H 153 10.56 -34.77 -3.35
C ASP H 153 11.24 -33.40 -3.49
N THR H 154 12.28 -33.17 -2.70
CA THR H 154 12.98 -31.89 -2.71
C THR H 154 14.47 -32.04 -2.37
N GLU H 155 15.25 -31.01 -2.69
CA GLU H 155 16.67 -30.95 -2.32
C GLU H 155 16.86 -30.64 -0.83
N ILE H 156 15.81 -30.18 -0.16
CA ILE H 156 15.92 -29.84 1.26
C ILE H 156 15.97 -31.08 2.15
N ARG H 157 15.49 -32.21 1.63
CA ARG H 157 15.78 -33.50 2.25
C ARG H 157 17.30 -33.65 2.52
N TYR H 158 18.10 -32.96 1.72
CA TYR H 158 19.56 -33.01 1.80
C TYR H 158 20.17 -31.79 2.48
N ARG H 159 19.61 -30.61 2.21
CA ARG H 159 20.12 -29.40 2.87
C ARG H 159 19.52 -29.23 4.29
N GLN H 160 18.40 -29.91 4.55
CA GLN H 160 17.95 -30.03 5.95
C GLN H 160 17.62 -31.46 6.39
N ARG H 161 18.67 -32.27 6.53
CA ARG H 161 18.48 -33.70 6.77
C ARG H 161 17.61 -33.98 8.00
N TYR H 162 17.51 -32.99 8.90
CA TYR H 162 16.74 -33.22 10.12
C TYR H 162 15.25 -33.20 9.88
N LEU H 163 14.80 -32.27 9.03
CA LEU H 163 13.41 -32.28 8.59
C LEU H 163 13.08 -33.67 8.06
N ASP H 164 13.72 -34.03 6.95
CA ASP H 164 13.68 -35.39 6.39
C ASP H 164 13.54 -36.45 7.50
N LEU H 165 14.46 -36.42 8.46
CA LEU H 165 14.52 -37.39 9.57
C LEU H 165 13.28 -37.36 10.46
N LEU H 166 12.72 -36.16 10.58
CA LEU H 166 11.55 -35.91 11.41
C LEU H 166 10.30 -36.40 10.73
N ILE H 167 10.23 -36.10 9.43
CA ILE H 167 8.99 -36.21 8.65
C ILE H 167 8.86 -37.58 7.96
N ASN H 168 9.97 -38.09 7.40
CA ASN H 168 9.95 -39.35 6.67
C ASN H 168 10.44 -40.59 7.48
N GLU H 169 9.53 -41.54 7.74
CA GLU H 169 9.80 -42.75 8.53
C GLU H 169 10.91 -43.61 7.94
N SER H 170 11.00 -43.53 6.61
CA SER H 170 11.86 -44.39 5.82
C SER H 170 13.29 -43.89 5.71
N SER H 171 13.53 -42.61 6.01
CA SER H 171 14.92 -42.13 6.06
C SER H 171 15.61 -42.62 7.35
N ARG H 172 14.91 -42.45 8.47
CA ARG H 172 15.40 -42.89 9.77
C ARG H 172 15.71 -44.38 9.76
N HIS H 173 14.84 -45.15 9.09
CA HIS H 173 15.01 -46.60 9.04
C HIS H 173 16.21 -46.93 8.16
N THR H 174 16.35 -46.15 7.09
CA THR H 174 17.45 -46.30 6.16
C THR H 174 18.77 -46.15 6.90
N PHE H 175 18.87 -45.07 7.67
CA PHE H 175 20.10 -44.74 8.33
C PHE H 175 20.42 -45.66 9.51
N VAL H 176 19.42 -46.00 10.31
CA VAL H 176 19.59 -47.09 11.27
C VAL H 176 20.24 -48.29 10.56
N THR H 177 19.76 -48.55 9.36
CA THR H 177 20.17 -49.73 8.58
C THR H 177 21.62 -49.64 8.13
N ARG H 178 22.00 -48.55 7.48
CA ARG H 178 23.43 -48.27 7.29
C ARG H 178 24.27 -48.64 8.53
N THR H 179 24.11 -47.90 9.62
CA THR H 179 24.76 -48.20 10.87
C THR H 179 24.67 -49.70 11.26
N LYS H 180 23.52 -50.31 10.99
CA LYS H 180 23.33 -51.72 11.32
C LYS H 180 24.28 -52.56 10.47
N ILE H 181 24.51 -52.11 9.23
CA ILE H 181 25.39 -52.81 8.30
C ILE H 181 26.86 -52.72 8.77
N ILE H 182 27.31 -51.51 9.03
CA ILE H 182 28.68 -51.28 9.48
C ILE H 182 29.01 -52.04 10.76
N ASN H 183 28.10 -52.03 11.73
CA ASN H 183 28.32 -52.85 12.94
C ASN H 183 28.58 -54.31 12.59
N PHE H 184 27.74 -54.82 11.68
CA PHE H 184 27.81 -56.22 11.32
C PHE H 184 29.14 -56.53 10.64
N LEU H 185 29.64 -55.57 9.85
CA LEU H 185 30.94 -55.68 9.22
C LEU H 185 32.01 -55.70 10.31
N ARG H 186 31.97 -54.71 11.19
CA ARG H 186 32.98 -54.60 12.26
C ARG H 186 33.12 -55.89 13.08
N ASN H 187 32.00 -56.44 13.50
CA ASN H 187 31.94 -57.69 14.28
C ASN H 187 32.40 -58.94 13.51
N PHE H 188 32.04 -58.96 12.22
CA PHE H 188 32.32 -60.10 11.33
C PHE H 188 33.82 -60.32 11.16
N LEU H 189 34.52 -59.21 10.99
CA LEU H 189 35.96 -59.29 10.98
C LEU H 189 36.48 -59.53 12.40
N ASN H 190 35.84 -58.95 13.40
CA ASN H 190 36.38 -59.11 14.76
C ASN H 190 36.30 -60.58 15.25
N GLU H 191 35.19 -61.23 14.95
CA GLU H 191 35.01 -62.63 15.31
C GLU H 191 35.98 -63.57 14.59
N ARG H 192 36.57 -63.06 13.51
CA ARG H 192 37.46 -63.84 12.66
C ARG H 192 38.94 -63.45 12.81
N GLY H 193 39.27 -62.77 13.90
CA GLY H 193 40.67 -62.49 14.21
C GLY H 193 41.16 -61.13 13.83
N PHE H 194 40.53 -60.53 12.83
CA PHE H 194 40.92 -59.23 12.28
C PHE H 194 41.08 -58.07 13.30
N PHE H 195 41.94 -57.13 12.91
CA PHE H 195 42.43 -56.05 13.78
C PHE H 195 42.25 -54.71 13.09
N GLU H 196 41.42 -53.86 13.69
CA GLU H 196 41.03 -52.59 13.07
C GLU H 196 42.12 -51.54 13.30
N VAL H 197 42.42 -50.74 12.28
CA VAL H 197 43.51 -49.74 12.35
C VAL H 197 43.09 -48.40 11.75
N GLU H 198 43.98 -47.42 11.86
CA GLU H 198 43.78 -46.10 11.27
C GLU H 198 45.04 -45.68 10.52
N THR H 199 44.87 -45.30 9.26
CA THR H 199 45.98 -44.86 8.43
C THR H 199 45.76 -43.39 8.12
N PRO H 200 46.82 -42.71 7.67
CA PRO H 200 46.69 -41.28 7.37
C PRO H 200 45.72 -41.09 6.24
N MET H 201 45.02 -39.95 6.24
CA MET H 201 44.15 -39.62 5.13
C MET H 201 44.86 -38.62 4.23
N MET H 202 45.94 -38.03 4.76
CA MET H 202 46.76 -37.10 3.98
C MET H 202 48.18 -37.66 3.78
N ASN H 203 48.71 -37.52 2.57
CA ASN H 203 49.89 -38.27 2.15
C ASN H 203 50.83 -37.52 1.23
N LEU H 204 51.37 -38.29 0.28
CA LEU H 204 52.12 -37.79 -0.88
C LEU H 204 52.03 -38.70 -2.11
N ILE H 205 51.11 -38.36 -3.02
CA ILE H 205 51.04 -38.93 -4.37
C ILE H 205 51.11 -37.84 -5.45
N PRO H 213 42.24 -36.54 -7.15
CA PRO H 213 43.25 -36.05 -6.20
C PRO H 213 42.88 -34.70 -5.60
N PHE H 214 42.50 -34.67 -4.33
CA PHE H 214 42.40 -33.42 -3.59
C PHE H 214 43.77 -32.96 -3.03
N ILE H 215 44.20 -31.78 -3.46
CA ILE H 215 45.47 -31.20 -3.02
C ILE H 215 45.23 -30.05 -2.06
N THR H 216 45.61 -30.23 -0.80
CA THR H 216 45.61 -29.13 0.16
C THR H 216 47.05 -28.81 0.58
N HIS H 217 47.22 -27.75 1.35
CA HIS H 217 48.57 -27.26 1.61
C HIS H 217 48.83 -27.18 3.10
N HIS H 218 50.03 -27.60 3.51
CA HIS H 218 50.46 -27.49 4.91
C HIS H 218 51.42 -26.32 5.08
N ASN H 219 50.93 -25.25 5.68
CA ASN H 219 51.69 -24.00 5.74
C ASN H 219 53.03 -24.15 6.44
N ASP H 220 52.97 -24.64 7.68
CA ASP H 220 54.15 -24.71 8.54
C ASP H 220 55.21 -25.65 7.99
N LEU H 221 54.87 -26.37 6.93
CA LEU H 221 55.83 -27.24 6.25
C LEU H 221 56.06 -26.82 4.81
N ASP H 222 55.35 -25.78 4.39
CA ASP H 222 55.33 -25.34 3.00
C ASP H 222 55.28 -26.52 2.03
N LEU H 223 54.54 -27.55 2.40
CA LEU H 223 54.33 -28.67 1.50
C LEU H 223 52.87 -28.86 1.11
N ASP H 224 52.65 -29.56 0.01
CA ASP H 224 51.31 -29.92 -0.42
C ASP H 224 50.99 -31.37 -0.04
N LEU H 225 49.94 -31.57 0.73
CA LEU H 225 49.49 -32.90 1.13
C LEU H 225 48.40 -33.43 0.20
N TYR H 226 48.29 -34.75 0.11
CA TYR H 226 47.32 -35.36 -0.79
C TYR H 226 46.25 -36.22 -0.07
N LEU H 227 44.98 -35.99 -0.41
CA LEU H 227 43.90 -36.71 0.25
C LEU H 227 43.87 -38.14 -0.27
N ARG H 228 43.54 -39.08 0.60
CA ARG H 228 43.67 -40.49 0.25
C ARG H 228 42.51 -40.99 -0.60
N ILE H 229 42.87 -41.79 -1.60
CA ILE H 229 41.95 -42.44 -2.50
C ILE H 229 41.67 -43.90 -2.10
N ALA H 230 42.64 -44.56 -1.47
CA ALA H 230 42.45 -45.89 -0.88
C ALA H 230 43.37 -46.11 0.31
N THR H 231 43.19 -47.23 1.01
CA THR H 231 43.99 -47.51 2.21
C THR H 231 44.96 -48.69 2.02
N GLU H 232 45.01 -49.21 0.79
CA GLU H 232 45.82 -50.39 0.45
C GLU H 232 47.28 -50.39 0.97
N LEU H 233 48.09 -49.43 0.52
CA LEU H 233 49.51 -49.39 0.89
C LEU H 233 49.78 -49.48 2.40
N PRO H 234 49.48 -48.43 3.17
CA PRO H 234 49.83 -48.50 4.61
C PRO H 234 49.41 -49.84 5.26
N LEU H 235 48.31 -50.41 4.75
CA LEU H 235 47.76 -51.66 5.27
C LEU H 235 48.63 -52.88 4.97
N LYS H 236 49.05 -53.03 3.72
CA LYS H 236 50.03 -54.05 3.37
C LYS H 236 51.25 -53.92 4.30
N MET H 237 51.87 -52.76 4.29
CA MET H 237 52.87 -52.42 5.28
C MET H 237 52.62 -53.07 6.67
N LEU H 238 51.42 -52.88 7.23
CA LEU H 238 51.12 -53.51 8.51
C LEU H 238 51.24 -55.04 8.47
N ILE H 239 50.97 -55.64 7.31
CA ILE H 239 51.06 -57.10 7.16
C ILE H 239 52.53 -57.61 7.22
N VAL H 240 53.42 -56.85 6.60
CA VAL H 240 54.85 -57.12 6.70
C VAL H 240 55.29 -56.97 8.18
N GLY H 241 54.69 -56.00 8.87
CA GLY H 241 55.04 -55.69 10.24
C GLY H 241 54.49 -56.70 11.21
N GLY H 242 53.76 -57.67 10.69
CA GLY H 242 53.28 -58.77 11.52
C GLY H 242 51.86 -58.67 12.02
N ILE H 243 51.12 -57.66 11.57
CA ILE H 243 49.68 -57.67 11.79
C ILE H 243 49.05 -58.57 10.73
N ASP H 244 48.83 -59.84 11.03
CA ASP H 244 48.49 -60.79 9.94
C ASP H 244 47.03 -60.70 9.44
N LYS H 245 46.15 -60.24 10.31
CA LYS H 245 44.79 -59.86 9.95
C LYS H 245 44.47 -58.43 10.42
N VAL H 246 44.29 -57.52 9.45
CA VAL H 246 44.14 -56.09 9.72
C VAL H 246 43.10 -55.48 8.80
N TYR H 247 42.41 -54.43 9.25
CA TYR H 247 41.42 -53.73 8.40
C TYR H 247 41.20 -52.25 8.78
N GLU H 248 40.61 -51.50 7.84
CA GLU H 248 40.17 -50.13 8.09
C GLU H 248 38.80 -49.91 7.45
N ILE H 249 37.91 -49.27 8.20
CA ILE H 249 36.64 -48.80 7.69
C ILE H 249 36.73 -47.26 7.74
N GLY H 250 36.72 -46.60 6.58
CA GLY H 250 36.88 -45.16 6.55
C GLY H 250 36.50 -44.44 5.26
N LYS H 251 36.83 -43.14 5.22
CA LYS H 251 36.53 -42.29 4.08
C LYS H 251 37.68 -42.37 3.06
N VAL H 252 37.33 -42.40 1.78
CA VAL H 252 38.30 -42.18 0.70
C VAL H 252 37.77 -41.04 -0.20
N PHE H 253 38.59 -40.55 -1.13
CA PHE H 253 38.32 -39.25 -1.77
C PHE H 253 38.45 -39.21 -3.27
N ARG H 254 37.48 -38.54 -3.90
CA ARG H 254 37.41 -38.44 -5.35
C ARG H 254 37.09 -37.01 -5.77
N ASN H 255 38.11 -36.28 -6.20
CA ASN H 255 37.89 -34.93 -6.70
C ASN H 255 37.50 -35.01 -8.16
N GLU H 256 36.39 -35.67 -8.40
CA GLU H 256 35.82 -35.77 -9.73
C GLU H 256 34.64 -34.79 -9.85
N GLY H 257 33.49 -35.31 -10.28
CA GLY H 257 32.28 -34.50 -10.34
C GLY H 257 31.23 -35.07 -9.41
N ILE H 258 30.25 -34.24 -9.04
CA ILE H 258 29.20 -34.67 -8.10
C ILE H 258 27.87 -34.89 -8.81
N ASP H 259 27.23 -36.02 -8.50
CA ASP H 259 25.91 -36.40 -9.03
C ASP H 259 25.25 -37.51 -8.16
N ASN H 260 24.13 -38.07 -8.61
CA ASN H 260 23.36 -38.97 -7.76
C ASN H 260 24.06 -40.29 -7.42
N THR H 261 25.15 -40.58 -8.12
CA THR H 261 25.92 -41.79 -7.84
C THR H 261 27.37 -41.45 -7.50
N HIS H 262 27.57 -40.23 -7.00
CA HIS H 262 28.90 -39.69 -6.82
C HIS H 262 28.97 -38.65 -5.72
N ASN H 263 29.70 -39.00 -4.66
CA ASN H 263 30.05 -38.06 -3.61
C ASN H 263 31.57 -37.93 -3.57
N PRO H 264 32.09 -36.82 -3.00
CA PRO H 264 33.55 -36.65 -2.86
C PRO H 264 34.16 -37.50 -1.74
N GLU H 265 33.30 -38.02 -0.87
CA GLU H 265 33.70 -38.89 0.23
C GLU H 265 32.89 -40.18 0.21
N PHE H 266 33.53 -41.29 -0.16
CA PHE H 266 32.93 -42.62 0.00
C PHE H 266 33.51 -43.31 1.25
N THR H 267 32.79 -44.35 1.69
CA THR H 267 33.15 -45.12 2.87
C THR H 267 33.55 -46.53 2.42
N SER H 268 34.83 -46.86 2.55
CA SER H 268 35.37 -48.12 2.05
C SER H 268 35.77 -48.99 3.21
N CYS H 269 35.75 -50.31 2.99
CA CYS H 269 36.49 -51.21 3.87
C CYS H 269 37.54 -51.97 3.04
N GLU H 270 38.76 -51.98 3.57
CA GLU H 270 39.85 -52.79 3.00
C GLU H 270 40.40 -53.66 4.10
N PHE H 271 40.47 -54.97 3.87
CA PHE H 271 41.24 -55.80 4.80
C PHE H 271 42.34 -56.56 4.09
N TYR H 272 43.39 -56.86 4.83
CA TYR H 272 44.37 -57.82 4.35
C TYR H 272 44.42 -59.03 5.25
N TRP H 273 44.62 -60.19 4.64
CA TRP H 273 44.59 -61.46 5.37
C TRP H 273 45.82 -62.29 5.01
N ALA H 274 46.76 -62.44 5.94
CA ALA H 274 47.94 -63.25 5.61
C ALA H 274 47.58 -64.73 5.49
N TYR H 275 48.23 -65.40 4.55
CA TYR H 275 48.11 -66.85 4.33
C TYR H 275 46.72 -67.23 3.84
N ALA H 276 46.14 -66.33 3.06
CA ALA H 276 44.81 -66.54 2.53
C ALA H 276 44.83 -66.48 1.00
N ASP H 277 44.01 -67.33 0.39
CA ASP H 277 43.90 -67.36 -1.05
C ASP H 277 42.47 -67.08 -1.62
N TYR H 278 42.43 -66.94 -2.94
CA TYR H 278 41.22 -66.94 -3.73
C TYR H 278 40.10 -67.72 -3.05
N ASN H 279 40.36 -69.00 -2.78
CA ASN H 279 39.36 -69.87 -2.18
C ASN H 279 38.82 -69.30 -0.86
N ASP H 280 39.72 -68.74 -0.07
CA ASP H 280 39.33 -68.23 1.23
C ASP H 280 38.56 -66.92 1.11
N LEU H 281 38.98 -66.05 0.19
CA LEU H 281 38.28 -64.80 -0.11
C LEU H 281 36.86 -65.03 -0.66
N ILE H 282 36.76 -65.89 -1.68
CA ILE H 282 35.48 -66.31 -2.22
C ILE H 282 34.47 -66.71 -1.11
N LYS H 283 34.94 -67.48 -0.13
CA LYS H 283 34.02 -67.98 0.87
C LYS H 283 33.68 -66.92 1.90
N TRP H 284 34.63 -66.00 2.08
CA TRP H 284 34.43 -64.90 3.01
C TRP H 284 33.30 -64.00 2.51
N SER H 285 33.30 -63.75 1.20
CA SER H 285 32.25 -62.98 0.59
C SER H 285 30.89 -63.66 0.78
N GLU H 286 30.78 -64.88 0.26
CA GLU H 286 29.58 -65.72 0.35
C GLU H 286 29.05 -65.85 1.79
N ASP H 287 29.93 -66.10 2.74
CA ASP H 287 29.53 -66.12 4.15
C ASP H 287 29.13 -64.73 4.60
N PHE H 288 29.84 -63.72 4.10
CA PHE H 288 29.54 -62.35 4.51
C PHE H 288 28.18 -61.83 4.03
N PHE H 289 27.98 -61.81 2.72
CA PHE H 289 26.70 -61.34 2.16
C PHE H 289 25.52 -62.18 2.57
N SER H 290 25.67 -63.48 2.56
CA SER H 290 24.57 -64.30 3.03
C SER H 290 24.20 -63.90 4.48
N GLN H 291 25.19 -63.90 5.36
CA GLN H 291 24.91 -63.72 6.79
C GLN H 291 24.39 -62.33 7.14
N LEU H 292 24.91 -61.33 6.43
CA LEU H 292 24.49 -59.93 6.59
C LEU H 292 23.02 -59.72 6.26
N VAL H 293 22.64 -60.24 5.09
CA VAL H 293 21.29 -60.11 4.57
C VAL H 293 20.27 -60.76 5.53
N TYR H 294 20.48 -62.04 5.85
CA TYR H 294 19.63 -62.76 6.80
C TYR H 294 19.62 -62.10 8.18
N HIS H 295 20.71 -61.41 8.51
CA HIS H 295 20.76 -60.70 9.78
C HIS H 295 19.75 -59.54 9.76
N LEU H 296 19.77 -58.78 8.67
CA LEU H 296 18.88 -57.64 8.46
C LEU H 296 17.41 -58.02 8.20
N PHE H 297 17.20 -59.02 7.34
CA PHE H 297 15.91 -59.24 6.70
C PHE H 297 15.23 -60.56 7.01
N GLY H 298 15.92 -61.42 7.75
CA GLY H 298 15.36 -62.73 8.07
C GLY H 298 15.15 -63.67 6.89
N THR H 299 15.65 -63.31 5.72
CA THR H 299 15.84 -64.29 4.62
C THR H 299 16.98 -63.91 3.67
N TYR H 300 17.29 -64.77 2.71
CA TYR H 300 18.37 -64.46 1.77
C TYR H 300 17.83 -63.74 0.53
N LYS H 301 16.51 -63.70 0.41
CA LYS H 301 15.85 -63.02 -0.72
C LYS H 301 15.38 -61.61 -0.36
N ILE H 302 15.59 -60.69 -1.27
CA ILE H 302 15.24 -59.30 -1.02
C ILE H 302 14.80 -58.61 -2.30
N SER H 303 14.05 -57.54 -2.14
CA SER H 303 13.57 -56.78 -3.29
C SER H 303 14.41 -55.52 -3.47
N TYR H 304 14.78 -55.24 -4.72
CA TYR H 304 15.46 -54.01 -5.06
C TYR H 304 14.80 -53.35 -6.29
N ASN H 305 14.58 -52.04 -6.24
CA ASN H 305 14.02 -51.33 -7.39
C ASN H 305 15.10 -50.90 -8.39
N LYS H 306 15.58 -51.86 -9.16
CA LYS H 306 16.72 -51.67 -10.07
C LYS H 306 16.60 -50.49 -11.01
N ASP H 307 15.40 -50.23 -11.50
CA ASP H 307 15.22 -49.17 -12.49
C ASP H 307 14.45 -47.98 -11.93
N GLY H 308 14.19 -48.01 -10.62
CA GLY H 308 13.54 -46.89 -9.96
C GLY H 308 12.26 -47.36 -9.34
N PRO H 309 11.62 -46.49 -8.54
CA PRO H 309 10.33 -46.76 -7.91
C PRO H 309 9.19 -46.60 -8.90
N GLU H 310 9.43 -45.81 -9.95
CA GLU H 310 8.50 -45.65 -11.06
C GLU H 310 8.20 -47.01 -11.71
N ASN H 311 9.22 -47.86 -11.73
CA ASN H 311 9.15 -49.16 -12.38
C ASN H 311 9.03 -50.32 -11.41
N GLN H 312 9.05 -51.50 -11.98
CA GLN H 312 8.97 -52.74 -11.24
C GLN H 312 10.25 -53.05 -10.47
N PRO H 313 10.12 -53.62 -9.26
CA PRO H 313 11.22 -54.16 -8.47
C PRO H 313 11.65 -55.54 -8.99
N ILE H 314 12.84 -56.01 -8.62
CA ILE H 314 13.30 -57.37 -8.94
C ILE H 314 13.86 -58.04 -7.70
N GLU H 315 14.01 -59.35 -7.77
CA GLU H 315 14.46 -60.12 -6.62
C GLU H 315 15.95 -60.50 -6.77
N ILE H 316 16.66 -60.49 -5.64
CA ILE H 316 18.06 -60.89 -5.60
C ILE H 316 18.20 -61.99 -4.54
N ASP H 317 18.72 -63.14 -4.97
CA ASP H 317 18.90 -64.27 -4.07
C ASP H 317 20.36 -64.36 -3.60
N PHE H 318 20.55 -64.05 -2.32
CA PHE H 318 21.86 -64.10 -1.67
C PHE H 318 22.15 -65.47 -1.05
N THR H 319 21.36 -66.47 -1.41
CA THR H 319 21.65 -67.83 -0.99
C THR H 319 22.93 -68.32 -1.71
N PRO H 320 23.93 -68.77 -0.93
CA PRO H 320 25.23 -69.21 -1.44
C PRO H 320 25.26 -70.69 -1.83
N PRO H 321 26.16 -71.09 -2.74
CA PRO H 321 27.29 -70.30 -3.26
C PRO H 321 26.87 -69.41 -4.41
N TYR H 322 27.72 -68.49 -4.89
CA TYR H 322 27.38 -67.65 -6.03
C TYR H 322 28.21 -68.05 -7.25
N PRO H 323 27.59 -68.05 -8.45
CA PRO H 323 28.35 -68.38 -9.66
C PRO H 323 29.75 -67.75 -9.67
N LYS H 324 30.68 -68.39 -10.37
CA LYS H 324 32.00 -67.81 -10.67
C LYS H 324 32.17 -67.86 -12.19
N VAL H 325 32.54 -66.74 -12.79
CA VAL H 325 32.56 -66.63 -14.24
C VAL H 325 33.92 -66.12 -14.72
N SER H 326 34.67 -66.96 -15.44
CA SER H 326 36.00 -66.54 -15.92
C SER H 326 35.86 -65.52 -17.05
N ILE H 327 36.40 -64.33 -16.82
CA ILE H 327 36.17 -63.19 -17.71
C ILE H 327 36.55 -63.40 -19.20
N VAL H 328 37.76 -63.88 -19.48
CA VAL H 328 38.19 -64.09 -20.88
C VAL H 328 37.50 -65.30 -21.53
N GLU H 329 37.41 -66.38 -20.79
CA GLU H 329 36.68 -67.57 -21.21
C GLU H 329 35.22 -67.27 -21.51
N GLU H 330 34.63 -66.32 -20.77
CA GLU H 330 33.21 -66.03 -20.94
C GLU H 330 32.94 -64.97 -22.01
N ILE H 331 33.97 -64.24 -22.39
CA ILE H 331 33.88 -63.31 -23.51
C ILE H 331 34.16 -64.06 -24.82
N GLU H 332 35.01 -65.07 -24.74
CA GLU H 332 35.25 -65.98 -25.87
C GLU H 332 34.00 -66.79 -26.21
N LYS H 333 33.38 -67.38 -25.18
CA LYS H 333 32.19 -68.21 -25.37
C LYS H 333 31.01 -67.46 -25.99
N VAL H 334 30.95 -66.15 -25.80
CA VAL H 334 29.78 -65.40 -26.27
C VAL H 334 30.02 -64.61 -27.55
N THR H 335 31.14 -63.87 -27.60
CA THR H 335 31.55 -63.13 -28.80
C THR H 335 32.08 -64.08 -29.87
N ASN H 336 32.24 -65.35 -29.48
CA ASN H 336 32.66 -66.42 -30.38
C ASN H 336 33.98 -66.21 -31.14
N THR H 337 34.87 -65.41 -30.55
CA THR H 337 36.26 -65.38 -30.98
C THR H 337 37.10 -66.15 -29.97
N ILE H 338 38.38 -66.31 -30.27
CA ILE H 338 39.29 -66.88 -29.30
C ILE H 338 40.53 -66.02 -29.29
N LEU H 339 40.75 -65.27 -28.20
CA LEU H 339 41.99 -64.51 -28.10
C LEU H 339 42.67 -64.68 -26.77
N GLU H 340 43.83 -65.32 -26.84
CA GLU H 340 44.75 -65.39 -25.73
C GLU H 340 46.09 -65.09 -26.35
N GLN H 341 46.99 -66.08 -26.37
CA GLN H 341 48.42 -65.78 -26.48
C GLN H 341 48.63 -64.56 -25.60
N PRO H 342 48.35 -64.71 -24.30
CA PRO H 342 48.26 -63.61 -23.35
C PRO H 342 49.34 -62.55 -23.52
N PHE H 343 49.80 -62.36 -24.76
CA PHE H 343 50.32 -61.08 -25.16
C PHE H 343 49.12 -60.42 -25.83
N ASP H 344 48.15 -60.03 -25.00
CA ASP H 344 46.93 -59.37 -25.49
C ASP H 344 47.31 -57.97 -25.88
N SER H 345 48.29 -57.86 -26.79
CA SER H 345 48.69 -56.59 -27.40
C SER H 345 48.97 -56.88 -28.87
N ASN H 346 49.33 -55.85 -29.63
CA ASN H 346 49.46 -56.00 -31.08
C ASN H 346 48.13 -56.43 -31.73
N GLU H 347 48.12 -57.59 -32.39
CA GLU H 347 46.97 -58.05 -33.17
C GLU H 347 45.77 -58.53 -32.34
N THR H 348 45.99 -58.88 -31.07
CA THR H 348 44.87 -59.22 -30.18
C THR H 348 44.09 -57.95 -29.83
N ILE H 349 44.80 -56.86 -29.57
CA ILE H 349 44.17 -55.54 -29.45
C ILE H 349 43.28 -55.29 -30.67
N GLU H 350 43.77 -55.70 -31.83
CA GLU H 350 43.02 -55.63 -33.07
C GLU H 350 41.71 -56.43 -33.03
N LYS H 351 41.80 -57.73 -32.77
CA LYS H 351 40.59 -58.54 -32.67
C LYS H 351 39.62 -57.87 -31.71
N MET H 352 40.14 -57.36 -30.60
CA MET H 352 39.30 -56.73 -29.57
C MET H 352 38.56 -55.51 -30.14
N ILE H 353 39.29 -54.64 -30.83
CA ILE H 353 38.69 -53.48 -31.49
C ILE H 353 37.56 -53.87 -32.45
N ASN H 354 37.89 -54.62 -33.50
CA ASN H 354 36.90 -55.04 -34.48
C ASN H 354 35.71 -55.77 -33.87
N ILE H 355 35.78 -56.09 -32.57
CA ILE H 355 34.63 -56.61 -31.84
C ILE H 355 33.83 -55.46 -31.20
N ILE H 356 34.53 -54.45 -30.72
CA ILE H 356 33.88 -53.24 -30.22
C ILE H 356 32.93 -52.73 -31.29
N LYS H 357 33.32 -52.92 -32.56
CA LYS H 357 32.56 -52.41 -33.69
C LYS H 357 31.55 -53.42 -34.23
N GLU H 358 32.04 -54.58 -34.69
CA GLU H 358 31.16 -55.64 -35.21
C GLU H 358 29.97 -55.89 -34.28
N HIS H 359 30.21 -55.73 -32.98
CA HIS H 359 29.16 -55.93 -32.00
C HIS H 359 28.74 -54.59 -31.40
N LYS H 360 27.42 -54.39 -31.33
CA LYS H 360 26.86 -53.12 -30.91
C LYS H 360 27.84 -52.02 -31.29
N ILE H 361 28.37 -51.35 -30.29
CA ILE H 361 29.54 -50.51 -30.42
C ILE H 361 29.94 -50.28 -29.00
N GLU H 362 30.86 -49.38 -28.75
CA GLU H 362 31.19 -49.08 -27.37
C GLU H 362 32.24 -48.00 -27.40
N LEU H 363 32.12 -47.02 -26.49
CA LEU H 363 33.13 -45.98 -26.36
C LEU H 363 34.52 -46.62 -26.35
N PRO H 364 35.30 -46.42 -27.43
CA PRO H 364 36.57 -47.13 -27.58
C PRO H 364 37.54 -46.77 -26.47
N ASN H 365 37.66 -45.47 -26.19
CA ASN H 365 38.65 -44.96 -25.24
C ASN H 365 40.08 -45.23 -25.73
N PRO H 366 41.03 -44.37 -25.34
CA PRO H 366 42.42 -44.57 -25.77
C PRO H 366 42.82 -46.03 -25.60
N PRO H 367 43.01 -46.74 -26.73
CA PRO H 367 42.93 -48.21 -26.85
C PRO H 367 43.91 -49.03 -26.00
N THR H 368 44.07 -48.66 -24.74
CA THR H 368 44.73 -49.52 -23.77
C THR H 368 44.05 -50.89 -23.79
N ALA H 369 44.82 -51.94 -24.05
CA ALA H 369 44.28 -53.30 -24.13
C ALA H 369 43.43 -53.64 -22.90
N ALA H 370 43.92 -53.24 -21.73
CA ALA H 370 43.18 -53.41 -20.50
C ALA H 370 41.80 -52.76 -20.58
N LYS H 371 41.75 -51.52 -21.09
CA LYS H 371 40.50 -50.79 -21.27
C LYS H 371 39.48 -51.52 -22.16
N LEU H 372 39.96 -52.11 -23.26
CA LEU H 372 39.09 -52.86 -24.17
C LEU H 372 38.49 -54.09 -23.47
N LEU H 373 39.32 -54.73 -22.64
CA LEU H 373 38.91 -55.91 -21.89
C LEU H 373 37.78 -55.53 -20.95
N ASP H 374 37.88 -54.33 -20.41
CA ASP H 374 36.97 -53.83 -19.40
C ASP H 374 35.62 -53.53 -20.00
N GLN H 375 35.63 -52.79 -21.10
CA GLN H 375 34.38 -52.44 -21.73
C GLN H 375 33.72 -53.73 -22.20
N LEU H 376 34.50 -54.61 -22.81
CA LEU H 376 34.03 -55.93 -23.23
C LEU H 376 33.29 -56.66 -22.10
N ALA H 377 33.87 -56.61 -20.91
CA ALA H 377 33.31 -57.27 -19.74
C ALA H 377 32.00 -56.60 -19.31
N SER H 378 31.99 -55.27 -19.38
CA SER H 378 30.83 -54.45 -19.07
C SER H 378 29.64 -54.87 -19.91
N HIS H 379 29.83 -54.86 -21.24
CA HIS H 379 28.73 -55.19 -22.15
C HIS H 379 28.25 -56.63 -21.94
N PHE H 380 29.14 -57.59 -22.21
CA PHE H 380 28.76 -59.00 -22.29
C PHE H 380 28.60 -59.73 -20.97
N ILE H 381 29.31 -59.32 -19.91
CA ILE H 381 29.33 -60.10 -18.65
C ILE H 381 28.64 -59.50 -17.43
N GLU H 382 28.95 -58.25 -17.12
CA GLU H 382 28.52 -57.62 -15.87
C GLU H 382 27.01 -57.56 -15.67
N ASN H 383 26.24 -57.85 -16.72
CA ASN H 383 24.79 -57.89 -16.57
C ASN H 383 24.17 -59.24 -16.89
N LYS H 384 25.02 -60.26 -16.98
CA LYS H 384 24.59 -61.64 -17.18
C LYS H 384 23.61 -62.09 -16.08
N TYR H 385 23.89 -61.72 -14.85
CA TYR H 385 23.02 -62.08 -13.72
C TYR H 385 22.53 -60.82 -12.98
N ASN H 386 21.22 -60.64 -12.92
CA ASN H 386 20.64 -59.64 -12.04
C ASN H 386 19.94 -60.32 -10.86
N ASP H 387 19.67 -61.60 -11.02
CA ASP H 387 18.93 -62.37 -10.02
C ASP H 387 19.75 -62.79 -8.80
N LYS H 388 21.05 -62.95 -8.99
CA LYS H 388 21.91 -63.32 -7.88
C LYS H 388 23.20 -62.49 -7.96
N PRO H 389 23.91 -62.34 -6.82
CA PRO H 389 25.29 -61.88 -6.92
C PRO H 389 26.13 -62.96 -7.62
N PHE H 390 27.08 -62.54 -8.45
CA PHE H 390 28.01 -63.49 -9.04
C PHE H 390 29.44 -62.97 -9.01
N PHE H 391 30.39 -63.83 -9.35
CA PHE H 391 31.79 -63.43 -9.35
C PHE H 391 32.34 -63.38 -10.75
N ILE H 392 32.77 -62.20 -11.19
CA ILE H 392 33.68 -62.17 -12.32
C ILE H 392 35.09 -62.49 -11.78
N VAL H 393 35.80 -63.36 -12.47
CA VAL H 393 36.91 -64.11 -11.87
C VAL H 393 38.09 -64.28 -12.80
N GLU H 394 39.29 -64.30 -12.24
CA GLU H 394 40.51 -64.66 -12.98
C GLU H 394 41.00 -63.65 -14.06
N HIS H 395 40.70 -62.36 -13.87
CA HIS H 395 41.18 -61.29 -14.75
C HIS H 395 42.64 -61.43 -15.15
N PRO H 396 42.95 -61.08 -16.41
CA PRO H 396 44.31 -60.97 -16.95
C PRO H 396 45.18 -60.04 -16.10
N GLN H 397 46.48 -60.30 -16.08
CA GLN H 397 47.44 -59.46 -15.36
C GLN H 397 47.46 -58.04 -15.92
N ILE H 398 47.24 -57.94 -17.23
CA ILE H 398 47.13 -56.66 -17.93
C ILE H 398 46.00 -55.77 -17.35
N MET H 399 45.05 -56.38 -16.65
CA MET H 399 44.00 -55.63 -15.94
C MET H 399 44.30 -55.47 -14.43
N SER H 400 45.12 -56.36 -13.87
CA SER H 400 45.28 -56.45 -12.42
C SER H 400 46.74 -56.33 -11.95
N PRO H 401 47.39 -55.20 -12.28
CA PRO H 401 48.84 -54.98 -12.12
C PRO H 401 49.33 -55.27 -10.70
N LEU H 402 48.41 -55.63 -9.81
CA LEU H 402 48.76 -55.85 -8.41
C LEU H 402 48.56 -57.30 -7.93
N ALA H 403 47.83 -58.10 -8.71
CA ALA H 403 47.44 -59.43 -8.27
C ALA H 403 48.52 -60.47 -8.58
N LYS H 404 48.78 -61.36 -7.63
CA LYS H 404 49.67 -62.50 -7.89
C LYS H 404 49.16 -63.27 -9.13
N TYR H 405 50.08 -63.91 -9.85
CA TYR H 405 49.69 -64.66 -11.03
C TYR H 405 48.83 -65.86 -10.66
N HIS H 406 48.03 -66.31 -11.61
CA HIS H 406 47.46 -67.65 -11.52
C HIS H 406 48.59 -68.73 -11.62
N ARG H 407 48.59 -69.67 -10.68
CA ARG H 407 49.48 -70.82 -10.73
C ARG H 407 49.53 -71.45 -12.12
N THR H 408 48.37 -71.95 -12.56
CA THR H 408 48.27 -72.74 -13.77
C THR H 408 48.04 -71.91 -15.05
N LYS H 409 47.19 -70.88 -14.98
CA LYS H 409 46.83 -70.13 -16.19
C LYS H 409 47.66 -68.84 -16.43
N PRO H 410 48.64 -68.89 -17.37
CA PRO H 410 49.51 -67.71 -17.64
C PRO H 410 48.80 -66.47 -18.17
N GLY H 411 49.21 -65.29 -17.69
CA GLY H 411 48.54 -64.05 -18.10
C GLY H 411 47.35 -63.72 -17.21
N LEU H 412 46.88 -64.73 -16.49
CA LEU H 412 45.78 -64.57 -15.56
C LEU H 412 46.26 -64.32 -14.13
N THR H 413 45.30 -63.95 -13.29
CA THR H 413 45.45 -63.73 -11.85
C THR H 413 44.42 -64.62 -11.14
N GLU H 414 44.45 -64.63 -9.82
CA GLU H 414 43.40 -65.34 -9.06
C GLU H 414 42.34 -64.36 -8.54
N ARG H 415 42.25 -63.21 -9.21
CA ARG H 415 41.36 -62.12 -8.84
C ARG H 415 39.84 -62.40 -8.98
N LEU H 416 39.10 -62.03 -7.93
CA LEU H 416 37.65 -62.18 -7.88
C LEU H 416 36.97 -60.83 -7.64
N GLU H 417 35.90 -60.56 -8.38
CA GLU H 417 35.20 -59.26 -8.32
C GLU H 417 33.68 -59.39 -8.34
N MET H 418 33.03 -59.15 -7.21
CA MET H 418 31.60 -59.40 -7.09
C MET H 418 30.67 -58.27 -7.57
N PHE H 419 29.56 -58.70 -8.17
CA PHE H 419 28.57 -57.80 -8.76
C PHE H 419 27.20 -58.09 -8.20
N ILE H 420 26.45 -57.02 -7.95
CA ILE H 420 24.99 -57.08 -7.76
C ILE H 420 24.27 -56.13 -8.75
N CYS H 421 23.49 -56.69 -9.66
CA CYS H 421 22.82 -55.91 -10.72
C CYS H 421 23.84 -55.03 -11.41
N GLY H 422 24.93 -55.65 -11.84
CA GLY H 422 25.97 -54.99 -12.62
C GLY H 422 26.63 -53.80 -11.93
N LYS H 423 26.50 -53.75 -10.61
CA LYS H 423 27.25 -52.76 -9.84
C LYS H 423 28.40 -53.46 -9.08
N GLU H 424 29.63 -52.98 -9.24
CA GLU H 424 30.77 -53.56 -8.52
C GLU H 424 30.60 -53.34 -7.03
N VAL H 425 30.42 -54.42 -6.27
CA VAL H 425 30.28 -54.32 -4.82
C VAL H 425 31.56 -54.73 -4.07
N LEU H 426 32.34 -55.63 -4.66
CA LEU H 426 33.50 -56.21 -4.00
C LEU H 426 34.65 -56.39 -4.97
N ASN H 427 35.88 -56.14 -4.51
CA ASN H 427 37.06 -56.49 -5.31
C ASN H 427 38.19 -57.08 -4.50
N ALA H 428 38.77 -58.16 -5.00
CA ALA H 428 39.70 -58.90 -4.20
C ALA H 428 40.69 -59.70 -5.01
N TYR H 429 41.77 -60.08 -4.34
CA TYR H 429 42.83 -60.89 -4.94
C TYR H 429 44.00 -61.09 -4.01
N THR H 430 44.77 -62.12 -4.32
CA THR H 430 46.03 -62.37 -3.64
C THR H 430 47.12 -61.40 -4.12
N GLU H 431 47.82 -60.80 -3.15
CA GLU H 431 48.82 -59.78 -3.43
C GLU H 431 50.07 -60.36 -4.06
N LEU H 432 50.60 -59.66 -5.06
CA LEU H 432 51.88 -59.99 -5.65
C LEU H 432 53.02 -59.63 -4.69
N ASN H 433 53.72 -60.64 -4.17
CA ASN H 433 54.73 -60.45 -3.10
C ASN H 433 56.22 -60.60 -3.48
N ASP H 434 56.48 -60.89 -4.75
CA ASP H 434 57.84 -61.09 -5.29
C ASP H 434 58.36 -59.79 -5.87
N PRO H 435 59.20 -59.06 -5.12
CA PRO H 435 59.65 -57.71 -5.51
C PRO H 435 60.26 -57.64 -6.90
N PHE H 436 60.65 -58.78 -7.46
CA PHE H 436 61.25 -58.81 -8.80
C PHE H 436 60.23 -59.09 -9.92
N LYS H 437 59.09 -59.69 -9.56
CA LYS H 437 57.97 -59.83 -10.50
C LYS H 437 57.03 -58.65 -10.35
N GLN H 438 57.49 -57.60 -9.69
CA GLN H 438 56.69 -56.39 -9.52
C GLN H 438 57.30 -55.19 -10.29
N PHE H 463 57.17 -48.00 -0.07
CA PHE H 463 56.47 -49.29 -0.06
C PHE H 463 57.11 -50.39 -0.94
N CYS H 464 57.54 -50.03 -2.15
CA CYS H 464 58.21 -51.04 -2.95
C CYS H 464 59.42 -51.52 -2.18
N THR H 465 59.92 -50.64 -1.30
CA THR H 465 60.91 -51.02 -0.30
C THR H 465 60.35 -52.11 0.63
N SER H 466 59.26 -51.80 1.32
CA SER H 466 58.72 -52.72 2.32
C SER H 466 58.55 -54.13 1.78
N LEU H 467 58.39 -54.24 0.47
CA LEU H 467 58.13 -55.54 -0.12
C LEU H 467 59.37 -56.41 0.07
N GLU H 468 60.52 -55.75 0.12
CA GLU H 468 61.83 -56.40 0.22
C GLU H 468 62.15 -56.92 1.65
N TYR H 469 61.39 -56.48 2.66
CA TYR H 469 61.63 -57.04 3.99
C TYR H 469 60.77 -58.28 4.19
N GLY H 470 59.93 -58.55 3.20
CA GLY H 470 59.25 -59.84 3.17
C GLY H 470 57.77 -59.74 3.40
N LEU H 471 57.01 -59.89 2.33
CA LEU H 471 55.58 -59.84 2.47
C LEU H 471 54.99 -61.22 2.22
N PRO H 472 54.38 -61.80 3.26
CA PRO H 472 53.82 -63.17 3.21
C PRO H 472 52.76 -63.29 2.11
N PRO H 473 52.47 -64.54 1.68
CA PRO H 473 51.34 -64.73 0.73
C PRO H 473 50.03 -64.23 1.36
N THR H 474 49.38 -63.25 0.72
CA THR H 474 48.35 -62.48 1.40
C THR H 474 47.09 -62.18 0.58
N GLY H 475 45.93 -62.32 1.23
CA GLY H 475 44.65 -61.96 0.63
C GLY H 475 44.26 -60.51 0.90
N GLY H 476 43.92 -59.80 -0.18
CA GLY H 476 43.42 -58.43 -0.08
C GLY H 476 42.00 -58.25 -0.59
N LEU H 477 41.13 -57.67 0.24
CA LEU H 477 39.73 -57.44 -0.12
C LEU H 477 39.20 -56.06 0.24
N GLY H 478 38.53 -55.43 -0.73
CA GLY H 478 37.87 -54.16 -0.51
C GLY H 478 36.40 -54.12 -0.90
N LEU H 479 35.57 -53.64 0.03
CA LEU H 479 34.12 -53.44 -0.16
C LEU H 479 33.75 -51.97 -0.39
N GLY H 480 32.82 -51.70 -1.33
CA GLY H 480 32.12 -50.42 -1.33
C GLY H 480 30.97 -50.42 -0.32
N ILE H 481 31.02 -49.56 0.68
CA ILE H 481 29.99 -49.63 1.73
C ILE H 481 28.69 -48.95 1.31
N ASP H 482 28.82 -47.77 0.71
CA ASP H 482 27.66 -47.01 0.26
C ASP H 482 26.75 -47.82 -0.67
N ARG H 483 27.33 -48.42 -1.73
CA ARG H 483 26.55 -49.13 -2.76
C ARG H 483 25.85 -50.36 -2.19
N ILE H 484 26.51 -50.99 -1.21
CA ILE H 484 25.93 -52.11 -0.48
C ILE H 484 24.75 -51.57 0.35
N THR H 485 24.88 -50.33 0.81
CA THR H 485 23.80 -49.73 1.57
C THR H 485 22.60 -49.44 0.64
N MET H 486 22.89 -49.00 -0.58
CA MET H 486 21.84 -48.81 -1.58
C MET H 486 21.05 -50.09 -1.87
N PHE H 487 21.73 -51.21 -2.05
CA PHE H 487 20.98 -52.43 -2.31
C PHE H 487 20.16 -52.87 -1.11
N LEU H 488 20.63 -52.60 0.11
CA LEU H 488 19.90 -53.12 1.27
C LEU H 488 18.92 -52.13 1.88
N THR H 489 18.87 -50.92 1.30
CA THR H 489 17.84 -49.97 1.69
C THR H 489 16.84 -49.63 0.55
N ASN H 490 17.09 -50.20 -0.64
CA ASN H 490 16.33 -49.96 -1.87
C ASN H 490 16.51 -48.54 -2.44
N LYS H 491 17.74 -48.03 -2.38
CA LYS H 491 18.02 -46.70 -2.89
C LYS H 491 18.83 -46.69 -4.21
N ASN H 492 18.49 -45.74 -5.08
CA ASN H 492 19.07 -45.65 -6.41
C ASN H 492 20.09 -44.54 -6.45
N SER H 493 20.10 -43.73 -5.38
CA SER H 493 21.02 -42.60 -5.27
C SER H 493 21.77 -42.61 -3.94
N ILE H 494 23.08 -42.36 -4.03
CA ILE H 494 24.01 -42.29 -2.90
C ILE H 494 23.65 -41.20 -1.88
N LYS H 495 22.86 -40.21 -2.29
CA LYS H 495 22.44 -39.13 -1.37
C LYS H 495 21.43 -39.61 -0.34
N ASP H 496 20.83 -40.77 -0.57
CA ASP H 496 19.86 -41.28 0.39
C ASP H 496 20.44 -42.31 1.38
N VAL H 497 21.73 -42.60 1.24
CA VAL H 497 22.45 -43.45 2.19
C VAL H 497 23.58 -42.67 2.91
N ILE H 498 23.82 -41.42 2.45
CA ILE H 498 24.78 -40.46 3.04
C ILE H 498 24.09 -39.21 3.70
N LEU H 499 24.14 -39.14 5.03
CA LEU H 499 23.55 -38.07 5.87
C LEU H 499 23.62 -36.61 5.39
N PHE H 500 24.68 -36.26 4.69
CA PHE H 500 24.96 -34.87 4.40
C PHE H 500 25.77 -34.88 3.14
N PRO H 501 25.12 -35.28 2.03
CA PRO H 501 25.79 -35.25 0.73
C PRO H 501 26.25 -33.84 0.42
N THR H 502 27.40 -33.74 -0.23
CA THR H 502 27.94 -32.49 -0.70
C THR H 502 27.00 -31.95 -1.77
N MET H 503 26.44 -30.76 -1.55
CA MET H 503 25.45 -30.19 -2.45
C MET H 503 25.91 -28.86 -3.05
N ARG H 504 25.51 -28.60 -4.29
CA ARG H 504 25.76 -27.33 -4.98
C ARG H 504 25.09 -26.16 -4.26
N PRO H 505 25.86 -25.10 -3.95
CA PRO H 505 25.50 -23.99 -3.04
C PRO H 505 24.11 -23.37 -3.27
#